data_8TNF
#
_entry.id   8TNF
#
_cell.length_a   78.663
_cell.length_b   82.485
_cell.length_c   144.77
_cell.angle_alpha   96.05
_cell.angle_beta   90
_cell.angle_gamma   97.42
#
_symmetry.space_group_name_H-M   'P 1'
#
loop_
_entity.id
_entity.type
_entity.pdbx_description
1 polymer 'DUF2090 domain-containing protein'
2 water water
#
_entity_poly.entity_id   1
_entity_poly.type   'polypeptide(L)'
_entity_poly.pdbx_seq_one_letter_code
;MGSSHHHHHHENLYFQGMTSIGKQRGLARLADEDGHFTMVALDQRPPLLQALAKARGIPADQVEFADMLAAKRLLVEALA
HDASSMLLDPNFAMPAAIDVLPARTGLIVTLEEHRFQDTPGGRKSRSIDNWSVEKIRRVGGDAVKVLAWYRPDASDEVLQ
HQKDYVRTIGAECRRHDIPYVLELLVYPFPDSDRHTTDYVESADKRADLVIESVREFAKPEYGVDLYKLETPLPAASLPP
MDDSAESRAAAAQFAEVGSICADAGIPWVLLSGGAAPEQFERVLSYSYAAGAQGFLAGRTIWLDAVQNHFPDREAVLTAL
KGDGMKILKDLGRLTREKAQPWKPDFRLEQVDREGAFSCAYA
;
_entity_poly.pdbx_strand_id   A,B,C,D,E,F,G,H
#
# COMPACT_ATOMS: atom_id res chain seq x y z
N THR A 19 -27.40 34.15 44.36
CA THR A 19 -26.85 33.00 43.62
C THR A 19 -27.23 31.64 44.30
N SER A 20 -28.19 31.64 45.24
CA SER A 20 -28.67 30.43 45.90
C SER A 20 -30.19 30.31 45.73
N ILE A 21 -30.70 30.65 44.53
CA ILE A 21 -32.10 30.57 44.17
C ILE A 21 -32.49 29.09 43.99
N GLY A 22 -31.66 28.36 43.26
CA GLY A 22 -31.83 26.95 43.00
C GLY A 22 -31.89 26.10 44.26
N LYS A 23 -31.07 26.44 45.26
CA LYS A 23 -31.10 25.71 46.52
C LYS A 23 -32.44 25.91 47.28
N GLN A 24 -32.97 27.15 47.32
CA GLN A 24 -34.22 27.43 48.00
C GLN A 24 -35.44 26.88 47.26
N ARG A 25 -35.42 26.96 45.92
CA ARG A 25 -36.50 26.46 45.09
C ARG A 25 -36.51 24.92 45.09
N GLY A 26 -35.32 24.30 45.12
CA GLY A 26 -35.22 22.85 45.18
C GLY A 26 -35.77 22.33 46.48
N LEU A 27 -35.50 23.04 47.59
CA LEU A 27 -36.01 22.65 48.90
C LEU A 27 -37.53 22.76 48.93
N ALA A 28 -38.07 23.84 48.34
CA ALA A 28 -39.52 24.03 48.21
C ALA A 28 -40.18 22.85 47.47
N ARG A 29 -39.45 22.20 46.56
CA ARG A 29 -39.91 21.03 45.82
C ARG A 29 -39.82 19.72 46.61
N LEU A 30 -39.09 19.70 47.73
CA LEU A 30 -39.04 18.54 48.61
C LEU A 30 -40.19 18.59 49.67
N ALA A 31 -40.70 19.79 49.97
CA ALA A 31 -41.76 20.00 50.95
C ALA A 31 -43.13 19.97 50.27
N ASP A 32 -44.23 19.81 51.05
CA ASP A 32 -45.59 19.86 50.48
C ASP A 32 -46.05 21.33 50.38
N GLU A 33 -47.25 21.60 49.85
CA GLU A 33 -47.76 22.97 49.73
C GLU A 33 -47.82 23.69 51.09
N ASP A 34 -47.96 22.93 52.20
CA ASP A 34 -47.99 23.52 53.54
C ASP A 34 -46.58 23.82 54.11
N GLY A 35 -45.53 23.22 53.53
CA GLY A 35 -44.16 23.44 54.01
C GLY A 35 -43.58 22.31 54.85
N HIS A 36 -44.17 21.13 54.77
CA HIS A 36 -43.69 19.97 55.52
C HIS A 36 -42.92 18.98 54.64
N PHE A 37 -41.88 18.33 55.19
CA PHE A 37 -41.13 17.36 54.42
C PHE A 37 -41.60 15.97 54.76
N THR A 38 -42.66 15.52 54.11
CA THR A 38 -43.21 14.19 54.33
C THR A 38 -42.60 13.26 53.27
N MET A 39 -41.34 12.83 53.49
CA MET A 39 -40.59 12.11 52.48
C MET A 39 -40.52 10.62 52.67
N VAL A 40 -40.26 9.88 51.55
CA VAL A 40 -40.17 8.43 51.52
C VAL A 40 -38.83 8.03 50.91
N ALA A 41 -38.06 7.25 51.64
CA ALA A 41 -36.78 6.77 51.18
C ALA A 41 -36.92 5.47 50.42
N LEU A 42 -36.52 5.46 49.16
CA LEU A 42 -36.54 4.28 48.32
C LEU A 42 -35.17 4.04 47.67
N ASP A 43 -34.09 4.34 48.40
CA ASP A 43 -32.74 4.12 47.88
C ASP A 43 -32.03 2.91 48.49
N GLN A 44 -32.79 2.01 49.17
CA GLN A 44 -32.25 0.81 49.79
C GLN A 44 -31.65 -0.09 48.72
N ARG A 45 -30.41 -0.53 48.96
CA ARG A 45 -29.73 -1.39 48.00
C ARG A 45 -29.55 -2.78 48.65
N PRO A 46 -28.62 -3.05 49.59
CA PRO A 46 -28.65 -4.38 50.25
C PRO A 46 -29.94 -4.65 51.06
N PRO A 47 -30.56 -3.71 51.84
CA PRO A 47 -31.82 -4.07 52.54
C PRO A 47 -32.94 -4.58 51.63
N LEU A 48 -33.06 -4.04 50.41
CA LEU A 48 -34.06 -4.53 49.47
C LEU A 48 -33.65 -5.90 48.90
N LEU A 49 -32.34 -6.11 48.70
CA LEU A 49 -31.84 -7.39 48.21
C LEU A 49 -32.21 -8.55 49.14
N GLN A 50 -32.08 -8.35 50.46
CA GLN A 50 -32.43 -9.38 51.45
C GLN A 50 -33.94 -9.63 51.49
N ALA A 51 -34.75 -8.56 51.29
CA ALA A 51 -36.20 -8.69 51.25
C ALA A 51 -36.63 -9.55 50.08
N LEU A 52 -35.98 -9.39 48.93
CA LEU A 52 -36.31 -10.16 47.73
C LEU A 52 -35.74 -11.59 47.77
N ALA A 53 -34.65 -11.80 48.52
CA ALA A 53 -34.07 -13.12 48.71
C ALA A 53 -35.02 -13.91 49.62
N LYS A 54 -35.47 -13.28 50.73
CA LYS A 54 -36.44 -13.89 51.64
C LYS A 54 -37.75 -14.19 50.93
N ALA A 55 -38.14 -13.34 49.97
CA ALA A 55 -39.37 -13.54 49.21
C ALA A 55 -39.31 -14.77 48.31
N ARG A 56 -38.14 -15.08 47.73
CA ARG A 56 -38.04 -16.22 46.82
C ARG A 56 -37.37 -17.48 47.40
N GLY A 57 -37.02 -17.45 48.67
CA GLY A 57 -36.38 -18.58 49.34
C GLY A 57 -34.89 -18.68 49.09
N ILE A 58 -34.44 -18.18 47.94
CA ILE A 58 -33.05 -18.19 47.49
C ILE A 58 -32.15 -17.25 48.33
N PRO A 59 -30.81 -17.34 48.21
CA PRO A 59 -29.96 -16.39 48.94
C PRO A 59 -29.81 -15.05 48.19
N ALA A 60 -29.24 -14.04 48.86
CA ALA A 60 -29.06 -12.70 48.31
C ALA A 60 -28.23 -12.66 47.02
N ASP A 61 -27.23 -13.54 46.91
CA ASP A 61 -26.39 -13.61 45.70
C ASP A 61 -27.10 -14.17 44.46
N GLN A 62 -28.36 -14.60 44.59
CA GLN A 62 -29.11 -15.16 43.48
C GLN A 62 -30.27 -14.27 42.99
N VAL A 63 -30.56 -13.17 43.72
CA VAL A 63 -31.63 -12.24 43.36
C VAL A 63 -31.28 -11.55 42.05
N GLU A 64 -32.13 -11.70 41.03
CA GLU A 64 -31.88 -11.07 39.74
C GLU A 64 -32.10 -9.55 39.79
N PHE A 65 -31.36 -8.80 38.98
CA PHE A 65 -31.46 -7.33 38.87
C PHE A 65 -32.90 -6.90 38.49
N ALA A 66 -33.61 -7.73 37.74
CA ALA A 66 -34.98 -7.45 37.35
C ALA A 66 -35.95 -7.50 38.54
N ASP A 67 -35.60 -8.25 39.60
CA ASP A 67 -36.43 -8.28 40.81
C ASP A 67 -36.27 -6.95 41.55
N MET A 68 -35.05 -6.38 41.56
CA MET A 68 -34.75 -5.12 42.24
C MET A 68 -35.56 -3.99 41.60
N LEU A 69 -35.58 -3.96 40.26
CA LEU A 69 -36.32 -2.97 39.51
C LEU A 69 -37.81 -3.12 39.78
N ALA A 70 -38.34 -4.35 39.66
CA ALA A 70 -39.76 -4.63 39.83
C ALA A 70 -40.25 -4.22 41.19
N ALA A 71 -39.44 -4.44 42.22
CA ALA A 71 -39.81 -4.06 43.57
C ALA A 71 -39.86 -2.52 43.71
N LYS A 72 -38.81 -1.80 43.27
CA LYS A 72 -38.75 -0.35 43.35
C LYS A 72 -39.81 0.35 42.52
N ARG A 73 -40.11 -0.17 41.34
CA ARG A 73 -41.16 0.39 40.46
C ARG A 73 -42.53 0.29 41.13
N LEU A 74 -42.76 -0.81 41.84
CA LEU A 74 -43.97 -1.10 42.57
C LEU A 74 -44.10 -0.21 43.82
N LEU A 75 -42.96 0.19 44.43
CA LEU A 75 -42.97 1.03 45.63
C LEU A 75 -43.11 2.51 45.32
N VAL A 76 -42.63 2.94 44.16
CA VAL A 76 -42.77 4.31 43.72
C VAL A 76 -44.22 4.53 43.35
N GLU A 77 -44.80 3.63 42.55
CA GLU A 77 -46.21 3.72 42.15
C GLU A 77 -47.15 3.73 43.37
N ALA A 78 -46.91 2.84 44.35
CA ALA A 78 -47.75 2.74 45.54
C ALA A 78 -47.63 3.91 46.50
N LEU A 79 -46.40 4.37 46.79
CA LEU A 79 -46.21 5.41 47.80
C LEU A 79 -46.09 6.83 47.24
N ALA A 80 -46.16 6.99 45.92
CA ALA A 80 -45.99 8.28 45.24
C ALA A 80 -46.94 9.38 45.70
N HIS A 81 -48.23 9.08 45.83
CA HIS A 81 -49.23 10.09 46.17
C HIS A 81 -49.28 10.46 47.66
N ASP A 82 -48.63 9.68 48.53
CA ASP A 82 -48.62 10.00 49.96
C ASP A 82 -47.28 10.60 50.44
N ALA A 83 -46.42 11.05 49.52
CA ALA A 83 -45.12 11.60 49.89
C ALA A 83 -44.86 12.89 49.14
N SER A 84 -44.43 13.93 49.86
CA SER A 84 -44.12 15.22 49.25
C SER A 84 -42.91 15.11 48.28
N SER A 85 -41.95 14.27 48.64
CA SER A 85 -40.78 13.97 47.86
C SER A 85 -40.26 12.55 48.17
N MET A 86 -39.45 11.99 47.28
CA MET A 86 -38.92 10.66 47.45
C MET A 86 -37.44 10.63 47.17
N LEU A 87 -36.76 9.78 47.91
CA LEU A 87 -35.34 9.59 47.75
C LEU A 87 -35.17 8.35 46.87
N LEU A 88 -34.52 8.50 45.71
CA LEU A 88 -34.29 7.39 44.80
C LEU A 88 -32.79 7.20 44.55
N ASP A 89 -32.35 5.97 44.36
CA ASP A 89 -30.95 5.69 44.04
C ASP A 89 -30.82 5.60 42.51
N PRO A 90 -29.64 5.93 41.98
CA PRO A 90 -29.50 5.98 40.52
C PRO A 90 -29.46 4.63 39.80
N ASN A 91 -28.75 3.63 40.33
CA ASN A 91 -28.56 2.38 39.62
C ASN A 91 -29.74 1.46 39.63
N PHE A 92 -30.64 1.58 40.62
CA PHE A 92 -31.80 0.70 40.70
C PHE A 92 -33.11 1.45 40.50
N ALA A 93 -33.47 2.38 41.42
CA ALA A 93 -34.71 3.15 41.36
C ALA A 93 -34.86 4.02 40.12
N MET A 94 -33.82 4.76 39.73
CA MET A 94 -33.90 5.62 38.54
C MET A 94 -34.34 4.83 37.27
N PRO A 95 -33.62 3.77 36.80
CA PRO A 95 -34.11 3.05 35.62
C PRO A 95 -35.38 2.23 35.84
N ALA A 96 -35.73 1.93 37.09
CA ALA A 96 -36.91 1.15 37.42
C ALA A 96 -38.17 1.96 37.46
N ALA A 97 -38.12 3.20 37.99
CA ALA A 97 -39.36 3.92 38.25
C ALA A 97 -39.40 5.40 37.92
N ILE A 98 -38.39 6.01 37.27
CA ILE A 98 -38.47 7.46 36.96
C ILE A 98 -39.72 7.80 36.11
N ASP A 99 -40.18 6.86 35.28
CA ASP A 99 -41.36 7.08 34.44
C ASP A 99 -42.67 7.08 35.21
N VAL A 100 -42.69 6.47 36.43
CA VAL A 100 -43.89 6.46 37.26
C VAL A 100 -43.76 7.37 38.51
N LEU A 101 -42.71 8.18 38.59
CA LEU A 101 -42.55 9.13 39.67
C LEU A 101 -43.32 10.39 39.22
N PRO A 102 -44.36 10.80 39.95
CA PRO A 102 -45.13 11.98 39.52
C PRO A 102 -44.26 13.22 39.38
N ALA A 103 -44.57 14.07 38.38
CA ALA A 103 -43.83 15.30 38.08
C ALA A 103 -43.76 16.23 39.28
N ARG A 104 -44.86 16.31 40.05
CA ARG A 104 -45.00 17.17 41.20
C ARG A 104 -44.37 16.62 42.47
N THR A 105 -43.99 15.33 42.50
CA THR A 105 -43.33 14.76 43.66
C THR A 105 -41.85 15.10 43.54
N GLY A 106 -41.26 15.63 44.61
CA GLY A 106 -39.84 15.95 44.60
C GLY A 106 -38.98 14.72 44.48
N LEU A 107 -37.77 14.88 43.94
CA LEU A 107 -36.87 13.77 43.73
C LEU A 107 -35.50 14.11 44.31
N ILE A 108 -35.09 13.33 45.31
CA ILE A 108 -33.80 13.47 45.96
C ILE A 108 -33.02 12.32 45.41
N VAL A 109 -31.86 12.57 44.77
CA VAL A 109 -31.09 11.48 44.22
C VAL A 109 -29.94 11.13 45.13
N THR A 110 -29.78 9.83 45.42
CA THR A 110 -28.71 9.31 46.25
C THR A 110 -27.37 9.46 45.53
N LEU A 111 -26.34 9.90 46.25
CA LEU A 111 -24.97 10.06 45.74
C LEU A 111 -23.99 9.10 46.47
N GLU A 112 -24.20 8.77 47.76
CA GLU A 112 -23.26 7.92 48.46
C GLU A 112 -23.36 6.45 48.03
N GLU A 113 -22.22 5.81 47.90
CA GLU A 113 -22.12 4.40 47.54
C GLU A 113 -22.41 3.59 48.81
N HIS A 114 -23.29 2.56 48.73
CA HIS A 114 -23.67 1.74 49.87
C HIS A 114 -22.51 0.87 50.42
N ARG A 115 -21.57 0.48 49.55
CA ARG A 115 -20.41 -0.28 49.97
C ARG A 115 -19.38 0.68 50.56
N PHE A 116 -19.54 1.01 51.83
CA PHE A 116 -18.58 1.87 52.53
C PHE A 116 -17.35 1.04 52.91
N GLN A 117 -16.30 1.71 53.38
CA GLN A 117 -15.08 1.05 53.84
C GLN A 117 -15.20 0.90 55.37
N ASP A 118 -15.20 -0.34 55.88
CA ASP A 118 -15.33 -0.60 57.33
C ASP A 118 -13.94 -0.81 57.93
N THR A 119 -13.35 0.27 58.45
CA THR A 119 -12.00 0.18 59.02
C THR A 119 -12.03 0.12 60.54
N PRO A 120 -10.92 -0.34 61.16
CA PRO A 120 -10.89 -0.38 62.63
C PRO A 120 -11.08 0.99 63.26
N GLY A 121 -10.59 2.03 62.59
CA GLY A 121 -10.74 3.39 63.06
C GLY A 121 -12.04 4.07 62.64
N GLY A 122 -12.91 3.36 61.93
CA GLY A 122 -14.18 3.95 61.47
C GLY A 122 -14.55 3.68 60.02
N ARG A 123 -15.71 4.22 59.59
CA ARG A 123 -16.22 4.02 58.24
C ARG A 123 -15.89 5.16 57.27
N LYS A 124 -15.37 4.81 56.08
CA LYS A 124 -15.02 5.78 55.04
C LYS A 124 -16.05 5.71 53.90
N SER A 125 -16.54 6.88 53.44
CA SER A 125 -17.58 7.01 52.42
C SER A 125 -17.06 7.56 51.10
N ARG A 126 -17.78 7.28 50.00
CA ARG A 126 -17.42 7.73 48.64
C ARG A 126 -18.67 7.70 47.74
N SER A 127 -18.70 8.49 46.66
CA SER A 127 -19.86 8.52 45.77
C SER A 127 -19.97 7.25 44.96
N ILE A 128 -21.16 7.04 44.36
CA ILE A 128 -21.42 5.94 43.46
C ILE A 128 -20.57 6.18 42.22
N ASP A 129 -19.94 5.12 41.71
CA ASP A 129 -19.07 5.22 40.55
C ASP A 129 -19.86 5.67 39.35
N ASN A 130 -19.26 6.54 38.55
CA ASN A 130 -19.88 7.07 37.33
C ASN A 130 -21.21 7.80 37.60
N TRP A 131 -21.40 8.27 38.84
CA TRP A 131 -22.55 9.08 39.23
C TRP A 131 -22.02 10.34 39.92
N SER A 132 -22.75 11.48 39.84
CA SER A 132 -22.25 12.73 40.44
C SER A 132 -23.34 13.78 40.70
N VAL A 133 -22.97 14.91 41.37
CA VAL A 133 -23.84 16.04 41.63
C VAL A 133 -24.32 16.63 40.29
N GLU A 134 -23.38 16.81 39.32
CA GLU A 134 -23.66 17.35 37.98
C GLU A 134 -24.73 16.52 37.29
N LYS A 135 -24.62 15.19 37.37
CA LYS A 135 -25.60 14.31 36.75
C LYS A 135 -26.97 14.41 37.42
N ILE A 136 -27.03 14.57 38.76
CA ILE A 136 -28.31 14.73 39.48
C ILE A 136 -29.02 16.04 39.04
N ARG A 137 -28.25 17.09 38.77
CA ARG A 137 -28.81 18.35 38.28
C ARG A 137 -29.31 18.15 36.83
N ARG A 138 -28.55 17.38 36.03
CA ARG A 138 -28.86 17.06 34.64
C ARG A 138 -30.12 16.23 34.46
N VAL A 139 -30.29 15.10 35.21
CA VAL A 139 -31.53 14.31 35.09
C VAL A 139 -32.77 15.09 35.56
N GLY A 140 -32.59 16.28 36.15
CA GLY A 140 -33.71 17.05 36.66
C GLY A 140 -34.08 16.78 38.10
N GLY A 141 -33.16 16.19 38.86
CA GLY A 141 -33.33 15.92 40.27
C GLY A 141 -33.41 17.19 41.09
N ASP A 142 -34.19 17.18 42.17
CA ASP A 142 -34.39 18.35 43.04
C ASP A 142 -33.41 18.48 44.17
N ALA A 143 -32.69 17.41 44.54
CA ALA A 143 -31.72 17.49 45.64
C ALA A 143 -30.66 16.38 45.57
N VAL A 144 -29.51 16.59 46.20
CA VAL A 144 -28.47 15.57 46.26
C VAL A 144 -28.51 14.97 47.69
N LYS A 145 -28.57 13.65 47.83
CA LYS A 145 -28.55 13.03 49.15
C LYS A 145 -27.24 12.28 49.40
N VAL A 146 -26.59 12.57 50.52
CA VAL A 146 -25.37 11.86 50.91
C VAL A 146 -25.57 11.32 52.32
N LEU A 147 -25.40 10.01 52.51
CA LEU A 147 -25.38 9.43 53.86
C LEU A 147 -23.91 9.43 54.21
N ALA A 148 -23.58 10.01 55.33
CA ALA A 148 -22.23 10.02 55.82
C ALA A 148 -22.19 9.27 57.16
N TRP A 149 -21.48 8.13 57.24
CA TRP A 149 -21.35 7.41 58.50
C TRP A 149 -20.40 8.25 59.36
N TYR A 150 -20.81 8.61 60.58
CA TYR A 150 -20.00 9.49 61.41
C TYR A 150 -20.15 9.26 62.90
N ARG A 151 -19.01 9.33 63.59
CA ARG A 151 -18.84 9.20 65.04
C ARG A 151 -17.72 10.14 65.42
N PRO A 152 -17.95 11.15 66.28
CA PRO A 152 -16.85 12.07 66.63
C PRO A 152 -15.64 11.40 67.31
N ASP A 153 -15.83 10.17 67.81
CA ASP A 153 -14.78 9.39 68.48
C ASP A 153 -14.03 8.40 67.56
N ALA A 154 -14.24 8.49 66.24
CA ALA A 154 -13.51 7.66 65.28
C ALA A 154 -12.06 8.19 65.12
N SER A 155 -11.18 7.41 64.46
CA SER A 155 -9.78 7.82 64.25
C SER A 155 -9.67 9.12 63.45
N ASP A 156 -8.57 9.83 63.62
CA ASP A 156 -8.36 11.09 62.91
C ASP A 156 -8.31 10.90 61.41
N GLU A 157 -7.79 9.76 60.95
CA GLU A 157 -7.73 9.44 59.53
C GLU A 157 -9.16 9.31 58.98
N VAL A 158 -10.05 8.63 59.70
CA VAL A 158 -11.45 8.47 59.30
C VAL A 158 -12.24 9.79 59.41
N LEU A 159 -12.00 10.61 60.46
CA LEU A 159 -12.67 11.91 60.60
C LEU A 159 -12.30 12.83 59.42
N GLN A 160 -11.00 12.94 59.07
CA GLN A 160 -10.60 13.77 57.93
C GLN A 160 -11.13 13.23 56.61
N HIS A 161 -11.16 11.90 56.42
CA HIS A 161 -11.74 11.32 55.21
C HIS A 161 -13.24 11.72 55.09
N GLN A 162 -14.03 11.57 56.17
CA GLN A 162 -15.45 11.94 56.15
C GLN A 162 -15.69 13.44 55.99
N LYS A 163 -14.91 14.28 56.70
CA LYS A 163 -15.07 15.73 56.63
C LYS A 163 -14.76 16.21 55.22
N ASP A 164 -13.70 15.68 54.58
CA ASP A 164 -13.31 16.04 53.22
C ASP A 164 -14.33 15.60 52.16
N TYR A 165 -14.94 14.43 52.32
CA TYR A 165 -15.94 13.94 51.37
C TYR A 165 -17.23 14.76 51.48
N VAL A 166 -17.69 15.03 52.71
CA VAL A 166 -18.91 15.82 52.91
C VAL A 166 -18.67 17.25 52.38
N ARG A 167 -17.51 17.83 52.70
CA ARG A 167 -17.18 19.17 52.23
C ARG A 167 -17.05 19.25 50.70
N THR A 168 -16.45 18.22 50.07
CA THR A 168 -16.28 18.22 48.61
C THR A 168 -17.66 18.18 47.93
N ILE A 169 -18.60 17.36 48.46
CA ILE A 169 -19.95 17.30 47.90
C ILE A 169 -20.69 18.62 48.15
N GLY A 170 -20.42 19.27 49.28
CA GLY A 170 -20.98 20.58 49.59
C GLY A 170 -20.61 21.63 48.57
N ALA A 171 -19.35 21.59 48.09
CA ALA A 171 -18.80 22.50 47.08
C ALA A 171 -19.45 22.18 45.71
N GLU A 172 -19.63 20.88 45.41
CA GLU A 172 -20.27 20.47 44.16
C GLU A 172 -21.70 21.01 44.08
N CYS A 173 -22.44 20.92 45.22
CA CYS A 173 -23.83 21.38 45.30
C CYS A 173 -23.97 22.88 45.19
N ARG A 174 -23.00 23.63 45.73
CA ARG A 174 -22.94 25.09 45.61
C ARG A 174 -22.67 25.46 44.14
N ARG A 175 -21.76 24.73 43.51
CA ARG A 175 -21.41 24.90 42.10
C ARG A 175 -22.65 24.69 41.19
N HIS A 176 -23.46 23.66 41.46
CA HIS A 176 -24.66 23.40 40.67
C HIS A 176 -25.94 23.99 41.29
N ASP A 177 -25.82 24.86 42.30
CA ASP A 177 -26.94 25.49 43.01
C ASP A 177 -28.08 24.52 43.34
N ILE A 178 -27.73 23.32 43.79
CA ILE A 178 -28.72 22.29 44.07
C ILE A 178 -28.70 21.95 45.54
N PRO A 179 -29.87 21.71 46.17
CA PRO A 179 -29.87 21.41 47.62
C PRO A 179 -28.99 20.22 47.99
N TYR A 180 -28.29 20.37 49.11
CA TYR A 180 -27.41 19.34 49.62
C TYR A 180 -28.07 18.74 50.86
N VAL A 181 -28.70 17.58 50.69
CA VAL A 181 -29.30 16.87 51.80
C VAL A 181 -28.27 15.92 52.44
N LEU A 182 -27.84 16.23 53.67
CA LEU A 182 -26.89 15.39 54.37
C LEU A 182 -27.55 14.54 55.45
N GLU A 183 -27.32 13.23 55.39
CA GLU A 183 -27.83 12.28 56.35
C GLU A 183 -26.66 11.82 57.25
N LEU A 184 -26.82 11.92 58.59
CA LEU A 184 -25.77 11.47 59.50
C LEU A 184 -26.23 10.24 60.29
N LEU A 185 -25.33 9.29 60.50
CA LEU A 185 -25.65 8.09 61.28
C LEU A 185 -24.42 7.62 62.03
N VAL A 186 -24.57 7.37 63.34
CA VAL A 186 -23.52 6.77 64.16
C VAL A 186 -23.56 5.25 63.92
N TYR A 187 -22.48 4.55 64.20
CA TYR A 187 -22.40 3.11 63.89
C TYR A 187 -21.47 2.37 64.86
N PRO A 188 -21.58 1.03 64.99
CA PRO A 188 -20.61 0.30 65.84
C PRO A 188 -19.30 0.07 65.09
N PHE A 189 -18.18 0.10 65.82
CA PHE A 189 -16.88 -0.21 65.23
C PHE A 189 -16.80 -1.72 64.95
N PRO A 190 -15.88 -2.18 64.08
CA PRO A 190 -15.84 -3.61 63.72
C PRO A 190 -15.68 -4.63 64.87
N ASP A 191 -16.53 -5.67 64.88
CA ASP A 191 -16.56 -6.73 65.90
C ASP A 191 -16.21 -8.10 65.28
N SER A 192 -15.32 -8.86 65.94
CA SER A 192 -14.87 -10.18 65.46
C SER A 192 -15.88 -11.31 65.67
N ASP A 193 -16.78 -11.14 66.65
CA ASP A 193 -17.81 -12.13 66.95
C ASP A 193 -19.06 -11.93 66.05
N ASP A 204 -27.11 7.86 76.01
CA ASP A 204 -26.43 8.83 76.88
C ASP A 204 -25.14 9.32 76.19
N LYS A 205 -24.18 8.39 75.94
CA LYS A 205 -22.98 8.68 75.17
C LYS A 205 -23.40 8.78 73.68
N ARG A 206 -24.36 7.89 73.25
CA ARG A 206 -24.96 7.83 71.93
C ARG A 206 -25.59 9.17 71.57
N ALA A 207 -26.30 9.80 72.52
CA ALA A 207 -26.93 11.10 72.26
C ALA A 207 -25.86 12.16 72.00
N ASP A 208 -24.71 12.09 72.69
CA ASP A 208 -23.63 13.04 72.46
C ASP A 208 -22.94 12.74 71.12
N LEU A 209 -22.84 11.45 70.73
CA LEU A 209 -22.26 11.03 69.45
C LEU A 209 -23.11 11.57 68.30
N VAL A 210 -24.45 11.64 68.47
CA VAL A 210 -25.34 12.19 67.46
C VAL A 210 -25.20 13.73 67.47
N ILE A 211 -25.40 14.38 68.64
CA ILE A 211 -25.34 15.83 68.77
C ILE A 211 -24.00 16.43 68.25
N GLU A 212 -22.87 15.82 68.60
CA GLU A 212 -21.58 16.30 68.12
C GLU A 212 -21.38 16.10 66.60
N SER A 213 -22.13 15.18 65.98
CA SER A 213 -22.08 15.00 64.54
C SER A 213 -22.89 16.15 63.89
N VAL A 214 -24.06 16.47 64.44
CA VAL A 214 -24.94 17.52 63.96
C VAL A 214 -24.25 18.87 64.11
N ARG A 215 -23.51 19.08 65.20
CA ARG A 215 -22.78 20.35 65.41
C ARG A 215 -21.69 20.50 64.36
N GLU A 216 -20.95 19.42 64.09
CA GLU A 216 -19.86 19.46 63.14
C GLU A 216 -20.28 19.83 61.74
N PHE A 217 -21.27 19.14 61.17
CA PHE A 217 -21.62 19.35 59.78
C PHE A 217 -22.61 20.52 59.56
N ALA A 218 -22.99 21.26 60.62
CA ALA A 218 -23.78 22.49 60.48
C ALA A 218 -22.86 23.68 60.17
N LYS A 219 -21.51 23.52 60.33
CA LYS A 219 -20.51 24.55 60.03
C LYS A 219 -20.66 25.03 58.60
N PRO A 220 -20.57 26.34 58.39
CA PRO A 220 -20.83 26.89 57.03
C PRO A 220 -19.97 26.34 55.89
N GLU A 221 -18.84 25.68 56.20
CA GLU A 221 -17.98 25.15 55.14
C GLU A 221 -18.59 23.96 54.39
N TYR A 222 -19.51 23.22 55.04
CA TYR A 222 -20.10 22.04 54.42
C TYR A 222 -21.25 22.30 53.47
N GLY A 223 -21.83 23.50 53.52
CA GLY A 223 -22.93 23.87 52.63
C GLY A 223 -24.12 22.93 52.63
N VAL A 224 -24.49 22.42 53.82
CA VAL A 224 -25.62 21.53 54.02
C VAL A 224 -26.90 22.33 53.99
N ASP A 225 -27.90 21.90 53.21
CA ASP A 225 -29.17 22.63 53.11
C ASP A 225 -30.32 21.95 53.86
N LEU A 226 -30.24 20.61 54.04
CA LEU A 226 -31.25 19.87 54.74
C LEU A 226 -30.58 18.69 55.42
N TYR A 227 -30.90 18.47 56.70
CA TYR A 227 -30.34 17.39 57.50
C TYR A 227 -31.34 16.21 57.62
N LYS A 228 -30.86 14.96 57.54
CA LYS A 228 -31.69 13.78 57.75
C LYS A 228 -31.06 13.11 58.95
N LEU A 229 -31.60 13.39 60.13
CA LEU A 229 -31.06 12.95 61.41
C LEU A 229 -31.76 11.76 62.05
N GLU A 230 -30.97 10.99 62.81
CA GLU A 230 -31.48 9.89 63.59
C GLU A 230 -31.83 10.46 65.00
N THR A 231 -32.70 9.77 65.73
CA THR A 231 -33.08 10.20 67.06
C THR A 231 -31.87 10.12 67.99
N PRO A 232 -31.56 11.17 68.76
CA PRO A 232 -30.38 11.11 69.66
C PRO A 232 -30.55 10.05 70.74
N LEU A 233 -31.78 9.87 71.23
CA LEU A 233 -32.12 8.84 72.22
C LEU A 233 -32.94 7.75 71.52
N PRO A 234 -32.70 6.47 71.84
CA PRO A 234 -33.46 5.39 71.18
C PRO A 234 -34.98 5.57 71.21
N ALA A 235 -35.66 5.04 70.18
CA ALA A 235 -37.11 5.15 70.07
C ALA A 235 -37.85 4.29 71.11
N ALA A 236 -37.22 3.17 71.53
CA ALA A 236 -37.83 2.28 72.51
C ALA A 236 -37.75 2.84 73.93
N SER A 237 -36.70 3.60 74.25
CA SER A 237 -36.49 4.14 75.58
C SER A 237 -37.15 5.51 75.86
N LEU A 238 -37.87 6.09 74.88
CA LEU A 238 -38.46 7.42 75.09
C LEU A 238 -39.68 7.42 75.99
N PRO A 239 -39.64 8.25 77.05
CA PRO A 239 -40.81 8.34 77.95
C PRO A 239 -41.96 9.12 77.32
N PRO A 240 -43.22 8.97 77.79
CA PRO A 240 -44.33 9.74 77.20
C PRO A 240 -44.09 11.24 77.31
N MET A 241 -44.48 11.99 76.28
CA MET A 241 -44.24 13.43 76.24
C MET A 241 -45.13 14.21 77.21
N ASP A 242 -44.63 14.40 78.43
CA ASP A 242 -45.34 15.16 79.48
C ASP A 242 -44.35 16.07 80.29
N ASP A 243 -44.86 16.82 81.28
CA ASP A 243 -44.01 17.72 82.08
C ASP A 243 -43.07 16.99 83.06
N SER A 244 -43.06 15.64 83.05
CA SER A 244 -42.20 14.87 83.95
C SER A 244 -40.72 15.17 83.79
N ALA A 245 -39.93 14.90 84.84
CA ALA A 245 -38.50 15.17 84.87
C ALA A 245 -37.71 14.37 83.85
N GLU A 246 -38.18 13.14 83.54
CA GLU A 246 -37.53 12.26 82.58
C GLU A 246 -37.82 12.70 81.13
N SER A 247 -39.09 13.09 80.86
CA SER A 247 -39.49 13.56 79.54
C SER A 247 -38.80 14.87 79.19
N ARG A 248 -38.58 15.75 80.17
CA ARG A 248 -37.90 17.02 79.96
C ARG A 248 -36.38 16.87 79.81
N ALA A 249 -35.81 15.80 80.40
CA ALA A 249 -34.39 15.49 80.24
C ALA A 249 -34.12 14.88 78.85
N ALA A 250 -35.14 14.21 78.27
CA ALA A 250 -35.12 13.62 76.94
C ALA A 250 -35.36 14.75 75.92
N ALA A 251 -36.34 15.62 76.20
CA ALA A 251 -36.62 16.76 75.34
C ALA A 251 -35.40 17.69 75.19
N ALA A 252 -34.48 17.66 76.17
CA ALA A 252 -33.27 18.48 76.16
C ALA A 252 -32.26 17.99 75.12
N GLN A 253 -32.21 16.68 74.86
CA GLN A 253 -31.33 16.11 73.85
C GLN A 253 -31.81 16.50 72.44
N PHE A 254 -33.14 16.61 72.26
CA PHE A 254 -33.72 17.01 70.99
C PHE A 254 -33.56 18.52 70.80
N ALA A 255 -33.80 19.31 71.87
CA ALA A 255 -33.71 20.78 71.84
C ALA A 255 -32.35 21.27 71.42
N GLU A 256 -31.28 20.60 71.86
CA GLU A 256 -29.91 20.96 71.50
C GLU A 256 -29.72 20.83 69.99
N VAL A 257 -30.10 19.66 69.41
CA VAL A 257 -30.07 19.36 67.98
C VAL A 257 -30.87 20.40 67.21
N GLY A 258 -32.06 20.72 67.68
CA GLY A 258 -32.93 21.71 67.06
C GLY A 258 -32.34 23.09 67.08
N SER A 259 -31.57 23.42 68.14
CA SER A 259 -30.92 24.73 68.29
C SER A 259 -29.70 24.83 67.38
N ILE A 260 -28.95 23.72 67.20
CA ILE A 260 -27.80 23.70 66.28
C ILE A 260 -28.28 24.00 64.86
N CYS A 261 -29.37 23.31 64.44
CA CYS A 261 -29.97 23.45 63.13
C CYS A 261 -30.61 24.81 62.92
N ALA A 262 -31.29 25.36 63.95
CA ALA A 262 -31.92 26.69 63.81
C ALA A 262 -30.88 27.78 63.71
N ASP A 263 -29.77 27.66 64.47
CA ASP A 263 -28.72 28.66 64.40
C ASP A 263 -27.95 28.59 63.06
N ALA A 264 -27.89 27.40 62.42
CA ALA A 264 -27.23 27.26 61.12
C ALA A 264 -28.21 27.50 59.93
N GLY A 265 -29.50 27.65 60.21
CA GLY A 265 -30.53 27.82 59.18
C GLY A 265 -30.83 26.54 58.42
N ILE A 266 -30.49 25.37 58.98
CA ILE A 266 -30.73 24.11 58.32
C ILE A 266 -31.96 23.37 58.84
N PRO A 267 -33.02 23.20 58.03
CA PRO A 267 -34.14 22.36 58.45
C PRO A 267 -33.69 20.91 58.70
N TRP A 268 -34.38 20.20 59.60
CA TRP A 268 -34.03 18.83 59.90
C TRP A 268 -35.25 17.90 59.90
N VAL A 269 -35.04 16.68 59.45
CA VAL A 269 -36.09 15.68 59.38
C VAL A 269 -35.58 14.41 60.06
N LEU A 270 -36.49 13.59 60.61
CA LEU A 270 -36.08 12.38 61.30
C LEU A 270 -36.22 11.18 60.42
N LEU A 271 -35.19 10.32 60.42
CA LEU A 271 -35.27 9.09 59.63
C LEU A 271 -35.97 8.02 60.48
N SER A 272 -36.87 7.21 59.85
CA SER A 272 -37.65 6.17 60.53
C SER A 272 -36.77 5.23 61.37
N GLY A 273 -35.60 4.88 60.85
CA GLY A 273 -34.59 4.09 61.57
C GLY A 273 -34.89 2.64 61.91
N GLY A 274 -36.11 2.19 61.63
CA GLY A 274 -36.52 0.83 61.93
C GLY A 274 -37.39 0.72 63.17
N ALA A 275 -37.82 1.86 63.75
CA ALA A 275 -38.67 1.86 64.92
C ALA A 275 -40.10 1.46 64.56
N ALA A 276 -40.82 0.89 65.53
CA ALA A 276 -42.23 0.53 65.37
C ALA A 276 -43.04 1.81 65.15
N PRO A 277 -44.21 1.75 64.49
CA PRO A 277 -44.97 2.97 64.23
C PRO A 277 -45.18 3.92 65.42
N GLU A 278 -45.62 3.42 66.59
CA GLU A 278 -45.82 4.29 67.75
C GLU A 278 -44.50 4.81 68.31
N GLN A 279 -43.43 4.00 68.22
CA GLN A 279 -42.11 4.41 68.67
C GLN A 279 -41.62 5.60 67.84
N PHE A 280 -41.75 5.50 66.51
CA PHE A 280 -41.33 6.58 65.62
C PHE A 280 -42.21 7.83 65.80
N GLU A 281 -43.48 7.64 66.15
CA GLU A 281 -44.36 8.77 66.42
C GLU A 281 -43.99 9.52 67.69
N ARG A 282 -43.42 8.83 68.69
CA ARG A 282 -42.95 9.52 69.89
C ARG A 282 -41.66 10.28 69.58
N VAL A 283 -40.78 9.71 68.72
CA VAL A 283 -39.56 10.37 68.26
C VAL A 283 -39.97 11.66 67.55
N LEU A 284 -40.93 11.58 66.63
CA LEU A 284 -41.41 12.73 65.90
C LEU A 284 -42.11 13.73 66.80
N SER A 285 -42.84 13.28 67.84
CA SER A 285 -43.50 14.19 68.76
C SER A 285 -42.47 15.04 69.50
N TYR A 286 -41.36 14.43 69.92
CA TYR A 286 -40.30 15.17 70.60
C TYR A 286 -39.58 16.11 69.63
N SER A 287 -39.33 15.64 68.41
CA SER A 287 -38.61 16.37 67.38
C SER A 287 -39.34 17.58 66.86
N TYR A 288 -40.63 17.45 66.55
CA TYR A 288 -41.40 18.56 66.03
C TYR A 288 -41.48 19.73 67.01
N ALA A 289 -41.46 19.42 68.34
CA ALA A 289 -41.43 20.38 69.44
C ALA A 289 -40.04 21.06 69.54
N ALA A 290 -38.98 20.32 69.16
CA ALA A 290 -37.60 20.81 69.18
C ALA A 290 -37.22 21.63 67.94
N GLY A 291 -38.12 21.72 66.95
CA GLY A 291 -37.88 22.50 65.74
C GLY A 291 -37.87 21.76 64.41
N ALA A 292 -37.93 20.40 64.41
CA ALA A 292 -37.90 19.58 63.18
C ALA A 292 -39.06 19.90 62.26
N GLN A 293 -38.84 19.74 60.94
CA GLN A 293 -39.81 20.10 59.93
C GLN A 293 -40.37 18.94 59.09
N GLY A 294 -40.17 17.71 59.52
CA GLY A 294 -40.68 16.56 58.78
C GLY A 294 -40.00 15.24 59.02
N PHE A 295 -40.27 14.26 58.16
CA PHE A 295 -39.72 12.93 58.29
C PHE A 295 -39.30 12.36 56.93
N LEU A 296 -38.53 11.25 56.95
CA LEU A 296 -38.08 10.46 55.79
C LEU A 296 -38.35 9.03 56.21
N ALA A 297 -39.44 8.43 55.73
CA ALA A 297 -39.80 7.08 56.14
C ALA A 297 -39.10 6.04 55.25
N GLY A 298 -38.54 5.01 55.86
CA GLY A 298 -37.82 3.99 55.12
C GLY A 298 -38.43 2.61 55.07
N ARG A 299 -37.56 1.61 55.23
CA ARG A 299 -37.84 0.19 55.20
C ARG A 299 -39.10 -0.26 55.96
N THR A 300 -39.51 0.48 57.01
CA THR A 300 -40.69 0.15 57.81
C THR A 300 -41.97 0.03 56.97
N ILE A 301 -42.18 0.99 56.06
CA ILE A 301 -43.38 1.12 55.24
C ILE A 301 -43.67 -0.10 54.37
N TRP A 302 -42.62 -0.74 53.83
CA TRP A 302 -42.82 -1.82 52.87
C TRP A 302 -42.12 -3.15 53.11
N LEU A 303 -41.18 -3.25 54.08
CA LEU A 303 -40.38 -4.48 54.24
C LEU A 303 -41.20 -5.77 54.34
N ASP A 304 -42.13 -5.84 55.29
CA ASP A 304 -42.94 -7.04 55.46
C ASP A 304 -43.80 -7.32 54.22
N ALA A 305 -44.44 -6.27 53.64
CA ALA A 305 -45.24 -6.44 52.43
C ALA A 305 -44.42 -7.03 51.27
N VAL A 306 -43.15 -6.59 51.10
CA VAL A 306 -42.28 -7.10 50.06
C VAL A 306 -41.91 -8.57 50.34
N GLN A 307 -41.29 -8.86 51.51
CA GLN A 307 -40.87 -10.23 51.86
C GLN A 307 -42.00 -11.26 51.81
N ASN A 308 -43.16 -10.94 52.39
CA ASN A 308 -44.29 -11.87 52.45
C ASN A 308 -45.05 -12.07 51.15
N HIS A 309 -44.89 -11.17 50.14
CA HIS A 309 -45.73 -11.29 48.94
C HIS A 309 -45.06 -11.21 47.59
N PHE A 310 -43.81 -10.70 47.47
CA PHE A 310 -43.16 -10.56 46.16
C PHE A 310 -43.05 -11.95 45.47
N PRO A 311 -43.27 -12.06 44.16
CA PRO A 311 -43.54 -11.01 43.18
C PRO A 311 -45.01 -10.75 42.87
N ASP A 312 -45.91 -11.21 43.75
CA ASP A 312 -47.35 -10.99 43.58
C ASP A 312 -47.63 -9.48 43.76
N ARG A 313 -47.71 -8.75 42.64
CA ARG A 313 -47.95 -7.30 42.60
C ARG A 313 -49.19 -6.93 43.40
N GLU A 314 -50.30 -7.65 43.20
CA GLU A 314 -51.53 -7.35 43.93
C GLU A 314 -51.45 -7.62 45.41
N ALA A 315 -50.81 -8.73 45.81
CA ALA A 315 -50.66 -9.03 47.23
C ALA A 315 -49.79 -7.99 47.91
N VAL A 316 -48.68 -7.55 47.27
CA VAL A 316 -47.80 -6.51 47.81
C VAL A 316 -48.60 -5.22 47.98
N LEU A 317 -49.32 -4.82 46.90
CA LEU A 317 -50.14 -3.61 46.87
C LEU A 317 -51.24 -3.56 47.93
N THR A 318 -52.08 -4.63 48.05
CA THR A 318 -53.13 -4.62 49.06
C THR A 318 -52.53 -4.76 50.48
N ALA A 319 -51.35 -5.40 50.62
CA ALA A 319 -50.69 -5.49 51.93
C ALA A 319 -50.10 -4.14 52.35
N LEU A 320 -49.71 -3.29 51.38
CA LEU A 320 -49.15 -1.96 51.63
C LEU A 320 -50.25 -1.06 52.14
N LYS A 321 -51.44 -1.11 51.51
CA LYS A 321 -52.58 -0.27 51.87
C LYS A 321 -53.08 -0.48 53.29
N GLY A 322 -52.97 -1.70 53.79
CA GLY A 322 -53.38 -2.01 55.15
C GLY A 322 -52.27 -1.96 56.18
N ASP A 323 -51.15 -1.32 55.85
CA ASP A 323 -50.01 -1.24 56.74
C ASP A 323 -49.18 0.03 56.47
N GLY A 324 -48.32 0.01 55.45
CA GLY A 324 -47.46 1.13 55.08
C GLY A 324 -48.16 2.42 54.72
N MET A 325 -49.26 2.33 53.98
CA MET A 325 -50.06 3.48 53.59
C MET A 325 -50.74 4.12 54.82
N LYS A 326 -51.14 3.28 55.78
CA LYS A 326 -51.76 3.77 56.99
C LYS A 326 -50.71 4.49 57.83
N ILE A 327 -49.51 3.90 57.98
CA ILE A 327 -48.43 4.54 58.73
C ILE A 327 -48.03 5.87 58.10
N LEU A 328 -47.82 5.88 56.78
CA LEU A 328 -47.49 7.09 56.02
C LEU A 328 -48.59 8.16 56.23
N LYS A 329 -49.88 7.77 56.17
CA LYS A 329 -51.01 8.67 56.42
C LYS A 329 -50.97 9.26 57.84
N ASP A 330 -50.69 8.42 58.86
CA ASP A 330 -50.61 8.85 60.25
C ASP A 330 -49.42 9.80 60.46
N LEU A 331 -48.30 9.53 59.78
CA LEU A 331 -47.13 10.40 59.88
C LEU A 331 -47.41 11.76 59.22
N GLY A 332 -48.17 11.78 58.15
CA GLY A 332 -48.52 13.02 57.46
C GLY A 332 -49.43 13.86 58.33
N ARG A 333 -50.44 13.22 58.95
CA ARG A 333 -51.38 13.88 59.86
C ARG A 333 -50.63 14.47 61.06
N LEU A 334 -49.77 13.66 61.72
CA LEU A 334 -48.99 14.10 62.86
C LEU A 334 -48.04 15.26 62.49
N THR A 335 -47.56 15.28 61.23
CA THR A 335 -46.68 16.33 60.74
C THR A 335 -47.43 17.65 60.62
N ARG A 336 -48.57 17.67 59.92
CA ARG A 336 -49.32 18.93 59.75
C ARG A 336 -49.78 19.53 61.08
N GLU A 337 -50.21 18.66 62.00
CA GLU A 337 -50.72 19.10 63.29
C GLU A 337 -49.67 19.62 64.24
N LYS A 338 -48.45 19.04 64.23
CA LYS A 338 -47.45 19.43 65.22
C LYS A 338 -46.14 20.05 64.69
N ALA A 339 -45.73 19.76 63.44
CA ALA A 339 -44.47 20.26 62.92
C ALA A 339 -44.54 21.71 62.46
N GLN A 340 -43.46 22.45 62.76
CA GLN A 340 -43.33 23.82 62.34
C GLN A 340 -43.01 23.79 60.85
N PRO A 341 -43.74 24.55 60.02
CA PRO A 341 -43.47 24.51 58.57
C PRO A 341 -42.13 25.12 58.19
N TRP A 342 -41.68 24.81 56.98
CA TRP A 342 -40.45 25.36 56.45
C TRP A 342 -40.84 26.43 55.44
N LYS A 343 -40.15 27.57 55.50
CA LYS A 343 -40.42 28.66 54.57
C LYS A 343 -39.14 28.95 53.79
N PRO A 344 -39.25 29.13 52.47
CA PRO A 344 -38.04 29.43 51.68
C PRO A 344 -37.45 30.78 52.07
N ASP A 345 -36.14 30.83 52.32
CA ASP A 345 -35.51 32.10 52.65
C ASP A 345 -34.69 32.62 51.50
N PHE A 346 -35.33 33.36 50.60
CA PHE A 346 -34.65 33.96 49.47
C PHE A 346 -34.02 35.27 49.94
N ARG A 347 -32.73 35.20 50.29
CA ARG A 347 -32.00 36.39 50.71
C ARG A 347 -31.18 36.80 49.51
N LEU A 348 -31.87 37.32 48.50
CA LEU A 348 -31.23 37.73 47.26
C LEU A 348 -30.53 39.08 47.43
N GLU A 349 -29.32 39.24 46.86
CA GLU A 349 -28.67 40.55 46.85
C GLU A 349 -29.50 41.40 45.85
N GLN A 350 -29.95 42.60 46.26
CA GLN A 350 -30.87 43.38 45.43
C GLN A 350 -30.31 43.86 44.08
N VAL A 351 -31.22 43.92 43.11
CA VAL A 351 -31.06 44.27 41.70
C VAL A 351 -31.76 45.64 41.43
N ASP A 352 -31.08 46.61 40.82
CA ASP A 352 -31.68 47.92 40.54
C ASP A 352 -31.70 48.30 39.04
N ARG A 353 -31.39 47.34 38.15
CA ARG A 353 -31.32 47.61 36.73
C ARG A 353 -31.38 46.32 35.93
N GLU A 354 -31.81 46.45 34.66
CA GLU A 354 -31.90 45.35 33.72
C GLU A 354 -30.50 44.82 33.31
N GLY A 355 -30.22 43.61 33.77
CA GLY A 355 -28.96 42.93 33.50
C GLY A 355 -28.23 42.51 34.77
N ALA A 356 -28.55 43.17 35.90
CA ALA A 356 -27.90 42.91 37.18
C ALA A 356 -28.15 41.51 37.68
N PHE A 357 -29.35 40.95 37.44
CA PHE A 357 -29.63 39.59 37.89
C PHE A 357 -28.78 38.60 37.12
N SER A 358 -28.77 38.70 35.76
CA SER A 358 -27.97 37.81 34.90
C SER A 358 -26.52 37.80 35.31
N CYS A 359 -25.99 38.97 35.71
CA CYS A 359 -24.62 39.15 36.14
C CYS A 359 -24.35 38.61 37.53
N ALA A 360 -25.22 38.89 38.51
CA ALA A 360 -25.05 38.42 39.88
C ALA A 360 -25.10 36.89 39.95
N TYR A 361 -25.95 36.26 39.11
CA TYR A 361 -26.06 34.81 39.06
C TYR A 361 -24.91 34.22 38.30
N ALA A 362 -23.79 33.98 38.97
CA ALA A 362 -22.57 33.46 38.33
C ALA A 362 -21.77 32.59 39.31
N SER B 20 -32.48 10.47 27.96
CA SER B 20 -32.98 11.84 27.88
C SER B 20 -34.12 12.02 28.90
N ILE B 21 -33.88 11.52 30.12
CA ILE B 21 -34.77 11.56 31.26
C ILE B 21 -35.14 12.97 31.69
N GLY B 22 -34.14 13.85 31.70
CA GLY B 22 -34.29 15.24 32.12
C GLY B 22 -35.23 16.05 31.26
N LYS B 23 -35.28 15.73 29.97
CA LYS B 23 -36.19 16.40 29.06
C LYS B 23 -37.60 15.92 29.33
N GLN B 24 -37.77 14.61 29.51
CA GLN B 24 -39.09 14.03 29.72
C GLN B 24 -39.69 14.46 31.04
N ARG B 25 -38.86 14.47 32.09
CA ARG B 25 -39.32 14.89 33.39
C ARG B 25 -39.61 16.38 33.40
N GLY B 26 -38.68 17.20 32.88
CA GLY B 26 -38.88 18.64 32.78
C GLY B 26 -40.12 19.01 31.97
N LEU B 27 -40.45 18.20 30.95
CA LEU B 27 -41.65 18.41 30.15
C LEU B 27 -42.90 18.08 30.96
N ALA B 28 -42.86 17.02 31.75
CA ALA B 28 -43.98 16.64 32.61
C ALA B 28 -44.26 17.72 33.67
N ARG B 29 -43.22 18.45 34.08
CA ARG B 29 -43.36 19.54 35.04
C ARG B 29 -43.95 20.82 34.41
N LEU B 30 -44.06 20.88 33.08
CA LEU B 30 -44.69 21.99 32.37
C LEU B 30 -46.17 21.74 32.12
N ALA B 31 -46.62 20.47 32.17
CA ALA B 31 -48.02 20.12 31.98
C ALA B 31 -48.70 19.97 33.36
N ASP B 32 -50.05 19.92 33.39
CA ASP B 32 -50.77 19.71 34.65
C ASP B 32 -50.89 18.19 34.89
N GLU B 33 -51.52 17.76 36.01
CA GLU B 33 -51.66 16.33 36.32
C GLU B 33 -52.32 15.54 35.18
N ASP B 34 -53.17 16.18 34.38
CA ASP B 34 -53.85 15.50 33.28
C ASP B 34 -53.06 15.48 31.95
N GLY B 35 -51.88 16.11 31.91
CA GLY B 35 -51.07 16.14 30.70
C GLY B 35 -51.39 17.26 29.74
N HIS B 36 -52.02 18.33 30.22
CA HIS B 36 -52.34 19.49 29.39
C HIS B 36 -51.35 20.63 29.67
N PHE B 37 -50.93 21.38 28.64
CA PHE B 37 -50.02 22.51 28.86
C PHE B 37 -50.80 23.80 28.95
N THR B 38 -51.22 24.20 30.15
CA THR B 38 -51.95 25.45 30.35
C THR B 38 -50.95 26.49 30.85
N MET B 39 -50.14 27.03 29.94
CA MET B 39 -49.08 27.97 30.31
C MET B 39 -49.46 29.46 30.22
N VAL B 40 -48.80 30.27 31.06
CA VAL B 40 -48.97 31.73 31.12
C VAL B 40 -47.60 32.41 30.92
N ALA B 41 -47.48 33.28 29.90
CA ALA B 41 -46.21 33.95 29.64
C ALA B 41 -46.04 35.22 30.46
N LEU B 42 -44.98 35.32 31.27
CA LEU B 42 -44.70 36.52 32.04
C LEU B 42 -43.28 37.05 31.80
N ASP B 43 -42.82 36.96 30.55
CA ASP B 43 -41.47 37.38 30.18
C ASP B 43 -41.41 38.63 29.29
N GLN B 44 -42.51 39.39 29.19
CA GLN B 44 -42.64 40.62 28.39
C GLN B 44 -41.67 41.69 28.89
N ARG B 45 -40.83 42.21 28.00
CA ARG B 45 -39.88 43.23 28.41
C ARG B 45 -40.40 44.62 27.97
N PRO B 46 -40.28 45.12 26.71
CA PRO B 46 -40.89 46.42 26.40
C PRO B 46 -42.41 46.49 26.64
N PRO B 47 -43.24 45.48 26.29
CA PRO B 47 -44.68 45.59 26.59
C PRO B 47 -45.05 45.95 28.03
N LEU B 48 -44.31 45.42 29.03
CA LEU B 48 -44.62 45.75 30.41
C LEU B 48 -44.14 47.17 30.74
N LEU B 49 -42.97 47.58 30.21
CA LEU B 49 -42.44 48.93 30.43
C LEU B 49 -43.39 49.98 29.84
N GLN B 50 -43.93 49.70 28.65
CA GLN B 50 -44.88 50.60 27.99
C GLN B 50 -46.22 50.59 28.74
N ALA B 51 -46.62 49.44 29.34
CA ALA B 51 -47.87 49.35 30.11
C ALA B 51 -47.79 50.18 31.38
N LEU B 52 -46.62 50.17 32.04
CA LEU B 52 -46.39 50.98 33.24
C LEU B 52 -46.25 52.47 32.89
N ALA B 53 -45.79 52.81 31.67
CA ALA B 53 -45.67 54.19 31.19
C ALA B 53 -47.05 54.84 31.03
N LYS B 54 -48.07 54.04 30.67
CA LYS B 54 -49.44 54.52 30.54
C LYS B 54 -50.04 54.67 31.94
N ALA B 55 -49.84 53.66 32.81
CA ALA B 55 -50.34 53.66 34.18
C ALA B 55 -49.79 54.84 34.99
N ARG B 56 -48.52 55.19 34.78
CA ARG B 56 -47.89 56.28 35.51
C ARG B 56 -47.98 57.65 34.80
N GLY B 57 -48.35 57.67 33.53
CA GLY B 57 -48.48 58.90 32.75
C GLY B 57 -47.15 59.58 32.45
N ILE B 58 -46.06 58.82 32.52
CA ILE B 58 -44.71 59.29 32.27
C ILE B 58 -44.12 58.54 31.08
N PRO B 59 -43.05 59.07 30.44
CA PRO B 59 -42.44 58.35 29.32
C PRO B 59 -41.92 56.96 29.71
N ALA B 60 -41.84 56.02 28.75
CA ALA B 60 -41.26 54.69 28.99
C ALA B 60 -39.81 54.81 29.49
N ASP B 61 -39.12 55.86 29.03
CA ASP B 61 -37.76 56.27 29.37
C ASP B 61 -37.62 56.60 30.87
N GLN B 62 -38.72 56.91 31.59
CA GLN B 62 -38.66 57.28 33.01
C GLN B 62 -39.19 56.22 33.98
N VAL B 63 -39.75 55.09 33.47
CA VAL B 63 -40.28 54.02 34.33
C VAL B 63 -39.14 53.33 35.09
N GLU B 64 -39.22 53.33 36.43
CA GLU B 64 -38.18 52.75 37.24
C GLU B 64 -38.27 51.23 37.32
N PHE B 65 -37.10 50.60 37.47
CA PHE B 65 -36.92 49.15 37.57
C PHE B 65 -37.81 48.52 38.65
N ALA B 66 -37.96 49.19 39.80
CA ALA B 66 -38.79 48.74 40.92
C ALA B 66 -40.25 48.52 40.51
N ASP B 67 -40.74 49.28 39.52
CA ASP B 67 -42.09 49.14 39.03
C ASP B 67 -42.24 47.85 38.26
N MET B 68 -41.25 47.53 37.40
CA MET B 68 -41.24 46.28 36.62
C MET B 68 -41.27 45.09 37.56
N LEU B 69 -40.48 45.15 38.65
CA LEU B 69 -40.45 44.12 39.66
C LEU B 69 -41.83 43.96 40.33
N ALA B 70 -42.42 45.07 40.84
CA ALA B 70 -43.71 45.03 41.53
C ALA B 70 -44.81 44.50 40.62
N ALA B 71 -44.75 44.83 39.32
CA ALA B 71 -45.72 44.32 38.37
C ALA B 71 -45.51 42.81 38.14
N LYS B 72 -44.25 42.36 37.96
CA LYS B 72 -43.96 40.93 37.75
C LYS B 72 -44.42 40.11 38.94
N ARG B 73 -44.10 40.55 40.17
CA ARG B 73 -44.46 39.87 41.41
C ARG B 73 -45.95 39.76 41.58
N LEU B 74 -46.68 40.83 41.22
CA LEU B 74 -48.13 40.89 41.28
C LEU B 74 -48.71 39.84 40.32
N LEU B 75 -48.26 39.82 39.06
CA LEU B 75 -48.81 38.92 38.05
C LEU B 75 -48.52 37.45 38.29
N VAL B 76 -47.37 37.15 38.88
CA VAL B 76 -47.01 35.78 39.18
C VAL B 76 -47.93 35.26 40.27
N GLU B 77 -48.09 36.03 41.38
CA GLU B 77 -48.96 35.57 42.46
C GLU B 77 -50.45 35.67 42.14
N ALA B 78 -50.84 36.47 41.14
CA ALA B 78 -52.25 36.53 40.74
C ALA B 78 -52.60 35.35 39.82
N LEU B 79 -51.66 34.90 38.98
CA LEU B 79 -51.95 33.86 38.00
C LEU B 79 -51.33 32.47 38.27
N ALA B 80 -50.64 32.33 39.40
CA ALA B 80 -49.98 31.08 39.78
C ALA B 80 -50.91 29.83 39.82
N HIS B 81 -52.08 29.95 40.47
CA HIS B 81 -53.02 28.84 40.60
C HIS B 81 -53.79 28.49 39.30
N ASP B 82 -53.59 29.26 38.24
CA ASP B 82 -54.26 29.02 36.97
C ASP B 82 -53.27 28.65 35.85
N ALA B 83 -52.06 28.19 36.21
CA ALA B 83 -51.04 27.89 35.21
C ALA B 83 -50.28 26.64 35.58
N SER B 84 -50.17 25.69 34.64
CA SER B 84 -49.41 24.45 34.85
C SER B 84 -47.89 24.73 34.94
N SER B 85 -47.44 25.75 34.19
CA SER B 85 -46.09 26.29 34.14
C SER B 85 -46.14 27.76 33.73
N MET B 86 -45.11 28.52 34.08
CA MET B 86 -45.05 29.94 33.73
C MET B 86 -43.69 30.31 33.12
N LEU B 87 -43.75 31.09 32.05
CA LEU B 87 -42.57 31.54 31.33
C LEU B 87 -42.06 32.84 31.95
N LEU B 88 -40.91 32.82 32.66
CA LEU B 88 -40.36 34.03 33.29
C LEU B 88 -39.06 34.43 32.62
N ASP B 89 -38.77 35.71 32.57
CA ASP B 89 -37.52 36.22 32.02
C ASP B 89 -36.50 36.42 33.14
N PRO B 90 -35.20 36.32 32.84
CA PRO B 90 -34.19 36.44 33.91
C PRO B 90 -34.00 37.81 34.56
N ASN B 91 -33.97 38.91 33.79
CA ASN B 91 -33.62 40.20 34.39
C ASN B 91 -34.75 40.92 35.11
N PHE B 92 -36.00 40.51 34.90
CA PHE B 92 -37.13 41.16 35.57
C PHE B 92 -37.98 40.18 36.43
N ALA B 93 -38.63 39.19 35.81
CA ALA B 93 -39.51 38.25 36.49
C ALA B 93 -38.79 37.39 37.51
N MET B 94 -37.57 36.94 37.19
CA MET B 94 -36.82 36.11 38.14
C MET B 94 -36.53 36.85 39.47
N PRO B 95 -35.91 38.05 39.49
CA PRO B 95 -35.65 38.72 40.79
C PRO B 95 -36.91 39.24 41.49
N ALA B 96 -37.96 39.48 40.74
CA ALA B 96 -39.20 40.01 41.29
C ALA B 96 -40.09 38.97 41.90
N ALA B 97 -40.15 37.77 41.31
CA ALA B 97 -41.13 36.81 41.72
C ALA B 97 -40.70 35.35 41.93
N ILE B 98 -39.39 35.00 41.85
CA ILE B 98 -39.01 33.58 42.03
C ILE B 98 -39.44 33.05 43.40
N ASP B 99 -39.48 33.92 44.44
CA ASP B 99 -39.92 33.52 45.76
C ASP B 99 -41.44 33.28 45.88
N VAL B 100 -42.24 33.87 45.00
CA VAL B 100 -43.69 33.70 45.06
C VAL B 100 -44.21 32.71 43.99
N LEU B 101 -43.37 32.29 43.03
CA LEU B 101 -43.76 31.28 42.05
C LEU B 101 -43.80 29.94 42.78
N PRO B 102 -44.98 29.29 42.82
CA PRO B 102 -45.09 28.03 43.55
C PRO B 102 -44.16 26.94 43.06
N ALA B 103 -43.70 26.07 43.97
CA ALA B 103 -42.78 24.99 43.63
C ALA B 103 -43.38 24.01 42.63
N ARG B 104 -44.68 23.78 42.70
CA ARG B 104 -45.34 22.86 41.76
C ARG B 104 -45.68 23.48 40.41
N THR B 105 -45.48 24.79 40.24
CA THR B 105 -45.71 25.46 38.98
C THR B 105 -44.42 25.39 38.17
N GLY B 106 -44.51 24.88 36.95
CA GLY B 106 -43.35 24.74 36.08
C GLY B 106 -42.68 26.06 35.78
N LEU B 107 -41.37 26.04 35.67
CA LEU B 107 -40.61 27.24 35.40
C LEU B 107 -39.93 27.18 34.05
N ILE B 108 -40.45 27.92 33.05
CA ILE B 108 -39.78 28.01 31.76
C ILE B 108 -39.05 29.34 31.78
N VAL B 109 -37.74 29.34 31.47
CA VAL B 109 -36.97 30.58 31.49
C VAL B 109 -36.64 31.04 30.06
N THR B 110 -36.94 32.30 29.77
CA THR B 110 -36.64 32.91 28.49
C THR B 110 -35.13 33.01 28.31
N LEU B 111 -34.65 32.73 27.10
CA LEU B 111 -33.22 32.83 26.81
C LEU B 111 -32.94 33.84 25.70
N GLU B 112 -33.89 34.09 24.78
CA GLU B 112 -33.69 35.04 23.69
C GLU B 112 -33.74 36.51 24.14
N GLU B 113 -32.86 37.34 23.58
CA GLU B 113 -32.83 38.77 23.89
C GLU B 113 -33.97 39.46 23.08
N HIS B 114 -34.78 40.34 23.72
CA HIS B 114 -35.88 41.01 23.00
C HIS B 114 -35.41 41.95 21.89
N ARG B 115 -34.21 42.54 22.06
CA ARG B 115 -33.61 43.42 21.07
C ARG B 115 -32.93 42.64 19.94
N PHE B 116 -33.73 42.05 19.04
CA PHE B 116 -33.20 41.38 17.86
C PHE B 116 -32.56 42.41 16.90
N GLN B 117 -31.91 41.95 15.82
CA GLN B 117 -31.30 42.84 14.84
C GLN B 117 -32.24 42.93 13.64
N ASP B 118 -32.89 44.07 13.39
CA ASP B 118 -33.83 44.20 12.27
C ASP B 118 -33.17 44.52 10.91
N THR B 119 -32.38 43.59 10.35
CA THR B 119 -31.70 43.78 9.07
C THR B 119 -32.70 43.84 7.88
N PRO B 120 -32.30 44.42 6.73
CA PRO B 120 -33.21 44.43 5.55
C PRO B 120 -33.65 43.04 5.10
N GLY B 121 -32.75 42.07 5.24
CA GLY B 121 -33.06 40.69 4.88
C GLY B 121 -33.77 39.88 5.96
N GLY B 122 -34.15 40.51 7.06
CA GLY B 122 -34.83 39.82 8.15
C GLY B 122 -34.22 39.99 9.53
N ARG B 123 -34.90 39.43 10.55
CA ARG B 123 -34.48 39.54 11.95
C ARG B 123 -33.48 38.47 12.43
N LYS B 124 -32.44 38.91 13.15
CA LYS B 124 -31.39 38.07 13.71
C LYS B 124 -31.49 38.03 15.24
N SER B 125 -31.51 36.81 15.80
CA SER B 125 -31.66 36.58 17.22
C SER B 125 -30.34 36.23 17.90
N ARG B 126 -30.29 36.47 19.22
CA ARG B 126 -29.16 36.16 20.10
C ARG B 126 -29.71 35.99 21.52
N SER B 127 -29.00 35.23 22.36
CA SER B 127 -29.38 35.00 23.75
C SER B 127 -29.20 36.27 24.58
N ILE B 128 -29.92 36.38 25.72
CA ILE B 128 -29.78 37.51 26.65
C ILE B 128 -28.33 37.52 27.17
N ASP B 129 -27.72 38.72 27.26
CA ASP B 129 -26.36 38.81 27.75
C ASP B 129 -26.22 38.25 29.16
N ASN B 130 -25.16 37.51 29.38
CA ASN B 130 -24.79 36.93 30.66
C ASN B 130 -25.84 35.92 31.19
N TRP B 131 -26.63 35.32 30.29
CA TRP B 131 -27.58 34.28 30.66
C TRP B 131 -27.41 33.09 29.71
N SER B 132 -27.67 31.87 30.19
CA SER B 132 -27.46 30.67 29.38
C SER B 132 -28.36 29.49 29.78
N VAL B 133 -28.36 28.43 28.94
CA VAL B 133 -29.00 27.16 29.16
C VAL B 133 -28.43 26.54 30.44
N GLU B 134 -27.11 26.61 30.63
CA GLU B 134 -26.46 26.08 31.83
C GLU B 134 -27.00 26.79 33.07
N LYS B 135 -27.19 28.13 33.00
CA LYS B 135 -27.70 28.94 34.12
C LYS B 135 -29.17 28.64 34.41
N ILE B 136 -29.95 28.30 33.37
CA ILE B 136 -31.34 27.93 33.53
C ILE B 136 -31.44 26.55 34.21
N ARG B 137 -30.55 25.63 33.83
CA ARG B 137 -30.46 24.31 34.46
C ARG B 137 -30.08 24.51 35.95
N ARG B 138 -29.11 25.39 36.20
CA ARG B 138 -28.63 25.78 37.53
C ARG B 138 -29.70 26.39 38.46
N VAL B 139 -30.48 27.40 37.99
CA VAL B 139 -31.50 28.03 38.85
C VAL B 139 -32.67 27.10 39.23
N GLY B 140 -32.68 25.89 38.72
CA GLY B 140 -33.79 24.99 38.94
C GLY B 140 -34.89 25.15 37.90
N GLY B 141 -34.55 25.72 36.74
CA GLY B 141 -35.51 25.90 35.67
C GLY B 141 -35.91 24.55 35.11
N ASP B 142 -37.16 24.42 34.66
CA ASP B 142 -37.66 23.16 34.13
C ASP B 142 -37.48 23.00 32.63
N ALA B 143 -37.39 24.13 31.92
CA ALA B 143 -37.27 24.20 30.47
C ALA B 143 -36.58 25.51 30.04
N VAL B 144 -36.01 25.52 28.82
CA VAL B 144 -35.40 26.70 28.23
C VAL B 144 -36.33 27.18 27.11
N LYS B 145 -36.59 28.50 26.98
CA LYS B 145 -37.44 29.00 25.90
C LYS B 145 -36.67 29.96 25.02
N VAL B 146 -36.83 29.81 23.73
CA VAL B 146 -36.25 30.74 22.76
C VAL B 146 -37.35 31.10 21.76
N LEU B 147 -37.53 32.40 21.47
CA LEU B 147 -38.40 32.87 20.40
C LEU B 147 -37.44 33.15 19.23
N ALA B 148 -37.63 32.47 18.11
CA ALA B 148 -36.79 32.68 16.94
C ALA B 148 -37.70 33.31 15.88
N TRP B 149 -37.41 34.56 15.48
CA TRP B 149 -38.18 35.24 14.44
C TRP B 149 -37.84 34.56 13.16
N TYR B 150 -38.82 33.98 12.48
CA TYR B 150 -38.52 33.22 11.29
C TYR B 150 -39.55 33.34 10.20
N ARG B 151 -39.06 33.40 8.97
CA ARG B 151 -39.79 33.38 7.70
C ARG B 151 -38.92 32.55 6.75
N PRO B 152 -39.49 31.62 5.95
CA PRO B 152 -38.65 30.89 4.98
C PRO B 152 -38.09 31.75 3.84
N ASP B 153 -38.66 32.97 3.62
CA ASP B 153 -38.22 33.85 2.53
C ASP B 153 -37.26 34.96 2.95
N ALA B 154 -36.66 34.84 4.15
CA ALA B 154 -35.66 35.82 4.60
C ALA B 154 -34.35 35.64 3.76
N SER B 155 -33.41 36.61 3.82
CA SER B 155 -32.16 36.50 3.07
C SER B 155 -31.35 35.28 3.53
N ASP B 156 -30.50 34.73 2.67
CA ASP B 156 -29.71 33.55 3.02
C ASP B 156 -28.82 33.76 4.24
N GLU B 157 -28.30 34.98 4.42
CA GLU B 157 -27.49 35.31 5.57
C GLU B 157 -28.34 35.23 6.86
N VAL B 158 -29.60 35.70 6.80
CA VAL B 158 -30.53 35.68 7.94
C VAL B 158 -31.04 34.25 8.23
N LEU B 159 -31.27 33.44 7.18
CA LEU B 159 -31.71 32.06 7.34
C LEU B 159 -30.61 31.25 8.04
N GLN B 160 -29.36 31.47 7.63
CA GLN B 160 -28.23 30.78 8.21
C GLN B 160 -27.89 31.26 9.62
N HIS B 161 -28.25 32.50 9.96
CA HIS B 161 -28.01 33.03 11.30
C HIS B 161 -29.08 32.44 12.24
N GLN B 162 -30.33 32.40 11.81
CA GLN B 162 -31.42 31.86 12.61
C GLN B 162 -31.33 30.37 12.77
N LYS B 163 -30.86 29.65 11.75
CA LYS B 163 -30.76 28.19 11.84
C LYS B 163 -29.70 27.79 12.83
N ASP B 164 -28.53 28.45 12.77
CA ASP B 164 -27.40 28.22 13.62
C ASP B 164 -27.73 28.55 15.05
N TYR B 165 -28.43 29.65 15.29
CA TYR B 165 -28.81 30.04 16.63
C TYR B 165 -29.75 29.01 17.27
N VAL B 166 -30.83 28.60 16.56
CA VAL B 166 -31.74 27.58 17.11
C VAL B 166 -30.99 26.26 17.38
N ARG B 167 -30.06 25.91 16.47
CA ARG B 167 -29.27 24.69 16.56
C ARG B 167 -28.29 24.69 17.73
N THR B 168 -27.60 25.80 17.99
CA THR B 168 -26.64 25.88 19.07
C THR B 168 -27.34 25.82 20.44
N ILE B 169 -28.53 26.43 20.55
CA ILE B 169 -29.30 26.31 21.79
C ILE B 169 -29.79 24.86 21.97
N GLY B 170 -30.21 24.21 20.88
CA GLY B 170 -30.66 22.83 20.92
C GLY B 170 -29.58 21.88 21.40
N ALA B 171 -28.32 22.18 21.03
CA ALA B 171 -27.14 21.42 21.42
C ALA B 171 -26.86 21.65 22.92
N GLU B 172 -27.07 22.87 23.42
CA GLU B 172 -26.88 23.24 24.82
C GLU B 172 -27.92 22.59 25.71
N CYS B 173 -29.17 22.47 25.23
CA CYS B 173 -30.22 21.78 25.97
C CYS B 173 -29.99 20.27 25.96
N ARG B 174 -29.31 19.73 24.92
CA ARG B 174 -29.00 18.30 24.88
C ARG B 174 -27.89 18.04 25.91
N ARG B 175 -26.84 18.89 25.90
CA ARG B 175 -25.77 18.84 26.88
C ARG B 175 -26.32 18.87 28.34
N HIS B 176 -27.27 19.75 28.61
CA HIS B 176 -27.83 19.88 29.96
C HIS B 176 -29.16 19.13 30.19
N ASP B 177 -29.55 18.24 29.26
CA ASP B 177 -30.77 17.43 29.34
C ASP B 177 -31.99 18.20 29.84
N ILE B 178 -32.22 19.37 29.28
CA ILE B 178 -33.33 20.21 29.69
C ILE B 178 -34.23 20.45 28.49
N PRO B 179 -35.57 20.43 28.67
CA PRO B 179 -36.45 20.67 27.52
C PRO B 179 -36.15 21.97 26.77
N TYR B 180 -36.15 21.89 25.45
CA TYR B 180 -35.91 23.03 24.59
C TYR B 180 -37.24 23.45 24.05
N VAL B 181 -37.73 24.58 24.52
CA VAL B 181 -39.01 25.14 24.10
C VAL B 181 -38.74 26.20 23.02
N LEU B 182 -39.18 25.94 21.78
CA LEU B 182 -38.96 26.90 20.70
C LEU B 182 -40.24 27.56 20.24
N GLU B 183 -40.28 28.88 20.31
CA GLU B 183 -41.41 29.66 19.82
C GLU B 183 -40.99 30.25 18.47
N LEU B 184 -41.81 30.05 17.42
CA LEU B 184 -41.56 30.58 16.07
C LEU B 184 -42.58 31.66 15.70
N LEU B 185 -42.13 32.82 15.22
CA LEU B 185 -43.05 33.89 14.83
C LEU B 185 -42.63 34.53 13.53
N VAL B 186 -43.58 34.70 12.60
CA VAL B 186 -43.31 35.43 11.37
C VAL B 186 -43.38 36.94 11.67
N TYR B 187 -42.85 37.77 10.78
CA TYR B 187 -42.79 39.21 10.97
C TYR B 187 -42.75 39.94 9.62
N PRO B 188 -43.12 41.24 9.57
CA PRO B 188 -42.96 41.97 8.30
C PRO B 188 -41.51 42.45 8.13
N PHE B 189 -40.96 42.33 6.91
CA PHE B 189 -39.59 42.82 6.65
C PHE B 189 -39.52 44.35 6.87
N PRO B 190 -38.35 44.91 7.20
CA PRO B 190 -38.26 46.37 7.35
C PRO B 190 -38.59 47.08 6.04
N ASP B 191 -39.33 48.21 6.10
CA ASP B 191 -39.72 48.93 4.88
C ASP B 191 -38.56 49.73 4.33
N THR B 197 -46.85 47.00 0.75
CA THR B 197 -47.36 46.06 1.74
C THR B 197 -46.63 44.72 1.65
N ASP B 198 -46.38 44.07 2.80
CA ASP B 198 -45.66 42.80 2.85
C ASP B 198 -46.57 41.56 2.83
N TYR B 199 -45.97 40.37 2.59
CA TYR B 199 -46.63 39.07 2.51
C TYR B 199 -47.26 38.59 3.82
N VAL B 200 -46.84 39.12 5.00
CA VAL B 200 -47.48 38.71 6.26
C VAL B 200 -48.89 39.32 6.44
N GLU B 201 -49.24 40.33 5.63
CA GLU B 201 -50.57 40.97 5.63
C GLU B 201 -51.58 40.08 4.88
N SER B 202 -51.11 39.29 3.87
CA SER B 202 -51.95 38.37 3.13
C SER B 202 -52.01 37.08 3.93
N ALA B 203 -53.22 36.66 4.34
CA ALA B 203 -53.41 35.45 5.12
C ALA B 203 -53.04 34.19 4.35
N ASP B 204 -53.28 34.21 3.03
CA ASP B 204 -53.01 33.08 2.14
C ASP B 204 -51.50 32.79 2.05
N LYS B 205 -50.66 33.84 2.08
CA LYS B 205 -49.22 33.64 2.03
C LYS B 205 -48.61 33.40 3.41
N ARG B 206 -49.21 33.98 4.45
CA ARG B 206 -48.72 33.83 5.82
C ARG B 206 -48.86 32.40 6.35
N ALA B 207 -49.88 31.65 5.89
CA ALA B 207 -50.03 30.26 6.32
C ALA B 207 -48.85 29.43 5.81
N ASP B 208 -48.39 29.69 4.57
CA ASP B 208 -47.25 29.01 3.99
C ASP B 208 -45.92 29.37 4.72
N LEU B 209 -45.75 30.64 5.13
CA LEU B 209 -44.55 31.04 5.87
C LEU B 209 -44.53 30.37 7.26
N VAL B 210 -45.70 30.30 7.94
CA VAL B 210 -45.85 29.69 9.25
C VAL B 210 -45.57 28.19 9.16
N ILE B 211 -46.24 27.48 8.24
CA ILE B 211 -46.10 26.05 8.08
C ILE B 211 -44.68 25.66 7.67
N GLU B 212 -44.02 26.44 6.79
CA GLU B 212 -42.65 26.12 6.40
C GLU B 212 -41.65 26.32 7.52
N SER B 213 -41.93 27.25 8.44
CA SER B 213 -41.08 27.53 9.58
C SER B 213 -41.13 26.34 10.53
N VAL B 214 -42.35 25.82 10.79
CA VAL B 214 -42.56 24.67 11.64
C VAL B 214 -41.85 23.45 11.07
N ARG B 215 -41.99 23.22 9.75
CA ARG B 215 -41.38 22.08 9.07
C ARG B 215 -39.87 22.08 9.22
N GLU B 216 -39.25 23.27 9.11
CA GLU B 216 -37.82 23.47 9.19
C GLU B 216 -37.25 23.11 10.56
N PHE B 217 -37.78 23.69 11.62
CA PHE B 217 -37.26 23.48 12.96
C PHE B 217 -37.81 22.19 13.63
N ALA B 218 -38.71 21.42 12.94
CA ALA B 218 -39.11 20.11 13.44
C ALA B 218 -38.09 19.01 13.06
N LYS B 219 -36.99 19.38 12.30
CA LYS B 219 -35.90 18.51 11.89
C LYS B 219 -35.13 18.07 13.14
N PRO B 220 -34.65 16.82 13.17
CA PRO B 220 -34.01 16.32 14.41
C PRO B 220 -32.75 17.05 14.86
N GLU B 221 -32.07 17.78 13.98
CA GLU B 221 -30.85 18.51 14.34
C GLU B 221 -31.10 19.65 15.36
N TYR B 222 -32.30 20.26 15.32
CA TYR B 222 -32.65 21.37 16.19
C TYR B 222 -32.95 20.97 17.65
N GLY B 223 -33.21 19.70 17.89
CA GLY B 223 -33.47 19.21 19.23
C GLY B 223 -34.59 19.92 19.96
N VAL B 224 -35.67 20.24 19.26
CA VAL B 224 -36.82 20.90 19.88
C VAL B 224 -37.67 19.88 20.65
N ASP B 225 -38.09 20.21 21.87
CA ASP B 225 -38.90 19.29 22.67
C ASP B 225 -40.36 19.70 22.75
N LEU B 226 -40.64 21.01 22.66
CA LEU B 226 -41.98 21.56 22.69
C LEU B 226 -42.05 22.76 21.74
N TYR B 227 -43.19 22.97 21.10
CA TYR B 227 -43.36 24.07 20.14
C TYR B 227 -44.36 25.11 20.62
N LYS B 228 -43.97 26.39 20.64
CA LYS B 228 -44.92 27.46 20.92
C LYS B 228 -45.21 28.09 19.55
N LEU B 229 -46.34 27.73 18.99
CA LEU B 229 -46.70 28.18 17.67
C LEU B 229 -47.81 29.23 17.62
N GLU B 230 -47.78 30.03 16.55
CA GLU B 230 -48.84 31.00 16.30
C GLU B 230 -49.80 30.33 15.30
N THR B 231 -51.03 30.82 15.24
CA THR B 231 -52.03 30.25 14.36
C THR B 231 -51.61 30.37 12.88
N PRO B 232 -51.78 29.33 12.04
CA PRO B 232 -51.41 29.47 10.62
C PRO B 232 -52.35 30.42 9.87
N LEU B 233 -53.62 30.51 10.29
CA LEU B 233 -54.63 31.40 9.71
C LEU B 233 -55.04 32.43 10.76
N PRO B 234 -55.35 33.67 10.36
CA PRO B 234 -55.70 34.70 11.37
C PRO B 234 -56.92 34.38 12.21
N ALA B 235 -56.82 34.70 13.50
CA ALA B 235 -57.87 34.46 14.49
C ALA B 235 -59.19 35.15 14.13
N ALA B 236 -59.11 36.41 13.68
CA ALA B 236 -60.30 37.16 13.31
C ALA B 236 -60.78 36.79 11.89
N SER B 237 -60.58 35.54 11.46
CA SER B 237 -60.96 35.07 10.13
C SER B 237 -61.46 33.61 10.12
N LEU B 238 -61.19 32.85 11.18
CA LEU B 238 -61.60 31.46 11.25
C LEU B 238 -63.12 31.27 11.28
N PRO B 239 -63.65 30.43 10.38
CA PRO B 239 -65.10 30.21 10.37
C PRO B 239 -65.56 29.25 11.47
N PRO B 240 -66.86 29.20 11.82
CA PRO B 240 -67.30 28.25 12.85
C PRO B 240 -66.93 26.81 12.53
N MET B 241 -66.61 26.01 13.56
CA MET B 241 -66.16 24.63 13.35
C MET B 241 -67.27 23.63 12.97
N ASP B 242 -67.64 23.62 11.69
CA ASP B 242 -68.66 22.71 11.14
C ASP B 242 -68.09 21.84 10.00
N ASP B 243 -68.92 20.96 9.39
CA ASP B 243 -68.46 20.11 8.28
C ASP B 243 -68.36 20.85 6.94
N SER B 244 -68.44 22.20 6.95
CA SER B 244 -68.41 22.99 5.72
C SER B 244 -67.07 22.95 5.00
N ALA B 245 -67.09 23.19 3.69
CA ALA B 245 -65.89 23.20 2.85
C ALA B 245 -64.95 24.36 3.21
N GLU B 246 -65.48 25.46 3.79
CA GLU B 246 -64.68 26.60 4.19
C GLU B 246 -63.95 26.30 5.51
N SER B 247 -64.69 25.73 6.48
CA SER B 247 -64.12 25.32 7.77
C SER B 247 -63.13 24.18 7.57
N ARG B 248 -63.40 23.26 6.63
CA ARG B 248 -62.50 22.16 6.33
C ARG B 248 -61.20 22.63 5.65
N ALA B 249 -61.24 23.77 4.96
CA ALA B 249 -60.05 24.33 4.32
C ALA B 249 -59.13 25.00 5.36
N ALA B 250 -59.72 25.52 6.45
CA ALA B 250 -58.99 26.12 7.54
C ALA B 250 -58.41 24.96 8.37
N ALA B 251 -59.23 23.94 8.70
CA ALA B 251 -58.79 22.75 9.42
C ALA B 251 -57.65 22.04 8.71
N ALA B 252 -57.51 22.21 7.37
CA ALA B 252 -56.45 21.60 6.57
C ALA B 252 -55.09 22.23 6.87
N GLN B 253 -55.06 23.54 7.18
CA GLN B 253 -53.83 24.22 7.53
C GLN B 253 -53.39 23.83 8.94
N PHE B 254 -54.34 23.66 9.87
CA PHE B 254 -54.01 23.23 11.22
C PHE B 254 -53.55 21.77 11.17
N ALA B 255 -54.21 20.93 10.36
CA ALA B 255 -53.84 19.52 10.20
C ALA B 255 -52.40 19.37 9.73
N GLU B 256 -51.93 20.24 8.82
CA GLU B 256 -50.56 20.16 8.33
C GLU B 256 -49.56 20.45 9.44
N VAL B 257 -49.84 21.48 10.28
CA VAL B 257 -49.00 21.82 11.44
C VAL B 257 -48.93 20.63 12.40
N GLY B 258 -50.10 20.03 12.69
CA GLY B 258 -50.21 18.90 13.58
C GLY B 258 -49.54 17.64 13.08
N SER B 259 -49.53 17.45 11.76
CA SER B 259 -48.90 16.28 11.15
C SER B 259 -47.40 16.40 11.25
N ILE B 260 -46.84 17.59 10.96
CA ILE B 260 -45.41 17.87 11.07
C ILE B 260 -44.92 17.56 12.50
N CYS B 261 -45.63 18.10 13.50
CA CYS B 261 -45.32 17.94 14.91
C CYS B 261 -45.48 16.49 15.43
N ALA B 262 -46.51 15.75 14.97
CA ALA B 262 -46.70 14.38 15.42
C ALA B 262 -45.60 13.50 14.89
N ASP B 263 -45.20 13.70 13.61
CA ASP B 263 -44.12 12.92 13.01
C ASP B 263 -42.80 13.18 13.73
N ALA B 264 -42.51 14.44 14.03
CA ALA B 264 -41.28 14.78 14.74
C ALA B 264 -41.30 14.35 16.22
N GLY B 265 -42.50 14.21 16.80
CA GLY B 265 -42.68 13.86 18.21
C GLY B 265 -42.65 15.08 19.11
N ILE B 266 -43.01 16.25 18.58
CA ILE B 266 -43.00 17.49 19.32
C ILE B 266 -44.41 17.97 19.64
N PRO B 267 -44.73 18.08 20.95
CA PRO B 267 -46.04 18.64 21.30
C PRO B 267 -46.04 20.13 20.99
N TRP B 268 -47.21 20.68 20.67
CA TRP B 268 -47.32 22.09 20.33
C TRP B 268 -48.42 22.80 21.09
N VAL B 269 -48.20 24.06 21.42
CA VAL B 269 -49.14 24.91 22.12
C VAL B 269 -49.34 26.20 21.30
N LEU B 270 -50.43 26.92 21.56
CA LEU B 270 -50.75 28.13 20.81
C LEU B 270 -50.51 29.41 21.59
N LEU B 271 -49.88 30.37 20.94
CA LEU B 271 -49.66 31.68 21.53
C LEU B 271 -50.99 32.43 21.42
N SER B 272 -51.42 33.13 22.49
CA SER B 272 -52.67 33.87 22.46
C SER B 272 -52.65 34.96 21.37
N GLY B 273 -51.51 35.63 21.24
CA GLY B 273 -51.20 36.60 20.20
C GLY B 273 -52.08 37.82 20.02
N GLY B 274 -52.63 38.33 21.12
CA GLY B 274 -53.44 39.55 21.06
C GLY B 274 -54.84 39.38 20.51
N ALA B 275 -55.25 38.14 20.19
CA ALA B 275 -56.58 37.89 19.67
C ALA B 275 -57.62 38.10 20.77
N ALA B 276 -58.86 38.42 20.38
CA ALA B 276 -59.94 38.61 21.33
C ALA B 276 -60.27 37.26 22.01
N PRO B 277 -60.73 37.27 23.27
CA PRO B 277 -61.01 36.01 23.97
C PRO B 277 -61.83 34.97 23.21
N GLU B 278 -62.91 35.39 22.53
CA GLU B 278 -63.74 34.45 21.77
C GLU B 278 -63.00 33.91 20.56
N GLN B 279 -62.21 34.77 19.89
CA GLN B 279 -61.43 34.43 18.71
C GLN B 279 -60.32 33.45 19.05
N PHE B 280 -59.63 33.64 20.19
CA PHE B 280 -58.57 32.71 20.59
C PHE B 280 -59.12 31.31 20.89
N GLU B 281 -60.30 31.21 21.54
CA GLU B 281 -60.91 29.90 21.79
C GLU B 281 -61.26 29.15 20.51
N ARG B 282 -61.53 29.89 19.41
CA ARG B 282 -61.79 29.27 18.12
C ARG B 282 -60.46 28.74 17.55
N VAL B 283 -59.36 29.51 17.69
CA VAL B 283 -58.00 29.10 17.27
C VAL B 283 -57.62 27.80 17.99
N LEU B 284 -57.90 27.74 19.30
CA LEU B 284 -57.63 26.54 20.08
C LEU B 284 -58.48 25.35 19.67
N SER B 285 -59.80 25.55 19.41
CA SER B 285 -60.68 24.47 18.97
C SER B 285 -60.18 23.80 17.67
N TYR B 286 -59.70 24.60 16.71
CA TYR B 286 -59.17 24.07 15.45
C TYR B 286 -57.87 23.32 15.68
N SER B 287 -57.01 23.84 16.58
CA SER B 287 -55.71 23.29 16.88
C SER B 287 -55.79 22.01 17.68
N TYR B 288 -56.71 21.95 18.66
CA TYR B 288 -56.87 20.76 19.49
C TYR B 288 -57.31 19.54 18.68
N ALA B 289 -58.11 19.77 17.62
CA ALA B 289 -58.52 18.70 16.71
C ALA B 289 -57.30 18.22 15.87
N ALA B 290 -56.44 19.17 15.47
CA ALA B 290 -55.21 18.91 14.71
C ALA B 290 -54.11 18.22 15.53
N GLY B 291 -54.21 18.27 16.86
CA GLY B 291 -53.24 17.64 17.74
C GLY B 291 -52.57 18.51 18.79
N ALA B 292 -52.82 19.84 18.83
CA ALA B 292 -52.19 20.71 19.82
C ALA B 292 -52.49 20.27 21.25
N GLN B 293 -51.48 20.34 22.11
CA GLN B 293 -51.61 19.86 23.48
C GLN B 293 -51.81 20.96 24.53
N GLY B 294 -51.90 22.23 24.12
CA GLY B 294 -52.10 23.29 25.09
C GLY B 294 -52.04 24.71 24.56
N PHE B 295 -51.84 25.67 25.46
CA PHE B 295 -51.76 27.07 25.09
C PHE B 295 -50.73 27.83 25.92
N LEU B 296 -50.37 29.04 25.46
CA LEU B 296 -49.50 29.98 26.15
C LEU B 296 -50.25 31.30 26.06
N ALA B 297 -50.73 31.81 27.19
CA ALA B 297 -51.48 33.06 27.27
C ALA B 297 -50.57 34.26 27.59
N GLY B 298 -50.62 35.28 26.76
CA GLY B 298 -49.80 36.47 26.93
C GLY B 298 -50.49 37.69 27.47
N ARG B 299 -50.01 38.87 27.03
CA ARG B 299 -50.42 40.24 27.39
C ARG B 299 -51.88 40.46 27.69
N THR B 300 -52.78 40.03 26.78
CA THR B 300 -54.23 40.16 26.84
C THR B 300 -54.82 39.89 28.22
N ILE B 301 -54.40 38.82 28.89
CA ILE B 301 -54.93 38.46 30.20
C ILE B 301 -54.89 39.62 31.23
N TRP B 302 -53.78 40.34 31.29
CA TRP B 302 -53.54 41.35 32.32
C TRP B 302 -53.23 42.76 31.87
N LEU B 303 -53.05 42.99 30.56
CA LEU B 303 -52.64 44.28 30.02
C LEU B 303 -53.48 45.47 30.50
N ASP B 304 -54.81 45.43 30.31
CA ASP B 304 -55.66 46.54 30.73
C ASP B 304 -55.72 46.65 32.25
N ALA B 305 -55.65 45.53 32.97
CA ALA B 305 -55.62 45.53 34.43
C ALA B 305 -54.37 46.27 34.94
N VAL B 306 -53.24 46.13 34.23
CA VAL B 306 -52.00 46.82 34.63
C VAL B 306 -52.04 48.30 34.19
N GLN B 307 -52.31 48.56 32.92
CA GLN B 307 -52.36 49.93 32.40
C GLN B 307 -53.37 50.80 33.13
N ASN B 308 -54.57 50.28 33.38
CA ASN B 308 -55.64 51.06 34.00
C ASN B 308 -55.59 51.15 35.53
N HIS B 309 -54.96 50.19 36.24
CA HIS B 309 -55.02 50.23 37.70
C HIS B 309 -53.67 50.28 38.46
N PHE B 310 -52.50 49.98 37.83
CA PHE B 310 -51.20 50.05 38.54
C PHE B 310 -50.92 51.51 38.94
N PRO B 311 -50.29 51.81 40.10
CA PRO B 311 -49.69 50.89 41.09
C PRO B 311 -50.59 50.28 42.15
N ASP B 312 -51.88 50.62 42.18
CA ASP B 312 -52.77 50.07 43.20
C ASP B 312 -52.94 48.56 42.99
N ARG B 313 -52.25 47.77 43.81
CA ARG B 313 -52.25 46.31 43.79
C ARG B 313 -53.64 45.70 43.97
N GLU B 314 -54.44 46.21 44.93
CA GLU B 314 -55.79 45.72 45.21
C GLU B 314 -56.70 45.89 43.99
N ALA B 315 -56.57 47.04 43.31
CA ALA B 315 -57.37 47.34 42.11
C ALA B 315 -56.93 46.52 40.88
N VAL B 316 -55.66 46.09 40.81
CA VAL B 316 -55.20 45.28 39.68
C VAL B 316 -55.75 43.87 39.82
N LEU B 317 -55.71 43.31 41.05
CA LEU B 317 -56.24 41.98 41.34
C LEU B 317 -57.75 41.87 41.13
N THR B 318 -58.47 43.00 41.23
CA THR B 318 -59.93 43.05 41.03
C THR B 318 -60.26 42.98 39.55
N ALA B 319 -59.48 43.68 38.71
CA ALA B 319 -59.70 43.64 37.27
C ALA B 319 -59.26 42.29 36.68
N LEU B 320 -58.24 41.65 37.30
CA LEU B 320 -57.77 40.34 36.86
C LEU B 320 -58.79 39.28 37.19
N LYS B 321 -59.28 39.26 38.44
CA LYS B 321 -60.31 38.29 38.84
C LYS B 321 -61.60 38.46 38.04
N GLY B 322 -61.94 39.71 37.71
CA GLY B 322 -63.14 40.02 36.95
C GLY B 322 -63.01 39.96 35.43
N ASP B 323 -61.83 39.62 34.90
CA ASP B 323 -61.64 39.54 33.45
C ASP B 323 -60.56 38.50 33.03
N GLY B 324 -59.28 38.82 33.20
CA GLY B 324 -58.17 37.95 32.79
C GLY B 324 -58.16 36.55 33.35
N MET B 325 -58.47 36.42 34.66
CA MET B 325 -58.53 35.13 35.33
C MET B 325 -59.71 34.28 34.86
N LYS B 326 -60.80 34.92 34.42
CA LYS B 326 -61.95 34.17 33.90
C LYS B 326 -61.63 33.63 32.52
N ILE B 327 -60.86 34.39 31.69
CA ILE B 327 -60.41 33.94 30.37
C ILE B 327 -59.45 32.76 30.57
N LEU B 328 -58.54 32.87 31.53
CA LEU B 328 -57.58 31.81 31.82
C LEU B 328 -58.30 30.52 32.23
N LYS B 329 -59.36 30.64 33.08
CA LYS B 329 -60.18 29.51 33.54
C LYS B 329 -60.99 28.90 32.40
N ASP B 330 -61.52 29.74 31.51
CA ASP B 330 -62.28 29.31 30.34
C ASP B 330 -61.38 28.51 29.41
N LEU B 331 -60.15 29.03 29.13
CA LEU B 331 -59.16 28.41 28.26
C LEU B 331 -58.70 27.06 28.81
N GLY B 332 -58.57 26.97 30.13
CA GLY B 332 -58.18 25.72 30.77
C GLY B 332 -59.27 24.67 30.66
N ARG B 333 -60.55 25.12 30.71
CA ARG B 333 -61.71 24.24 30.61
C ARG B 333 -61.79 23.65 29.20
N LEU B 334 -61.61 24.50 28.17
CA LEU B 334 -61.61 24.08 26.77
C LEU B 334 -60.48 23.08 26.51
N THR B 335 -59.32 23.28 27.14
CA THR B 335 -58.17 22.39 27.00
C THR B 335 -58.50 21.03 27.60
N ARG B 336 -59.13 21.02 28.76
CA ARG B 336 -59.50 19.79 29.45
C ARG B 336 -60.52 18.96 28.67
N GLU B 337 -61.41 19.62 27.93
CA GLU B 337 -62.44 18.93 27.16
C GLU B 337 -62.02 18.58 25.73
N LYS B 338 -61.13 19.38 25.11
CA LYS B 338 -60.76 19.17 23.71
C LYS B 338 -59.33 18.71 23.43
N ALA B 339 -58.34 19.17 24.20
CA ALA B 339 -56.95 18.83 23.94
C ALA B 339 -56.55 17.43 24.35
N GLN B 340 -55.81 16.76 23.47
CA GLN B 340 -55.31 15.41 23.71
C GLN B 340 -54.19 15.47 24.73
N PRO B 341 -54.32 14.72 25.84
CA PRO B 341 -53.27 14.76 26.86
C PRO B 341 -51.92 14.26 26.36
N TRP B 342 -50.86 14.98 26.77
CA TRP B 342 -49.51 14.61 26.43
C TRP B 342 -49.02 13.65 27.51
N LYS B 343 -48.34 12.59 27.09
CA LYS B 343 -47.80 11.61 28.01
C LYS B 343 -46.33 11.51 27.78
N PRO B 344 -45.54 11.39 28.86
CA PRO B 344 -44.09 11.22 28.67
C PRO B 344 -43.78 9.88 27.99
N ASP B 345 -42.67 9.86 27.27
CA ASP B 345 -42.20 8.67 26.57
C ASP B 345 -40.73 8.55 26.89
N PHE B 346 -40.43 7.78 27.93
CA PHE B 346 -39.07 7.63 28.40
C PHE B 346 -38.23 6.74 27.49
N ARG B 347 -38.74 5.53 27.13
CA ARG B 347 -38.04 4.56 26.26
C ARG B 347 -36.60 4.35 26.73
N LEU B 348 -36.47 4.07 28.03
CA LEU B 348 -35.17 3.90 28.65
C LEU B 348 -34.56 2.63 28.15
N GLU B 349 -33.32 2.72 27.58
CA GLU B 349 -32.59 1.54 27.10
C GLU B 349 -32.38 0.53 28.25
N GLN B 350 -32.64 -0.76 28.00
CA GLN B 350 -32.59 -1.80 29.03
C GLN B 350 -31.29 -1.83 29.82
N VAL B 351 -31.44 -1.84 31.14
CA VAL B 351 -30.32 -1.96 32.04
C VAL B 351 -30.46 -3.31 32.74
N ASP B 352 -29.50 -4.16 32.51
CA ASP B 352 -29.47 -5.52 33.03
C ASP B 352 -28.65 -5.64 34.32
N ARG B 353 -27.80 -4.65 34.64
CA ARG B 353 -26.92 -4.74 35.80
C ARG B 353 -26.83 -3.44 36.56
N GLU B 354 -26.38 -3.55 37.83
CA GLU B 354 -26.15 -2.41 38.69
C GLU B 354 -24.90 -1.66 38.22
N GLY B 355 -25.10 -0.44 37.73
CA GLY B 355 -23.98 0.39 37.29
C GLY B 355 -24.10 0.85 35.86
N ALA B 356 -24.84 0.08 35.06
CA ALA B 356 -25.14 0.33 33.67
C ALA B 356 -25.85 1.67 33.54
N PHE B 357 -26.89 1.95 34.37
CA PHE B 357 -27.61 3.24 34.32
C PHE B 357 -26.67 4.45 34.46
N SER B 358 -25.82 4.46 35.48
CA SER B 358 -24.91 5.56 35.74
C SER B 358 -23.90 5.73 34.59
N CYS B 359 -23.43 4.62 34.00
CA CYS B 359 -22.49 4.59 32.89
C CYS B 359 -23.13 5.11 31.63
N ALA B 360 -24.40 4.69 31.38
CA ALA B 360 -25.20 5.04 30.21
C ALA B 360 -25.70 6.48 30.25
N TYR B 361 -25.92 7.03 31.44
CA TYR B 361 -26.31 8.42 31.58
C TYR B 361 -25.01 9.25 31.52
N ALA B 362 -24.48 9.52 30.33
CA ALA B 362 -23.19 10.21 30.17
C ALA B 362 -23.14 11.33 29.12
N SER C 20 -6.68 27.09 42.55
CA SER C 20 -6.22 27.91 41.43
C SER C 20 -4.86 27.44 40.83
N ILE C 21 -4.78 26.15 40.58
CA ILE C 21 -3.64 25.57 39.87
C ILE C 21 -3.82 25.90 38.35
N GLY C 22 -5.03 25.78 37.85
CA GLY C 22 -5.34 26.10 36.47
C GLY C 22 -5.00 27.53 36.06
N LYS C 23 -5.25 28.50 36.95
CA LYS C 23 -4.93 29.89 36.66
C LYS C 23 -3.41 30.09 36.56
N GLN C 24 -2.68 29.53 37.54
CA GLN C 24 -1.21 29.64 37.58
C GLN C 24 -0.56 28.92 36.41
N ARG C 25 -1.03 27.72 36.11
CA ARG C 25 -0.54 26.91 35.00
C ARG C 25 -0.85 27.59 33.63
N GLY C 26 -2.03 28.20 33.54
CA GLY C 26 -2.43 28.88 32.32
C GLY C 26 -1.65 30.17 32.09
N LEU C 27 -1.28 30.86 33.19
CA LEU C 27 -0.47 32.09 33.08
C LEU C 27 0.94 31.72 32.65
N ALA C 28 1.49 30.62 33.20
CA ALA C 28 2.79 30.13 32.80
C ALA C 28 2.82 29.76 31.32
N ARG C 29 1.70 29.31 30.77
CA ARG C 29 1.57 28.99 29.34
C ARG C 29 1.46 30.23 28.43
N LEU C 30 1.22 31.43 29.00
CA LEU C 30 1.18 32.68 28.23
C LEU C 30 2.57 33.36 28.15
N ALA C 31 3.48 32.99 29.06
CA ALA C 31 4.81 33.56 29.16
C ALA C 31 5.81 32.66 28.45
N ASP C 32 7.05 33.12 28.19
CA ASP C 32 8.06 32.25 27.61
C ASP C 32 8.85 31.56 28.76
N GLU C 33 9.88 30.74 28.45
CA GLU C 33 10.63 30.06 29.51
C GLU C 33 11.34 31.02 30.50
N ASP C 34 11.54 32.29 30.13
CA ASP C 34 12.16 33.26 31.04
C ASP C 34 11.15 34.00 31.95
N GLY C 35 9.86 33.83 31.72
CA GLY C 35 8.84 34.50 32.51
C GLY C 35 8.32 35.77 31.88
N HIS C 36 8.67 36.06 30.62
CA HIS C 36 8.21 37.27 29.96
C HIS C 36 6.99 37.04 29.10
N PHE C 37 6.12 38.05 29.02
CA PHE C 37 4.91 37.98 28.22
C PHE C 37 5.13 38.70 26.90
N THR C 38 5.55 37.99 25.85
CA THR C 38 5.76 38.61 24.54
C THR C 38 4.59 38.25 23.68
N MET C 39 3.43 38.85 23.94
CA MET C 39 2.19 38.49 23.24
C MET C 39 1.93 39.25 21.92
N VAL C 40 1.14 38.63 21.04
CA VAL C 40 0.74 39.20 19.76
C VAL C 40 -0.79 39.13 19.68
N ALA C 41 -1.45 40.25 19.39
CA ALA C 41 -2.90 40.33 19.31
C ALA C 41 -3.39 40.16 17.87
N LEU C 42 -4.11 39.09 17.59
CA LEU C 42 -4.67 38.83 16.28
C LEU C 42 -6.18 38.66 16.35
N ASP C 43 -6.84 39.30 17.32
CA ASP C 43 -8.29 39.23 17.42
C ASP C 43 -8.97 40.47 16.81
N GLN C 44 -8.27 41.23 15.93
CA GLN C 44 -8.86 42.41 15.29
C GLN C 44 -9.99 42.01 14.36
N ARG C 45 -11.16 42.58 14.57
CA ARG C 45 -12.30 42.30 13.72
C ARG C 45 -12.53 43.51 12.76
N PRO C 46 -13.10 44.68 13.16
CA PRO C 46 -13.18 45.81 12.20
C PRO C 46 -11.85 46.31 11.63
N PRO C 47 -10.72 46.45 12.38
CA PRO C 47 -9.47 46.93 11.73
C PRO C 47 -8.99 46.04 10.58
N LEU C 48 -9.13 44.70 10.72
CA LEU C 48 -8.71 43.80 9.64
C LEU C 48 -9.67 43.93 8.45
N LEU C 49 -10.96 44.13 8.70
CA LEU C 49 -11.94 44.29 7.63
C LEU C 49 -11.63 45.55 6.80
N GLN C 50 -11.24 46.64 7.47
CA GLN C 50 -10.85 47.88 6.82
C GLN C 50 -9.58 47.73 5.98
N ALA C 51 -8.59 47.02 6.51
CA ALA C 51 -7.32 46.74 5.84
C ALA C 51 -7.56 45.89 4.57
N LEU C 52 -8.54 44.98 4.62
CA LEU C 52 -8.86 44.13 3.49
C LEU C 52 -9.76 44.84 2.46
N ALA C 53 -10.53 45.84 2.89
CA ALA C 53 -11.34 46.64 1.97
C ALA C 53 -10.39 47.46 1.08
N LYS C 54 -9.32 48.00 1.67
CA LYS C 54 -8.31 48.76 0.95
C LYS C 54 -7.43 47.85 0.09
N ALA C 55 -7.11 46.64 0.59
CA ALA C 55 -6.30 45.71 -0.19
C ALA C 55 -7.06 45.22 -1.44
N ARG C 56 -8.38 45.01 -1.30
CA ARG C 56 -9.22 44.57 -2.42
C ARG C 56 -9.79 45.71 -3.27
N GLY C 57 -9.70 46.95 -2.79
CA GLY C 57 -10.23 48.12 -3.48
C GLY C 57 -11.74 48.13 -3.55
N ILE C 58 -12.40 47.63 -2.49
CA ILE C 58 -13.87 47.54 -2.41
C ILE C 58 -14.37 48.10 -1.07
N PRO C 59 -15.70 48.27 -0.86
CA PRO C 59 -16.18 48.71 0.46
C PRO C 59 -16.06 47.62 1.51
N ALA C 60 -15.85 47.98 2.79
CA ALA C 60 -15.73 47.02 3.89
C ALA C 60 -16.87 46.00 3.94
N ASP C 61 -18.12 46.44 3.69
CA ASP C 61 -19.29 45.55 3.70
C ASP C 61 -19.33 44.58 2.50
N GLN C 62 -18.26 44.54 1.69
CA GLN C 62 -18.16 43.64 0.55
C GLN C 62 -16.96 42.68 0.63
N VAL C 63 -16.16 42.73 1.71
CA VAL C 63 -15.00 41.85 1.89
C VAL C 63 -15.45 40.45 2.27
N GLU C 64 -15.05 39.44 1.49
CA GLU C 64 -15.47 38.06 1.75
C GLU C 64 -14.87 37.50 3.04
N PHE C 65 -15.65 36.68 3.75
CA PHE C 65 -15.26 36.00 4.99
C PHE C 65 -13.97 35.18 4.79
N ALA C 66 -13.78 34.62 3.58
CA ALA C 66 -12.62 33.86 3.19
C ALA C 66 -11.35 34.69 3.27
N ASP C 67 -11.43 35.99 2.97
CA ASP C 67 -10.28 36.89 3.07
C ASP C 67 -9.93 37.13 4.54
N MET C 68 -10.93 37.21 5.43
CA MET C 68 -10.67 37.38 6.86
C MET C 68 -9.91 36.16 7.40
N LEU C 69 -10.33 34.95 6.98
CA LEU C 69 -9.65 33.74 7.38
C LEU C 69 -8.26 33.67 6.75
N ALA C 70 -8.13 34.02 5.47
CA ALA C 70 -6.85 33.98 4.79
C ALA C 70 -5.86 34.93 5.42
N ALA C 71 -6.31 36.11 5.81
CA ALA C 71 -5.42 37.10 6.42
C ALA C 71 -4.96 36.62 7.79
N LYS C 72 -5.87 36.12 8.62
CA LYS C 72 -5.53 35.66 9.95
C LYS C 72 -4.64 34.42 9.93
N ARG C 73 -4.85 33.53 8.95
CA ARG C 73 -4.03 32.33 8.80
C ARG C 73 -2.56 32.66 8.49
N LEU C 74 -2.29 33.59 7.55
CA LEU C 74 -0.90 33.96 7.26
C LEU C 74 -0.30 34.76 8.43
N LEU C 75 -1.13 35.56 9.13
CA LEU C 75 -0.69 36.33 10.29
C LEU C 75 -0.23 35.43 11.45
N VAL C 76 -1.00 34.38 11.75
CA VAL C 76 -0.62 33.43 12.80
C VAL C 76 0.66 32.67 12.39
N GLU C 77 0.72 32.17 11.13
CA GLU C 77 1.88 31.42 10.63
C GLU C 77 3.16 32.25 10.75
N ALA C 78 3.13 33.49 10.26
CA ALA C 78 4.29 34.36 10.27
C ALA C 78 4.76 34.81 11.64
N LEU C 79 3.83 35.11 12.56
CA LEU C 79 4.21 35.66 13.87
C LEU C 79 4.35 34.67 15.00
N ALA C 80 3.91 33.43 14.81
CA ALA C 80 3.88 32.40 15.86
C ALA C 80 5.18 32.10 16.56
N HIS C 81 6.28 32.14 15.81
CA HIS C 81 7.58 31.81 16.38
C HIS C 81 8.21 32.95 17.19
N ASP C 82 7.67 34.17 17.12
CA ASP C 82 8.18 35.28 17.91
C ASP C 82 7.18 35.76 18.94
N ALA C 83 6.35 34.85 19.47
CA ALA C 83 5.36 35.23 20.46
C ALA C 83 5.20 34.13 21.49
N SER C 84 5.24 34.48 22.78
CA SER C 84 5.03 33.51 23.86
C SER C 84 3.55 33.04 23.86
N SER C 85 2.64 33.95 23.51
CA SER C 85 1.21 33.68 23.40
C SER C 85 0.57 34.58 22.36
N MET C 86 -0.53 34.13 21.81
CA MET C 86 -1.27 34.90 20.82
C MET C 86 -2.72 34.97 21.25
N LEU C 87 -3.33 36.10 20.98
CA LEU C 87 -4.70 36.36 21.31
C LEU C 87 -5.49 36.15 20.04
N LEU C 88 -6.47 35.23 20.07
CA LEU C 88 -7.27 34.96 18.89
C LEU C 88 -8.74 35.17 19.21
N ASP C 89 -9.51 35.69 18.24
CA ASP C 89 -10.95 35.82 18.42
C ASP C 89 -11.58 34.51 17.90
N PRO C 90 -12.77 34.15 18.41
CA PRO C 90 -13.35 32.87 18.04
C PRO C 90 -13.89 32.71 16.62
N ASN C 91 -14.60 33.73 16.10
CA ASN C 91 -15.28 33.65 14.84
C ASN C 91 -14.40 33.77 13.62
N PHE C 92 -13.25 34.42 13.75
CA PHE C 92 -12.35 34.60 12.62
C PHE C 92 -10.98 33.90 12.77
N ALA C 93 -10.20 34.21 13.81
CA ALA C 93 -8.88 33.58 13.99
C ALA C 93 -8.91 32.11 14.32
N MET C 94 -9.89 31.68 15.15
CA MET C 94 -9.96 30.26 15.53
C MET C 94 -10.20 29.33 14.29
N PRO C 95 -11.28 29.45 13.48
CA PRO C 95 -11.41 28.56 12.31
C PRO C 95 -10.36 28.79 11.24
N ALA C 96 -9.72 29.97 11.22
CA ALA C 96 -8.68 30.27 10.22
C ALA C 96 -7.34 29.66 10.48
N ALA C 97 -6.92 29.60 11.75
CA ALA C 97 -5.57 29.23 12.05
C ALA C 97 -5.33 28.37 13.26
N ILE C 98 -6.36 27.69 13.81
CA ILE C 98 -6.13 26.87 15.00
C ILE C 98 -5.13 25.72 14.68
N ASP C 99 -5.15 25.21 13.44
CA ASP C 99 -4.22 24.19 12.99
C ASP C 99 -2.78 24.66 12.73
N VAL C 100 -2.56 25.97 12.61
CA VAL C 100 -1.21 26.49 12.37
C VAL C 100 -0.65 27.28 13.56
N LEU C 101 -1.35 27.30 14.71
CA LEU C 101 -0.88 27.93 15.94
C LEU C 101 -0.06 26.86 16.69
N PRO C 102 1.26 27.03 16.88
CA PRO C 102 2.04 25.97 17.54
C PRO C 102 1.46 25.50 18.87
N ALA C 103 1.70 24.23 19.19
CA ALA C 103 1.25 23.59 20.43
C ALA C 103 1.81 24.29 21.68
N ARG C 104 3.05 24.79 21.61
CA ARG C 104 3.66 25.46 22.77
C ARG C 104 3.47 26.97 22.78
N THR C 105 2.68 27.52 21.86
CA THR C 105 2.35 28.95 21.87
C THR C 105 1.04 29.06 22.70
N GLY C 106 1.02 29.93 23.69
CA GLY C 106 -0.17 30.13 24.50
C GLY C 106 -1.32 30.66 23.68
N LEU C 107 -2.52 30.15 23.96
CA LEU C 107 -3.70 30.54 23.23
C LEU C 107 -4.69 31.29 24.13
N ILE C 108 -4.74 32.61 23.97
CA ILE C 108 -5.68 33.45 24.70
C ILE C 108 -6.85 33.64 23.75
N VAL C 109 -8.08 33.38 24.21
CA VAL C 109 -9.24 33.55 23.35
C VAL C 109 -10.00 34.77 23.77
N THR C 110 -10.37 35.62 22.81
CA THR C 110 -11.16 36.83 23.04
C THR C 110 -12.59 36.45 23.40
N LEU C 111 -13.20 37.16 24.36
CA LEU C 111 -14.57 36.93 24.70
C LEU C 111 -15.48 38.14 24.40
N GLU C 112 -14.97 39.38 24.42
CA GLU C 112 -15.85 40.54 24.22
C GLU C 112 -16.23 40.76 22.78
N GLU C 113 -17.42 41.25 22.60
CA GLU C 113 -17.98 41.59 21.30
C GLU C 113 -17.34 42.92 20.84
N HIS C 114 -16.87 42.98 19.58
CA HIS C 114 -16.32 44.20 19.02
C HIS C 114 -17.39 45.30 18.86
N ARG C 115 -18.66 44.92 18.67
CA ARG C 115 -19.77 45.86 18.59
C ARG C 115 -20.26 46.26 19.99
N PHE C 116 -19.59 47.22 20.61
CA PHE C 116 -20.00 47.76 21.89
C PHE C 116 -21.16 48.73 21.72
N GLN C 117 -21.87 49.05 22.79
CA GLN C 117 -22.98 49.98 22.78
C GLN C 117 -22.41 51.39 23.05
N ASP C 118 -22.57 52.35 22.10
CA ASP C 118 -22.02 53.71 22.24
C ASP C 118 -23.05 54.70 22.80
N THR C 119 -23.36 54.61 24.09
CA THR C 119 -24.35 55.49 24.72
C THR C 119 -23.77 56.89 25.03
N PRO C 120 -24.63 57.94 25.14
CA PRO C 120 -24.08 59.26 25.48
C PRO C 120 -23.33 59.29 26.82
N GLY C 121 -23.75 58.44 27.75
CA GLY C 121 -23.11 58.35 29.06
C GLY C 121 -21.89 57.43 29.15
N GLY C 122 -21.56 56.75 28.05
CA GLY C 122 -20.40 55.86 28.03
C GLY C 122 -20.59 54.59 27.21
N ARG C 123 -19.53 53.80 27.05
CA ARG C 123 -19.60 52.57 26.27
C ARG C 123 -19.98 51.37 27.12
N LYS C 124 -20.88 50.51 26.61
CA LYS C 124 -21.31 49.31 27.33
C LYS C 124 -20.79 48.06 26.63
N SER C 125 -20.37 47.05 27.40
CA SER C 125 -19.75 45.85 26.85
C SER C 125 -20.54 44.57 27.07
N ARG C 126 -20.26 43.57 26.23
CA ARG C 126 -20.92 42.28 26.28
C ARG C 126 -20.05 41.18 25.64
N SER C 127 -20.41 39.92 25.87
CA SER C 127 -19.69 38.80 25.29
C SER C 127 -20.16 38.53 23.89
N ILE C 128 -19.29 37.88 23.09
CA ILE C 128 -19.58 37.45 21.73
C ILE C 128 -20.70 36.44 21.79
N ASP C 129 -21.69 36.60 20.93
CA ASP C 129 -22.84 35.72 20.91
C ASP C 129 -22.43 34.28 20.66
N ASN C 130 -23.05 33.37 21.42
CA ASN C 130 -22.85 31.94 21.30
C ASN C 130 -21.39 31.49 21.61
N TRP C 131 -20.63 32.33 22.33
CA TRP C 131 -19.27 32.03 22.82
C TRP C 131 -19.19 32.33 24.34
N SER C 132 -18.26 31.67 25.08
CA SER C 132 -18.21 31.85 26.54
C SER C 132 -16.89 31.39 27.19
N VAL C 133 -16.72 31.60 28.52
CA VAL C 133 -15.58 31.10 29.27
C VAL C 133 -15.53 29.56 29.14
N GLU C 134 -16.67 28.87 29.41
CA GLU C 134 -16.74 27.42 29.29
C GLU C 134 -16.25 26.90 27.95
N LYS C 135 -16.60 27.57 26.85
CA LYS C 135 -16.18 27.16 25.50
C LYS C 135 -14.70 27.35 25.29
N ILE C 136 -14.12 28.43 25.87
CA ILE C 136 -12.68 28.69 25.81
C ILE C 136 -11.93 27.58 26.59
N ARG C 137 -12.48 27.18 27.74
CA ARG C 137 -11.88 26.12 28.54
C ARG C 137 -12.04 24.77 27.78
N ARG C 138 -13.20 24.52 27.18
CA ARG C 138 -13.43 23.30 26.40
C ARG C 138 -12.47 23.15 25.23
N VAL C 139 -12.24 24.22 24.50
CA VAL C 139 -11.45 24.16 23.29
C VAL C 139 -9.94 24.02 23.51
N GLY C 140 -9.50 24.10 24.75
CA GLY C 140 -8.09 24.05 25.06
C GLY C 140 -7.42 25.41 25.15
N GLY C 141 -8.23 26.45 25.38
CA GLY C 141 -7.71 27.79 25.57
C GLY C 141 -6.91 27.86 26.86
N ASP C 142 -5.92 28.72 26.91
CA ASP C 142 -5.07 28.91 28.07
C ASP C 142 -5.49 30.06 28.97
N ALA C 143 -6.32 30.99 28.44
CA ALA C 143 -6.76 32.19 29.13
C ALA C 143 -7.94 32.83 28.38
N VAL C 144 -8.80 33.55 29.13
CA VAL C 144 -9.93 34.27 28.57
C VAL C 144 -9.57 35.76 28.53
N LYS C 145 -9.91 36.48 27.45
CA LYS C 145 -9.62 37.91 27.36
C LYS C 145 -10.86 38.75 27.23
N VAL C 146 -10.98 39.78 28.06
CA VAL C 146 -12.06 40.74 27.95
C VAL C 146 -11.48 42.14 27.88
N LEU C 147 -11.87 42.91 26.88
CA LEU C 147 -11.54 44.33 26.79
C LEU C 147 -12.78 45.01 27.33
N ALA C 148 -12.61 45.87 28.31
CA ALA C 148 -13.71 46.67 28.82
C ALA C 148 -13.39 48.14 28.59
N TRP C 149 -14.25 48.85 27.81
CA TRP C 149 -14.12 50.29 27.62
C TRP C 149 -14.44 50.92 28.97
N TYR C 150 -13.54 51.75 29.50
CA TYR C 150 -13.73 52.31 30.83
C TYR C 150 -13.20 53.72 30.95
N ARG C 151 -13.95 54.55 31.68
CA ARG C 151 -13.68 55.96 32.03
C ARG C 151 -14.30 56.07 33.41
N PRO C 152 -13.58 56.56 34.42
CA PRO C 152 -14.18 56.66 35.77
C PRO C 152 -15.31 57.68 35.87
N ASP C 153 -15.33 58.67 34.94
CA ASP C 153 -16.31 59.75 34.86
C ASP C 153 -17.50 59.45 33.95
N ALA C 154 -17.65 58.21 33.49
CA ALA C 154 -18.81 57.81 32.70
C ALA C 154 -20.04 57.83 33.63
N SER C 155 -21.26 57.82 33.07
CA SER C 155 -22.47 57.82 33.90
C SER C 155 -22.54 56.63 34.83
N ASP C 156 -23.30 56.76 35.92
CA ASP C 156 -23.47 55.71 36.91
C ASP C 156 -24.02 54.42 36.29
N GLU C 157 -24.95 54.53 35.33
CA GLU C 157 -25.53 53.37 34.66
C GLU C 157 -24.44 52.62 33.90
N VAL C 158 -23.60 53.35 33.13
CA VAL C 158 -22.51 52.76 32.36
C VAL C 158 -21.45 52.17 33.29
N LEU C 159 -21.16 52.84 34.42
CA LEU C 159 -20.20 52.35 35.40
C LEU C 159 -20.67 51.03 36.03
N GLN C 160 -21.94 50.94 36.41
CA GLN C 160 -22.52 49.73 37.00
C GLN C 160 -22.59 48.61 35.94
N HIS C 161 -22.93 48.92 34.69
CA HIS C 161 -22.94 47.93 33.61
C HIS C 161 -21.52 47.38 33.40
N GLN C 162 -20.51 48.27 33.20
CA GLN C 162 -19.15 47.82 32.96
C GLN C 162 -18.58 47.05 34.12
N LYS C 163 -18.78 47.54 35.35
CA LYS C 163 -18.31 46.82 36.54
C LYS C 163 -18.93 45.42 36.63
N ASP C 164 -20.27 45.31 36.48
CA ASP C 164 -20.94 44.01 36.53
C ASP C 164 -20.50 43.04 35.45
N TYR C 165 -20.23 43.53 34.24
CA TYR C 165 -19.79 42.64 33.18
C TYR C 165 -18.40 42.10 33.49
N VAL C 166 -17.49 42.95 34.00
CA VAL C 166 -16.13 42.50 34.34
C VAL C 166 -16.17 41.44 35.45
N ARG C 167 -16.92 41.75 36.52
CA ARG C 167 -17.16 40.85 37.65
C ARG C 167 -17.74 39.47 37.25
N THR C 168 -18.79 39.41 36.38
CA THR C 168 -19.36 38.09 36.00
C THR C 168 -18.37 37.22 35.24
N ILE C 169 -17.52 37.84 34.37
CA ILE C 169 -16.51 37.05 33.67
C ILE C 169 -15.42 36.54 34.66
N GLY C 170 -15.16 37.33 35.70
CA GLY C 170 -14.23 36.96 36.76
C GLY C 170 -14.73 35.73 37.48
N ALA C 171 -16.05 35.68 37.76
CA ALA C 171 -16.68 34.54 38.41
C ALA C 171 -16.68 33.34 37.49
N GLU C 172 -16.95 33.53 36.21
CA GLU C 172 -16.89 32.48 35.20
C GLU C 172 -15.49 31.88 35.10
N CYS C 173 -14.42 32.72 35.14
CA CYS C 173 -13.04 32.25 35.07
C CYS C 173 -12.61 31.54 36.36
N ARG C 174 -13.10 32.00 37.53
CA ARG C 174 -12.78 31.32 38.80
C ARG C 174 -13.45 29.95 38.82
N ARG C 175 -14.68 29.87 38.30
CA ARG C 175 -15.44 28.66 38.20
C ARG C 175 -14.71 27.65 37.31
N HIS C 176 -14.21 28.09 36.15
CA HIS C 176 -13.48 27.18 35.23
C HIS C 176 -11.95 27.21 35.43
N ASP C 177 -11.48 27.79 36.53
CA ASP C 177 -10.07 27.91 36.88
C ASP C 177 -9.16 28.32 35.70
N ILE C 178 -9.62 29.24 34.88
CA ILE C 178 -8.88 29.68 33.71
C ILE C 178 -8.46 31.11 33.94
N PRO C 179 -7.21 31.46 33.59
CA PRO C 179 -6.75 32.84 33.79
C PRO C 179 -7.66 33.90 33.17
N TYR C 180 -7.85 35.01 33.90
CA TYR C 180 -8.69 36.11 33.47
C TYR C 180 -7.83 37.28 33.02
N VAL C 181 -7.66 37.44 31.71
CA VAL C 181 -6.91 38.53 31.15
C VAL C 181 -7.89 39.66 30.94
N LEU C 182 -7.59 40.86 31.46
CA LEU C 182 -8.49 42.00 31.26
C LEU C 182 -7.75 43.17 30.65
N GLU C 183 -8.23 43.60 29.52
CA GLU C 183 -7.73 44.76 28.81
C GLU C 183 -8.62 45.95 29.22
N LEU C 184 -8.01 47.10 29.49
CA LEU C 184 -8.75 48.32 29.85
C LEU C 184 -8.40 49.41 28.85
N LEU C 185 -9.41 50.16 28.40
CA LEU C 185 -9.16 51.24 27.45
C LEU C 185 -10.05 52.45 27.69
N VAL C 186 -9.48 53.64 27.73
CA VAL C 186 -10.26 54.87 27.84
C VAL C 186 -10.70 55.27 26.43
N TYR C 187 -11.69 56.16 26.32
CA TYR C 187 -12.29 56.55 25.03
C TYR C 187 -12.97 57.92 25.15
N PRO C 188 -13.27 58.62 24.02
CA PRO C 188 -14.02 59.86 24.13
C PRO C 188 -15.52 59.57 24.19
N PHE C 189 -16.25 60.41 24.92
CA PHE C 189 -17.70 60.31 24.96
C PHE C 189 -18.26 60.70 23.57
N PRO C 190 -19.45 60.22 23.17
CA PRO C 190 -19.97 60.61 21.86
C PRO C 190 -20.28 62.10 21.83
N ASP C 191 -19.69 62.80 20.83
CA ASP C 191 -19.87 64.24 20.65
C ASP C 191 -20.98 64.51 19.62
N ALA C 203 -3.41 65.56 29.22
CA ALA C 203 -2.43 64.48 29.43
C ALA C 203 -2.48 63.96 30.85
N ASP C 204 -2.63 64.88 31.83
CA ASP C 204 -2.79 64.49 33.23
C ASP C 204 -4.23 64.01 33.47
N LYS C 205 -5.21 64.56 32.71
CA LYS C 205 -6.61 64.15 32.76
C LYS C 205 -6.73 62.71 32.26
N ARG C 206 -5.99 62.35 31.19
CA ARG C 206 -6.01 61.00 30.64
C ARG C 206 -5.32 60.05 31.62
N ALA C 207 -4.20 60.47 32.22
CA ALA C 207 -3.50 59.64 33.21
C ALA C 207 -4.40 59.33 34.39
N ASP C 208 -5.29 60.26 34.77
CA ASP C 208 -6.23 60.03 35.85
C ASP C 208 -7.31 58.99 35.44
N LEU C 209 -7.77 59.03 34.17
CA LEU C 209 -8.74 58.08 33.63
C LEU C 209 -8.14 56.67 33.55
N VAL C 210 -6.87 56.56 33.09
CA VAL C 210 -6.20 55.27 32.99
C VAL C 210 -5.97 54.64 34.38
N ILE C 211 -5.19 55.30 35.25
CA ILE C 211 -4.85 54.81 36.57
C ILE C 211 -6.07 54.52 37.47
N GLU C 212 -7.11 55.37 37.44
CA GLU C 212 -8.29 55.09 38.27
C GLU C 212 -9.11 53.91 37.74
N SER C 213 -8.93 53.56 36.44
CA SER C 213 -9.56 52.38 35.84
C SER C 213 -8.77 51.13 36.30
N VAL C 214 -7.42 51.22 36.28
CA VAL C 214 -6.53 50.15 36.73
C VAL C 214 -6.81 49.82 38.20
N ARG C 215 -6.97 50.86 39.02
CA ARG C 215 -7.20 50.71 40.44
C ARG C 215 -8.52 50.02 40.74
N GLU C 216 -9.57 50.38 40.01
CA GLU C 216 -10.88 49.76 40.25
C GLU C 216 -10.88 48.26 39.94
N PHE C 217 -10.41 47.85 38.76
CA PHE C 217 -10.47 46.44 38.38
C PHE C 217 -9.37 45.56 38.98
N ALA C 218 -8.49 46.16 39.81
CA ALA C 218 -7.48 45.46 40.60
C ALA C 218 -8.10 44.89 41.88
N LYS C 219 -9.33 45.33 42.27
CA LYS C 219 -10.07 44.85 43.45
C LYS C 219 -10.30 43.34 43.35
N PRO C 220 -10.23 42.62 44.48
CA PRO C 220 -10.36 41.15 44.42
C PRO C 220 -11.65 40.59 43.85
N GLU C 221 -12.77 41.35 43.94
CA GLU C 221 -14.07 40.87 43.45
C GLU C 221 -14.08 40.55 41.97
N TYR C 222 -13.18 41.17 41.18
CA TYR C 222 -13.16 40.98 39.74
C TYR C 222 -12.37 39.75 39.26
N GLY C 223 -11.57 39.14 40.13
CA GLY C 223 -10.77 37.97 39.80
C GLY C 223 -9.81 38.10 38.63
N VAL C 224 -9.19 39.27 38.45
CA VAL C 224 -8.26 39.48 37.32
C VAL C 224 -6.93 38.79 37.55
N ASP C 225 -6.39 38.12 36.53
CA ASP C 225 -5.12 37.42 36.65
C ASP C 225 -3.98 38.10 35.89
N LEU C 226 -4.29 38.82 34.82
CA LEU C 226 -3.31 39.52 34.02
C LEU C 226 -3.97 40.75 33.41
N TYR C 227 -3.27 41.88 33.41
CA TYR C 227 -3.75 43.14 32.87
C TYR C 227 -3.09 43.44 31.52
N LYS C 228 -3.85 43.99 30.59
CA LYS C 228 -3.36 44.43 29.30
C LYS C 228 -3.73 45.91 29.34
N LEU C 229 -2.71 46.77 29.53
CA LEU C 229 -2.98 48.19 29.76
C LEU C 229 -2.37 49.09 28.75
N GLU C 230 -3.04 50.23 28.50
CA GLU C 230 -2.46 51.26 27.65
C GLU C 230 -1.56 52.16 28.52
N THR C 231 -0.64 52.90 27.90
CA THR C 231 0.24 53.82 28.63
C THR C 231 -0.60 54.92 29.29
N PRO C 232 -0.34 55.29 30.56
CA PRO C 232 -1.14 56.34 31.20
C PRO C 232 -0.81 57.75 30.69
N LEU C 233 0.41 57.94 30.14
CA LEU C 233 0.86 59.18 29.53
C LEU C 233 1.06 58.92 28.05
N PRO C 234 0.70 59.89 27.19
CA PRO C 234 0.85 59.68 25.74
C PRO C 234 2.25 59.31 25.30
N ALA C 235 2.39 58.27 24.46
CA ALA C 235 3.67 57.78 23.94
C ALA C 235 4.57 58.87 23.33
N ALA C 236 3.96 59.81 22.59
CA ALA C 236 4.68 60.89 21.93
C ALA C 236 5.21 61.92 22.93
N SER C 237 4.48 62.16 24.02
CA SER C 237 4.90 63.13 25.03
C SER C 237 6.01 62.63 25.96
N LEU C 238 6.37 61.35 25.90
CA LEU C 238 7.35 60.77 26.81
C LEU C 238 8.81 61.22 26.57
N PRO C 239 9.39 61.87 27.59
CA PRO C 239 10.79 62.31 27.46
C PRO C 239 11.77 61.15 27.58
N PRO C 240 13.02 61.31 27.10
CA PRO C 240 14.03 60.24 27.27
C PRO C 240 14.20 59.82 28.73
N MET C 241 14.43 58.53 28.98
CA MET C 241 14.55 58.01 30.32
C MET C 241 15.89 58.36 30.92
N ASP C 242 16.00 59.56 31.50
CA ASP C 242 17.25 60.06 32.11
C ASP C 242 17.05 60.50 33.60
N ASP C 243 18.07 61.11 34.23
CA ASP C 243 18.02 61.57 35.63
C ASP C 243 17.35 62.92 35.82
N SER C 244 16.51 63.35 34.87
CA SER C 244 15.82 64.64 34.85
C SER C 244 14.46 64.67 35.59
N ALA C 245 14.01 65.87 35.92
CA ALA C 245 12.74 66.12 36.59
C ALA C 245 11.59 65.71 35.66
N GLU C 246 11.72 66.01 34.36
CA GLU C 246 10.70 65.67 33.37
C GLU C 246 10.48 64.15 33.33
N SER C 247 11.57 63.38 33.45
CA SER C 247 11.50 61.93 33.41
C SER C 247 10.90 61.37 34.71
N ARG C 248 11.28 61.94 35.87
CA ARG C 248 10.76 61.50 37.17
C ARG C 248 9.27 61.73 37.27
N ALA C 249 8.80 62.88 36.74
CA ALA C 249 7.38 63.22 36.73
C ALA C 249 6.62 62.21 35.86
N ALA C 250 7.20 61.81 34.71
CA ALA C 250 6.61 60.81 33.83
C ALA C 250 6.57 59.41 34.47
N ALA C 251 7.70 58.93 35.01
CA ALA C 251 7.87 57.65 35.68
C ALA C 251 6.93 57.45 36.87
N ALA C 252 6.45 58.55 37.48
CA ALA C 252 5.57 58.46 38.63
C ALA C 252 4.23 57.85 38.26
N GLN C 253 3.71 58.13 37.07
CA GLN C 253 2.43 57.56 36.64
C GLN C 253 2.56 56.04 36.44
N PHE C 254 3.66 55.61 35.83
CA PHE C 254 3.98 54.20 35.63
C PHE C 254 4.18 53.51 36.98
N ALA C 255 4.85 54.19 37.93
CA ALA C 255 5.07 53.64 39.28
C ALA C 255 3.77 53.42 40.01
N GLU C 256 2.78 54.28 39.79
CA GLU C 256 1.48 54.12 40.41
C GLU C 256 0.73 52.91 39.85
N VAL C 257 0.79 52.71 38.54
CA VAL C 257 0.18 51.56 37.89
C VAL C 257 0.88 50.26 38.39
N GLY C 258 2.21 50.31 38.41
CA GLY C 258 3.04 49.19 38.85
C GLY C 258 2.74 48.80 40.27
N SER C 259 2.66 49.80 41.17
CA SER C 259 2.35 49.62 42.59
C SER C 259 0.93 49.04 42.80
N ILE C 260 -0.08 49.51 42.07
CA ILE C 260 -1.45 48.97 42.18
C ILE C 260 -1.43 47.47 41.81
N CYS C 261 -0.75 47.12 40.71
CA CYS C 261 -0.70 45.73 40.23
C CYS C 261 0.10 44.82 41.14
N ALA C 262 1.29 45.24 41.60
CA ALA C 262 2.09 44.46 42.54
C ALA C 262 1.29 44.17 43.85
N ASP C 263 0.57 45.17 44.39
CA ASP C 263 -0.23 44.97 45.61
C ASP C 263 -1.35 43.96 45.36
N ALA C 264 -2.00 44.02 44.18
CA ALA C 264 -3.05 43.06 43.84
C ALA C 264 -2.53 41.68 43.36
N GLY C 265 -1.24 41.61 43.05
CA GLY C 265 -0.60 40.40 42.53
C GLY C 265 -0.97 40.15 41.08
N ILE C 266 -1.18 41.22 40.31
CA ILE C 266 -1.56 41.11 38.91
C ILE C 266 -0.42 41.56 37.98
N PRO C 267 0.22 40.63 37.24
CA PRO C 267 1.24 41.06 36.27
C PRO C 267 0.57 41.88 35.16
N TRP C 268 1.28 42.89 34.64
CA TRP C 268 0.72 43.76 33.62
C TRP C 268 1.59 43.83 32.39
N VAL C 269 0.96 43.78 31.22
CA VAL C 269 1.61 43.88 29.93
C VAL C 269 1.06 45.13 29.24
N LEU C 270 1.83 45.74 28.30
CA LEU C 270 1.33 46.95 27.63
C LEU C 270 0.93 46.75 26.19
N LEU C 271 -0.13 47.43 25.79
CA LEU C 271 -0.61 47.34 24.42
C LEU C 271 0.02 48.44 23.59
N SER C 272 0.49 48.11 22.38
CA SER C 272 1.21 49.05 21.52
C SER C 272 0.42 50.32 21.22
N GLY C 273 -0.90 50.20 21.13
CA GLY C 273 -1.78 51.34 20.95
C GLY C 273 -1.62 52.28 19.75
N GLY C 274 -0.88 51.86 18.73
CA GLY C 274 -0.72 52.67 17.54
C GLY C 274 0.51 53.56 17.50
N ALA C 275 1.36 53.47 18.52
CA ALA C 275 2.58 54.27 18.57
C ALA C 275 3.64 53.76 17.60
N ALA C 276 4.58 54.63 17.21
CA ALA C 276 5.72 54.31 16.36
C ALA C 276 6.67 53.37 17.12
N PRO C 277 7.48 52.56 16.43
CA PRO C 277 8.38 51.62 17.13
C PRO C 277 9.22 52.24 18.26
N GLU C 278 9.88 53.39 18.01
CA GLU C 278 10.69 54.03 19.04
C GLU C 278 9.84 54.54 20.20
N GLN C 279 8.62 55.01 19.90
CA GLN C 279 7.69 55.48 20.93
C GLN C 279 7.27 54.34 21.86
N PHE C 280 6.79 53.20 21.31
CA PHE C 280 6.38 52.07 22.14
C PHE C 280 7.54 51.45 22.90
N GLU C 281 8.76 51.52 22.35
CA GLU C 281 9.94 51.04 23.05
C GLU C 281 10.20 51.89 24.31
N ARG C 282 10.02 53.21 24.19
CA ARG C 282 10.17 54.14 25.31
C ARG C 282 9.09 53.88 26.35
N VAL C 283 7.84 53.63 25.91
CA VAL C 283 6.69 53.32 26.76
C VAL C 283 6.99 52.06 27.56
N LEU C 284 7.53 51.05 26.88
CA LEU C 284 7.93 49.81 27.53
C LEU C 284 9.05 50.07 28.53
N SER C 285 10.05 50.88 28.19
CA SER C 285 11.14 51.19 29.11
C SER C 285 10.66 51.82 30.44
N TYR C 286 9.67 52.74 30.38
CA TYR C 286 9.12 53.32 31.60
C TYR C 286 8.27 52.29 32.34
N SER C 287 7.51 51.48 31.59
CA SER C 287 6.65 50.47 32.18
C SER C 287 7.43 49.33 32.83
N TYR C 288 8.46 48.80 32.16
CA TYR C 288 9.32 47.71 32.66
C TYR C 288 10.06 48.15 33.91
N ALA C 289 10.46 49.43 33.99
CA ALA C 289 11.12 49.95 35.20
C ALA C 289 10.14 49.97 36.39
N ALA C 290 8.83 50.09 36.11
CA ALA C 290 7.75 50.11 37.07
C ALA C 290 7.19 48.73 37.47
N GLY C 291 7.68 47.67 36.84
CA GLY C 291 7.23 46.32 37.17
C GLY C 291 6.47 45.57 36.10
N ALA C 292 6.25 46.17 34.91
CA ALA C 292 5.56 45.50 33.80
C ALA C 292 6.30 44.23 33.38
N GLN C 293 5.55 43.17 33.01
CA GLN C 293 6.16 41.87 32.69
C GLN C 293 6.13 41.47 31.20
N GLY C 294 5.76 42.39 30.34
CA GLY C 294 5.71 42.12 28.90
C GLY C 294 4.88 43.11 28.12
N PHE C 295 4.49 42.73 26.88
CA PHE C 295 3.73 43.57 25.94
C PHE C 295 2.66 42.77 25.16
N LEU C 296 1.88 43.47 24.35
CA LEU C 296 0.91 42.91 23.46
C LEU C 296 1.07 43.71 22.18
N ALA C 297 1.62 43.08 21.14
CA ALA C 297 1.84 43.75 19.86
C ALA C 297 0.61 43.66 18.97
N GLY C 298 -0.06 44.80 18.79
CA GLY C 298 -1.25 44.93 17.97
C GLY C 298 -1.07 45.18 16.49
N ARG C 299 -2.01 45.89 15.90
CA ARG C 299 -2.13 46.18 14.48
C ARG C 299 -0.88 46.65 13.75
N THR C 300 -0.16 47.64 14.31
CA THR C 300 1.02 48.25 13.70
C THR C 300 2.07 47.28 13.17
N ILE C 301 2.15 46.06 13.71
CA ILE C 301 3.11 45.08 13.24
C ILE C 301 2.81 44.69 11.79
N TRP C 302 1.51 44.52 11.46
CA TRP C 302 1.14 44.00 10.15
C TRP C 302 0.21 44.82 9.28
N LEU C 303 -0.35 45.95 9.77
CA LEU C 303 -1.35 46.70 8.99
C LEU C 303 -0.92 47.08 7.57
N ASP C 304 0.25 47.75 7.41
CA ASP C 304 0.80 48.15 6.11
C ASP C 304 1.05 46.93 5.23
N ALA C 305 1.64 45.86 5.80
CA ALA C 305 1.91 44.62 5.07
C ALA C 305 0.64 44.02 4.46
N VAL C 306 -0.45 43.99 5.23
CA VAL C 306 -1.71 43.43 4.75
C VAL C 306 -2.35 44.37 3.72
N GLN C 307 -2.57 45.64 4.10
CA GLN C 307 -3.19 46.64 3.24
C GLN C 307 -2.50 46.78 1.88
N ASN C 308 -1.17 46.86 1.86
CA ASN C 308 -0.41 47.05 0.63
C ASN C 308 -0.26 45.83 -0.26
N HIS C 309 -0.28 44.61 0.31
CA HIS C 309 0.05 43.43 -0.48
C HIS C 309 -0.99 42.33 -0.55
N PHE C 310 -2.06 42.34 0.27
CA PHE C 310 -3.06 41.28 0.23
C PHE C 310 -3.78 41.31 -1.12
N PRO C 311 -4.08 40.15 -1.77
CA PRO C 311 -3.91 38.76 -1.31
C PRO C 311 -2.62 38.04 -1.66
N ASP C 312 -1.62 38.76 -2.19
CA ASP C 312 -0.33 38.14 -2.56
C ASP C 312 0.36 37.68 -1.28
N ARG C 313 0.20 36.38 -0.94
CA ARG C 313 0.77 35.80 0.27
C ARG C 313 2.24 36.10 0.47
N GLU C 314 3.08 35.84 -0.55
CA GLU C 314 4.52 36.07 -0.44
C GLU C 314 4.88 37.53 -0.29
N ALA C 315 4.13 38.44 -0.93
CA ALA C 315 4.39 39.86 -0.79
C ALA C 315 4.06 40.32 0.63
N VAL C 316 3.00 39.77 1.25
CA VAL C 316 2.67 40.08 2.65
C VAL C 316 3.81 39.58 3.56
N LEU C 317 4.18 38.28 3.44
CA LEU C 317 5.26 37.71 4.25
C LEU C 317 6.56 38.47 4.09
N THR C 318 6.88 38.93 2.88
CA THR C 318 8.12 39.65 2.63
C THR C 318 8.12 41.03 3.30
N ALA C 319 7.00 41.77 3.22
CA ALA C 319 6.90 43.06 3.88
C ALA C 319 6.94 42.90 5.40
N LEU C 320 6.33 41.83 5.90
CA LEU C 320 6.27 41.51 7.32
C LEU C 320 7.66 41.31 7.90
N LYS C 321 8.52 40.56 7.19
CA LYS C 321 9.91 40.27 7.61
C LYS C 321 10.79 41.50 7.70
N GLY C 322 10.59 42.45 6.80
CA GLY C 322 11.38 43.68 6.75
C GLY C 322 10.96 44.79 7.69
N ASP C 323 9.82 44.64 8.38
CA ASP C 323 9.36 45.68 9.29
C ASP C 323 8.76 45.10 10.59
N GLY C 324 7.51 44.60 10.53
CA GLY C 324 6.79 44.08 11.68
C GLY C 324 7.47 42.99 12.47
N MET C 325 8.08 42.03 11.78
CA MET C 325 8.78 40.94 12.43
C MET C 325 10.06 41.44 13.09
N LYS C 326 10.71 42.47 12.52
CA LYS C 326 11.93 43.04 13.10
C LYS C 326 11.57 43.74 14.41
N ILE C 327 10.47 44.53 14.41
CA ILE C 327 9.93 45.22 15.58
C ILE C 327 9.70 44.24 16.73
N LEU C 328 9.10 43.09 16.44
CA LEU C 328 8.81 42.07 17.43
C LEU C 328 10.08 41.48 18.05
N LYS C 329 11.13 41.30 17.25
CA LYS C 329 12.42 40.81 17.72
C LYS C 329 13.06 41.85 18.65
N ASP C 330 12.92 43.15 18.30
CA ASP C 330 13.45 44.24 19.09
C ASP C 330 12.72 44.35 20.44
N LEU C 331 11.39 44.20 20.43
CA LEU C 331 10.61 44.22 21.67
C LEU C 331 10.96 43.04 22.57
N GLY C 332 11.28 41.90 21.98
CA GLY C 332 11.68 40.71 22.71
C GLY C 332 13.04 40.88 23.36
N ARG C 333 14.02 41.47 22.62
CA ARG C 333 15.34 41.68 23.22
C ARG C 333 15.21 42.74 24.32
N LEU C 334 14.44 43.81 24.11
CA LEU C 334 14.16 44.81 25.15
C LEU C 334 13.50 44.17 26.36
N THR C 335 12.52 43.27 26.15
CA THR C 335 11.80 42.59 27.23
C THR C 335 12.73 41.72 28.08
N ARG C 336 13.48 40.80 27.46
CA ARG C 336 14.41 39.97 28.24
C ARG C 336 15.59 40.79 28.83
N GLU C 337 15.77 42.05 28.41
CA GLU C 337 16.82 42.90 28.96
C GLU C 337 16.34 43.70 30.16
N LYS C 338 15.14 44.30 30.08
CA LYS C 338 14.65 45.16 31.14
C LYS C 338 13.46 44.64 31.98
N ALA C 339 12.54 43.85 31.42
CA ALA C 339 11.38 43.37 32.19
C ALA C 339 11.72 42.41 33.33
N GLN C 340 11.09 42.64 34.49
CA GLN C 340 11.22 41.77 35.65
C GLN C 340 10.41 40.51 35.32
N PRO C 341 11.00 39.31 35.47
CA PRO C 341 10.27 38.09 35.10
C PRO C 341 9.06 37.78 35.98
N TRP C 342 8.05 37.16 35.38
CA TRP C 342 6.89 36.71 36.12
C TRP C 342 7.16 35.27 36.55
N LYS C 343 6.72 34.92 37.76
CA LYS C 343 6.93 33.57 38.29
C LYS C 343 5.63 33.00 38.81
N PRO C 344 5.32 31.74 38.47
CA PRO C 344 4.08 31.14 38.97
C PRO C 344 4.13 30.92 40.48
N ASP C 345 3.19 31.56 41.19
CA ASP C 345 3.09 31.43 42.62
C ASP C 345 2.01 30.39 43.01
N PHE C 346 2.41 29.13 43.17
CA PHE C 346 1.49 28.09 43.56
C PHE C 346 1.50 28.06 45.07
N ARG C 347 0.43 28.56 45.67
CA ARG C 347 0.34 28.59 47.13
C ARG C 347 -0.74 27.60 47.52
N LEU C 348 -0.57 26.33 47.11
CA LEU C 348 -1.56 25.30 47.41
C LEU C 348 -1.47 24.85 48.87
N GLU C 349 -2.64 24.59 49.49
CA GLU C 349 -2.74 24.13 50.88
C GLU C 349 -2.06 22.77 50.97
N GLN C 350 -1.09 22.61 51.88
CA GLN C 350 -0.35 21.36 51.96
C GLN C 350 -1.24 20.15 52.24
N VAL C 351 -1.07 19.15 51.41
CA VAL C 351 -1.83 17.91 51.41
C VAL C 351 -1.14 16.92 52.34
N ASP C 352 -1.91 16.26 53.22
CA ASP C 352 -1.32 15.32 54.19
C ASP C 352 -1.72 13.87 53.94
N ARG C 353 -2.76 13.62 53.15
CA ARG C 353 -3.23 12.26 52.92
C ARG C 353 -3.68 12.01 51.47
N GLU C 354 -3.73 10.75 51.06
CA GLU C 354 -4.18 10.36 49.74
C GLU C 354 -5.69 10.57 49.66
N GLY C 355 -6.08 11.43 48.72
CA GLY C 355 -7.47 11.77 48.49
C GLY C 355 -7.75 13.23 48.82
N ALA C 356 -6.92 13.82 49.70
CA ALA C 356 -7.09 15.20 50.13
C ALA C 356 -7.00 16.18 48.96
N PHE C 357 -6.11 15.93 47.98
CA PHE C 357 -6.00 16.83 46.83
C PHE C 357 -7.29 16.84 46.02
N SER C 358 -7.81 15.65 45.70
CA SER C 358 -9.04 15.49 44.92
C SER C 358 -10.25 16.11 45.60
N CYS C 359 -10.31 15.99 46.92
CA CYS C 359 -11.39 16.60 47.69
C CYS C 359 -11.23 18.12 47.66
N ALA C 360 -10.02 18.64 47.91
CA ALA C 360 -9.75 20.06 47.94
C ALA C 360 -9.94 20.76 46.63
N TYR C 361 -9.63 20.10 45.50
CA TYR C 361 -9.82 20.71 44.19
C TYR C 361 -11.29 20.59 43.83
N ALA C 362 -12.15 21.44 44.42
CA ALA C 362 -13.59 21.43 44.24
C ALA C 362 -14.15 22.83 43.91
N SER D 20 -14.09 18.82 18.57
CA SER D 20 -12.91 18.05 18.19
C SER D 20 -11.62 18.89 18.08
N ILE D 21 -11.69 20.21 18.33
CA ILE D 21 -10.50 21.09 18.29
C ILE D 21 -9.62 20.84 19.52
N GLY D 22 -10.23 20.82 20.68
CA GLY D 22 -9.53 20.55 21.92
C GLY D 22 -8.84 19.21 21.95
N LYS D 23 -9.34 18.22 21.20
CA LYS D 23 -8.69 16.90 21.16
C LYS D 23 -7.41 16.95 20.36
N GLN D 24 -7.43 17.65 19.21
CA GLN D 24 -6.24 17.73 18.36
C GLN D 24 -5.20 18.62 19.01
N ARG D 25 -5.64 19.79 19.48
CA ARG D 25 -4.76 20.71 20.18
C ARG D 25 -4.16 20.04 21.45
N GLY D 26 -4.93 19.20 22.12
CA GLY D 26 -4.49 18.46 23.29
C GLY D 26 -3.40 17.46 22.99
N LEU D 27 -3.62 16.60 21.96
CA LEU D 27 -2.67 15.61 21.48
C LEU D 27 -1.36 16.26 21.00
N ALA D 28 -1.45 17.41 20.33
CA ALA D 28 -0.29 18.20 19.90
C ALA D 28 0.57 18.59 21.10
N ARG D 29 -0.06 18.86 22.27
CA ARG D 29 0.64 19.21 23.50
C ARG D 29 1.24 17.99 24.25
N LEU D 30 0.93 16.79 23.80
CA LEU D 30 1.50 15.56 24.31
C LEU D 30 2.70 15.16 23.40
N ALA D 31 2.70 15.55 22.12
CA ALA D 31 3.77 15.23 21.21
C ALA D 31 4.85 16.33 21.31
N ASP D 32 6.06 16.06 20.81
CA ASP D 32 7.11 17.07 20.83
C ASP D 32 7.02 17.94 19.53
N GLU D 33 8.00 18.82 19.31
CA GLU D 33 8.08 19.68 18.16
C GLU D 33 7.96 18.91 16.83
N ASP D 34 8.57 17.71 16.76
CA ASP D 34 8.55 16.90 15.56
C ASP D 34 7.44 15.84 15.49
N GLY D 35 6.45 15.95 16.37
CA GLY D 35 5.32 15.04 16.40
C GLY D 35 5.56 13.70 17.05
N HIS D 36 6.58 13.56 17.90
CA HIS D 36 6.86 12.29 18.56
C HIS D 36 6.37 12.29 20.01
N PHE D 37 5.74 11.20 20.45
CA PHE D 37 5.30 11.09 21.84
C PHE D 37 6.43 10.49 22.67
N THR D 38 7.22 11.31 23.37
CA THR D 38 8.31 10.80 24.20
C THR D 38 7.92 11.04 25.66
N MET D 39 6.86 10.35 26.10
CA MET D 39 6.21 10.52 27.40
C MET D 39 6.80 9.71 28.57
N VAL D 40 6.80 10.33 29.77
CA VAL D 40 7.29 9.72 31.01
C VAL D 40 6.09 9.56 31.97
N ALA D 41 5.98 8.39 32.62
CA ALA D 41 4.86 8.12 33.51
C ALA D 41 5.31 8.15 34.94
N LEU D 42 4.55 8.86 35.77
CA LEU D 42 4.82 8.92 37.20
C LEU D 42 3.55 8.99 38.00
N ASP D 43 2.51 8.32 37.53
CA ASP D 43 1.29 8.17 38.27
C ASP D 43 1.30 6.89 39.12
N GLN D 44 2.41 6.09 39.10
CA GLN D 44 2.60 4.84 39.82
C GLN D 44 2.16 4.95 41.26
N ARG D 45 1.18 4.15 41.66
CA ARG D 45 0.74 4.16 43.04
C ARG D 45 1.34 2.88 43.73
N PRO D 46 0.79 1.65 43.56
CA PRO D 46 1.47 0.48 44.13
C PRO D 46 2.93 0.29 43.69
N PRO D 47 3.37 0.37 42.39
CA PRO D 47 4.80 0.18 42.09
C PRO D 47 5.76 1.13 42.77
N LEU D 48 5.31 2.37 43.04
CA LEU D 48 6.15 3.33 43.74
C LEU D 48 6.13 3.05 45.25
N LEU D 49 5.02 2.53 45.79
CA LEU D 49 4.93 2.22 47.21
C LEU D 49 5.88 1.06 47.57
N GLN D 50 5.98 0.05 46.70
CA GLN D 50 6.90 -1.08 46.88
C GLN D 50 8.37 -0.64 46.64
N ALA D 51 8.60 0.38 45.81
CA ALA D 51 9.95 0.89 45.55
C ALA D 51 10.46 1.68 46.75
N LEU D 52 9.56 2.42 47.44
CA LEU D 52 9.92 3.20 48.63
C LEU D 52 10.02 2.31 49.86
N ALA D 53 9.26 1.19 49.90
CA ALA D 53 9.27 0.23 51.00
C ALA D 53 10.60 -0.55 50.98
N LYS D 54 11.13 -0.84 49.77
CA LYS D 54 12.44 -1.50 49.59
C LYS D 54 13.55 -0.54 50.03
N ALA D 55 13.44 0.73 49.66
CA ALA D 55 14.41 1.77 49.99
C ALA D 55 14.45 2.12 51.48
N ARG D 56 13.41 1.77 52.24
CA ARG D 56 13.39 2.03 53.68
C ARG D 56 13.39 0.76 54.55
N GLY D 57 13.26 -0.42 53.93
CA GLY D 57 13.20 -1.69 54.64
C GLY D 57 11.89 -1.98 55.34
N ILE D 58 11.05 -0.96 55.48
CA ILE D 58 9.75 -1.05 56.14
C ILE D 58 8.71 -1.73 55.21
N PRO D 59 7.58 -2.26 55.75
CA PRO D 59 6.56 -2.83 54.85
C PRO D 59 5.82 -1.74 54.07
N ALA D 60 5.21 -2.10 52.93
CA ALA D 60 4.50 -1.13 52.08
C ALA D 60 3.56 -0.19 52.84
N ASP D 61 2.80 -0.73 53.81
CA ASP D 61 1.85 -0.01 54.66
C ASP D 61 2.47 0.94 55.69
N GLN D 62 3.78 1.09 55.69
CA GLN D 62 4.47 2.02 56.59
C GLN D 62 5.11 3.23 55.88
N VAL D 63 5.08 3.24 54.52
CA VAL D 63 5.62 4.33 53.71
C VAL D 63 4.79 5.58 53.98
N GLU D 64 5.45 6.69 54.35
CA GLU D 64 4.73 7.92 54.65
C GLU D 64 4.23 8.59 53.36
N PHE D 65 3.16 9.39 53.47
CA PHE D 65 2.62 10.14 52.34
C PHE D 65 3.69 11.12 51.82
N ALA D 66 4.41 11.79 52.74
CA ALA D 66 5.49 12.73 52.41
C ALA D 66 6.56 12.11 51.52
N ASP D 67 6.80 10.80 51.66
CA ASP D 67 7.78 10.06 50.86
C ASP D 67 7.29 9.90 49.43
N MET D 68 5.98 9.63 49.26
CA MET D 68 5.36 9.50 47.95
C MET D 68 5.47 10.83 47.19
N LEU D 69 5.28 11.95 47.89
CA LEU D 69 5.39 13.27 47.28
C LEU D 69 6.84 13.61 46.93
N ALA D 70 7.80 13.29 47.80
CA ALA D 70 9.21 13.60 47.58
C ALA D 70 9.74 12.83 46.36
N ALA D 71 9.37 11.54 46.24
CA ALA D 71 9.83 10.71 45.13
C ALA D 71 9.28 11.25 43.80
N LYS D 72 7.97 11.57 43.74
CA LYS D 72 7.35 12.11 42.53
C LYS D 72 7.82 13.51 42.18
N ARG D 73 8.12 14.33 43.17
CA ARG D 73 8.66 15.67 42.93
C ARG D 73 10.06 15.58 42.31
N LEU D 74 10.85 14.59 42.73
CA LEU D 74 12.20 14.35 42.23
C LEU D 74 12.16 13.90 40.77
N LEU D 75 11.20 13.03 40.41
CA LEU D 75 11.12 12.53 39.04
C LEU D 75 10.69 13.63 38.07
N VAL D 76 9.85 14.57 38.49
CA VAL D 76 9.39 15.65 37.62
C VAL D 76 10.50 16.65 37.35
N GLU D 77 11.19 17.12 38.40
CA GLU D 77 12.29 18.06 38.22
C GLU D 77 13.41 17.44 37.35
N ALA D 78 13.75 16.17 37.63
CA ALA D 78 14.82 15.49 36.93
C ALA D 78 14.48 15.07 35.53
N LEU D 79 13.20 14.76 35.25
CA LEU D 79 12.86 14.19 33.95
C LEU D 79 11.94 15.01 33.04
N ALA D 80 11.32 16.10 33.52
CA ALA D 80 10.39 16.84 32.68
C ALA D 80 10.99 17.47 31.45
N HIS D 81 12.15 18.13 31.58
CA HIS D 81 12.76 18.83 30.46
C HIS D 81 13.14 17.89 29.29
N ASP D 82 13.19 16.55 29.52
CA ASP D 82 13.43 15.64 28.40
C ASP D 82 12.25 14.70 28.09
N ALA D 83 11.05 15.10 28.52
CA ALA D 83 9.81 14.39 28.23
C ALA D 83 8.90 15.36 27.47
N SER D 84 8.33 14.94 26.35
CA SER D 84 7.37 15.77 25.62
C SER D 84 6.09 16.02 26.49
N SER D 85 5.77 15.06 27.34
CA SER D 85 4.57 15.04 28.13
C SER D 85 4.75 14.09 29.32
N MET D 86 3.97 14.31 30.38
CA MET D 86 4.08 13.47 31.56
C MET D 86 2.74 13.07 32.10
N LEU D 87 2.68 11.90 32.69
CA LEU D 87 1.46 11.35 33.25
C LEU D 87 1.54 11.43 34.78
N LEU D 88 0.69 12.26 35.40
CA LEU D 88 0.69 12.40 36.86
C LEU D 88 -0.68 11.93 37.39
N ASP D 89 -0.73 11.44 38.63
CA ASP D 89 -2.00 11.07 39.26
C ASP D 89 -2.43 12.23 40.16
N PRO D 90 -3.74 12.36 40.41
CA PRO D 90 -4.22 13.51 41.16
C PRO D 90 -3.81 13.61 42.62
N ASN D 91 -3.82 12.50 43.35
CA ASN D 91 -3.59 12.54 44.78
C ASN D 91 -2.16 12.64 45.21
N PHE D 92 -1.25 12.04 44.44
CA PHE D 92 0.15 12.08 44.81
C PHE D 92 0.94 13.01 43.94
N ALA D 93 1.17 12.69 42.67
CA ALA D 93 2.01 13.49 41.80
C ALA D 93 1.55 14.94 41.59
N MET D 94 0.22 15.22 41.57
CA MET D 94 -0.22 16.61 41.36
C MET D 94 0.23 17.54 42.52
N PRO D 95 -0.18 17.38 43.81
CA PRO D 95 0.30 18.31 44.84
C PRO D 95 1.81 18.26 45.10
N ALA D 96 2.47 17.22 44.63
CA ALA D 96 3.91 17.07 44.85
C ALA D 96 4.72 17.84 43.86
N ALA D 97 4.25 17.92 42.60
CA ALA D 97 5.08 18.48 41.57
C ALA D 97 4.39 19.33 40.49
N ILE D 98 3.14 19.80 40.67
CA ILE D 98 2.53 20.62 39.62
C ILE D 98 3.32 21.95 39.45
N ASP D 99 3.79 22.54 40.55
CA ASP D 99 4.61 23.76 40.54
C ASP D 99 6.00 23.58 39.87
N VAL D 100 6.46 22.35 39.69
CA VAL D 100 7.74 22.10 39.02
C VAL D 100 7.55 21.45 37.62
N LEU D 101 6.31 21.24 37.18
CA LEU D 101 6.04 20.69 35.86
C LEU D 101 6.11 21.86 34.90
N PRO D 102 7.07 21.83 33.97
CA PRO D 102 7.23 22.97 33.05
C PRO D 102 6.00 23.23 32.23
N ALA D 103 5.70 24.50 32.00
CA ALA D 103 4.55 24.92 31.23
C ALA D 103 4.47 24.26 29.84
N ARG D 104 5.61 24.11 29.11
CA ARG D 104 5.59 23.48 27.79
C ARG D 104 5.56 21.95 27.84
N THR D 105 5.73 21.31 29.02
CA THR D 105 5.62 19.86 29.08
C THR D 105 4.12 19.56 29.17
N GLY D 106 3.66 18.63 28.38
CA GLY D 106 2.25 18.25 28.41
C GLY D 106 1.88 17.56 29.71
N LEU D 107 0.65 17.75 30.17
CA LEU D 107 0.16 17.14 31.39
C LEU D 107 -0.98 16.17 31.09
N ILE D 108 -0.75 14.89 31.30
CA ILE D 108 -1.78 13.87 31.19
C ILE D 108 -2.14 13.52 32.64
N VAL D 109 -3.44 13.41 32.96
CA VAL D 109 -3.83 13.14 34.34
C VAL D 109 -4.56 11.84 34.43
N THR D 110 -4.15 10.99 35.37
CA THR D 110 -4.73 9.68 35.65
C THR D 110 -6.14 9.82 36.18
N LEU D 111 -7.03 8.93 35.77
CA LEU D 111 -8.40 8.94 36.24
C LEU D 111 -8.77 7.63 36.89
N GLU D 112 -8.24 6.49 36.42
CA GLU D 112 -8.56 5.19 37.02
C GLU D 112 -7.94 5.03 38.38
N GLU D 113 -8.68 4.39 39.27
CA GLU D 113 -8.27 4.10 40.64
C GLU D 113 -7.35 2.85 40.64
N HIS D 114 -6.18 2.88 41.33
CA HIS D 114 -5.31 1.70 41.37
C HIS D 114 -5.91 0.46 42.01
N ARG D 115 -6.86 0.65 42.95
CA ARG D 115 -7.52 -0.45 43.66
C ARG D 115 -8.69 -1.07 42.87
N PHE D 116 -8.37 -1.82 41.82
CA PHE D 116 -9.39 -2.53 41.03
C PHE D 116 -9.99 -3.68 41.84
N GLN D 117 -11.13 -4.22 41.41
CA GLN D 117 -11.71 -5.40 42.07
C GLN D 117 -11.17 -6.64 41.36
N ASP D 118 -10.52 -7.54 42.10
CA ASP D 118 -10.01 -8.77 41.52
C ASP D 118 -11.08 -9.87 41.70
N THR D 119 -12.11 -9.84 40.86
CA THR D 119 -13.17 -10.82 40.90
C THR D 119 -12.66 -12.10 40.24
N PRO D 120 -13.26 -13.28 40.55
CA PRO D 120 -12.81 -14.52 39.88
C PRO D 120 -13.06 -14.53 38.36
N GLY D 121 -14.04 -13.75 37.93
CA GLY D 121 -14.32 -13.60 36.51
C GLY D 121 -13.46 -12.59 35.81
N GLY D 122 -12.71 -11.78 36.55
CA GLY D 122 -11.84 -10.74 35.99
C GLY D 122 -11.75 -9.47 36.82
N ARG D 123 -10.96 -8.51 36.34
CA ARG D 123 -10.75 -7.25 37.04
C ARG D 123 -11.70 -6.17 36.61
N LYS D 124 -12.31 -5.47 37.59
CA LYS D 124 -13.26 -4.40 37.35
C LYS D 124 -12.63 -3.06 37.71
N SER D 125 -12.84 -2.05 36.87
CA SER D 125 -12.21 -0.75 37.04
C SER D 125 -13.20 0.35 37.42
N ARG D 126 -12.68 1.42 38.04
CA ARG D 126 -13.46 2.60 38.43
C ARG D 126 -12.55 3.83 38.55
N SER D 127 -13.13 5.01 38.48
CA SER D 127 -12.40 6.26 38.59
C SER D 127 -12.01 6.54 40.01
N ILE D 128 -10.97 7.37 40.19
CA ILE D 128 -10.51 7.83 41.49
C ILE D 128 -11.63 8.66 42.09
N ASP D 129 -11.91 8.43 43.37
CA ASP D 129 -12.95 9.12 44.07
C ASP D 129 -12.68 10.62 44.13
N ASN D 130 -13.74 11.41 43.98
CA ASN D 130 -13.70 12.89 44.04
C ASN D 130 -12.78 13.53 42.97
N TRP D 131 -12.45 12.75 41.93
CA TRP D 131 -11.68 13.21 40.78
C TRP D 131 -12.46 12.88 39.48
N SER D 132 -12.35 13.71 38.43
CA SER D 132 -13.13 13.51 37.20
C SER D 132 -12.47 14.12 35.95
N VAL D 133 -13.02 13.80 34.76
CA VAL D 133 -12.62 14.39 33.49
C VAL D 133 -12.83 15.92 33.54
N GLU D 134 -13.91 16.36 34.19
CA GLU D 134 -14.23 17.77 34.34
C GLU D 134 -13.12 18.50 35.08
N LYS D 135 -12.57 17.87 36.14
CA LYS D 135 -11.54 18.44 36.97
C LYS D 135 -10.21 18.50 36.28
N ILE D 136 -9.86 17.44 35.51
CA ILE D 136 -8.63 17.38 34.71
C ILE D 136 -8.65 18.52 33.68
N ARG D 137 -9.81 18.77 33.07
CA ARG D 137 -9.95 19.86 32.11
C ARG D 137 -9.87 21.22 32.85
N ARG D 138 -10.54 21.36 34.01
CA ARG D 138 -10.51 22.60 34.79
C ARG D 138 -9.11 23.00 35.29
N VAL D 139 -8.30 22.01 35.72
CA VAL D 139 -6.96 22.25 36.27
C VAL D 139 -5.87 22.54 35.17
N GLY D 140 -6.29 22.61 33.91
CA GLY D 140 -5.34 22.86 32.83
C GLY D 140 -4.60 21.65 32.33
N GLY D 141 -5.21 20.47 32.47
CA GLY D 141 -4.65 19.23 31.97
C GLY D 141 -4.86 19.12 30.48
N ASP D 142 -3.96 18.42 29.79
CA ASP D 142 -4.00 18.27 28.33
C ASP D 142 -4.69 17.00 27.87
N ALA D 143 -4.73 15.99 28.74
CA ALA D 143 -5.35 14.71 28.43
C ALA D 143 -5.78 14.00 29.72
N VAL D 144 -6.73 13.04 29.59
CA VAL D 144 -7.19 12.18 30.66
C VAL D 144 -6.65 10.79 30.29
N LYS D 145 -6.12 10.05 31.28
CA LYS D 145 -5.67 8.69 31.04
C LYS D 145 -6.49 7.73 31.88
N VAL D 146 -7.00 6.67 31.26
CA VAL D 146 -7.64 5.58 31.98
C VAL D 146 -6.89 4.30 31.58
N LEU D 147 -6.58 3.47 32.56
CA LEU D 147 -6.02 2.15 32.36
C LEU D 147 -7.20 1.24 32.63
N ALA D 148 -7.51 0.38 31.67
CA ALA D 148 -8.57 -0.60 31.83
C ALA D 148 -7.93 -1.97 31.78
N TRP D 149 -8.00 -2.75 32.87
CA TRP D 149 -7.52 -4.13 32.90
C TRP D 149 -8.46 -4.91 32.01
N TYR D 150 -7.92 -5.55 30.97
CA TYR D 150 -8.76 -6.24 30.00
C TYR D 150 -8.15 -7.51 29.48
N ARG D 151 -9.00 -8.47 29.17
CA ARG D 151 -8.69 -9.80 28.65
C ARG D 151 -10.00 -10.22 28.00
N PRO D 152 -10.03 -10.55 26.70
CA PRO D 152 -11.31 -10.92 26.06
C PRO D 152 -12.00 -12.18 26.61
N ASP D 153 -11.25 -13.10 27.27
CA ASP D 153 -11.83 -14.34 27.80
C ASP D 153 -12.37 -14.23 29.25
N ALA D 154 -12.59 -13.00 29.72
CA ALA D 154 -13.14 -12.77 31.05
C ALA D 154 -14.69 -13.06 31.06
N SER D 155 -15.33 -13.09 32.25
CA SER D 155 -16.78 -13.34 32.32
C SER D 155 -17.55 -12.23 31.61
N ASP D 156 -18.80 -12.50 31.21
CA ASP D 156 -19.61 -11.49 30.55
C ASP D 156 -19.88 -10.29 31.47
N GLU D 157 -19.93 -10.52 32.79
CA GLU D 157 -20.15 -9.47 33.76
C GLU D 157 -18.92 -8.56 33.81
N VAL D 158 -17.73 -9.14 33.79
CA VAL D 158 -16.49 -8.36 33.82
C VAL D 158 -16.25 -7.62 32.49
N LEU D 159 -16.44 -8.32 31.36
CA LEU D 159 -16.28 -7.73 30.04
C LEU D 159 -17.23 -6.52 29.87
N GLN D 160 -18.49 -6.66 30.32
CA GLN D 160 -19.52 -5.63 30.21
C GLN D 160 -19.26 -4.42 31.09
N HIS D 161 -18.72 -4.65 32.30
CA HIS D 161 -18.40 -3.59 33.25
C HIS D 161 -17.24 -2.76 32.68
N GLN D 162 -16.17 -3.43 32.19
CA GLN D 162 -15.01 -2.75 31.62
C GLN D 162 -15.40 -1.96 30.39
N LYS D 163 -16.26 -2.53 29.54
CA LYS D 163 -16.71 -1.85 28.35
C LYS D 163 -17.47 -0.56 28.70
N ASP D 164 -18.48 -0.65 29.60
CA ASP D 164 -19.26 0.50 30.04
C ASP D 164 -18.42 1.56 30.67
N TYR D 165 -17.44 1.17 31.50
CA TYR D 165 -16.55 2.15 32.13
C TYR D 165 -15.72 2.89 31.04
N VAL D 166 -15.01 2.15 30.17
CA VAL D 166 -14.27 2.77 29.08
C VAL D 166 -15.16 3.74 28.21
N ARG D 167 -16.37 3.29 27.83
CA ARG D 167 -17.30 4.07 27.02
C ARG D 167 -17.80 5.32 27.75
N THR D 168 -18.01 5.20 29.09
CA THR D 168 -18.53 6.35 29.84
C THR D 168 -17.46 7.42 29.93
N ILE D 169 -16.16 7.04 30.12
CA ILE D 169 -15.10 8.07 30.14
C ILE D 169 -14.92 8.70 28.76
N GLY D 170 -15.10 7.91 27.70
CA GLY D 170 -15.06 8.39 26.32
C GLY D 170 -16.06 9.49 26.08
N ALA D 171 -17.29 9.31 26.59
CA ALA D 171 -18.37 10.26 26.52
C ALA D 171 -18.08 11.54 27.31
N GLU D 172 -17.37 11.40 28.43
CA GLU D 172 -16.98 12.53 29.27
C GLU D 172 -15.91 13.35 28.55
N CYS D 173 -14.94 12.68 27.91
CA CYS D 173 -13.86 13.36 27.18
C CYS D 173 -14.41 14.05 25.91
N ARG D 174 -15.44 13.47 25.29
CA ARG D 174 -16.07 14.11 24.14
C ARG D 174 -16.85 15.34 24.58
N ARG D 175 -17.47 15.28 25.76
CA ARG D 175 -18.24 16.36 26.32
C ARG D 175 -17.34 17.57 26.68
N HIS D 176 -16.15 17.34 27.25
CA HIS D 176 -15.23 18.42 27.58
C HIS D 176 -14.09 18.60 26.53
N ASP D 177 -14.23 17.95 25.35
CA ASP D 177 -13.33 18.00 24.19
C ASP D 177 -11.86 17.82 24.56
N ILE D 178 -11.54 16.78 25.31
CA ILE D 178 -10.16 16.57 25.79
C ILE D 178 -9.67 15.20 25.40
N PRO D 179 -8.41 15.05 24.96
CA PRO D 179 -7.93 13.71 24.56
C PRO D 179 -8.18 12.63 25.59
N TYR D 180 -8.60 11.45 25.10
CA TYR D 180 -8.84 10.28 25.90
C TYR D 180 -7.73 9.30 25.59
N VAL D 181 -6.89 9.09 26.57
CA VAL D 181 -5.76 8.18 26.47
C VAL D 181 -6.16 6.91 27.17
N LEU D 182 -6.24 5.80 26.42
CA LEU D 182 -6.64 4.54 27.02
C LEU D 182 -5.50 3.61 27.02
N GLU D 183 -5.15 3.13 28.18
CA GLU D 183 -4.13 2.13 28.34
C GLU D 183 -4.85 0.80 28.56
N LEU D 184 -4.45 -0.25 27.79
CA LEU D 184 -5.00 -1.59 27.97
C LEU D 184 -3.91 -2.51 28.49
N LEU D 185 -4.21 -3.34 29.48
CA LEU D 185 -3.24 -4.31 30.02
C LEU D 185 -3.92 -5.65 30.23
N VAL D 186 -3.27 -6.74 29.84
CA VAL D 186 -3.76 -8.06 30.16
C VAL D 186 -3.25 -8.44 31.58
N TYR D 187 -3.86 -9.45 32.20
CA TYR D 187 -3.53 -9.86 33.57
C TYR D 187 -3.88 -11.31 33.79
N PRO D 188 -3.32 -12.00 34.81
CA PRO D 188 -3.74 -13.38 35.07
C PRO D 188 -4.99 -13.43 35.96
N PHE D 189 -5.86 -14.40 35.72
CA PHE D 189 -7.06 -14.58 36.55
C PHE D 189 -6.62 -15.06 37.96
N PRO D 190 -7.41 -14.78 39.02
CA PRO D 190 -6.99 -15.20 40.37
C PRO D 190 -6.79 -16.72 40.49
N ASP D 191 -5.82 -17.14 41.33
CA ASP D 191 -5.47 -18.55 41.56
C ASP D 191 -4.98 -19.27 40.30
N GLU D 201 -1.03 -18.00 28.73
CA GLU D 201 -0.01 -19.03 28.98
C GLU D 201 1.12 -18.97 27.93
N SER D 202 0.79 -19.29 26.65
CA SER D 202 1.74 -19.24 25.53
C SER D 202 2.00 -17.78 25.09
N ALA D 203 3.03 -17.55 24.25
CA ALA D 203 3.25 -16.21 23.70
C ALA D 203 2.17 -15.88 22.65
N ASP D 204 1.70 -16.91 21.91
CA ASP D 204 0.61 -16.77 20.93
C ASP D 204 -0.73 -16.61 21.66
N LYS D 205 -0.91 -17.30 22.81
CA LYS D 205 -2.15 -17.17 23.58
C LYS D 205 -2.26 -15.74 24.11
N ARG D 206 -1.14 -15.16 24.58
CA ARG D 206 -1.03 -13.78 25.08
C ARG D 206 -1.21 -12.71 23.95
N ALA D 207 -0.64 -12.95 22.76
CA ALA D 207 -0.81 -12.04 21.63
C ALA D 207 -2.29 -11.96 21.25
N ASP D 208 -3.04 -13.09 21.31
CA ASP D 208 -4.47 -13.08 21.01
C ASP D 208 -5.26 -12.25 22.02
N LEU D 209 -4.91 -12.34 23.32
CA LEU D 209 -5.56 -11.55 24.36
C LEU D 209 -5.27 -10.07 24.15
N VAL D 210 -3.97 -9.71 23.90
CA VAL D 210 -3.55 -8.31 23.67
C VAL D 210 -4.21 -7.73 22.43
N ILE D 211 -4.01 -8.38 21.27
CA ILE D 211 -4.53 -7.90 19.99
C ILE D 211 -6.03 -7.73 20.02
N GLU D 212 -6.81 -8.76 20.42
CA GLU D 212 -8.27 -8.63 20.47
C GLU D 212 -8.75 -7.53 21.44
N SER D 213 -8.00 -7.26 22.52
CA SER D 213 -8.34 -6.16 23.43
C SER D 213 -8.26 -4.80 22.70
N VAL D 214 -7.20 -4.62 21.84
CA VAL D 214 -6.95 -3.43 21.01
C VAL D 214 -8.07 -3.27 19.98
N ARG D 215 -8.46 -4.39 19.36
CA ARG D 215 -9.52 -4.48 18.37
C ARG D 215 -10.82 -4.02 18.98
N GLU D 216 -11.10 -4.45 20.22
CA GLU D 216 -12.34 -4.04 20.87
C GLU D 216 -12.40 -2.55 21.17
N PHE D 217 -11.35 -1.98 21.81
CA PHE D 217 -11.45 -0.59 22.21
C PHE D 217 -11.11 0.41 21.11
N ALA D 218 -10.74 -0.06 19.88
CA ALA D 218 -10.52 0.82 18.70
C ALA D 218 -11.86 1.30 18.07
N LYS D 219 -12.98 0.65 18.45
CA LYS D 219 -14.34 0.93 18.00
C LYS D 219 -14.71 2.37 18.31
N PRO D 220 -15.38 3.04 17.35
CA PRO D 220 -15.69 4.47 17.55
C PRO D 220 -16.45 4.80 18.81
N GLU D 221 -17.36 3.92 19.27
CA GLU D 221 -18.15 4.18 20.47
C GLU D 221 -17.31 4.54 21.71
N TYR D 222 -16.06 4.03 21.84
CA TYR D 222 -15.24 4.32 23.02
C TYR D 222 -14.55 5.71 23.01
N GLY D 223 -14.51 6.36 21.86
CA GLY D 223 -13.92 7.70 21.76
C GLY D 223 -12.47 7.83 22.17
N VAL D 224 -11.66 6.79 21.93
CA VAL D 224 -10.24 6.81 22.28
C VAL D 224 -9.48 7.68 21.30
N ASP D 225 -8.63 8.57 21.79
CA ASP D 225 -7.84 9.46 20.96
C ASP D 225 -6.40 9.02 20.83
N LEU D 226 -5.85 8.34 21.87
CA LEU D 226 -4.47 7.85 21.92
C LEU D 226 -4.39 6.53 22.69
N TYR D 227 -3.60 5.58 22.19
CA TYR D 227 -3.43 4.30 22.85
C TYR D 227 -2.15 4.17 23.64
N LYS D 228 -2.21 3.48 24.79
CA LYS D 228 -1.01 3.17 25.55
C LYS D 228 -1.00 1.66 25.60
N LEU D 229 -0.20 1.04 24.73
CA LEU D 229 -0.22 -0.41 24.59
C LEU D 229 1.01 -1.14 25.05
N GLU D 230 0.79 -2.36 25.54
CA GLU D 230 1.87 -3.25 25.92
C GLU D 230 2.27 -4.06 24.68
N THR D 231 3.43 -4.71 24.74
CA THR D 231 3.91 -5.50 23.61
C THR D 231 3.06 -6.77 23.50
N PRO D 232 2.62 -7.19 22.28
CA PRO D 232 1.81 -8.42 22.18
C PRO D 232 2.62 -9.71 22.35
N LEU D 233 3.95 -9.61 22.19
CA LEU D 233 4.88 -10.71 22.38
C LEU D 233 5.86 -10.29 23.48
N PRO D 234 6.20 -11.20 24.41
CA PRO D 234 7.14 -10.84 25.49
C PRO D 234 8.46 -10.26 24.99
N ALA D 235 8.91 -9.18 25.62
CA ALA D 235 10.12 -8.45 25.25
C ALA D 235 11.37 -9.32 25.21
N ALA D 236 11.49 -10.26 26.16
CA ALA D 236 12.65 -11.17 26.25
C ALA D 236 12.70 -12.14 25.06
N SER D 237 11.53 -12.58 24.61
CA SER D 237 11.36 -13.52 23.50
C SER D 237 11.62 -12.90 22.12
N LEU D 238 11.63 -11.57 22.01
CA LEU D 238 11.83 -10.91 20.73
C LEU D 238 13.21 -11.11 20.15
N PRO D 239 13.29 -11.55 18.90
CA PRO D 239 14.61 -11.72 18.26
C PRO D 239 15.13 -10.41 17.67
N PRO D 240 16.40 -10.35 17.25
CA PRO D 240 16.91 -9.12 16.60
C PRO D 240 16.08 -8.70 15.38
N MET D 241 16.01 -7.39 15.10
CA MET D 241 15.23 -6.91 13.99
C MET D 241 15.99 -6.97 12.68
N ASP D 242 15.95 -8.15 12.06
CA ASP D 242 16.60 -8.46 10.78
C ASP D 242 15.58 -9.17 9.85
N ASP D 243 15.88 -9.31 8.53
CA ASP D 243 14.93 -10.03 7.65
C ASP D 243 15.18 -11.53 7.80
N SER D 244 14.72 -12.06 8.92
CA SER D 244 14.78 -13.46 9.30
C SER D 244 13.34 -13.95 9.50
N ALA D 245 13.13 -15.26 9.42
CA ALA D 245 11.80 -15.85 9.58
C ALA D 245 11.28 -15.59 10.99
N GLU D 246 12.11 -15.77 12.01
CA GLU D 246 11.73 -15.56 13.40
C GLU D 246 11.30 -14.08 13.61
N SER D 247 12.09 -13.13 13.09
CA SER D 247 11.76 -11.71 13.23
C SER D 247 10.49 -11.34 12.46
N ARG D 248 10.28 -11.96 11.32
CA ARG D 248 9.14 -11.72 10.46
C ARG D 248 7.84 -12.21 11.09
N ALA D 249 7.92 -13.33 11.85
CA ALA D 249 6.76 -13.89 12.55
C ALA D 249 6.37 -12.97 13.71
N ALA D 250 7.36 -12.42 14.44
CA ALA D 250 7.10 -11.50 15.54
C ALA D 250 6.54 -10.20 15.00
N ALA D 251 7.16 -9.64 13.96
CA ALA D 251 6.71 -8.39 13.36
C ALA D 251 5.25 -8.42 12.92
N ALA D 252 4.71 -9.62 12.63
CA ALA D 252 3.33 -9.79 12.19
C ALA D 252 2.32 -9.44 13.27
N GLN D 253 2.67 -9.68 14.54
CA GLN D 253 1.79 -9.33 15.64
C GLN D 253 1.74 -7.81 15.81
N PHE D 254 2.89 -7.12 15.63
CA PHE D 254 2.97 -5.67 15.73
C PHE D 254 2.24 -5.03 14.55
N ALA D 255 2.42 -5.60 13.34
CA ALA D 255 1.77 -5.13 12.13
C ALA D 255 0.23 -5.17 12.29
N GLU D 256 -0.29 -6.20 12.96
CA GLU D 256 -1.72 -6.31 13.22
C GLU D 256 -2.24 -5.17 14.12
N VAL D 257 -1.51 -4.83 15.20
CA VAL D 257 -1.81 -3.73 16.10
C VAL D 257 -1.75 -2.38 15.33
N GLY D 258 -0.73 -2.21 14.49
CA GLY D 258 -0.55 -0.98 13.73
C GLY D 258 -1.68 -0.73 12.76
N SER D 259 -2.14 -1.78 12.13
CA SER D 259 -3.25 -1.76 11.19
C SER D 259 -4.59 -1.47 11.90
N ILE D 260 -4.83 -2.08 13.09
CA ILE D 260 -6.07 -1.79 13.84
C ILE D 260 -6.11 -0.29 14.23
N CYS D 261 -4.96 0.25 14.68
CA CYS D 261 -4.87 1.64 15.12
C CYS D 261 -4.90 2.62 13.93
N ALA D 262 -4.28 2.26 12.79
CA ALA D 262 -4.28 3.10 11.58
C ALA D 262 -5.68 3.20 10.98
N ASP D 263 -6.46 2.09 10.97
CA ASP D 263 -7.85 2.07 10.46
C ASP D 263 -8.79 2.86 11.36
N ALA D 264 -8.57 2.80 12.69
CA ALA D 264 -9.37 3.63 13.62
C ALA D 264 -8.87 5.10 13.66
N GLY D 265 -7.66 5.36 13.14
CA GLY D 265 -7.03 6.66 13.12
C GLY D 265 -6.57 7.09 14.50
N ILE D 266 -6.05 6.15 15.30
CA ILE D 266 -5.61 6.39 16.67
C ILE D 266 -4.13 6.12 16.77
N PRO D 267 -3.30 7.11 17.14
CA PRO D 267 -1.88 6.84 17.33
C PRO D 267 -1.66 5.95 18.56
N TRP D 268 -0.58 5.18 18.56
CA TRP D 268 -0.27 4.29 19.69
C TRP D 268 1.14 4.48 20.23
N VAL D 269 1.24 4.59 21.53
CA VAL D 269 2.53 4.70 22.21
C VAL D 269 2.74 3.41 23.01
N LEU D 270 4.01 3.10 23.33
CA LEU D 270 4.27 1.85 24.04
C LEU D 270 4.71 2.03 25.47
N LEU D 271 4.02 1.35 26.38
CA LEU D 271 4.37 1.39 27.81
C LEU D 271 5.53 0.42 28.03
N SER D 272 6.51 0.81 28.85
CA SER D 272 7.71 0.02 29.10
C SER D 272 7.48 -1.35 29.79
N GLY D 273 6.60 -1.42 30.79
CA GLY D 273 6.35 -2.68 31.49
C GLY D 273 7.47 -3.19 32.39
N GLY D 274 8.49 -2.36 32.59
CA GLY D 274 9.62 -2.74 33.43
C GLY D 274 10.63 -3.62 32.74
N ALA D 275 10.54 -3.75 31.40
CA ALA D 275 11.52 -4.54 30.66
C ALA D 275 12.86 -3.78 30.66
N ALA D 276 13.97 -4.51 30.54
CA ALA D 276 15.32 -3.92 30.50
C ALA D 276 15.44 -2.88 29.40
N PRO D 277 16.31 -1.86 29.53
CA PRO D 277 16.43 -0.87 28.45
C PRO D 277 16.67 -1.47 27.07
N GLU D 278 17.53 -2.52 26.99
CA GLU D 278 17.81 -3.22 25.73
C GLU D 278 16.54 -3.81 25.15
N GLN D 279 15.77 -4.53 25.98
CA GLN D 279 14.51 -5.16 25.60
C GLN D 279 13.47 -4.13 25.16
N PHE D 280 13.24 -3.06 25.94
CA PHE D 280 12.25 -2.04 25.58
C PHE D 280 12.62 -1.32 24.27
N GLU D 281 13.91 -1.24 23.93
CA GLU D 281 14.35 -0.64 22.69
C GLU D 281 13.93 -1.53 21.51
N ARG D 282 14.02 -2.87 21.67
CA ARG D 282 13.62 -3.85 20.66
C ARG D 282 12.12 -3.84 20.47
N VAL D 283 11.33 -3.71 21.56
CA VAL D 283 9.87 -3.62 21.49
C VAL D 283 9.51 -2.37 20.67
N LEU D 284 10.20 -1.24 20.94
CA LEU D 284 9.99 0.00 20.23
C LEU D 284 10.42 -0.11 18.77
N SER D 285 11.47 -0.88 18.44
CA SER D 285 11.86 -1.05 17.04
C SER D 285 10.77 -1.77 16.22
N TYR D 286 10.23 -2.88 16.74
CA TYR D 286 9.13 -3.59 16.08
C TYR D 286 7.86 -2.74 16.04
N SER D 287 7.60 -1.99 17.12
CA SER D 287 6.41 -1.15 17.20
C SER D 287 6.47 0.01 16.22
N TYR D 288 7.63 0.71 16.14
CA TYR D 288 7.82 1.84 15.22
C TYR D 288 7.78 1.40 13.78
N ALA D 289 8.24 0.18 13.47
CA ALA D 289 8.18 -0.32 12.11
C ALA D 289 6.74 -0.55 11.68
N ALA D 290 5.81 -0.82 12.65
CA ALA D 290 4.38 -1.06 12.43
C ALA D 290 3.49 0.16 12.54
N GLY D 291 4.06 1.33 12.85
CA GLY D 291 3.28 2.55 12.91
C GLY D 291 3.20 3.30 14.24
N ALA D 292 3.70 2.70 15.33
CA ALA D 292 3.64 3.35 16.65
C ALA D 292 4.31 4.73 16.65
N GLN D 293 3.71 5.71 17.34
CA GLN D 293 4.22 7.08 17.29
C GLN D 293 5.01 7.52 18.52
N GLY D 294 5.34 6.59 19.41
CA GLY D 294 6.12 6.93 20.59
C GLY D 294 6.08 5.91 21.70
N PHE D 295 6.42 6.37 22.91
CA PHE D 295 6.48 5.54 24.12
C PHE D 295 5.92 6.26 25.34
N LEU D 296 5.75 5.51 26.41
CA LEU D 296 5.33 5.96 27.72
C LEU D 296 6.26 5.18 28.66
N ALA D 297 7.34 5.83 29.09
CA ALA D 297 8.33 5.18 29.94
C ALA D 297 7.99 5.33 31.42
N GLY D 298 7.79 4.20 32.08
CA GLY D 298 7.50 4.19 33.50
C GLY D 298 8.70 3.79 34.32
N ARG D 299 8.58 2.68 35.07
CA ARG D 299 9.65 2.14 35.92
C ARG D 299 10.98 1.98 35.22
N THR D 300 10.99 1.61 33.91
CA THR D 300 12.18 1.40 33.07
C THR D 300 13.21 2.57 33.16
N ILE D 301 12.77 3.78 33.53
CA ILE D 301 13.65 4.93 33.65
C ILE D 301 14.15 5.16 35.07
N TRP D 302 13.26 5.16 36.06
CA TRP D 302 13.61 5.58 37.41
C TRP D 302 13.50 4.56 38.55
N LEU D 303 13.02 3.34 38.31
CA LEU D 303 12.85 2.35 39.39
C LEU D 303 14.11 2.13 40.22
N ASP D 304 15.24 1.86 39.58
CA ASP D 304 16.49 1.64 40.30
C ASP D 304 17.02 2.91 40.94
N ALA D 305 16.83 4.05 40.27
CA ALA D 305 17.30 5.34 40.78
C ALA D 305 16.67 5.66 42.14
N VAL D 306 15.38 5.32 42.32
CA VAL D 306 14.67 5.58 43.58
C VAL D 306 14.98 4.48 44.61
N GLN D 307 14.74 3.20 44.24
CA GLN D 307 14.95 2.04 45.11
C GLN D 307 16.32 1.98 45.78
N ASN D 308 17.39 2.24 45.02
CA ASN D 308 18.74 2.12 45.53
C ASN D 308 19.26 3.34 46.28
N HIS D 309 18.53 4.49 46.29
CA HIS D 309 19.09 5.69 46.93
C HIS D 309 18.13 6.54 47.76
N PHE D 310 16.82 6.25 47.77
CA PHE D 310 15.88 7.04 48.59
C PHE D 310 16.10 6.75 50.09
N PRO D 311 16.06 7.75 51.02
CA PRO D 311 15.68 9.16 50.84
C PRO D 311 16.78 10.17 50.56
N ASP D 312 17.94 9.73 50.07
CA ASP D 312 19.03 10.65 49.76
C ASP D 312 18.66 11.39 48.50
N ARG D 313 18.28 12.67 48.63
CA ARG D 313 17.87 13.46 47.48
C ARG D 313 18.97 13.58 46.43
N GLU D 314 20.19 13.96 46.85
CA GLU D 314 21.28 14.13 45.91
C GLU D 314 21.72 12.83 45.27
N ALA D 315 21.58 11.69 45.97
CA ALA D 315 21.94 10.40 45.40
C ALA D 315 20.90 9.94 44.37
N VAL D 316 19.61 10.27 44.60
CA VAL D 316 18.54 9.92 43.66
C VAL D 316 18.71 10.75 42.38
N LEU D 317 19.04 12.05 42.52
CA LEU D 317 19.24 12.91 41.35
C LEU D 317 20.47 12.52 40.53
N THR D 318 21.49 11.93 41.17
CA THR D 318 22.70 11.50 40.47
C THR D 318 22.41 10.30 39.53
N ALA D 319 21.50 9.42 39.94
CA ALA D 319 21.10 8.27 39.13
C ALA D 319 20.06 8.68 38.08
N LEU D 320 19.16 9.62 38.43
CA LEU D 320 18.14 10.09 37.50
C LEU D 320 18.72 10.94 36.39
N LYS D 321 19.65 11.84 36.70
CA LYS D 321 20.33 12.65 35.70
C LYS D 321 21.42 11.85 34.96
N GLY D 322 21.96 10.82 35.62
CA GLY D 322 22.97 9.97 35.02
C GLY D 322 22.36 8.90 34.16
N ASP D 323 22.19 7.69 34.73
CA ASP D 323 21.69 6.45 34.12
C ASP D 323 20.23 6.49 33.60
N GLY D 324 19.32 7.02 34.41
CA GLY D 324 17.91 7.09 34.03
C GLY D 324 17.67 8.02 32.85
N MET D 325 18.34 9.19 32.86
CA MET D 325 18.25 10.13 31.76
C MET D 325 18.90 9.58 30.50
N LYS D 326 19.90 8.68 30.64
CA LYS D 326 20.56 8.05 29.50
C LYS D 326 19.54 7.23 28.73
N ILE D 327 18.74 6.41 29.47
CA ILE D 327 17.69 5.59 28.89
C ILE D 327 16.68 6.49 28.16
N LEU D 328 16.19 7.53 28.82
CA LEU D 328 15.25 8.47 28.23
C LEU D 328 15.76 9.10 26.93
N LYS D 329 17.01 9.61 26.92
CA LYS D 329 17.65 10.22 25.75
C LYS D 329 17.89 9.20 24.62
N ASP D 330 18.23 7.95 24.96
CA ASP D 330 18.43 6.87 23.99
C ASP D 330 17.09 6.50 23.33
N LEU D 331 16.00 6.44 24.11
CA LEU D 331 14.67 6.11 23.59
C LEU D 331 14.15 7.22 22.67
N GLY D 332 14.40 8.48 23.06
CA GLY D 332 14.04 9.62 22.24
C GLY D 332 14.79 9.64 20.93
N ARG D 333 16.02 9.08 20.91
CA ARG D 333 16.84 8.99 19.70
C ARG D 333 16.25 7.97 18.73
N LEU D 334 15.89 6.80 19.26
CA LEU D 334 15.24 5.77 18.45
C LEU D 334 13.88 6.27 17.95
N THR D 335 13.17 7.08 18.76
CA THR D 335 11.87 7.63 18.41
C THR D 335 11.99 8.63 17.29
N ARG D 336 12.96 9.53 17.41
CA ARG D 336 13.24 10.57 16.42
C ARG D 336 13.68 9.96 15.06
N GLU D 337 14.47 8.91 15.12
CA GLU D 337 14.97 8.25 13.93
C GLU D 337 13.96 7.30 13.26
N LYS D 338 13.22 6.52 14.04
CA LYS D 338 12.37 5.48 13.48
C LYS D 338 10.87 5.66 13.61
N ALA D 339 10.38 6.48 14.55
CA ALA D 339 8.94 6.63 14.69
C ALA D 339 8.34 7.61 13.68
N GLN D 340 7.23 7.24 13.09
CA GLN D 340 6.52 8.09 12.15
C GLN D 340 5.92 9.27 12.92
N PRO D 341 6.12 10.50 12.45
CA PRO D 341 5.61 11.66 13.18
C PRO D 341 4.10 11.69 13.24
N TRP D 342 3.53 12.08 14.38
CA TRP D 342 2.09 12.24 14.49
C TRP D 342 1.80 13.65 14.01
N LYS D 343 0.76 13.79 13.23
CA LYS D 343 0.35 15.08 12.66
C LYS D 343 -1.13 15.24 12.98
N PRO D 344 -1.53 16.43 13.43
CA PRO D 344 -2.95 16.66 13.72
C PRO D 344 -3.79 16.75 12.45
N ASP D 345 -5.07 16.40 12.59
CA ASP D 345 -6.02 16.52 11.52
C ASP D 345 -7.15 17.42 12.03
N PHE D 346 -7.04 18.72 11.72
CA PHE D 346 -8.10 19.63 12.07
C PHE D 346 -9.02 19.61 10.87
N ARG D 347 -9.83 18.54 10.79
CA ARG D 347 -10.79 18.37 9.70
C ARG D 347 -12.00 19.18 10.11
N LEU D 348 -11.82 20.49 10.09
CA LEU D 348 -12.85 21.43 10.47
C LEU D 348 -13.90 21.54 9.40
N GLU D 349 -15.15 21.72 9.82
CA GLU D 349 -16.24 21.95 8.90
C GLU D 349 -16.06 23.36 8.29
N GLN D 350 -16.61 23.58 7.09
CA GLN D 350 -16.49 24.88 6.45
C GLN D 350 -17.41 25.92 7.09
N VAL D 351 -16.76 26.91 7.67
CA VAL D 351 -17.42 28.06 8.26
C VAL D 351 -17.23 29.16 7.21
N ASP D 352 -18.32 29.77 6.76
CA ASP D 352 -18.26 30.85 5.78
C ASP D 352 -19.02 32.11 6.21
N ARG D 353 -19.24 32.27 7.51
CA ARG D 353 -19.99 33.38 8.05
C ARG D 353 -19.42 33.72 9.44
N GLU D 354 -19.46 35.01 9.83
CA GLU D 354 -19.02 35.41 11.17
C GLU D 354 -20.09 34.97 12.15
N GLY D 355 -19.71 34.13 13.07
CA GLY D 355 -20.63 33.65 14.09
C GLY D 355 -20.92 32.17 14.01
N ALA D 356 -20.65 31.54 12.85
CA ALA D 356 -20.90 30.14 12.63
C ALA D 356 -19.96 29.25 13.43
N PHE D 357 -18.73 29.70 13.68
CA PHE D 357 -17.78 28.91 14.46
C PHE D 357 -18.29 28.77 15.90
N SER D 358 -18.69 29.89 16.53
CA SER D 358 -19.22 29.89 17.89
C SER D 358 -20.49 29.04 17.99
N CYS D 359 -21.33 29.09 16.96
CA CYS D 359 -22.57 28.29 16.94
C CYS D 359 -22.25 26.80 16.76
N ALA D 360 -21.27 26.46 15.90
CA ALA D 360 -20.88 25.07 15.61
C ALA D 360 -20.07 24.41 16.71
N TYR D 361 -19.38 25.20 17.53
CA TYR D 361 -18.63 24.64 18.65
C TYR D 361 -19.55 24.58 19.87
N ALA D 362 -20.48 23.63 19.87
CA ALA D 362 -21.43 23.45 20.97
C ALA D 362 -21.52 21.97 21.43
N SER E 20 11.03 -35.60 -35.72
CA SER E 20 9.68 -35.77 -36.24
C SER E 20 8.58 -35.54 -35.16
N ILE E 21 8.95 -35.53 -33.85
CA ILE E 21 7.98 -35.31 -32.76
C ILE E 21 7.34 -33.92 -32.84
N GLY E 22 8.16 -32.89 -32.96
CA GLY E 22 7.71 -31.52 -33.07
C GLY E 22 6.81 -31.28 -34.25
N LYS E 23 7.01 -32.02 -35.34
CA LYS E 23 6.15 -31.88 -36.50
C LYS E 23 4.76 -32.43 -36.17
N GLN E 24 4.69 -33.58 -35.52
CA GLN E 24 3.42 -34.21 -35.19
C GLN E 24 2.63 -33.46 -34.13
N ARG E 25 3.34 -32.98 -33.11
CA ARG E 25 2.71 -32.22 -32.04
C ARG E 25 2.27 -30.83 -32.57
N GLY E 26 3.04 -30.26 -33.49
CA GLY E 26 2.71 -28.98 -34.09
C GLY E 26 1.44 -29.09 -34.90
N LEU E 27 1.26 -30.22 -35.63
CA LEU E 27 0.05 -30.45 -36.40
C LEU E 27 -1.15 -30.70 -35.49
N ALA E 28 -0.95 -31.40 -34.39
CA ALA E 28 -1.98 -31.63 -33.38
C ALA E 28 -2.47 -30.33 -32.80
N ARG E 29 -1.57 -29.36 -32.60
CA ARG E 29 -1.93 -28.04 -32.08
C ARG E 29 -2.65 -27.14 -33.07
N LEU E 30 -2.57 -27.44 -34.37
CA LEU E 30 -3.31 -26.69 -35.38
C LEU E 30 -4.73 -27.29 -35.55
N ALA E 31 -4.99 -28.52 -35.07
CA ALA E 31 -6.29 -29.16 -35.22
C ALA E 31 -7.13 -29.13 -33.92
N ASP E 32 -8.46 -29.36 -34.01
CA ASP E 32 -9.31 -29.37 -32.82
C ASP E 32 -9.16 -30.71 -32.04
N GLU E 33 -9.91 -30.88 -30.94
CA GLU E 33 -9.82 -32.08 -30.12
C GLU E 33 -10.09 -33.36 -30.93
N ASP E 34 -10.93 -33.26 -31.98
CA ASP E 34 -11.27 -34.42 -32.80
C ASP E 34 -10.50 -34.53 -34.13
N GLY E 35 -9.34 -33.87 -34.20
CA GLY E 35 -8.48 -33.91 -35.37
C GLY E 35 -8.92 -33.11 -36.58
N HIS E 36 -9.87 -32.17 -36.41
CA HIS E 36 -10.33 -31.35 -37.53
C HIS E 36 -9.60 -30.02 -37.66
N PHE E 37 -9.29 -29.61 -38.89
CA PHE E 37 -8.62 -28.34 -39.11
C PHE E 37 -9.63 -27.26 -39.45
N THR E 38 -10.07 -26.46 -38.46
CA THR E 38 -11.02 -25.37 -38.73
C THR E 38 -10.27 -24.06 -38.52
N MET E 39 -9.39 -23.75 -39.48
CA MET E 39 -8.46 -22.63 -39.43
C MET E 39 -8.92 -21.33 -40.14
N VAL E 40 -8.54 -20.20 -39.53
CA VAL E 40 -8.84 -18.85 -40.00
C VAL E 40 -7.55 -18.13 -40.42
N ALA E 41 -7.54 -17.55 -41.62
CA ALA E 41 -6.36 -16.88 -42.11
C ALA E 41 -6.53 -15.37 -42.03
N LEU E 42 -5.67 -14.73 -41.27
CA LEU E 42 -5.68 -13.29 -41.13
C LEU E 42 -4.28 -12.71 -41.28
N ASP E 43 -3.53 -13.27 -42.24
CA ASP E 43 -2.19 -12.85 -42.63
C ASP E 43 -2.20 -12.06 -43.93
N GLN E 44 -3.39 -11.63 -44.41
CA GLN E 44 -3.55 -10.92 -45.68
C GLN E 44 -2.81 -9.62 -45.65
N ARG E 45 -2.05 -9.36 -46.72
CA ARG E 45 -1.33 -8.11 -46.80
C ARG E 45 -1.96 -7.29 -47.96
N PRO E 46 -1.72 -7.56 -49.27
CA PRO E 46 -2.46 -6.80 -50.31
C PRO E 46 -3.97 -6.98 -50.21
N PRO E 47 -4.58 -8.20 -50.13
CA PRO E 47 -6.06 -8.26 -50.03
C PRO E 47 -6.67 -7.45 -48.89
N LEU E 48 -6.02 -7.41 -47.71
CA LEU E 48 -6.56 -6.62 -46.60
C LEU E 48 -6.31 -5.12 -46.78
N LEU E 49 -5.23 -4.76 -47.48
CA LEU E 49 -4.90 -3.36 -47.77
C LEU E 49 -6.00 -2.75 -48.65
N GLN E 50 -6.38 -3.46 -49.74
CA GLN E 50 -7.42 -3.08 -50.70
C GLN E 50 -8.79 -2.93 -50.00
N ALA E 51 -9.07 -3.78 -49.01
CA ALA E 51 -10.30 -3.71 -48.24
C ALA E 51 -10.35 -2.44 -47.41
N LEU E 52 -9.23 -2.05 -46.79
CA LEU E 52 -9.18 -0.84 -45.99
C LEU E 52 -9.13 0.42 -46.85
N ALA E 53 -8.53 0.32 -48.05
CA ALA E 53 -8.46 1.45 -48.99
C ALA E 53 -9.86 1.78 -49.52
N LYS E 54 -10.67 0.74 -49.78
CA LYS E 54 -12.04 0.87 -50.24
C LYS E 54 -12.91 1.41 -49.10
N ALA E 55 -12.68 0.94 -47.86
CA ALA E 55 -13.44 1.41 -46.69
C ALA E 55 -13.15 2.88 -46.35
N ARG E 56 -11.96 3.39 -46.69
CA ARG E 56 -11.57 4.77 -46.43
C ARG E 56 -11.67 5.70 -47.66
N GLY E 57 -11.87 5.13 -48.85
CA GLY E 57 -11.96 5.91 -50.07
C GLY E 57 -10.61 6.23 -50.67
N ILE E 58 -9.61 6.43 -49.82
CA ILE E 58 -8.23 6.72 -50.21
C ILE E 58 -7.61 5.54 -50.98
N PRO E 59 -6.55 5.78 -51.78
CA PRO E 59 -5.92 4.66 -52.52
C PRO E 59 -5.23 3.63 -51.61
N ALA E 60 -4.74 2.53 -52.21
CA ALA E 60 -4.02 1.50 -51.45
C ALA E 60 -2.72 2.08 -50.90
N ASP E 61 -2.04 2.96 -51.69
CA ASP E 61 -0.80 3.64 -51.29
C ASP E 61 -0.97 4.64 -50.15
N GLN E 62 -2.21 4.91 -49.71
CA GLN E 62 -2.46 5.86 -48.64
C GLN E 62 -2.88 5.22 -47.31
N VAL E 63 -3.15 3.90 -47.29
CA VAL E 63 -3.57 3.19 -46.08
C VAL E 63 -2.48 3.20 -45.00
N GLU E 64 -2.82 3.70 -43.81
CA GLU E 64 -1.88 3.80 -42.70
C GLU E 64 -1.53 2.42 -42.10
N PHE E 65 -0.43 2.36 -41.34
CA PHE E 65 -0.02 1.12 -40.68
C PHE E 65 -0.96 0.78 -39.52
N ALA E 66 -1.43 1.81 -38.78
CA ALA E 66 -2.32 1.65 -37.64
C ALA E 66 -3.65 1.01 -38.02
N ASP E 67 -4.13 1.28 -39.23
CA ASP E 67 -5.38 0.72 -39.76
C ASP E 67 -5.25 -0.79 -40.00
N MET E 68 -4.06 -1.21 -40.45
CA MET E 68 -3.73 -2.62 -40.68
C MET E 68 -3.67 -3.35 -39.33
N LEU E 69 -3.12 -2.72 -38.29
CA LEU E 69 -3.05 -3.34 -36.97
C LEU E 69 -4.41 -3.49 -36.32
N ALA E 70 -5.22 -2.41 -36.32
CA ALA E 70 -6.54 -2.43 -35.70
C ALA E 70 -7.44 -3.49 -36.33
N ALA E 71 -7.42 -3.61 -37.66
CA ALA E 71 -8.25 -4.59 -38.36
C ALA E 71 -7.86 -6.02 -38.01
N LYS E 72 -6.54 -6.32 -37.98
CA LYS E 72 -6.08 -7.66 -37.63
C LYS E 72 -6.34 -8.00 -36.17
N ARG E 73 -6.35 -7.00 -35.28
CA ARG E 73 -6.66 -7.18 -33.85
C ARG E 73 -8.15 -7.53 -33.64
N LEU E 74 -9.03 -6.97 -34.50
CA LEU E 74 -10.47 -7.22 -34.43
C LEU E 74 -10.77 -8.65 -34.85
N LEU E 75 -10.10 -9.13 -35.90
CA LEU E 75 -10.33 -10.48 -36.39
C LEU E 75 -9.90 -11.50 -35.35
N VAL E 76 -8.80 -11.26 -34.64
CA VAL E 76 -8.32 -12.18 -33.62
C VAL E 76 -9.23 -12.18 -32.39
N GLU E 77 -9.72 -11.01 -31.95
CA GLU E 77 -10.64 -10.94 -30.82
C GLU E 77 -11.98 -11.62 -31.17
N ALA E 78 -12.46 -11.39 -32.40
CA ALA E 78 -13.74 -11.94 -32.84
C ALA E 78 -13.76 -13.43 -33.19
N LEU E 79 -12.75 -13.92 -33.92
CA LEU E 79 -12.76 -15.29 -34.45
C LEU E 79 -11.89 -16.35 -33.74
N ALA E 80 -10.89 -15.95 -32.96
CA ALA E 80 -9.96 -16.91 -32.35
C ALA E 80 -10.59 -18.04 -31.57
N HIS E 81 -11.67 -17.73 -30.85
CA HIS E 81 -12.34 -18.73 -30.04
C HIS E 81 -13.08 -19.77 -30.88
N ASP E 82 -13.42 -19.43 -32.15
CA ASP E 82 -14.08 -20.39 -33.03
C ASP E 82 -13.18 -20.95 -34.13
N ALA E 83 -11.87 -20.89 -33.93
CA ALA E 83 -10.89 -21.42 -34.86
C ALA E 83 -10.00 -22.37 -34.08
N SER E 84 -9.69 -23.53 -34.66
CA SER E 84 -8.76 -24.47 -34.01
C SER E 84 -7.32 -23.88 -34.02
N SER E 85 -7.00 -23.09 -35.05
CA SER E 85 -5.74 -22.42 -35.22
C SER E 85 -5.91 -21.22 -36.17
N MET E 86 -4.98 -20.25 -36.10
CA MET E 86 -5.04 -19.08 -36.96
C MET E 86 -3.69 -18.86 -37.62
N LEU E 87 -3.70 -18.18 -38.78
CA LEU E 87 -2.52 -17.88 -39.56
C LEU E 87 -2.24 -16.38 -39.48
N LEU E 88 -1.13 -16.00 -38.85
CA LEU E 88 -0.79 -14.60 -38.65
C LEU E 88 0.51 -14.27 -39.40
N ASP E 89 0.65 -13.03 -39.83
CA ASP E 89 1.87 -12.61 -40.48
C ASP E 89 2.75 -11.85 -39.47
N PRO E 90 4.07 -11.86 -39.67
CA PRO E 90 4.96 -11.24 -38.69
C PRO E 90 4.88 -9.73 -38.55
N ASN E 91 4.84 -9.01 -39.67
CA ASN E 91 4.89 -7.56 -39.65
C ASN E 91 3.61 -6.88 -39.24
N PHE E 92 2.47 -7.47 -39.59
CA PHE E 92 1.19 -6.86 -39.22
C PHE E 92 0.43 -7.58 -38.10
N ALA E 93 -0.07 -8.81 -38.30
CA ALA E 93 -0.89 -9.48 -37.28
C ALA E 93 -0.15 -9.85 -35.99
N MET E 94 1.18 -10.09 -36.05
CA MET E 94 1.93 -10.42 -34.84
C MET E 94 1.97 -9.20 -33.84
N PRO E 95 2.50 -7.99 -34.16
CA PRO E 95 2.45 -6.90 -33.17
C PRO E 95 1.05 -6.39 -32.85
N ALA E 96 0.10 -6.63 -33.75
CA ALA E 96 -1.27 -6.18 -33.54
C ALA E 96 -2.05 -7.04 -32.59
N ALA E 97 -1.87 -8.37 -32.63
CA ALA E 97 -2.75 -9.22 -31.84
C ALA E 97 -2.15 -10.39 -31.10
N ILE E 98 -0.82 -10.57 -31.06
CA ILE E 98 -0.26 -11.74 -30.35
C ILE E 98 -0.73 -11.83 -28.86
N ASP E 99 -0.98 -10.68 -28.22
CA ASP E 99 -1.46 -10.58 -26.84
C ASP E 99 -2.92 -11.00 -26.65
N VAL E 100 -3.72 -10.97 -27.74
CA VAL E 100 -5.12 -11.38 -27.66
C VAL E 100 -5.37 -12.75 -28.35
N LEU E 101 -4.31 -13.39 -28.92
CA LEU E 101 -4.41 -14.73 -29.50
C LEU E 101 -4.43 -15.72 -28.32
N PRO E 102 -5.50 -16.51 -28.18
CA PRO E 102 -5.60 -17.46 -27.07
C PRO E 102 -4.51 -18.52 -27.09
N ALA E 103 -4.09 -18.96 -25.89
CA ALA E 103 -3.03 -19.94 -25.68
C ALA E 103 -3.36 -21.27 -26.37
N ARG E 104 -4.63 -21.67 -26.35
CA ARG E 104 -5.06 -22.92 -26.96
C ARG E 104 -5.35 -22.83 -28.46
N THR E 105 -5.25 -21.64 -29.08
CA THR E 105 -5.44 -21.52 -30.53
C THR E 105 -4.07 -21.67 -31.19
N GLY E 106 -3.94 -22.61 -32.12
CA GLY E 106 -2.67 -22.84 -32.79
C GLY E 106 -2.20 -21.64 -33.56
N LEU E 107 -0.92 -21.33 -33.50
CA LEU E 107 -0.40 -20.18 -34.21
C LEU E 107 0.42 -20.65 -35.39
N ILE E 108 -0.03 -20.31 -36.58
CA ILE E 108 0.69 -20.61 -37.82
C ILE E 108 1.26 -19.25 -38.23
N VAL E 109 2.56 -19.20 -38.58
CA VAL E 109 3.16 -17.92 -38.92
C VAL E 109 3.62 -17.91 -40.35
N THR E 110 3.20 -16.88 -41.09
CA THR E 110 3.56 -16.68 -42.48
C THR E 110 5.06 -16.47 -42.64
N LEU E 111 5.61 -16.82 -43.82
CA LEU E 111 7.01 -16.67 -44.10
C LEU E 111 7.24 -16.07 -45.46
N GLU E 112 6.40 -16.37 -46.46
CA GLU E 112 6.60 -15.81 -47.80
C GLU E 112 6.30 -14.30 -47.85
N GLU E 113 7.12 -13.57 -48.58
CA GLU E 113 6.97 -12.14 -48.81
C GLU E 113 5.79 -11.96 -49.80
N HIS E 114 4.81 -11.12 -49.45
CA HIS E 114 3.67 -10.87 -50.34
C HIS E 114 4.09 -10.21 -51.66
N ARG E 115 5.19 -9.45 -51.66
CA ARG E 115 5.69 -8.83 -52.89
C ARG E 115 6.54 -9.79 -53.76
N PHE E 116 5.89 -10.73 -54.41
CA PHE E 116 6.57 -11.67 -55.30
C PHE E 116 7.16 -10.96 -56.53
N GLN E 117 8.13 -11.60 -57.20
CA GLN E 117 8.69 -11.06 -58.42
C GLN E 117 7.82 -11.57 -59.59
N ASP E 118 7.13 -10.66 -60.31
CA ASP E 118 6.22 -11.06 -61.39
C ASP E 118 6.91 -11.04 -62.75
N THR E 119 7.71 -12.08 -63.04
CA THR E 119 8.44 -12.14 -64.31
C THR E 119 7.55 -12.62 -65.47
N PRO E 120 7.99 -12.42 -66.74
CA PRO E 120 7.17 -12.90 -67.87
C PRO E 120 7.05 -14.42 -67.91
N GLY E 121 8.10 -15.10 -67.46
CA GLY E 121 8.09 -16.56 -67.39
C GLY E 121 7.40 -17.14 -66.16
N GLY E 122 6.97 -16.29 -65.22
CA GLY E 122 6.30 -16.71 -64.00
C GLY E 122 6.70 -15.97 -62.74
N ARG E 123 6.06 -16.31 -61.61
CA ARG E 123 6.30 -15.65 -60.32
C ARG E 123 7.39 -16.29 -59.45
N LYS E 124 8.30 -15.46 -58.92
CA LYS E 124 9.40 -15.87 -58.06
C LYS E 124 9.11 -15.50 -56.61
N SER E 125 9.26 -16.44 -55.68
CA SER E 125 8.95 -16.23 -54.28
C SER E 125 10.20 -16.10 -53.42
N ARG E 126 10.06 -15.41 -52.29
CA ARG E 126 11.11 -15.23 -51.29
C ARG E 126 10.49 -15.05 -49.90
N SER E 127 11.26 -15.25 -48.85
CA SER E 127 10.77 -15.07 -47.48
C SER E 127 10.71 -13.59 -47.12
N ILE E 128 9.93 -13.26 -46.09
CA ILE E 128 9.83 -11.90 -45.56
C ILE E 128 11.18 -11.51 -45.00
N ASP E 129 11.65 -10.30 -45.34
CA ASP E 129 12.94 -9.80 -44.88
C ASP E 129 13.05 -9.83 -43.35
N ASN E 130 14.20 -10.27 -42.85
CA ASN E 130 14.50 -10.32 -41.42
C ASN E 130 13.57 -11.22 -40.60
N TRP E 131 12.80 -12.10 -41.27
CA TRP E 131 11.97 -13.10 -40.59
C TRP E 131 12.45 -14.50 -41.03
N SER E 132 12.20 -15.54 -40.20
CA SER E 132 12.69 -16.88 -40.53
C SER E 132 11.93 -18.02 -39.85
N VAL E 133 12.19 -19.27 -40.27
CA VAL E 133 11.64 -20.45 -39.58
C VAL E 133 12.19 -20.49 -38.13
N GLU E 134 13.48 -20.11 -37.95
CA GLU E 134 14.15 -20.03 -36.67
C GLU E 134 13.40 -19.08 -35.72
N LYS E 135 12.93 -17.93 -36.24
CA LYS E 135 12.18 -16.98 -35.43
C LYS E 135 10.79 -17.47 -35.09
N ILE E 136 10.13 -18.18 -36.02
CA ILE E 136 8.81 -18.76 -35.80
C ILE E 136 8.84 -19.77 -34.64
N ARG E 137 9.91 -20.59 -34.57
CA ARG E 137 10.10 -21.52 -33.47
C ARG E 137 10.31 -20.74 -32.18
N ARG E 138 11.19 -19.73 -32.22
CA ARG E 138 11.53 -18.87 -31.08
C ARG E 138 10.33 -18.13 -30.47
N VAL E 139 9.43 -17.52 -31.29
CA VAL E 139 8.21 -16.84 -30.78
C VAL E 139 7.19 -17.80 -30.15
N GLY E 140 7.33 -19.10 -30.37
CA GLY E 140 6.36 -20.05 -29.88
C GLY E 140 5.26 -20.35 -30.90
N GLY E 141 5.60 -20.22 -32.18
CA GLY E 141 4.68 -20.55 -33.27
C GLY E 141 4.64 -22.05 -33.46
N ASP E 142 3.46 -22.60 -33.80
CA ASP E 142 3.23 -24.03 -33.96
C ASP E 142 3.53 -24.56 -35.35
N ALA E 143 3.59 -23.66 -36.36
CA ALA E 143 3.83 -24.05 -37.76
C ALA E 143 4.34 -22.88 -38.58
N VAL E 144 5.05 -23.18 -39.67
CA VAL E 144 5.53 -22.20 -40.62
C VAL E 144 4.60 -22.33 -41.84
N LYS E 145 4.22 -21.19 -42.47
CA LYS E 145 3.38 -21.23 -43.67
C LYS E 145 4.07 -20.53 -44.81
N VAL E 146 4.18 -21.20 -45.95
CA VAL E 146 4.72 -20.57 -47.15
C VAL E 146 3.69 -20.73 -48.28
N LEU E 147 3.43 -19.64 -49.01
CA LEU E 147 2.59 -19.67 -50.19
C LEU E 147 3.59 -19.65 -51.36
N ALA E 148 3.49 -20.61 -52.27
CA ALA E 148 4.39 -20.65 -53.40
C ALA E 148 3.54 -20.57 -54.66
N TRP E 149 3.62 -19.44 -55.41
CA TRP E 149 2.89 -19.25 -56.67
C TRP E 149 3.38 -20.31 -57.65
N TYR E 150 2.49 -21.16 -58.16
CA TYR E 150 2.95 -22.24 -59.03
C TYR E 150 2.01 -22.62 -60.17
N ARG E 151 2.63 -22.93 -61.32
CA ARG E 151 2.06 -23.40 -62.58
C ARG E 151 3.08 -24.37 -63.14
N PRO E 152 2.72 -25.59 -63.55
CA PRO E 152 3.72 -26.49 -64.13
C PRO E 152 4.24 -26.06 -65.52
N ASP E 153 3.53 -25.15 -66.20
CA ASP E 153 3.90 -24.67 -67.54
C ASP E 153 4.70 -23.37 -67.57
N ALA E 154 5.16 -22.88 -66.41
CA ALA E 154 6.02 -21.70 -66.35
C ALA E 154 7.44 -22.04 -66.92
N SER E 155 8.30 -21.03 -67.15
CA SER E 155 9.65 -21.30 -67.67
C SER E 155 10.51 -22.08 -66.67
N ASP E 156 11.57 -22.74 -67.17
CA ASP E 156 12.50 -23.51 -66.34
C ASP E 156 13.15 -22.67 -65.24
N GLU E 157 13.46 -21.39 -65.54
CA GLU E 157 14.07 -20.48 -64.58
C GLU E 157 13.12 -20.23 -63.41
N VAL E 158 11.82 -20.13 -63.67
CA VAL E 158 10.80 -19.91 -62.65
C VAL E 158 10.49 -21.20 -61.87
N LEU E 159 10.35 -22.33 -62.59
CA LEU E 159 10.10 -23.65 -62.00
C LEU E 159 11.23 -24.01 -61.04
N GLN E 160 12.49 -23.84 -61.48
CA GLN E 160 13.67 -24.15 -60.68
C GLN E 160 13.73 -23.29 -59.42
N HIS E 161 13.40 -22.00 -59.55
CA HIS E 161 13.44 -21.06 -58.45
C HIS E 161 12.41 -21.46 -57.39
N GLN E 162 11.14 -21.67 -57.80
CA GLN E 162 10.07 -22.06 -56.88
C GLN E 162 10.39 -23.39 -56.22
N LYS E 163 10.90 -24.35 -57.02
CA LYS E 163 11.32 -25.65 -56.47
C LYS E 163 12.38 -25.48 -55.38
N ASP E 164 13.47 -24.72 -55.65
CA ASP E 164 14.56 -24.47 -54.69
C ASP E 164 14.13 -23.71 -53.46
N TYR E 165 13.23 -22.72 -53.61
CA TYR E 165 12.73 -21.98 -52.48
C TYR E 165 11.88 -22.89 -51.57
N VAL E 166 10.91 -23.64 -52.15
CA VAL E 166 10.09 -24.56 -51.37
C VAL E 166 10.97 -25.61 -50.62
N ARG E 167 11.95 -26.18 -51.31
CA ARG E 167 12.85 -27.20 -50.76
C ARG E 167 13.71 -26.69 -49.58
N THR E 168 14.29 -25.48 -49.71
CA THR E 168 15.13 -24.91 -48.66
C THR E 168 14.28 -24.61 -47.40
N ILE E 169 13.00 -24.16 -47.55
CA ILE E 169 12.13 -23.97 -46.37
C ILE E 169 11.75 -25.31 -45.72
N GLY E 170 11.61 -26.36 -46.52
CA GLY E 170 11.37 -27.70 -46.01
C GLY E 170 12.53 -28.18 -45.16
N ALA E 171 13.75 -27.86 -45.57
CA ALA E 171 14.97 -28.20 -44.86
C ALA E 171 15.08 -27.39 -43.56
N GLU E 172 14.62 -26.12 -43.57
CA GLU E 172 14.59 -25.26 -42.38
C GLU E 172 13.63 -25.86 -41.39
N CYS E 173 12.41 -26.25 -41.84
CA CYS E 173 11.38 -26.82 -40.97
C CYS E 173 11.79 -28.18 -40.42
N ARG E 174 12.60 -28.94 -41.16
CA ARG E 174 13.11 -30.22 -40.69
C ARG E 174 14.16 -29.97 -39.63
N ARG E 175 15.04 -29.00 -39.86
CA ARG E 175 16.06 -28.60 -38.91
C ARG E 175 15.43 -28.14 -37.59
N HIS E 176 14.44 -27.28 -37.63
CA HIS E 176 13.79 -26.79 -36.41
C HIS E 176 12.58 -27.62 -35.98
N ASP E 177 12.38 -28.81 -36.60
CA ASP E 177 11.32 -29.79 -36.33
C ASP E 177 9.97 -29.12 -36.12
N ILE E 178 9.53 -28.33 -37.09
CA ILE E 178 8.30 -27.55 -36.98
C ILE E 178 7.44 -27.80 -38.21
N PRO E 179 6.12 -27.98 -38.06
CA PRO E 179 5.26 -28.21 -39.23
C PRO E 179 5.45 -27.20 -40.35
N TYR E 180 5.55 -27.70 -41.58
CA TYR E 180 5.72 -26.93 -42.80
C TYR E 180 4.41 -26.99 -43.54
N VAL E 181 3.66 -25.91 -43.47
CA VAL E 181 2.36 -25.81 -44.11
C VAL E 181 2.62 -25.17 -45.45
N LEU E 182 2.37 -25.88 -46.56
CA LEU E 182 2.61 -25.28 -47.89
C LEU E 182 1.30 -25.00 -48.60
N GLU E 183 1.12 -23.75 -48.98
CA GLU E 183 -0.03 -23.33 -49.74
C GLU E 183 0.38 -23.21 -51.22
N LEU E 184 -0.39 -23.84 -52.11
CA LEU E 184 -0.11 -23.76 -53.56
C LEU E 184 -1.20 -22.97 -54.25
N LEU E 185 -0.83 -22.05 -55.15
CA LEU E 185 -1.80 -21.23 -55.89
C LEU E 185 -1.42 -21.07 -57.35
N VAL E 186 -2.35 -21.34 -58.27
CA VAL E 186 -2.12 -21.07 -59.69
C VAL E 186 -2.41 -19.57 -59.95
N TYR E 187 -1.86 -19.02 -61.03
CA TYR E 187 -1.99 -17.59 -61.33
C TYR E 187 -1.90 -17.34 -62.86
N PRO E 188 -2.37 -16.16 -63.35
CA PRO E 188 -2.22 -15.88 -64.78
C PRO E 188 -0.84 -15.34 -65.11
N PHE E 189 -0.29 -15.71 -66.28
CA PHE E 189 0.99 -15.16 -66.71
C PHE E 189 0.79 -13.67 -67.04
N PRO E 190 1.79 -12.81 -66.74
CA PRO E 190 1.63 -11.36 -67.01
C PRO E 190 1.18 -10.99 -68.44
N ASP E 191 0.21 -10.04 -68.54
CA ASP E 191 -0.38 -9.57 -69.80
C ASP E 191 -1.00 -10.69 -70.65
N ASP E 204 -10.92 -27.54 -66.88
CA ASP E 204 -10.09 -28.73 -67.07
C ASP E 204 -8.61 -28.36 -67.25
N LYS E 205 -8.34 -27.24 -67.92
CA LYS E 205 -6.97 -26.75 -68.08
C LYS E 205 -6.44 -26.26 -66.71
N ARG E 206 -7.32 -25.64 -65.89
CA ARG E 206 -6.96 -25.17 -64.55
C ARG E 206 -6.68 -26.38 -63.65
N ALA E 207 -7.56 -27.41 -63.70
CA ALA E 207 -7.38 -28.62 -62.89
C ALA E 207 -6.02 -29.25 -63.13
N ASP E 208 -5.54 -29.25 -64.37
CA ASP E 208 -4.22 -29.78 -64.70
C ASP E 208 -3.09 -28.94 -64.07
N LEU E 209 -3.23 -27.60 -64.03
CA LEU E 209 -2.23 -26.72 -63.44
C LEU E 209 -2.20 -26.92 -61.91
N VAL E 210 -3.40 -27.11 -61.29
CA VAL E 210 -3.54 -27.29 -59.85
C VAL E 210 -3.03 -28.66 -59.42
N ILE E 211 -3.56 -29.74 -60.03
CA ILE E 211 -3.25 -31.12 -59.67
C ILE E 211 -1.80 -31.45 -59.89
N GLU E 212 -1.20 -31.04 -61.02
CA GLU E 212 0.23 -31.31 -61.24
C GLU E 212 1.14 -30.50 -60.29
N SER E 213 0.63 -29.36 -59.73
CA SER E 213 1.36 -28.55 -58.74
C SER E 213 1.40 -29.36 -57.44
N VAL E 214 0.21 -29.91 -57.00
CA VAL E 214 0.03 -30.74 -55.81
C VAL E 214 0.94 -31.95 -55.91
N ARG E 215 0.94 -32.60 -57.08
CA ARG E 215 1.73 -33.77 -57.36
C ARG E 215 3.20 -33.50 -57.16
N GLU E 216 3.69 -32.36 -57.68
CA GLU E 216 5.10 -31.98 -57.60
C GLU E 216 5.58 -31.76 -56.16
N PHE E 217 4.85 -30.96 -55.37
CA PHE E 217 5.28 -30.65 -54.01
C PHE E 217 4.91 -31.69 -52.95
N ALA E 218 4.27 -32.80 -53.36
CA ALA E 218 4.01 -33.92 -52.46
C ALA E 218 5.28 -34.84 -52.37
N LYS E 219 6.29 -34.64 -53.25
CA LYS E 219 7.55 -35.37 -53.28
C LYS E 219 8.30 -35.20 -51.95
N PRO E 220 8.85 -36.29 -51.40
CA PRO E 220 9.48 -36.22 -50.08
C PRO E 220 10.56 -35.17 -49.92
N GLU E 221 11.27 -34.81 -50.98
CA GLU E 221 12.36 -33.82 -50.88
C GLU E 221 11.91 -32.45 -50.32
N TYR E 222 10.63 -32.08 -50.50
CA TYR E 222 10.15 -30.79 -50.04
C TYR E 222 9.77 -30.74 -48.55
N GLY E 223 9.59 -31.88 -47.91
CA GLY E 223 9.27 -31.94 -46.50
C GLY E 223 8.01 -31.21 -46.09
N VAL E 224 6.97 -31.24 -46.93
CA VAL E 224 5.70 -30.59 -46.63
C VAL E 224 4.97 -31.42 -45.59
N ASP E 225 4.38 -30.78 -44.58
CA ASP E 225 3.64 -31.48 -43.53
C ASP E 225 2.13 -31.32 -43.65
N LEU E 226 1.65 -30.17 -44.15
CA LEU E 226 0.22 -29.91 -44.30
C LEU E 226 0.01 -29.10 -45.58
N TYR E 227 -1.00 -29.46 -46.37
CA TYR E 227 -1.27 -28.75 -47.62
C TYR E 227 -2.38 -27.74 -47.47
N LYS E 228 -2.24 -26.57 -48.08
CA LYS E 228 -3.30 -25.58 -48.10
C LYS E 228 -3.61 -25.42 -49.58
N LEU E 229 -4.68 -26.08 -50.04
CA LEU E 229 -4.97 -26.10 -51.48
C LEU E 229 -6.22 -25.37 -51.94
N GLU E 230 -6.14 -24.77 -53.14
CA GLU E 230 -7.32 -24.15 -53.74
C GLU E 230 -8.12 -25.25 -54.46
N THR E 231 -9.39 -24.99 -54.75
CA THR E 231 -10.25 -25.94 -55.46
C THR E 231 -9.68 -26.20 -56.87
N PRO E 232 -9.63 -27.46 -57.32
CA PRO E 232 -9.07 -27.73 -58.67
C PRO E 232 -10.05 -27.39 -59.80
N LEU E 233 -11.34 -27.20 -59.45
CA LEU E 233 -12.41 -26.82 -60.35
C LEU E 233 -13.08 -25.59 -59.74
N PRO E 234 -13.39 -24.57 -60.56
CA PRO E 234 -14.03 -23.36 -60.03
C PRO E 234 -15.25 -23.62 -59.15
N ALA E 235 -15.31 -22.92 -58.02
CA ALA E 235 -16.41 -23.05 -57.05
C ALA E 235 -17.78 -22.86 -57.68
N ALA E 236 -17.93 -21.89 -58.61
CA ALA E 236 -19.22 -21.62 -59.25
C ALA E 236 -19.65 -22.73 -60.23
N SER E 237 -18.69 -23.34 -60.91
CA SER E 237 -18.91 -24.44 -61.85
C SER E 237 -19.32 -25.78 -61.21
N LEU E 238 -19.31 -25.89 -59.86
CA LEU E 238 -19.60 -27.16 -59.21
C LEU E 238 -21.08 -27.48 -59.07
N PRO E 239 -21.49 -28.65 -59.56
CA PRO E 239 -22.90 -29.05 -59.39
C PRO E 239 -23.17 -29.58 -57.97
N PRO E 240 -24.45 -29.74 -57.56
CA PRO E 240 -24.73 -30.32 -56.22
C PRO E 240 -24.09 -31.69 -56.01
N MET E 241 -23.87 -32.07 -54.75
CA MET E 241 -23.28 -33.37 -54.43
C MET E 241 -24.32 -34.49 -54.54
N ASP E 242 -24.69 -34.85 -55.78
CA ASP E 242 -25.66 -35.88 -56.10
C ASP E 242 -24.99 -37.05 -56.82
N ASP E 243 -25.66 -38.22 -56.89
CA ASP E 243 -25.10 -39.35 -57.62
C ASP E 243 -25.40 -39.16 -59.12
N SER E 244 -24.83 -38.10 -59.71
CA SER E 244 -25.01 -37.70 -61.10
C SER E 244 -23.68 -37.70 -61.88
N ALA E 245 -23.77 -37.69 -63.22
CA ALA E 245 -22.61 -37.70 -64.10
C ALA E 245 -21.77 -36.44 -63.92
N GLU E 246 -22.44 -35.30 -63.80
CA GLU E 246 -21.80 -34.02 -63.59
C GLU E 246 -21.05 -34.02 -62.26
N SER E 247 -21.68 -34.56 -61.20
CA SER E 247 -21.05 -34.62 -59.89
C SER E 247 -19.86 -35.57 -59.90
N ARG E 248 -20.00 -36.75 -60.54
CA ARG E 248 -18.94 -37.75 -60.63
C ARG E 248 -17.74 -37.25 -61.39
N ALA E 249 -17.97 -36.42 -62.42
CA ALA E 249 -16.88 -35.89 -63.22
C ALA E 249 -16.06 -34.93 -62.38
N ALA E 250 -16.73 -34.07 -61.58
CA ALA E 250 -16.06 -33.11 -60.72
C ALA E 250 -15.37 -33.81 -59.56
N ALA E 251 -16.07 -34.71 -58.86
CA ALA E 251 -15.53 -35.50 -57.76
C ALA E 251 -14.25 -36.24 -58.16
N ALA E 252 -14.07 -36.56 -59.45
CA ALA E 252 -12.87 -37.26 -59.93
C ALA E 252 -11.62 -36.37 -59.84
N GLN E 253 -11.78 -35.07 -60.00
CA GLN E 253 -10.68 -34.12 -59.86
C GLN E 253 -10.29 -33.94 -58.39
N PHE E 254 -11.26 -34.05 -57.48
CA PHE E 254 -11.02 -33.95 -56.05
C PHE E 254 -10.35 -35.24 -55.55
N ALA E 255 -10.85 -36.41 -56.00
CA ALA E 255 -10.33 -37.73 -55.65
C ALA E 255 -8.86 -37.86 -56.04
N GLU E 256 -8.45 -37.22 -57.15
CA GLU E 256 -7.06 -37.25 -57.58
C GLU E 256 -6.18 -36.52 -56.58
N VAL E 257 -6.62 -35.31 -56.15
CA VAL E 257 -5.91 -34.55 -55.13
C VAL E 257 -5.81 -35.36 -53.82
N GLY E 258 -6.89 -36.01 -53.45
CA GLY E 258 -6.95 -36.83 -52.24
C GLY E 258 -5.98 -37.98 -52.25
N SER E 259 -5.83 -38.63 -53.40
CA SER E 259 -4.96 -39.77 -53.58
C SER E 259 -3.50 -39.35 -53.54
N ILE E 260 -3.18 -38.19 -54.14
CA ILE E 260 -1.79 -37.70 -54.11
C ILE E 260 -1.35 -37.43 -52.67
N CYS E 261 -2.21 -36.73 -51.93
CA CYS E 261 -2.00 -36.35 -50.53
C CYS E 261 -1.97 -37.56 -49.62
N ALA E 262 -2.90 -38.50 -49.79
CA ALA E 262 -2.99 -39.70 -48.97
C ALA E 262 -1.80 -40.62 -49.15
N ASP E 263 -1.30 -40.76 -50.39
CA ASP E 263 -0.12 -41.59 -50.69
C ASP E 263 1.14 -40.96 -50.08
N ALA E 264 1.26 -39.63 -50.15
CA ALA E 264 2.38 -38.92 -49.55
C ALA E 264 2.25 -38.77 -48.01
N GLY E 265 1.07 -39.07 -47.45
CA GLY E 265 0.78 -38.97 -46.01
C GLY E 265 0.64 -37.54 -45.53
N ILE E 266 0.18 -36.66 -46.42
CA ILE E 266 0.06 -35.24 -46.14
C ILE E 266 -1.40 -34.85 -46.03
N PRO E 267 -1.84 -34.34 -44.88
CA PRO E 267 -3.22 -33.86 -44.79
C PRO E 267 -3.42 -32.60 -45.64
N TRP E 268 -4.65 -32.34 -46.09
CA TRP E 268 -4.92 -31.16 -46.91
C TRP E 268 -6.14 -30.39 -46.46
N VAL E 269 -6.02 -29.07 -46.44
CA VAL E 269 -7.10 -28.16 -46.07
C VAL E 269 -7.37 -27.23 -47.24
N LEU E 270 -8.63 -26.78 -47.41
CA LEU E 270 -8.92 -25.90 -48.55
C LEU E 270 -9.04 -24.45 -48.18
N LEU E 271 -8.34 -23.61 -48.94
CA LEU E 271 -8.39 -22.17 -48.77
C LEU E 271 -9.68 -21.63 -49.40
N SER E 272 -10.30 -20.61 -48.78
CA SER E 272 -11.57 -20.04 -49.24
C SER E 272 -11.49 -19.33 -50.60
N GLY E 273 -10.42 -18.60 -50.84
CA GLY E 273 -10.21 -17.90 -52.12
C GLY E 273 -11.23 -16.83 -52.45
N GLY E 274 -11.87 -16.29 -51.42
CA GLY E 274 -12.88 -15.26 -51.57
C GLY E 274 -14.18 -15.73 -52.17
N ALA E 275 -14.45 -17.04 -52.13
CA ALA E 275 -15.68 -17.58 -52.70
C ALA E 275 -16.89 -17.36 -51.78
N ALA E 276 -18.11 -17.34 -52.34
CA ALA E 276 -19.34 -17.19 -51.56
C ALA E 276 -19.47 -18.32 -50.54
N PRO E 277 -20.09 -18.07 -49.36
CA PRO E 277 -20.16 -19.14 -48.35
C PRO E 277 -20.79 -20.44 -48.85
N GLU E 278 -21.93 -20.35 -49.57
CA GLU E 278 -22.63 -21.50 -50.13
C GLU E 278 -21.75 -22.25 -51.14
N GLN E 279 -20.92 -21.50 -51.89
CA GLN E 279 -19.99 -22.10 -52.83
C GLN E 279 -18.87 -22.82 -52.09
N PHE E 280 -18.26 -22.18 -51.08
CA PHE E 280 -17.17 -22.79 -50.32
C PHE E 280 -17.62 -24.03 -49.55
N GLU E 281 -18.92 -24.12 -49.20
CA GLU E 281 -19.45 -25.32 -48.54
C GLU E 281 -19.51 -26.48 -49.54
N ARG E 282 -19.80 -26.19 -50.82
CA ARG E 282 -19.86 -27.18 -51.88
C ARG E 282 -18.45 -27.67 -52.21
N VAL E 283 -17.48 -26.74 -52.28
CA VAL E 283 -16.06 -27.02 -52.49
C VAL E 283 -15.56 -27.94 -51.35
N LEU E 284 -15.99 -27.64 -50.12
CA LEU E 284 -15.59 -28.44 -48.98
C LEU E 284 -16.26 -29.78 -48.98
N SER E 285 -17.53 -29.87 -49.40
CA SER E 285 -18.23 -31.17 -49.44
C SER E 285 -17.52 -32.12 -50.39
N TYR E 286 -17.12 -31.63 -51.57
CA TYR E 286 -16.37 -32.44 -52.52
C TYR E 286 -14.98 -32.76 -51.99
N SER E 287 -14.34 -31.82 -51.30
CA SER E 287 -12.99 -32.02 -50.79
C SER E 287 -12.95 -33.01 -49.65
N TYR E 288 -13.90 -32.90 -48.71
CA TYR E 288 -13.99 -33.79 -47.56
C TYR E 288 -14.35 -35.20 -48.02
N ALA E 289 -15.21 -35.33 -49.05
CA ALA E 289 -15.58 -36.65 -49.60
C ALA E 289 -14.39 -37.32 -50.27
N ALA E 290 -13.39 -36.52 -50.72
CA ALA E 290 -12.15 -37.01 -51.31
C ALA E 290 -10.98 -37.10 -50.29
N GLY E 291 -11.23 -36.84 -49.00
CA GLY E 291 -10.20 -36.94 -47.96
C GLY E 291 -9.67 -35.70 -47.25
N ALA E 292 -10.02 -34.47 -47.65
CA ALA E 292 -9.56 -33.26 -46.97
C ALA E 292 -9.86 -33.26 -45.47
N GLN E 293 -8.97 -32.68 -44.65
CA GLN E 293 -9.18 -32.70 -43.20
C GLN E 293 -9.63 -31.37 -42.59
N GLY E 294 -9.91 -30.39 -43.42
CA GLY E 294 -10.39 -29.10 -42.95
C GLY E 294 -10.29 -28.00 -43.97
N PHE E 295 -10.26 -26.76 -43.46
CA PHE E 295 -10.17 -25.55 -44.28
C PHE E 295 -9.22 -24.52 -43.65
N LEU E 296 -8.78 -23.56 -44.45
CA LEU E 296 -7.97 -22.45 -43.98
C LEU E 296 -8.62 -21.26 -44.66
N ALA E 297 -9.82 -20.88 -44.18
CA ALA E 297 -10.65 -19.81 -44.73
C ALA E 297 -10.24 -18.40 -44.26
N GLY E 298 -10.10 -17.50 -45.21
CA GLY E 298 -9.72 -16.13 -44.91
C GLY E 298 -10.83 -15.14 -45.16
N ARG E 299 -10.69 -14.37 -46.25
CA ARG E 299 -11.62 -13.30 -46.66
C ARG E 299 -13.09 -13.72 -46.74
N THR E 300 -13.41 -14.98 -47.06
CA THR E 300 -14.81 -15.45 -47.12
C THR E 300 -15.57 -15.15 -45.81
N ILE E 301 -14.91 -15.35 -44.67
CA ILE E 301 -15.50 -15.14 -43.35
C ILE E 301 -15.63 -13.67 -42.92
N TRP E 302 -14.60 -12.84 -43.15
CA TRP E 302 -14.61 -11.47 -42.61
C TRP E 302 -14.46 -10.31 -43.59
N LEU E 303 -14.22 -10.55 -44.89
CA LEU E 303 -14.01 -9.46 -45.86
C LEU E 303 -15.15 -8.44 -45.87
N ASP E 304 -16.40 -8.91 -45.83
CA ASP E 304 -17.55 -8.02 -45.85
C ASP E 304 -17.70 -7.18 -44.58
N ALA E 305 -17.34 -7.72 -43.42
CA ALA E 305 -17.46 -7.01 -42.15
C ALA E 305 -16.51 -5.82 -42.08
N VAL E 306 -15.31 -5.98 -42.62
CA VAL E 306 -14.29 -4.95 -42.58
C VAL E 306 -14.43 -3.91 -43.71
N GLN E 307 -14.61 -4.39 -44.95
CA GLN E 307 -14.74 -3.53 -46.14
C GLN E 307 -15.85 -2.50 -46.01
N ASN E 308 -16.96 -2.89 -45.38
CA ASN E 308 -18.10 -2.00 -45.24
C ASN E 308 -18.04 -1.06 -44.04
N HIS E 309 -17.79 -1.58 -42.84
CA HIS E 309 -17.91 -0.83 -41.60
C HIS E 309 -16.65 -0.23 -40.99
N PHE E 310 -15.52 -0.25 -41.69
CA PHE E 310 -14.29 0.35 -41.13
C PHE E 310 -14.38 1.88 -41.19
N PRO E 311 -13.92 2.61 -40.14
CA PRO E 311 -13.18 2.16 -38.97
C PRO E 311 -13.93 2.16 -37.63
N ASP E 312 -15.25 1.92 -37.62
CA ASP E 312 -15.97 1.86 -36.35
C ASP E 312 -15.73 0.48 -35.73
N ARG E 313 -15.38 0.44 -34.44
CA ARG E 313 -15.09 -0.81 -33.78
C ARG E 313 -16.35 -1.63 -33.52
N GLU E 314 -17.41 -0.98 -33.02
CA GLU E 314 -18.65 -1.68 -32.70
C GLU E 314 -19.35 -2.27 -33.90
N ALA E 315 -19.27 -1.59 -35.06
CA ALA E 315 -19.91 -2.09 -36.27
C ALA E 315 -19.22 -3.33 -36.84
N VAL E 316 -17.87 -3.30 -36.98
CA VAL E 316 -17.12 -4.45 -37.49
C VAL E 316 -17.28 -5.65 -36.58
N LEU E 317 -17.24 -5.45 -35.25
CA LEU E 317 -17.43 -6.55 -34.30
C LEU E 317 -18.87 -7.08 -34.26
N THR E 318 -19.84 -6.33 -34.79
CA THR E 318 -21.23 -6.75 -34.86
C THR E 318 -21.38 -7.68 -36.06
N ALA E 319 -20.83 -7.27 -37.22
CA ALA E 319 -20.85 -8.08 -38.43
C ALA E 319 -19.90 -9.29 -38.37
N LEU E 320 -18.94 -9.29 -37.43
CA LEU E 320 -18.01 -10.40 -37.25
C LEU E 320 -18.56 -11.45 -36.27
N LYS E 321 -19.41 -11.03 -35.32
CA LYS E 321 -19.98 -11.96 -34.35
C LYS E 321 -21.31 -12.56 -34.83
N GLY E 322 -22.03 -11.85 -35.69
CA GLY E 322 -23.32 -12.31 -36.20
C GLY E 322 -23.24 -12.97 -37.55
N ASP E 323 -22.84 -12.22 -38.58
CA ASP E 323 -22.77 -12.74 -39.94
C ASP E 323 -21.50 -13.55 -40.23
N GLY E 324 -20.34 -12.95 -39.97
CA GLY E 324 -19.04 -13.57 -40.21
C GLY E 324 -18.81 -14.82 -39.40
N MET E 325 -19.18 -14.79 -38.11
CA MET E 325 -19.03 -15.97 -37.25
C MET E 325 -20.02 -17.07 -37.62
N LYS E 326 -21.16 -16.73 -38.27
CA LYS E 326 -22.15 -17.72 -38.69
C LYS E 326 -21.54 -18.58 -39.77
N ILE E 327 -20.85 -17.96 -40.75
CA ILE E 327 -20.17 -18.66 -41.85
C ILE E 327 -19.16 -19.63 -41.27
N LEU E 328 -18.32 -19.17 -40.33
CA LEU E 328 -17.31 -19.98 -39.66
C LEU E 328 -17.93 -21.12 -38.87
N LYS E 329 -18.99 -20.85 -38.10
CA LYS E 329 -19.70 -21.85 -37.31
C LYS E 329 -20.32 -22.94 -38.20
N ASP E 330 -20.84 -22.54 -39.39
CA ASP E 330 -21.40 -23.46 -40.38
C ASP E 330 -20.28 -24.32 -40.98
N LEU E 331 -19.13 -23.68 -41.31
CA LEU E 331 -17.94 -24.32 -41.87
C LEU E 331 -17.36 -25.38 -40.93
N GLY E 332 -17.42 -25.10 -39.64
CA GLY E 332 -16.94 -26.05 -38.64
C GLY E 332 -17.92 -27.19 -38.46
N ARG E 333 -19.23 -26.90 -38.59
CA ARG E 333 -20.31 -27.87 -38.44
C ARG E 333 -20.24 -28.89 -39.58
N LEU E 334 -20.03 -28.42 -40.82
CA LEU E 334 -19.87 -29.31 -41.97
C LEU E 334 -18.61 -30.17 -41.79
N THR E 335 -17.53 -29.58 -41.23
CA THR E 335 -16.27 -30.26 -41.01
C THR E 335 -16.41 -31.41 -40.02
N ARG E 336 -17.04 -31.19 -38.87
CA ARG E 336 -17.23 -32.24 -37.87
C ARG E 336 -18.09 -33.39 -38.42
N GLU E 337 -19.07 -33.05 -39.25
CA GLU E 337 -19.99 -34.01 -39.86
C GLU E 337 -19.39 -34.85 -40.99
N LYS E 338 -18.62 -34.23 -41.90
CA LYS E 338 -18.17 -34.90 -43.11
C LYS E 338 -16.67 -35.07 -43.27
N ALA E 339 -15.83 -34.21 -42.65
CA ALA E 339 -14.39 -34.36 -42.80
C ALA E 339 -13.87 -35.52 -41.96
N GLN E 340 -12.89 -36.23 -42.50
CA GLN E 340 -12.26 -37.34 -41.81
C GLN E 340 -11.22 -36.75 -40.84
N PRO E 341 -11.13 -37.28 -39.60
CA PRO E 341 -10.18 -36.73 -38.65
C PRO E 341 -8.72 -36.98 -39.00
N TRP E 342 -7.87 -35.99 -38.67
CA TRP E 342 -6.45 -36.17 -38.83
C TRP E 342 -5.96 -36.82 -37.54
N LYS E 343 -5.07 -37.82 -37.66
CA LYS E 343 -4.51 -38.51 -36.51
C LYS E 343 -3.00 -38.50 -36.60
N PRO E 344 -2.33 -38.16 -35.49
CA PRO E 344 -0.87 -38.13 -35.50
C PRO E 344 -0.23 -39.51 -35.60
N ASP E 345 0.84 -39.61 -36.39
CA ASP E 345 1.61 -40.82 -36.57
C ASP E 345 2.90 -40.60 -35.79
N PHE E 346 2.90 -40.97 -34.50
CA PHE E 346 4.07 -40.83 -33.68
C PHE E 346 4.84 -42.15 -33.75
N ARG E 347 5.19 -42.56 -34.97
CA ARG E 347 5.96 -43.77 -35.18
C ARG E 347 7.39 -43.40 -34.86
N LEU E 348 7.76 -43.51 -33.60
CA LEU E 348 9.10 -43.16 -33.15
C LEU E 348 10.02 -44.35 -33.31
N GLU E 349 11.34 -44.07 -33.40
CA GLU E 349 12.34 -45.12 -33.45
C GLU E 349 12.38 -45.67 -32.01
N GLN E 350 12.02 -46.96 -31.83
CA GLN E 350 11.91 -47.53 -30.48
C GLN E 350 13.19 -47.50 -29.66
N VAL E 351 13.08 -47.04 -28.41
CA VAL E 351 14.20 -46.99 -27.50
C VAL E 351 14.02 -48.02 -26.39
N ASP E 352 15.10 -48.74 -26.06
CA ASP E 352 15.07 -49.75 -25.00
C ASP E 352 15.96 -49.41 -23.81
N ARG E 353 16.45 -48.15 -23.71
CA ARG E 353 17.33 -47.78 -22.60
C ARG E 353 17.31 -46.29 -22.28
N GLU E 354 17.76 -45.93 -21.05
CA GLU E 354 17.80 -44.56 -20.60
C GLU E 354 18.94 -43.78 -21.28
N GLY E 355 18.56 -42.74 -22.00
CA GLY E 355 19.52 -41.91 -22.72
C GLY E 355 19.39 -42.04 -24.23
N ALA E 356 18.75 -43.13 -24.70
CA ALA E 356 18.61 -43.37 -26.13
C ALA E 356 17.69 -42.36 -26.80
N PHE E 357 16.68 -41.84 -26.08
CA PHE E 357 15.80 -40.82 -26.64
C PHE E 357 16.58 -39.53 -26.92
N SER E 358 17.39 -39.06 -25.96
CA SER E 358 18.15 -37.82 -26.08
C SER E 358 19.22 -37.93 -27.14
N CYS E 359 19.85 -39.09 -27.27
CA CYS E 359 20.85 -39.32 -28.29
C CYS E 359 20.18 -39.35 -29.65
N ALA E 360 19.03 -40.04 -29.79
CA ALA E 360 18.33 -40.13 -31.07
C ALA E 360 17.69 -38.82 -31.49
N TYR E 361 17.22 -38.00 -30.53
CA TYR E 361 16.62 -36.71 -30.86
C TYR E 361 17.71 -35.68 -31.12
N ALA E 362 18.36 -35.77 -32.29
CA ALA E 362 19.41 -34.84 -32.71
C ALA E 362 19.18 -34.35 -34.18
N SER F 20 10.59 -11.50 -25.64
CA SER F 20 9.70 -11.73 -24.49
C SER F 20 8.32 -12.33 -24.89
N ILE F 21 8.00 -12.38 -26.19
CA ILE F 21 6.72 -12.94 -26.63
C ILE F 21 6.64 -14.44 -26.35
N GLY F 22 7.63 -15.20 -26.82
CA GLY F 22 7.71 -16.64 -26.60
C GLY F 22 7.58 -17.07 -25.16
N LYS F 23 8.19 -16.33 -24.23
CA LYS F 23 8.11 -16.67 -22.80
C LYS F 23 6.66 -16.46 -22.28
N GLN F 24 6.01 -15.38 -22.77
CA GLN F 24 4.65 -15.05 -22.40
C GLN F 24 3.66 -16.08 -22.96
N ARG F 25 3.76 -16.42 -24.26
CA ARG F 25 2.93 -17.46 -24.90
C ARG F 25 3.16 -18.80 -24.24
N GLY F 26 4.41 -19.12 -23.94
CA GLY F 26 4.74 -20.37 -23.29
C GLY F 26 4.13 -20.49 -21.92
N LEU F 27 4.16 -19.40 -21.13
CA LEU F 27 3.56 -19.38 -19.80
C LEU F 27 2.05 -19.52 -19.87
N ALA F 28 1.43 -18.84 -20.85
CA ALA F 28 -0.01 -18.92 -21.08
C ALA F 28 -0.43 -20.36 -21.37
N ARG F 29 0.41 -21.13 -22.06
CA ARG F 29 0.12 -22.53 -22.38
C ARG F 29 0.33 -23.51 -21.22
N LEU F 30 0.92 -23.05 -20.11
CA LEU F 30 1.08 -23.89 -18.91
C LEU F 30 -0.13 -23.72 -17.98
N ALA F 31 -0.91 -22.63 -18.16
CA ALA F 31 -2.08 -22.30 -17.37
C ALA F 31 -3.35 -22.62 -18.11
N ASP F 32 -4.48 -22.80 -17.41
CA ASP F 32 -5.75 -23.01 -18.08
C ASP F 32 -6.30 -21.66 -18.67
N GLU F 33 -7.47 -21.67 -19.35
CA GLU F 33 -8.01 -20.42 -19.92
C GLU F 33 -8.46 -19.43 -18.80
N ASP F 34 -8.51 -19.87 -17.52
CA ASP F 34 -8.84 -19.00 -16.39
C ASP F 34 -7.59 -18.27 -15.87
N GLY F 35 -6.41 -18.88 -16.03
CA GLY F 35 -5.17 -18.29 -15.56
C GLY F 35 -4.50 -19.05 -14.42
N HIS F 36 -4.93 -20.29 -14.16
CA HIS F 36 -4.39 -21.08 -13.06
C HIS F 36 -3.41 -22.17 -13.50
N PHE F 37 -2.40 -22.44 -12.66
CA PHE F 37 -1.41 -23.46 -12.97
C PHE F 37 -1.74 -24.72 -12.24
N THR F 38 -2.57 -25.56 -12.83
CA THR F 38 -2.94 -26.84 -12.21
C THR F 38 -2.08 -27.95 -12.79
N MET F 39 -0.76 -27.86 -12.57
CA MET F 39 0.26 -28.73 -13.16
C MET F 39 0.48 -30.11 -12.48
N VAL F 40 0.87 -31.12 -13.29
CA VAL F 40 1.13 -32.48 -12.82
C VAL F 40 2.58 -32.88 -13.16
N ALA F 41 3.31 -33.42 -12.17
CA ALA F 41 4.70 -33.84 -12.36
C ALA F 41 4.82 -35.32 -12.70
N LEU F 42 5.35 -35.64 -13.87
CA LEU F 42 5.54 -37.01 -14.33
C LEU F 42 6.96 -37.24 -14.84
N ASP F 43 7.94 -36.49 -14.27
CA ASP F 43 9.35 -36.60 -14.57
C ASP F 43 10.14 -37.37 -13.47
N GLN F 44 9.45 -38.04 -12.53
CA GLN F 44 10.10 -38.82 -11.50
C GLN F 44 10.89 -39.96 -12.15
N ARG F 45 12.18 -40.06 -11.84
CA ARG F 45 13.01 -41.12 -12.41
C ARG F 45 13.27 -42.19 -11.31
N PRO F 46 14.17 -42.03 -10.31
CA PRO F 46 14.26 -43.05 -9.24
C PRO F 46 12.99 -43.28 -8.40
N PRO F 47 12.16 -42.28 -8.02
CA PRO F 47 10.94 -42.60 -7.23
C PRO F 47 9.99 -43.58 -7.94
N LEU F 48 9.87 -43.46 -9.29
CA LEU F 48 9.05 -44.39 -10.08
C LEU F 48 9.73 -45.77 -10.18
N LEU F 49 11.07 -45.78 -10.25
CA LEU F 49 11.83 -47.01 -10.32
C LEU F 49 11.64 -47.82 -9.03
N GLN F 50 11.59 -47.14 -7.88
CA GLN F 50 11.39 -47.79 -6.59
C GLN F 50 9.95 -48.33 -6.48
N ALA F 51 8.97 -47.59 -7.02
CA ALA F 51 7.57 -48.00 -7.03
C ALA F 51 7.38 -49.24 -7.88
N LEU F 52 8.10 -49.35 -9.02
CA LEU F 52 8.01 -50.49 -9.93
C LEU F 52 8.74 -51.72 -9.38
N ALA F 53 9.80 -51.51 -8.62
CA ALA F 53 10.52 -52.61 -7.97
C ALA F 53 9.60 -53.24 -6.91
N LYS F 54 8.86 -52.40 -6.16
CA LYS F 54 7.91 -52.87 -5.15
C LYS F 54 6.68 -53.54 -5.76
N ALA F 55 6.29 -53.16 -6.98
CA ALA F 55 5.16 -53.77 -7.67
C ALA F 55 5.55 -55.13 -8.25
N ARG F 56 6.77 -55.23 -8.78
CA ARG F 56 7.29 -56.45 -9.39
C ARG F 56 7.88 -57.43 -8.39
N GLY F 57 8.18 -56.98 -7.18
CA GLY F 57 8.80 -57.80 -6.16
C GLY F 57 10.24 -58.16 -6.51
N ILE F 58 10.93 -57.26 -7.24
CA ILE F 58 12.33 -57.42 -7.69
C ILE F 58 13.20 -56.22 -7.25
N PRO F 59 14.55 -56.31 -7.32
CA PRO F 59 15.37 -55.15 -6.96
C PRO F 59 15.28 -54.03 -8.03
N ALA F 60 15.46 -52.76 -7.63
CA ALA F 60 15.36 -51.64 -8.57
C ALA F 60 16.30 -51.78 -9.78
N ASP F 61 17.51 -52.34 -9.56
CA ASP F 61 18.46 -52.57 -10.65
C ASP F 61 18.05 -53.72 -11.61
N GLN F 62 16.90 -54.35 -11.37
CA GLN F 62 16.33 -55.40 -12.21
C GLN F 62 15.10 -54.91 -13.00
N VAL F 63 14.58 -53.69 -12.67
CA VAL F 63 13.43 -53.10 -13.32
C VAL F 63 13.73 -52.80 -14.78
N GLU F 64 12.98 -53.45 -15.66
CA GLU F 64 13.07 -53.34 -17.11
C GLU F 64 12.64 -51.92 -17.55
N PHE F 65 13.35 -51.33 -18.53
CA PHE F 65 13.08 -49.98 -19.05
C PHE F 65 11.65 -49.85 -19.59
N ALA F 66 11.11 -50.94 -20.16
CA ALA F 66 9.74 -51.00 -20.68
C ALA F 66 8.68 -50.80 -19.59
N ASP F 67 9.01 -51.13 -18.32
CA ASP F 67 8.07 -50.90 -17.22
C ASP F 67 7.97 -49.42 -16.94
N MET F 68 9.10 -48.68 -17.01
CA MET F 68 9.11 -47.24 -16.79
C MET F 68 8.25 -46.54 -17.85
N LEU F 69 8.36 -46.98 -19.12
CA LEU F 69 7.52 -46.43 -20.16
C LEU F 69 6.06 -46.77 -19.96
N ALA F 70 5.75 -48.03 -19.59
CA ALA F 70 4.36 -48.44 -19.36
C ALA F 70 3.73 -47.63 -18.22
N ALA F 71 4.52 -47.34 -17.18
CA ALA F 71 4.07 -46.54 -16.07
C ALA F 71 3.85 -45.08 -16.51
N LYS F 72 4.84 -44.43 -17.20
CA LYS F 72 4.66 -43.03 -17.64
C LYS F 72 3.47 -42.87 -18.55
N ARG F 73 3.31 -43.79 -19.50
CA ARG F 73 2.21 -43.78 -20.45
C ARG F 73 0.87 -43.91 -19.74
N LEU F 74 0.80 -44.77 -18.72
CA LEU F 74 -0.41 -44.96 -17.93
C LEU F 74 -0.82 -43.64 -17.27
N LEU F 75 0.15 -42.98 -16.63
CA LEU F 75 -0.04 -41.75 -15.89
C LEU F 75 -0.40 -40.54 -16.75
N VAL F 76 0.15 -40.42 -17.96
CA VAL F 76 -0.19 -39.31 -18.85
C VAL F 76 -1.64 -39.45 -19.31
N GLU F 77 -2.05 -40.63 -19.79
CA GLU F 77 -3.44 -40.88 -20.21
C GLU F 77 -4.41 -40.62 -19.05
N ALA F 78 -4.04 -41.00 -17.84
CA ALA F 78 -4.89 -40.86 -16.68
C ALA F 78 -5.05 -39.42 -16.17
N LEU F 79 -3.95 -38.69 -16.02
CA LEU F 79 -3.98 -37.38 -15.40
C LEU F 79 -4.09 -36.23 -16.35
N ALA F 80 -3.97 -36.45 -17.66
CA ALA F 80 -4.03 -35.34 -18.64
C ALA F 80 -5.37 -34.62 -18.71
N HIS F 81 -6.42 -35.22 -18.14
CA HIS F 81 -7.75 -34.65 -18.08
C HIS F 81 -7.78 -33.50 -17.06
N ASP F 82 -7.20 -33.72 -15.87
CA ASP F 82 -7.17 -32.69 -14.83
C ASP F 82 -5.78 -32.07 -14.62
N ALA F 83 -5.21 -31.47 -15.65
CA ALA F 83 -3.90 -30.83 -15.56
C ALA F 83 -3.76 -29.81 -16.68
N SER F 84 -3.50 -28.54 -16.35
CA SER F 84 -3.33 -27.51 -17.38
C SER F 84 -2.02 -27.69 -18.14
N SER F 85 -1.02 -28.31 -17.50
CA SER F 85 0.28 -28.60 -18.08
C SER F 85 0.94 -29.75 -17.34
N MET F 86 1.84 -30.44 -18.00
CA MET F 86 2.51 -31.58 -17.43
C MET F 86 3.98 -31.45 -17.57
N LEU F 87 4.69 -32.00 -16.60
CA LEU F 87 6.12 -31.98 -16.59
C LEU F 87 6.59 -33.38 -16.97
N LEU F 88 7.24 -33.50 -18.13
CA LEU F 88 7.75 -34.77 -18.62
C LEU F 88 9.31 -34.74 -18.65
N ASP F 89 9.94 -35.89 -18.37
CA ASP F 89 11.38 -36.00 -18.46
C ASP F 89 11.70 -36.54 -19.88
N PRO F 90 12.86 -36.19 -20.45
CA PRO F 90 13.13 -36.60 -21.83
C PRO F 90 13.36 -38.09 -22.08
N ASN F 91 14.12 -38.80 -21.23
CA ASN F 91 14.48 -40.17 -21.49
C ASN F 91 13.40 -41.20 -21.18
N PHE F 92 12.47 -40.89 -20.25
CA PHE F 92 11.39 -41.84 -19.92
C PHE F 92 10.02 -41.39 -20.39
N ALA F 93 9.45 -40.29 -19.85
CA ALA F 93 8.15 -39.77 -20.28
C ALA F 93 8.03 -39.41 -21.77
N MET F 94 9.00 -38.68 -22.34
CA MET F 94 8.90 -38.29 -23.76
C MET F 94 8.73 -39.51 -24.74
N PRO F 95 9.61 -40.55 -24.76
CA PRO F 95 9.33 -41.69 -25.65
C PRO F 95 8.11 -42.50 -25.21
N ALA F 96 7.80 -42.50 -23.91
CA ALA F 96 6.69 -43.25 -23.35
C ALA F 96 5.31 -42.75 -23.64
N ALA F 97 5.12 -41.42 -23.72
CA ALA F 97 3.79 -40.88 -23.78
C ALA F 97 3.58 -39.57 -24.53
N ILE F 98 4.51 -39.13 -25.38
CA ILE F 98 4.30 -37.87 -26.12
C ILE F 98 3.06 -37.97 -27.05
N ASP F 99 2.78 -39.18 -27.55
CA ASP F 99 1.64 -39.43 -28.43
C ASP F 99 0.28 -39.43 -27.71
N VAL F 100 0.27 -39.61 -26.38
CA VAL F 100 -0.96 -39.54 -25.61
C VAL F 100 -1.05 -38.26 -24.76
N LEU F 101 -0.14 -37.28 -24.98
CA LEU F 101 -0.19 -36.04 -24.24
C LEU F 101 -1.01 -35.09 -25.10
N PRO F 102 -2.17 -34.66 -24.63
CA PRO F 102 -3.03 -33.80 -25.46
C PRO F 102 -2.33 -32.53 -25.93
N ALA F 103 -2.61 -32.14 -27.17
CA ALA F 103 -2.06 -30.93 -27.76
C ALA F 103 -2.35 -29.68 -26.91
N ARG F 104 -3.55 -29.61 -26.29
CA ARG F 104 -3.90 -28.45 -25.46
C ARG F 104 -3.34 -28.50 -24.03
N THR F 105 -2.79 -29.64 -23.57
CA THR F 105 -2.15 -29.71 -22.26
C THR F 105 -0.72 -29.19 -22.49
N GLY F 106 -0.32 -28.19 -21.71
CA GLY F 106 1.03 -27.65 -21.84
C GLY F 106 2.11 -28.68 -21.55
N LEU F 107 3.25 -28.55 -22.22
CA LEU F 107 4.35 -29.49 -22.04
C LEU F 107 5.61 -28.81 -21.47
N ILE F 108 5.95 -29.15 -20.24
CA ILE F 108 7.15 -28.66 -19.58
C ILE F 108 8.13 -29.81 -19.63
N VAL F 109 9.37 -29.60 -20.12
CA VAL F 109 10.32 -30.70 -20.21
C VAL F 109 11.43 -30.48 -19.23
N THR F 110 11.74 -31.52 -18.44
CA THR F 110 12.81 -31.54 -17.44
C THR F 110 14.18 -31.42 -18.11
N LEU F 111 15.09 -30.66 -17.51
CA LEU F 111 16.44 -30.52 -18.01
C LEU F 111 17.49 -31.00 -16.99
N GLU F 112 17.20 -30.95 -15.68
CA GLU F 112 18.23 -31.36 -14.70
C GLU F 112 18.34 -32.85 -14.60
N GLU F 113 19.57 -33.32 -14.39
CA GLU F 113 19.91 -34.73 -14.19
C GLU F 113 19.52 -35.10 -12.76
N HIS F 114 18.84 -36.24 -12.57
CA HIS F 114 18.47 -36.70 -11.24
C HIS F 114 19.69 -37.08 -10.39
N ARG F 115 20.80 -37.48 -11.03
CA ARG F 115 22.03 -37.84 -10.35
C ARG F 115 22.87 -36.62 -10.04
N PHE F 116 22.46 -35.87 -9.03
CA PHE F 116 23.20 -34.71 -8.58
C PHE F 116 24.51 -35.17 -7.89
N GLN F 117 25.47 -34.25 -7.76
CA GLN F 117 26.74 -34.54 -7.13
C GLN F 117 26.56 -34.26 -5.66
N ASP F 118 26.63 -35.28 -4.80
CA ASP F 118 26.43 -35.12 -3.36
C ASP F 118 27.72 -34.83 -2.61
N THR F 119 28.25 -33.63 -2.76
CA THR F 119 29.51 -33.24 -2.11
C THR F 119 29.28 -32.91 -0.62
N PRO F 120 30.33 -32.95 0.22
CA PRO F 120 30.15 -32.59 1.64
C PRO F 120 29.70 -31.13 1.83
N GLY F 121 30.20 -30.24 0.99
CA GLY F 121 29.84 -28.84 1.02
C GLY F 121 28.48 -28.50 0.42
N GLY F 122 27.77 -29.49 -0.13
CA GLY F 122 26.44 -29.30 -0.72
C GLY F 122 26.20 -30.04 -2.04
N ARG F 123 24.97 -29.96 -2.59
CA ARG F 123 24.65 -30.66 -3.84
C ARG F 123 24.95 -29.84 -5.08
N LYS F 124 25.57 -30.45 -6.10
CA LYS F 124 25.88 -29.80 -7.37
C LYS F 124 25.03 -30.39 -8.52
N SER F 125 24.35 -29.53 -9.27
CA SER F 125 23.45 -29.92 -10.34
C SER F 125 24.08 -29.79 -11.72
N ARG F 126 23.48 -30.49 -12.70
CA ARG F 126 23.89 -30.49 -14.11
C ARG F 126 22.71 -30.88 -15.01
N SER F 127 22.83 -30.62 -16.30
CA SER F 127 21.80 -30.97 -17.26
C SER F 127 21.90 -32.42 -17.66
N ILE F 128 20.77 -33.01 -18.08
CA ILE F 128 20.69 -34.36 -18.60
C ILE F 128 21.56 -34.43 -19.84
N ASP F 129 22.37 -35.47 -19.92
CA ASP F 129 23.28 -35.67 -21.03
C ASP F 129 22.53 -35.80 -22.32
N ASN F 130 23.02 -35.11 -23.33
CA ASN F 130 22.48 -35.09 -24.69
C ASN F 130 21.07 -34.48 -24.80
N TRP F 131 20.60 -33.82 -23.74
CA TRP F 131 19.35 -33.07 -23.77
C TRP F 131 19.68 -31.61 -23.44
N SER F 132 18.95 -30.66 -24.05
CA SER F 132 19.23 -29.23 -23.90
C SER F 132 17.99 -28.35 -24.08
N VAL F 133 18.12 -27.02 -23.81
CA VAL F 133 17.08 -26.04 -24.02
C VAL F 133 16.79 -25.94 -25.52
N GLU F 134 17.81 -25.96 -26.38
CA GLU F 134 17.61 -25.92 -27.84
C GLU F 134 16.71 -27.10 -28.28
N LYS F 135 16.87 -28.28 -27.67
CA LYS F 135 16.08 -29.44 -28.01
C LYS F 135 14.67 -29.34 -27.50
N ILE F 136 14.47 -28.75 -26.30
CA ILE F 136 13.13 -28.57 -25.73
C ILE F 136 12.31 -27.63 -26.62
N ARG F 137 12.96 -26.56 -27.11
CA ARG F 137 12.30 -25.63 -28.01
C ARG F 137 11.98 -26.33 -29.35
N ARG F 138 12.94 -27.09 -29.90
CA ARG F 138 12.80 -27.83 -31.16
C ARG F 138 11.68 -28.89 -31.16
N VAL F 139 11.58 -29.68 -30.09
CA VAL F 139 10.60 -30.75 -30.00
C VAL F 139 9.12 -30.27 -29.79
N GLY F 140 8.95 -28.98 -29.52
CA GLY F 140 7.62 -28.41 -29.30
C GLY F 140 7.28 -28.15 -27.85
N GLY F 141 8.28 -28.19 -26.97
CA GLY F 141 8.09 -27.95 -25.56
C GLY F 141 7.64 -26.52 -25.31
N ASP F 142 6.78 -26.35 -24.30
CA ASP F 142 6.26 -25.04 -23.90
C ASP F 142 7.14 -24.34 -22.89
N ALA F 143 7.87 -25.10 -22.05
CA ALA F 143 8.73 -24.54 -21.01
C ALA F 143 9.89 -25.46 -20.67
N VAL F 144 10.99 -24.91 -20.14
CA VAL F 144 12.13 -25.70 -19.70
C VAL F 144 12.06 -25.74 -18.17
N LYS F 145 12.32 -26.89 -17.55
CA LYS F 145 12.27 -27.02 -16.09
C LYS F 145 13.61 -27.45 -15.54
N VAL F 146 14.10 -26.74 -14.54
CA VAL F 146 15.34 -27.10 -13.87
C VAL F 146 15.05 -27.14 -12.37
N LEU F 147 15.43 -28.22 -11.69
CA LEU F 147 15.36 -28.29 -10.26
C LEU F 147 16.80 -28.02 -9.80
N ALA F 148 16.96 -27.01 -8.94
CA ALA F 148 18.26 -26.69 -8.38
C ALA F 148 18.24 -26.96 -6.87
N TRP F 149 19.10 -27.88 -6.39
CA TRP F 149 19.22 -28.13 -4.96
C TRP F 149 19.89 -26.91 -4.36
N TYR F 150 19.23 -26.25 -3.42
CA TYR F 150 19.77 -25.04 -2.85
C TYR F 150 19.62 -24.91 -1.35
N ARG F 151 20.65 -24.39 -0.71
CA ARG F 151 20.76 -24.02 0.70
C ARG F 151 21.61 -22.75 0.66
N PRO F 152 21.20 -21.66 1.33
CA PRO F 152 22.05 -20.45 1.34
C PRO F 152 23.35 -20.66 2.14
N ASP F 153 23.35 -21.60 3.12
CA ASP F 153 24.52 -21.89 3.94
C ASP F 153 25.43 -23.00 3.41
N ALA F 154 25.24 -23.43 2.16
CA ALA F 154 26.12 -24.41 1.55
C ALA F 154 27.51 -23.75 1.27
N SER F 155 28.56 -24.56 0.99
CA SER F 155 29.90 -24.04 0.76
C SER F 155 29.96 -23.06 -0.38
N ASP F 156 30.91 -22.11 -0.34
CA ASP F 156 31.06 -21.12 -1.39
C ASP F 156 31.21 -21.71 -2.78
N GLU F 157 31.89 -22.87 -2.89
CA GLU F 157 32.11 -23.59 -4.14
C GLU F 157 30.79 -24.17 -4.68
N VAL F 158 30.00 -24.81 -3.80
CA VAL F 158 28.71 -25.36 -4.18
C VAL F 158 27.76 -24.25 -4.57
N LEU F 159 27.74 -23.14 -3.80
CA LEU F 159 26.91 -21.96 -4.07
C LEU F 159 27.27 -21.39 -5.43
N GLN F 160 28.57 -21.26 -5.71
CA GLN F 160 29.14 -20.72 -6.94
C GLN F 160 28.73 -21.62 -8.13
N HIS F 161 28.75 -22.95 -7.94
CA HIS F 161 28.33 -23.91 -8.95
C HIS F 161 26.83 -23.79 -9.24
N GLN F 162 25.95 -23.88 -8.20
CA GLN F 162 24.50 -23.76 -8.37
C GLN F 162 24.09 -22.44 -8.99
N LYS F 163 24.60 -21.30 -8.49
CA LYS F 163 24.29 -20.00 -9.08
C LYS F 163 24.69 -19.94 -10.56
N ASP F 164 25.88 -20.46 -10.91
CA ASP F 164 26.36 -20.49 -12.29
C ASP F 164 25.53 -21.38 -13.20
N TYR F 165 25.10 -22.54 -12.69
CA TYR F 165 24.27 -23.45 -13.47
C TYR F 165 22.89 -22.85 -13.74
N VAL F 166 22.25 -22.26 -12.70
CA VAL F 166 20.92 -21.66 -12.85
C VAL F 166 20.94 -20.52 -13.86
N ARG F 167 21.91 -19.63 -13.71
CA ARG F 167 22.13 -18.50 -14.60
C ARG F 167 22.43 -18.93 -16.05
N THR F 168 23.19 -20.04 -16.27
CA THR F 168 23.49 -20.45 -17.65
C THR F 168 22.25 -21.03 -18.33
N ILE F 169 21.33 -21.69 -17.58
CA ILE F 169 20.09 -22.18 -18.21
C ILE F 169 19.14 -20.99 -18.49
N GLY F 170 19.13 -19.99 -17.60
CA GLY F 170 18.35 -18.78 -17.81
C GLY F 170 18.76 -18.04 -19.06
N ALA F 171 20.07 -18.12 -19.44
CA ALA F 171 20.60 -17.48 -20.63
C ALA F 171 20.17 -18.29 -21.86
N GLU F 172 20.21 -19.63 -21.78
CA GLU F 172 19.72 -20.54 -22.82
C GLU F 172 18.25 -20.24 -23.11
N CYS F 173 17.44 -20.04 -22.04
CA CYS F 173 16.01 -19.77 -22.18
C CYS F 173 15.73 -18.39 -22.78
N ARG F 174 16.58 -17.39 -22.53
CA ARG F 174 16.41 -16.06 -23.13
C ARG F 174 16.78 -16.12 -24.63
N ARG F 175 17.80 -16.90 -24.97
CA ARG F 175 18.24 -17.08 -26.35
C ARG F 175 17.14 -17.78 -27.19
N HIS F 176 16.47 -18.78 -26.63
CA HIS F 176 15.39 -19.48 -27.33
C HIS F 176 13.99 -18.96 -26.99
N ASP F 177 13.88 -17.82 -26.26
CA ASP F 177 12.65 -17.18 -25.83
C ASP F 177 11.61 -18.17 -25.32
N ILE F 178 12.00 -19.05 -24.45
CA ILE F 178 11.12 -20.08 -23.90
C ILE F 178 11.06 -19.89 -22.39
N PRO F 179 9.91 -20.13 -21.76
CA PRO F 179 9.83 -19.96 -20.31
C PRO F 179 10.84 -20.79 -19.50
N TYR F 180 11.36 -20.20 -18.44
CA TYR F 180 12.28 -20.85 -17.53
C TYR F 180 11.56 -21.13 -16.23
N VAL F 181 11.21 -22.39 -16.01
CA VAL F 181 10.56 -22.83 -14.80
C VAL F 181 11.68 -23.32 -13.89
N LEU F 182 11.88 -22.68 -12.74
CA LEU F 182 12.93 -23.10 -11.81
C LEU F 182 12.29 -23.60 -10.54
N GLU F 183 12.66 -24.80 -10.13
CA GLU F 183 12.20 -25.40 -8.91
C GLU F 183 13.35 -25.35 -7.91
N LEU F 184 13.08 -24.87 -6.68
CA LEU F 184 14.09 -24.78 -5.65
C LEU F 184 13.78 -25.74 -4.52
N LEU F 185 14.79 -26.49 -4.04
CA LEU F 185 14.59 -27.46 -2.97
C LEU F 185 15.74 -27.46 -1.96
N VAL F 186 15.41 -27.43 -0.66
CA VAL F 186 16.41 -27.51 0.40
C VAL F 186 16.66 -28.99 0.70
N TYR F 187 17.83 -29.29 1.24
CA TYR F 187 18.25 -30.66 1.52
C TYR F 187 19.17 -30.69 2.73
N PRO F 188 19.39 -31.86 3.33
CA PRO F 188 20.34 -31.94 4.45
C PRO F 188 21.75 -32.25 3.95
N PHE F 189 22.77 -31.77 4.68
CA PHE F 189 24.16 -32.07 4.32
C PHE F 189 24.50 -33.55 4.61
N PRO F 190 25.48 -34.13 3.89
CA PRO F 190 25.81 -35.55 4.14
C PRO F 190 26.46 -35.77 5.51
N SER F 202 14.61 -26.81 13.27
CA SER F 202 13.65 -25.76 13.62
C SER F 202 12.89 -25.29 12.37
N ALA F 203 11.58 -24.96 12.52
CA ALA F 203 10.76 -24.49 11.41
C ALA F 203 11.18 -23.12 10.91
N ASP F 204 11.68 -22.25 11.81
CA ASP F 204 12.17 -20.91 11.41
C ASP F 204 13.53 -21.02 10.69
N LYS F 205 14.34 -22.05 11.04
CA LYS F 205 15.64 -22.25 10.39
C LYS F 205 15.46 -22.79 8.96
N ARG F 206 14.44 -23.62 8.74
CA ARG F 206 14.12 -24.15 7.41
C ARG F 206 13.53 -23.00 6.57
N ALA F 207 12.61 -22.21 7.17
CA ALA F 207 11.99 -21.08 6.48
C ALA F 207 13.03 -20.09 5.98
N ASP F 208 14.15 -19.89 6.70
CA ASP F 208 15.22 -19.01 6.25
C ASP F 208 15.95 -19.57 5.03
N LEU F 209 16.18 -20.90 5.01
CA LEU F 209 16.83 -21.58 3.91
C LEU F 209 15.95 -21.49 2.67
N VAL F 210 14.63 -21.70 2.82
CA VAL F 210 13.68 -21.65 1.71
C VAL F 210 13.53 -20.22 1.17
N ILE F 211 13.17 -19.27 2.04
CA ILE F 211 12.92 -17.89 1.63
C ILE F 211 14.14 -17.21 1.01
N GLU F 212 15.32 -17.35 1.63
CA GLU F 212 16.53 -16.75 1.07
C GLU F 212 16.96 -17.43 -0.24
N SER F 213 16.52 -18.67 -0.50
CA SER F 213 16.81 -19.33 -1.77
C SER F 213 15.95 -18.64 -2.85
N VAL F 214 14.66 -18.38 -2.55
CA VAL F 214 13.70 -17.68 -3.42
C VAL F 214 14.21 -16.28 -3.75
N ARG F 215 14.79 -15.60 -2.76
CA ARG F 215 15.28 -14.25 -2.93
C ARG F 215 16.48 -14.17 -3.84
N GLU F 216 17.34 -15.18 -3.80
CA GLU F 216 18.52 -15.18 -4.66
C GLU F 216 18.13 -15.39 -6.11
N PHE F 217 17.35 -16.44 -6.44
CA PHE F 217 17.05 -16.74 -7.85
C PHE F 217 15.95 -15.90 -8.46
N ALA F 218 15.41 -14.94 -7.71
CA ALA F 218 14.47 -13.98 -8.22
C ALA F 218 15.21 -12.80 -8.87
N LYS F 219 16.56 -12.68 -8.69
CA LYS F 219 17.37 -11.61 -9.27
C LYS F 219 17.29 -11.67 -10.78
N PRO F 220 17.27 -10.48 -11.43
CA PRO F 220 17.13 -10.46 -12.90
C PRO F 220 18.17 -11.26 -13.70
N GLU F 221 19.41 -11.42 -13.19
CA GLU F 221 20.46 -12.13 -13.93
C GLU F 221 20.10 -13.60 -14.21
N TYR F 222 19.20 -14.18 -13.41
CA TYR F 222 18.82 -15.58 -13.58
C TYR F 222 17.75 -15.85 -14.62
N GLY F 223 16.99 -14.83 -15.02
CA GLY F 223 15.96 -14.95 -16.03
C GLY F 223 14.86 -15.96 -15.73
N VAL F 224 14.44 -16.07 -14.47
CA VAL F 224 13.40 -17.02 -14.09
C VAL F 224 12.03 -16.49 -14.48
N ASP F 225 11.22 -17.35 -15.11
CA ASP F 225 9.88 -16.98 -15.53
C ASP F 225 8.79 -17.50 -14.63
N LEU F 226 9.01 -18.66 -14.01
CA LEU F 226 8.02 -19.26 -13.13
C LEU F 226 8.75 -20.03 -12.04
N TYR F 227 8.22 -19.94 -10.82
CA TYR F 227 8.81 -20.58 -9.68
C TYR F 227 8.02 -21.79 -9.22
N LYS F 228 8.69 -22.90 -8.94
CA LYS F 228 8.07 -24.08 -8.36
C LYS F 228 8.71 -24.14 -6.99
N LEU F 229 7.94 -23.83 -5.94
CA LEU F 229 8.51 -23.71 -4.60
C LEU F 229 7.92 -24.65 -3.59
N GLU F 230 8.76 -25.07 -2.63
CA GLU F 230 8.26 -25.91 -1.54
C GLU F 230 7.71 -24.97 -0.42
N THR F 231 6.96 -25.54 0.53
CA THR F 231 6.41 -24.78 1.63
C THR F 231 7.52 -24.23 2.53
N PRO F 232 7.51 -22.91 2.83
CA PRO F 232 8.54 -22.35 3.73
C PRO F 232 8.43 -22.91 5.15
N LEU F 233 7.18 -23.21 5.59
CA LEU F 233 6.90 -23.80 6.89
C LEU F 233 6.33 -25.19 6.66
N PRO F 234 6.75 -26.19 7.44
CA PRO F 234 6.20 -27.56 7.27
C PRO F 234 4.69 -27.66 7.11
N ALA F 235 4.21 -28.57 6.27
CA ALA F 235 2.77 -28.73 6.05
C ALA F 235 2.02 -29.13 7.33
N ALA F 236 2.59 -30.05 8.12
CA ALA F 236 2.01 -30.54 9.36
C ALA F 236 1.85 -29.43 10.41
N SER F 237 2.86 -28.56 10.49
CA SER F 237 2.89 -27.47 11.46
C SER F 237 1.84 -26.38 11.24
N LEU F 238 1.37 -26.21 10.00
CA LEU F 238 0.42 -25.14 9.69
C LEU F 238 -0.89 -25.19 10.45
N PRO F 239 -1.20 -24.12 11.21
CA PRO F 239 -2.49 -24.07 11.92
C PRO F 239 -3.64 -23.63 11.01
N PRO F 240 -4.92 -23.76 11.42
CA PRO F 240 -6.03 -23.29 10.55
C PRO F 240 -5.92 -21.81 10.15
N MET F 241 -6.42 -21.45 8.96
CA MET F 241 -6.37 -20.09 8.43
C MET F 241 -7.36 -19.12 9.08
N ASP F 242 -7.32 -18.99 10.41
CA ASP F 242 -8.24 -18.11 11.12
C ASP F 242 -7.58 -16.75 11.49
N ASP F 243 -8.19 -15.97 12.41
CA ASP F 243 -7.70 -14.64 12.80
C ASP F 243 -6.77 -14.65 14.02
N SER F 244 -6.16 -15.80 14.33
CA SER F 244 -5.27 -15.94 15.47
C SER F 244 -3.84 -15.45 15.20
N ALA F 245 -3.07 -15.24 16.27
CA ALA F 245 -1.68 -14.83 16.20
C ALA F 245 -0.86 -15.95 15.55
N GLU F 246 -1.21 -17.22 15.86
CA GLU F 246 -0.57 -18.39 15.30
C GLU F 246 -0.66 -18.38 13.76
N SER F 247 -1.81 -17.97 13.24
CA SER F 247 -2.03 -17.86 11.81
C SER F 247 -1.26 -16.68 11.18
N ARG F 248 -1.27 -15.49 11.81
CA ARG F 248 -0.56 -14.34 11.25
C ARG F 248 0.94 -14.59 11.19
N ALA F 249 1.48 -15.30 12.19
CA ALA F 249 2.89 -15.62 12.23
C ALA F 249 3.23 -16.56 11.06
N ALA F 250 2.42 -17.61 10.84
CA ALA F 250 2.65 -18.52 9.73
C ALA F 250 2.50 -17.81 8.36
N ALA F 251 1.41 -17.06 8.18
CA ALA F 251 1.16 -16.31 6.96
C ALA F 251 2.29 -15.34 6.61
N ALA F 252 3.06 -14.86 7.62
CA ALA F 252 4.14 -13.91 7.35
C ALA F 252 5.19 -14.51 6.44
N GLN F 253 5.54 -15.79 6.65
CA GLN F 253 6.53 -16.46 5.80
C GLN F 253 6.05 -16.60 4.37
N PHE F 254 4.76 -16.94 4.18
CA PHE F 254 4.15 -17.07 2.85
C PHE F 254 4.14 -15.73 2.14
N ALA F 255 3.82 -14.65 2.87
CA ALA F 255 3.75 -13.28 2.33
C ALA F 255 5.11 -12.75 1.92
N GLU F 256 6.19 -13.22 2.55
CA GLU F 256 7.53 -12.80 2.15
C GLU F 256 7.90 -13.48 0.82
N VAL F 257 7.51 -14.74 0.66
CA VAL F 257 7.72 -15.47 -0.58
C VAL F 257 6.87 -14.78 -1.70
N GLY F 258 5.60 -14.54 -1.40
CA GLY F 258 4.68 -13.87 -2.31
C GLY F 258 5.12 -12.49 -2.73
N SER F 259 5.75 -11.75 -1.79
CA SER F 259 6.29 -10.41 -2.03
C SER F 259 7.54 -10.44 -2.92
N ILE F 260 8.51 -11.33 -2.64
CA ILE F 260 9.72 -11.48 -3.45
C ILE F 260 9.36 -11.80 -4.91
N CYS F 261 8.35 -12.67 -5.11
CA CYS F 261 7.90 -13.12 -6.43
C CYS F 261 7.10 -12.05 -7.18
N ALA F 262 6.27 -11.27 -6.49
CA ALA F 262 5.49 -10.22 -7.15
C ALA F 262 6.41 -9.09 -7.59
N ASP F 263 7.45 -8.77 -6.79
CA ASP F 263 8.41 -7.73 -7.15
C ASP F 263 9.21 -8.14 -8.36
N ALA F 264 9.64 -9.41 -8.43
CA ALA F 264 10.39 -9.90 -9.61
C ALA F 264 9.48 -10.17 -10.85
N GLY F 265 8.17 -10.22 -10.65
CA GLY F 265 7.22 -10.51 -11.72
C GLY F 265 7.19 -11.99 -12.07
N ILE F 266 7.53 -12.85 -11.09
CA ILE F 266 7.57 -14.30 -11.26
C ILE F 266 6.40 -14.97 -10.56
N PRO F 267 5.49 -15.61 -11.31
CA PRO F 267 4.42 -16.37 -10.64
C PRO F 267 5.03 -17.59 -9.95
N TRP F 268 4.43 -18.00 -8.82
CA TRP F 268 4.91 -19.14 -8.06
C TRP F 268 3.81 -20.18 -7.84
N VAL F 269 4.15 -21.45 -8.03
CA VAL F 269 3.26 -22.60 -7.79
C VAL F 269 3.87 -23.43 -6.66
N LEU F 270 3.10 -24.37 -6.07
CA LEU F 270 3.63 -25.16 -4.96
C LEU F 270 3.71 -26.64 -5.20
N LEU F 271 4.85 -27.22 -4.82
CA LEU F 271 5.12 -28.65 -4.96
C LEU F 271 4.41 -29.34 -3.84
N SER F 272 3.69 -30.44 -4.13
CA SER F 272 2.99 -31.16 -3.08
C SER F 272 3.96 -31.75 -2.03
N GLY F 273 5.15 -32.15 -2.47
CA GLY F 273 6.19 -32.65 -1.57
C GLY F 273 5.87 -33.81 -0.64
N GLY F 274 4.91 -34.64 -1.00
CA GLY F 274 4.56 -35.80 -0.21
C GLY F 274 3.71 -35.52 1.02
N ALA F 275 3.18 -34.29 1.13
CA ALA F 275 2.31 -33.94 2.25
C ALA F 275 0.94 -34.58 2.03
N ALA F 276 0.25 -34.95 3.13
CA ALA F 276 -1.09 -35.53 3.07
C ALA F 276 -2.06 -34.55 2.38
N PRO F 277 -3.12 -35.06 1.71
CA PRO F 277 -4.03 -34.15 0.99
C PRO F 277 -4.54 -32.95 1.79
N GLU F 278 -5.03 -33.17 3.02
CA GLU F 278 -5.53 -32.09 3.87
C GLU F 278 -4.44 -31.06 4.15
N GLN F 279 -3.22 -31.55 4.39
CA GLN F 279 -2.05 -30.70 4.67
C GLN F 279 -1.65 -29.89 3.44
N PHE F 280 -1.72 -30.48 2.23
CA PHE F 280 -1.37 -29.74 1.02
C PHE F 280 -2.41 -28.68 0.68
N GLU F 281 -3.68 -28.98 0.95
CA GLU F 281 -4.76 -28.01 0.72
C GLU F 281 -4.59 -26.80 1.64
N ARG F 282 -4.08 -27.02 2.88
CA ARG F 282 -3.80 -25.98 3.86
C ARG F 282 -2.60 -25.14 3.42
N VAL F 283 -1.51 -25.79 2.95
CA VAL F 283 -0.32 -25.10 2.41
C VAL F 283 -0.75 -24.21 1.24
N LEU F 284 -1.65 -24.74 0.39
CA LEU F 284 -2.17 -24.00 -0.74
C LEU F 284 -3.01 -22.80 -0.30
N SER F 285 -3.85 -22.93 0.73
CA SER F 285 -4.65 -21.80 1.22
C SER F 285 -3.74 -20.66 1.71
N TYR F 286 -2.66 -21.00 2.45
CA TYR F 286 -1.71 -19.98 2.91
C TYR F 286 -0.97 -19.35 1.72
N SER F 287 -0.56 -20.18 0.76
CA SER F 287 0.15 -19.75 -0.43
C SER F 287 -0.68 -18.88 -1.37
N TYR F 288 -1.94 -19.27 -1.62
CA TYR F 288 -2.87 -18.53 -2.47
C TYR F 288 -3.23 -17.18 -1.82
N ALA F 289 -3.25 -17.09 -0.49
CA ALA F 289 -3.52 -15.81 0.17
C ALA F 289 -2.33 -14.86 -0.05
N ALA F 290 -1.11 -15.40 -0.13
CA ALA F 290 0.11 -14.64 -0.38
C ALA F 290 0.35 -14.32 -1.88
N GLY F 291 -0.49 -14.83 -2.77
CA GLY F 291 -0.36 -14.56 -4.20
C GLY F 291 0.03 -15.70 -5.12
N ALA F 292 0.12 -16.96 -4.61
CA ALA F 292 0.49 -18.09 -5.46
C ALA F 292 -0.52 -18.31 -6.56
N GLN F 293 -0.05 -18.66 -7.77
CA GLN F 293 -0.94 -18.83 -8.92
C GLN F 293 -1.28 -20.30 -9.26
N GLY F 294 -0.85 -21.24 -8.44
CA GLY F 294 -1.14 -22.65 -8.69
C GLY F 294 -0.31 -23.66 -7.92
N PHE F 295 -0.18 -24.87 -8.46
CA PHE F 295 0.56 -25.96 -7.83
C PHE F 295 1.18 -26.92 -8.90
N LEU F 296 1.98 -27.89 -8.44
CA LEU F 296 2.58 -28.96 -9.23
C LEU F 296 2.40 -30.21 -8.38
N ALA F 297 1.51 -31.13 -8.78
CA ALA F 297 1.27 -32.35 -8.01
C ALA F 297 2.24 -33.49 -8.39
N GLY F 298 2.94 -34.04 -7.39
CA GLY F 298 3.88 -35.12 -7.61
C GLY F 298 3.38 -36.51 -7.26
N ARG F 299 4.31 -37.30 -6.74
CA ARG F 299 4.21 -38.71 -6.32
C ARG F 299 2.89 -39.09 -5.64
N THR F 300 2.42 -38.29 -4.65
CA THR F 300 1.21 -38.49 -3.85
C THR F 300 0.03 -39.07 -4.65
N ILE F 301 -0.25 -38.46 -5.81
CA ILE F 301 -1.33 -38.81 -6.71
C ILE F 301 -1.36 -40.29 -7.12
N TRP F 302 -0.21 -40.84 -7.52
CA TRP F 302 -0.18 -42.17 -8.08
C TRP F 302 0.72 -43.21 -7.41
N LEU F 303 1.52 -42.84 -6.42
CA LEU F 303 2.48 -43.76 -5.84
C LEU F 303 1.90 -45.12 -5.42
N ASP F 304 0.91 -45.15 -4.53
CA ASP F 304 0.31 -46.40 -4.07
C ASP F 304 -0.41 -47.14 -5.21
N ALA F 305 -1.13 -46.40 -6.08
CA ALA F 305 -1.84 -47.00 -7.21
C ALA F 305 -0.91 -47.83 -8.11
N VAL F 306 0.26 -47.28 -8.49
CA VAL F 306 1.23 -47.97 -9.34
C VAL F 306 1.92 -49.05 -8.54
N GLN F 307 2.39 -48.70 -7.33
CA GLN F 307 3.09 -49.63 -6.45
C GLN F 307 2.29 -50.90 -6.16
N ASN F 308 0.98 -50.77 -5.93
CA ASN F 308 0.14 -51.91 -5.57
C ASN F 308 -0.42 -52.72 -6.74
N HIS F 309 -0.74 -52.10 -7.89
CA HIS F 309 -1.37 -52.82 -8.98
C HIS F 309 -0.56 -52.99 -10.27
N PHE F 310 0.63 -52.37 -10.44
CA PHE F 310 1.39 -52.53 -11.69
C PHE F 310 1.82 -53.99 -11.84
N PRO F 311 1.71 -54.60 -13.04
CA PRO F 311 1.32 -54.03 -14.34
C PRO F 311 -0.12 -54.22 -14.80
N ASP F 312 -1.06 -54.49 -13.88
CA ASP F 312 -2.47 -54.63 -14.24
C ASP F 312 -2.95 -53.21 -14.50
N ARG F 313 -2.95 -52.79 -15.77
CA ARG F 313 -3.33 -51.44 -16.20
C ARG F 313 -4.64 -50.94 -15.58
N GLU F 314 -5.71 -51.75 -15.68
CA GLU F 314 -7.02 -51.37 -15.20
C GLU F 314 -7.07 -51.18 -13.69
N ALA F 315 -6.49 -52.11 -12.92
CA ALA F 315 -6.48 -52.00 -11.47
C ALA F 315 -5.79 -50.70 -11.00
N VAL F 316 -4.74 -50.24 -11.73
CA VAL F 316 -4.05 -48.99 -11.45
C VAL F 316 -5.04 -47.82 -11.64
N LEU F 317 -5.72 -47.76 -12.80
CA LEU F 317 -6.70 -46.70 -13.08
C LEU F 317 -7.83 -46.70 -12.08
N THR F 318 -8.23 -47.87 -11.60
CA THR F 318 -9.32 -47.99 -10.65
C THR F 318 -8.88 -47.42 -9.30
N ALA F 319 -7.63 -47.67 -8.89
CA ALA F 319 -7.10 -47.11 -7.64
C ALA F 319 -6.94 -45.58 -7.78
N LEU F 320 -6.47 -45.13 -8.94
CA LEU F 320 -6.27 -43.71 -9.24
C LEU F 320 -7.58 -42.92 -9.17
N LYS F 321 -8.69 -43.50 -9.67
CA LYS F 321 -9.98 -42.83 -9.68
C LYS F 321 -10.56 -42.62 -8.29
N GLY F 322 -10.37 -43.61 -7.43
CA GLY F 322 -10.86 -43.53 -6.06
C GLY F 322 -10.03 -42.65 -5.15
N ASP F 323 -8.77 -42.35 -5.53
CA ASP F 323 -7.90 -41.54 -4.69
C ASP F 323 -7.28 -40.33 -5.44
N GLY F 324 -6.10 -40.50 -6.06
CA GLY F 324 -5.34 -39.45 -6.75
C GLY F 324 -6.09 -38.49 -7.64
N MET F 325 -6.96 -39.01 -8.51
CA MET F 325 -7.77 -38.19 -9.42
C MET F 325 -8.76 -37.31 -8.63
N LYS F 326 -9.28 -37.84 -7.51
CA LYS F 326 -10.18 -37.12 -6.62
C LYS F 326 -9.43 -35.96 -5.95
N ILE F 327 -8.16 -36.21 -5.55
CA ILE F 327 -7.27 -35.21 -4.96
C ILE F 327 -7.01 -34.10 -5.97
N LEU F 328 -6.73 -34.46 -7.23
CA LEU F 328 -6.44 -33.48 -8.27
C LEU F 328 -7.65 -32.62 -8.57
N LYS F 329 -8.86 -33.19 -8.53
CA LYS F 329 -10.08 -32.44 -8.79
C LYS F 329 -10.28 -31.43 -7.68
N ASP F 330 -10.04 -31.82 -6.42
CA ASP F 330 -10.15 -30.93 -5.27
C ASP F 330 -9.12 -29.81 -5.34
N LEU F 331 -7.87 -30.12 -5.72
CA LEU F 331 -6.82 -29.11 -5.86
C LEU F 331 -7.12 -28.10 -6.96
N GLY F 332 -7.72 -28.58 -8.04
CA GLY F 332 -8.11 -27.74 -9.16
C GLY F 332 -9.26 -26.83 -8.79
N ARG F 333 -10.21 -27.35 -8.00
CA ARG F 333 -11.37 -26.61 -7.51
C ARG F 333 -10.92 -25.52 -6.53
N LEU F 334 -10.05 -25.88 -5.58
CA LEU F 334 -9.49 -24.92 -4.62
C LEU F 334 -8.73 -23.79 -5.33
N THR F 335 -8.05 -24.11 -6.44
CA THR F 335 -7.28 -23.14 -7.21
C THR F 335 -8.23 -22.18 -7.93
N ARG F 336 -9.31 -22.72 -8.51
CA ARG F 336 -10.33 -21.94 -9.21
C ARG F 336 -10.95 -20.89 -8.27
N GLU F 337 -11.20 -21.28 -7.01
CA GLU F 337 -11.82 -20.42 -6.02
C GLU F 337 -10.88 -19.43 -5.30
N LYS F 338 -9.73 -19.93 -4.79
CA LYS F 338 -8.86 -19.11 -3.98
C LYS F 338 -7.58 -18.55 -4.64
N ALA F 339 -7.05 -19.16 -5.72
CA ALA F 339 -5.82 -18.64 -6.33
C ALA F 339 -6.07 -17.45 -7.22
N GLN F 340 -5.10 -16.54 -7.27
CA GLN F 340 -5.19 -15.37 -8.13
C GLN F 340 -4.82 -15.77 -9.55
N PRO F 341 -5.60 -15.34 -10.54
CA PRO F 341 -5.31 -15.72 -11.93
C PRO F 341 -4.09 -15.02 -12.52
N TRP F 342 -3.18 -15.79 -13.10
CA TRP F 342 -2.02 -15.24 -13.77
C TRP F 342 -2.50 -14.69 -15.09
N LYS F 343 -2.10 -13.47 -15.41
CA LYS F 343 -2.46 -12.86 -16.69
C LYS F 343 -1.20 -12.57 -17.49
N PRO F 344 -1.23 -12.77 -18.81
CA PRO F 344 -0.04 -12.47 -19.62
C PRO F 344 0.12 -10.95 -19.79
N ASP F 345 1.35 -10.47 -19.69
CA ASP F 345 1.65 -9.07 -19.87
C ASP F 345 2.66 -9.03 -20.99
N PHE F 346 2.19 -8.79 -22.22
CA PHE F 346 3.10 -8.80 -23.36
C PHE F 346 3.99 -7.60 -23.38
N ARG F 347 3.49 -6.42 -22.91
CA ARG F 347 4.27 -5.18 -22.79
C ARG F 347 5.27 -4.97 -23.95
N LEU F 348 4.76 -5.13 -25.16
CA LEU F 348 5.55 -5.03 -26.38
C LEU F 348 5.80 -3.58 -26.73
N GLU F 349 7.02 -3.28 -27.20
CA GLU F 349 7.35 -1.93 -27.63
C GLU F 349 6.57 -1.63 -28.91
N GLN F 350 5.87 -0.49 -28.96
CA GLN F 350 5.05 -0.14 -30.11
C GLN F 350 5.83 -0.11 -31.41
N VAL F 351 5.22 -0.65 -32.48
CA VAL F 351 5.83 -0.67 -33.80
C VAL F 351 5.04 0.27 -34.73
N ASP F 352 5.74 1.04 -35.57
CA ASP F 352 5.12 2.04 -36.44
C ASP F 352 5.24 1.76 -37.93
N ARG F 353 5.93 0.70 -38.33
CA ARG F 353 6.12 0.41 -39.75
C ARG F 353 6.18 -1.09 -40.06
N GLU F 354 5.96 -1.44 -41.34
CA GLU F 354 6.02 -2.82 -41.79
C GLU F 354 7.50 -3.18 -41.92
N GLY F 355 7.90 -4.17 -41.13
CA GLY F 355 9.27 -4.63 -41.06
C GLY F 355 9.86 -4.46 -39.67
N ALA F 356 9.34 -3.47 -38.92
CA ALA F 356 9.79 -3.15 -37.58
C ALA F 356 9.71 -4.33 -36.63
N PHE F 357 8.60 -5.09 -36.65
CA PHE F 357 8.45 -6.23 -35.74
C PHE F 357 9.51 -7.33 -35.99
N SER F 358 9.72 -7.66 -37.29
CA SER F 358 10.69 -8.65 -37.71
C SER F 358 12.11 -8.18 -37.40
N CYS F 359 12.39 -6.87 -37.56
CA CYS F 359 13.72 -6.31 -37.24
C CYS F 359 13.96 -6.29 -35.72
N ALA F 360 12.92 -6.01 -34.90
CA ALA F 360 13.00 -5.91 -33.45
C ALA F 360 13.05 -7.25 -32.73
N TYR F 361 12.53 -8.30 -33.36
CA TYR F 361 12.56 -9.63 -32.76
C TYR F 361 13.82 -10.32 -33.29
N ALA F 362 14.97 -10.10 -32.62
CA ALA F 362 16.25 -10.65 -33.06
C ALA F 362 17.17 -11.12 -31.91
N SER G 20 28.53 -29.19 -47.34
CA SER G 20 29.57 -29.68 -46.45
C SER G 20 30.84 -28.83 -46.58
N ILE G 21 30.70 -27.52 -46.81
CA ILE G 21 31.85 -26.62 -46.96
C ILE G 21 32.64 -26.45 -45.65
N GLY G 22 31.91 -26.18 -44.58
CA GLY G 22 32.47 -25.95 -43.25
C GLY G 22 33.34 -27.06 -42.72
N LYS G 23 32.99 -28.31 -43.05
CA LYS G 23 33.78 -29.45 -42.61
C LYS G 23 35.10 -29.48 -43.35
N GLN G 24 35.08 -29.22 -44.67
CA GLN G 24 36.30 -29.25 -45.45
C GLN G 24 37.21 -28.09 -45.09
N ARG G 25 36.63 -26.87 -45.04
CA ARG G 25 37.38 -25.69 -44.68
C ARG G 25 37.92 -25.80 -43.25
N GLY G 26 37.13 -26.35 -42.34
CA GLY G 26 37.56 -26.54 -40.96
C GLY G 26 38.74 -27.48 -40.84
N LEU G 27 38.78 -28.54 -41.67
CA LEU G 27 39.90 -29.49 -41.67
C LEU G 27 41.14 -28.89 -42.32
N ALA G 28 40.96 -28.03 -43.31
CA ALA G 28 42.05 -27.31 -43.95
C ALA G 28 42.75 -26.41 -42.93
N ARG G 29 42.00 -25.86 -41.96
CA ARG G 29 42.56 -25.02 -40.91
C ARG G 29 43.25 -25.81 -39.80
N LEU G 30 43.13 -27.14 -39.79
CA LEU G 30 43.80 -28.04 -38.85
C LEU G 30 45.11 -28.55 -39.43
N ALA G 31 45.23 -28.62 -40.77
CA ALA G 31 46.43 -29.03 -41.47
C ALA G 31 47.27 -27.80 -41.83
N ASP G 32 48.58 -27.97 -42.06
CA ASP G 32 49.45 -26.84 -42.43
C ASP G 32 49.28 -26.47 -43.92
N GLU G 33 50.04 -25.49 -44.45
CA GLU G 33 49.90 -25.10 -45.86
C GLU G 33 50.11 -26.25 -46.83
N ASP G 34 50.88 -27.28 -46.42
CA ASP G 34 51.19 -28.45 -47.26
C ASP G 34 50.11 -29.55 -47.18
N GLY G 35 49.21 -29.47 -46.21
CA GLY G 35 48.13 -30.43 -46.03
C GLY G 35 48.42 -31.50 -45.02
N HIS G 36 49.36 -31.26 -44.08
CA HIS G 36 49.71 -32.23 -43.05
C HIS G 36 49.17 -31.85 -41.67
N PHE G 37 48.80 -32.84 -40.84
CA PHE G 37 48.29 -32.53 -39.51
C PHE G 37 49.35 -32.60 -38.43
N THR G 38 50.05 -31.51 -38.16
CA THR G 38 51.06 -31.45 -37.10
C THR G 38 50.42 -30.81 -35.85
N MET G 39 49.53 -31.57 -35.19
CA MET G 39 48.75 -31.12 -34.07
C MET G 39 49.38 -31.35 -32.68
N VAL G 40 49.03 -30.48 -31.73
CA VAL G 40 49.50 -30.58 -30.36
C VAL G 40 48.26 -30.62 -29.41
N ALA G 41 48.22 -31.59 -28.48
CA ALA G 41 47.10 -31.70 -27.56
C ALA G 41 47.39 -30.95 -26.26
N LEU G 42 46.61 -29.91 -25.96
CA LEU G 42 46.76 -29.15 -24.73
C LEU G 42 45.47 -29.10 -23.91
N ASP G 43 44.72 -30.19 -23.93
CA ASP G 43 43.46 -30.29 -23.21
C ASP G 43 43.51 -31.15 -21.97
N GLN G 44 44.72 -31.55 -21.52
CA GLN G 44 44.91 -32.40 -20.36
C GLN G 44 44.29 -31.76 -19.12
N ARG G 45 43.40 -32.49 -18.44
CA ARG G 45 42.78 -31.96 -17.24
C ARG G 45 43.48 -32.60 -16.02
N PRO G 46 43.12 -33.80 -15.46
CA PRO G 46 43.92 -34.36 -14.36
C PRO G 46 45.43 -34.43 -14.62
N PRO G 47 45.95 -34.89 -15.80
CA PRO G 47 47.40 -34.86 -16.02
C PRO G 47 48.09 -33.53 -15.74
N LEU G 48 47.47 -32.39 -16.11
CA LEU G 48 48.11 -31.10 -15.85
C LEU G 48 48.08 -30.78 -14.37
N LEU G 49 46.95 -31.04 -13.71
CA LEU G 49 46.76 -30.81 -12.28
C LEU G 49 47.78 -31.63 -11.48
N GLN G 50 48.03 -32.87 -11.89
CA GLN G 50 48.97 -33.77 -11.25
C GLN G 50 50.41 -33.31 -11.52
N ALA G 51 50.71 -32.84 -12.74
CA ALA G 51 52.05 -32.31 -13.05
C ALA G 51 52.34 -31.04 -12.25
N LEU G 52 51.31 -30.25 -11.91
CA LEU G 52 51.40 -29.03 -11.12
C LEU G 52 51.47 -29.34 -9.62
N ALA G 53 50.84 -30.44 -9.18
CA ALA G 53 50.91 -30.91 -7.79
C ALA G 53 52.36 -31.36 -7.48
N LYS G 54 53.06 -31.94 -8.48
CA LYS G 54 54.45 -32.36 -8.35
C LYS G 54 55.34 -31.13 -8.36
N ALA G 55 55.13 -30.21 -9.30
CA ALA G 55 55.89 -28.97 -9.39
C ALA G 55 55.78 -28.12 -8.13
N ARG G 56 54.57 -28.02 -7.55
CA ARG G 56 54.36 -27.23 -6.35
C ARG G 56 54.69 -27.98 -5.05
N GLY G 57 54.79 -29.31 -5.12
CA GLY G 57 55.06 -30.15 -3.96
C GLY G 57 53.87 -30.28 -3.03
N ILE G 58 52.67 -29.93 -3.51
CA ILE G 58 51.44 -29.97 -2.73
C ILE G 58 50.52 -31.08 -3.25
N PRO G 59 49.51 -31.51 -2.46
CA PRO G 59 48.57 -32.52 -2.98
C PRO G 59 47.74 -31.96 -4.14
N ALA G 60 47.29 -32.84 -5.04
CA ALA G 60 46.49 -32.43 -6.21
C ALA G 60 45.29 -31.59 -5.85
N ASP G 61 44.67 -31.87 -4.69
CA ASP G 61 43.50 -31.15 -4.20
C ASP G 61 43.79 -29.72 -3.70
N GLN G 62 45.06 -29.31 -3.68
CA GLN G 62 45.45 -27.97 -3.22
C GLN G 62 45.91 -27.03 -4.34
N VAL G 63 46.02 -27.54 -5.59
CA VAL G 63 46.48 -26.74 -6.72
C VAL G 63 45.43 -25.74 -7.17
N GLU G 64 45.75 -24.45 -7.08
CA GLU G 64 44.85 -23.36 -7.45
C GLU G 64 44.47 -23.40 -8.93
N PHE G 65 43.31 -22.82 -9.27
CA PHE G 65 42.87 -22.75 -10.65
C PHE G 65 43.83 -21.84 -11.45
N ALA G 66 44.29 -20.73 -10.83
CA ALA G 66 45.25 -19.79 -11.40
C ALA G 66 46.48 -20.50 -11.97
N ASP G 67 46.94 -21.56 -11.27
CA ASP G 67 48.09 -22.35 -11.69
C ASP G 67 47.80 -23.11 -12.96
N MET G 68 46.58 -23.69 -13.07
CA MET G 68 46.14 -24.41 -14.27
C MET G 68 46.13 -23.45 -15.47
N LEU G 69 45.67 -22.22 -15.26
CA LEU G 69 45.65 -21.20 -16.30
C LEU G 69 47.06 -20.80 -16.74
N ALA G 70 47.93 -20.37 -15.80
CA ALA G 70 49.29 -19.93 -16.16
C ALA G 70 50.10 -21.02 -16.89
N ALA G 71 49.81 -22.30 -16.59
CA ALA G 71 50.49 -23.42 -17.24
C ALA G 71 50.00 -23.58 -18.69
N LYS G 72 48.69 -23.52 -18.90
CA LYS G 72 48.13 -23.64 -20.24
C LYS G 72 48.41 -22.40 -21.10
N ARG G 73 48.63 -21.25 -20.48
CA ARG G 73 48.99 -20.03 -21.22
C ARG G 73 50.43 -20.16 -21.70
N LEU G 74 51.31 -20.68 -20.84
CA LEU G 74 52.72 -20.89 -21.13
C LEU G 74 52.91 -21.93 -22.23
N LEU G 75 52.16 -23.03 -22.19
CA LEU G 75 52.27 -24.08 -23.19
C LEU G 75 51.75 -23.67 -24.55
N VAL G 76 50.70 -22.85 -24.57
CA VAL G 76 50.15 -22.36 -25.82
C VAL G 76 51.12 -21.34 -26.44
N GLU G 77 51.79 -20.52 -25.61
CA GLU G 77 52.76 -19.56 -26.11
C GLU G 77 53.98 -20.28 -26.67
N ALA G 78 54.45 -21.31 -25.95
CA ALA G 78 55.62 -22.09 -26.32
C ALA G 78 55.43 -22.99 -27.54
N LEU G 79 54.30 -23.68 -27.65
CA LEU G 79 54.12 -24.65 -28.75
C LEU G 79 53.27 -24.21 -29.95
N ALA G 80 52.67 -23.01 -29.94
CA ALA G 80 51.82 -22.59 -31.05
C ALA G 80 52.53 -22.39 -32.39
N HIS G 81 53.72 -21.77 -32.38
CA HIS G 81 54.43 -21.50 -33.62
C HIS G 81 55.07 -22.73 -34.29
N ASP G 82 54.78 -23.94 -33.78
CA ASP G 82 55.22 -25.20 -34.37
C ASP G 82 54.10 -26.24 -34.31
N ALA G 83 52.86 -25.79 -34.54
CA ALA G 83 51.68 -26.64 -34.52
C ALA G 83 50.73 -26.11 -35.59
N SER G 84 50.25 -26.98 -36.47
CA SER G 84 49.30 -26.58 -37.50
C SER G 84 47.92 -26.25 -36.89
N SER G 85 47.60 -26.88 -35.74
CA SER G 85 46.38 -26.70 -34.97
C SER G 85 46.60 -27.25 -33.54
N MET G 86 45.88 -26.68 -32.57
CA MET G 86 46.01 -27.13 -31.18
C MET G 86 44.66 -27.55 -30.61
N LEU G 87 44.70 -28.52 -29.70
CA LEU G 87 43.53 -29.07 -29.06
C LEU G 87 43.40 -28.41 -27.69
N LEU G 88 42.38 -27.56 -27.46
CA LEU G 88 42.22 -26.91 -26.15
C LEU G 88 40.90 -27.29 -25.50
N ASP G 89 40.90 -27.47 -24.19
CA ASP G 89 39.70 -27.77 -23.45
C ASP G 89 38.98 -26.45 -23.11
N PRO G 90 37.65 -26.46 -22.97
CA PRO G 90 36.95 -25.19 -22.69
C PRO G 90 37.11 -24.57 -21.30
N ASN G 91 37.20 -25.36 -20.23
CA ASN G 91 37.20 -24.79 -18.89
C ASN G 91 38.54 -24.27 -18.42
N PHE G 92 39.65 -24.76 -18.99
CA PHE G 92 40.97 -24.32 -18.57
C PHE G 92 41.76 -23.57 -19.67
N ALA G 93 42.07 -24.23 -20.80
CA ALA G 93 42.90 -23.65 -21.84
C ALA G 93 42.21 -22.54 -22.63
N MET G 94 40.88 -22.61 -22.75
CA MET G 94 40.15 -21.56 -23.46
C MET G 94 40.25 -20.21 -22.71
N PRO G 95 39.91 -20.09 -21.39
CA PRO G 95 40.09 -18.79 -20.72
C PRO G 95 41.56 -18.39 -20.51
N ALA G 96 42.45 -19.36 -20.38
CA ALA G 96 43.86 -19.09 -20.13
C ALA G 96 44.66 -18.61 -21.32
N ALA G 97 44.40 -19.16 -22.52
CA ALA G 97 45.24 -18.87 -23.66
C ALA G 97 44.57 -18.54 -24.96
N ILE G 98 43.26 -18.26 -24.98
CA ILE G 98 42.61 -17.94 -26.26
C ILE G 98 43.18 -16.66 -26.88
N ASP G 99 43.60 -15.70 -26.06
CA ASP G 99 44.22 -14.46 -26.54
C ASP G 99 45.67 -14.64 -27.01
N VAL G 100 46.33 -15.75 -26.66
CA VAL G 100 47.71 -15.98 -27.11
C VAL G 100 47.81 -17.05 -28.20
N LEU G 101 46.71 -17.73 -28.55
CA LEU G 101 46.71 -18.70 -29.63
C LEU G 101 46.65 -17.87 -30.91
N PRO G 102 47.62 -18.06 -31.81
CA PRO G 102 47.60 -17.28 -33.06
C PRO G 102 46.35 -17.58 -33.89
N ALA G 103 45.89 -16.57 -34.62
CA ALA G 103 44.69 -16.68 -35.44
C ALA G 103 44.80 -17.76 -36.49
N ARG G 104 45.98 -17.89 -37.13
CA ARG G 104 46.18 -18.87 -38.19
C ARG G 104 46.51 -20.28 -37.71
N THR G 105 46.51 -20.51 -36.41
CA THR G 105 46.69 -21.83 -35.84
C THR G 105 45.26 -22.38 -35.64
N GLY G 106 44.99 -23.58 -36.14
CA GLY G 106 43.68 -24.18 -36.00
C GLY G 106 43.32 -24.45 -34.55
N LEU G 107 42.02 -24.41 -34.23
CA LEU G 107 41.57 -24.62 -32.86
C LEU G 107 40.62 -25.81 -32.79
N ILE G 108 41.07 -26.91 -32.18
CA ILE G 108 40.21 -28.08 -32.00
C ILE G 108 39.73 -27.98 -30.56
N VAL G 109 38.41 -27.97 -30.34
CA VAL G 109 37.89 -27.83 -28.97
C VAL G 109 37.38 -29.15 -28.43
N THR G 110 37.85 -29.53 -27.24
CA THR G 110 37.45 -30.75 -26.56
C THR G 110 35.97 -30.69 -26.16
N LEU G 111 35.22 -31.79 -26.37
CA LEU G 111 33.82 -31.86 -25.99
C LEU G 111 33.58 -32.94 -24.91
N GLU G 112 34.32 -34.06 -24.93
CA GLU G 112 34.13 -35.12 -23.96
C GLU G 112 34.61 -34.74 -22.56
N GLU G 113 33.85 -35.16 -21.54
CA GLU G 113 34.19 -34.91 -20.14
C GLU G 113 35.23 -35.95 -19.68
N HIS G 114 36.31 -35.54 -19.01
CA HIS G 114 37.35 -36.46 -18.53
C HIS G 114 36.85 -37.47 -17.48
N ARG G 115 35.85 -37.09 -16.68
CA ARG G 115 35.29 -37.99 -15.68
C ARG G 115 34.26 -38.94 -16.28
N PHE G 116 34.70 -39.94 -17.02
CA PHE G 116 33.81 -40.94 -17.62
C PHE G 116 33.23 -41.88 -16.52
N GLN G 117 32.26 -42.73 -16.86
CA GLN G 117 31.68 -43.67 -15.91
C GLN G 117 32.42 -45.01 -16.05
N ASP G 118 33.19 -45.43 -15.03
CA ASP G 118 33.92 -46.71 -15.11
C ASP G 118 33.10 -47.91 -14.63
N THR G 119 32.13 -48.36 -15.44
CA THR G 119 31.26 -49.48 -15.09
C THR G 119 31.96 -50.85 -15.28
N PRO G 120 31.42 -51.93 -14.66
CA PRO G 120 32.05 -53.26 -14.83
C PRO G 120 32.10 -53.79 -16.26
N GLY G 121 31.20 -53.30 -17.11
CA GLY G 121 31.18 -53.73 -18.51
C GLY G 121 31.86 -52.78 -19.46
N GLY G 122 32.57 -51.77 -18.94
CA GLY G 122 33.25 -50.77 -19.76
C GLY G 122 32.97 -49.33 -19.36
N ARG G 123 33.57 -48.39 -20.11
CA ARG G 123 33.45 -46.95 -19.86
C ARG G 123 32.31 -46.25 -20.62
N LYS G 124 31.63 -45.31 -19.94
CA LYS G 124 30.54 -44.54 -20.53
C LYS G 124 30.94 -43.06 -20.63
N SER G 125 30.91 -42.53 -21.84
CA SER G 125 31.30 -41.16 -22.15
C SER G 125 30.09 -40.21 -22.17
N ARG G 126 30.33 -38.91 -21.95
CA ARG G 126 29.35 -37.82 -22.00
C ARG G 126 30.09 -36.50 -22.28
N SER G 127 29.36 -35.48 -22.78
CA SER G 127 29.96 -34.17 -23.05
C SER G 127 30.29 -33.39 -21.76
N ILE G 128 31.17 -32.39 -21.85
CA ILE G 128 31.50 -31.51 -20.72
C ILE G 128 30.24 -30.71 -20.39
N ASP G 129 29.90 -30.57 -19.10
CA ASP G 129 28.70 -29.81 -18.73
C ASP G 129 28.78 -28.38 -19.20
N ASN G 130 27.65 -27.88 -19.63
CA ASN G 130 27.46 -26.52 -20.10
C ASN G 130 28.35 -26.16 -21.31
N TRP G 131 28.83 -27.18 -22.03
CA TRP G 131 29.57 -26.98 -23.27
C TRP G 131 28.87 -27.77 -24.42
N SER G 132 29.14 -27.40 -25.68
CA SER G 132 28.47 -28.04 -26.80
C SER G 132 29.14 -27.82 -28.16
N VAL G 133 28.73 -28.60 -29.17
CA VAL G 133 29.15 -28.43 -30.56
C VAL G 133 28.73 -27.02 -31.04
N GLU G 134 27.53 -26.59 -30.69
CA GLU G 134 27.03 -25.27 -31.04
C GLU G 134 27.95 -24.17 -30.45
N LYS G 135 28.32 -24.30 -29.16
CA LYS G 135 29.19 -23.35 -28.49
C LYS G 135 30.58 -23.28 -29.12
N ILE G 136 31.15 -24.45 -29.49
CA ILE G 136 32.46 -24.57 -30.17
C ILE G 136 32.43 -23.84 -31.51
N ARG G 137 31.31 -23.96 -32.24
CA ARG G 137 31.13 -23.30 -33.51
C ARG G 137 31.08 -21.79 -33.29
N ARG G 138 30.32 -21.35 -32.26
CA ARG G 138 30.13 -19.96 -31.88
C ARG G 138 31.41 -19.24 -31.51
N VAL G 139 32.22 -19.87 -30.66
CA VAL G 139 33.47 -19.31 -30.17
C VAL G 139 34.60 -19.25 -31.25
N GLY G 140 34.29 -19.65 -32.47
CA GLY G 140 35.26 -19.61 -33.56
C GLY G 140 36.18 -20.82 -33.63
N GLY G 141 35.79 -21.92 -32.98
CA GLY G 141 36.57 -23.14 -33.03
C GLY G 141 36.50 -23.73 -34.42
N ASP G 142 37.55 -24.42 -34.84
CA ASP G 142 37.61 -25.02 -36.18
C ASP G 142 37.16 -26.46 -36.27
N ALA G 143 37.08 -27.14 -35.13
CA ALA G 143 36.76 -28.55 -35.08
C ALA G 143 36.25 -28.92 -33.69
N VAL G 144 35.49 -30.01 -33.61
CA VAL G 144 34.99 -30.54 -32.36
C VAL G 144 35.75 -31.85 -32.10
N LYS G 145 36.26 -32.06 -30.89
CA LYS G 145 36.99 -33.29 -30.58
C LYS G 145 36.26 -34.10 -29.54
N VAL G 146 36.11 -35.40 -29.76
CA VAL G 146 35.55 -36.29 -28.76
C VAL G 146 36.42 -37.54 -28.61
N LEU G 147 36.86 -37.86 -27.38
CA LEU G 147 37.57 -39.10 -27.07
C LEU G 147 36.47 -40.05 -26.59
N ALA G 148 36.37 -41.22 -27.22
CA ALA G 148 35.37 -42.21 -26.85
C ALA G 148 36.07 -43.51 -26.44
N TRP G 149 36.17 -43.80 -25.13
CA TRP G 149 36.79 -45.06 -24.64
C TRP G 149 36.01 -46.23 -25.19
N TYR G 150 36.65 -47.06 -26.04
CA TYR G 150 35.92 -48.12 -26.72
C TYR G 150 36.69 -49.38 -26.93
N ARG G 151 36.02 -50.52 -26.73
CA ARG G 151 36.55 -51.84 -27.03
C ARG G 151 35.38 -52.75 -27.45
N PRO G 152 35.53 -53.48 -28.57
CA PRO G 152 34.42 -54.31 -29.07
C PRO G 152 33.87 -55.37 -28.12
N ASP G 153 34.69 -55.78 -27.15
CA ASP G 153 34.28 -56.77 -26.16
C ASP G 153 33.60 -56.17 -24.92
N ALA G 154 33.14 -54.91 -25.00
CA ALA G 154 32.42 -54.28 -23.89
C ALA G 154 31.00 -54.90 -23.80
N SER G 155 30.30 -54.70 -22.68
CA SER G 155 28.94 -55.22 -22.54
C SER G 155 27.98 -54.52 -23.52
N ASP G 156 26.83 -55.13 -23.84
CA ASP G 156 25.89 -54.54 -24.79
C ASP G 156 25.42 -53.16 -24.37
N GLU G 157 25.19 -52.96 -23.07
CA GLU G 157 24.72 -51.68 -22.56
C GLU G 157 25.77 -50.59 -22.81
N VAL G 158 27.05 -50.92 -22.56
CA VAL G 158 28.18 -50.01 -22.76
C VAL G 158 28.41 -49.71 -24.23
N LEU G 159 28.32 -50.74 -25.09
CA LEU G 159 28.46 -50.58 -26.54
C LEU G 159 27.35 -49.69 -27.07
N GLN G 160 26.12 -49.86 -26.54
CA GLN G 160 24.97 -49.07 -26.96
C GLN G 160 25.11 -47.61 -26.51
N HIS G 161 25.65 -47.39 -25.32
CA HIS G 161 25.88 -46.04 -24.80
C HIS G 161 26.93 -45.33 -25.68
N GLN G 162 28.13 -45.91 -25.84
CA GLN G 162 29.20 -45.33 -26.65
C GLN G 162 28.82 -45.05 -28.09
N LYS G 163 28.15 -46.00 -28.77
CA LYS G 163 27.74 -45.80 -30.16
C LYS G 163 26.76 -44.65 -30.27
N ASP G 164 25.80 -44.55 -29.32
CA ASP G 164 24.81 -43.50 -29.28
C ASP G 164 25.44 -42.13 -29.03
N TYR G 165 26.40 -42.06 -28.12
CA TYR G 165 27.07 -40.81 -27.81
C TYR G 165 27.86 -40.30 -29.02
N VAL G 166 28.67 -41.17 -29.64
CA VAL G 166 29.42 -40.78 -30.82
C VAL G 166 28.50 -40.32 -31.94
N ARG G 167 27.38 -41.03 -32.12
CA ARG G 167 26.42 -40.76 -33.17
C ARG G 167 25.72 -39.43 -32.95
N THR G 168 25.25 -39.19 -31.71
CA THR G 168 24.58 -37.93 -31.38
C THR G 168 25.53 -36.75 -31.57
N ILE G 169 26.84 -36.89 -31.27
CA ILE G 169 27.80 -35.81 -31.55
C ILE G 169 28.04 -35.63 -33.05
N GLY G 170 28.07 -36.73 -33.81
CA GLY G 170 28.23 -36.66 -35.25
C GLY G 170 27.09 -35.92 -35.91
N ALA G 171 25.87 -36.08 -35.35
CA ALA G 171 24.68 -35.39 -35.83
C ALA G 171 24.80 -33.90 -35.53
N GLU G 172 25.36 -33.53 -34.35
CA GLU G 172 25.55 -32.12 -33.98
C GLU G 172 26.55 -31.46 -34.91
N CYS G 173 27.63 -32.16 -35.23
CA CYS G 173 28.64 -31.64 -36.13
C CYS G 173 28.11 -31.49 -37.56
N ARG G 174 27.19 -32.38 -38.01
CA ARG G 174 26.60 -32.24 -39.35
C ARG G 174 25.70 -30.99 -39.34
N ARG G 175 24.90 -30.83 -38.28
CA ARG G 175 24.03 -29.69 -38.09
C ARG G 175 24.80 -28.36 -38.12
N HIS G 176 25.93 -28.27 -37.42
CA HIS G 176 26.71 -27.04 -37.42
C HIS G 176 27.86 -27.03 -38.44
N ASP G 177 27.85 -27.97 -39.39
CA ASP G 177 28.86 -28.13 -40.44
C ASP G 177 30.29 -27.95 -39.94
N ILE G 178 30.62 -28.64 -38.84
CA ILE G 178 31.92 -28.49 -38.22
C ILE G 178 32.63 -29.83 -38.14
N PRO G 179 33.94 -29.85 -38.45
CA PRO G 179 34.69 -31.12 -38.43
C PRO G 179 34.58 -31.90 -37.14
N TYR G 180 34.16 -33.15 -37.25
CA TYR G 180 34.04 -34.03 -36.10
C TYR G 180 35.33 -34.83 -36.03
N VAL G 181 36.11 -34.64 -34.95
CA VAL G 181 37.38 -35.33 -34.71
C VAL G 181 37.17 -36.39 -33.62
N LEU G 182 37.15 -37.68 -34.00
CA LEU G 182 36.95 -38.74 -33.00
C LEU G 182 38.23 -39.40 -32.60
N GLU G 183 38.55 -39.38 -31.32
CA GLU G 183 39.72 -40.04 -30.78
C GLU G 183 39.22 -41.33 -30.17
N LEU G 184 39.80 -42.46 -30.59
CA LEU G 184 39.38 -43.75 -30.04
C LEU G 184 40.50 -44.33 -29.17
N LEU G 185 40.14 -44.92 -28.03
CA LEU G 185 41.15 -45.50 -27.13
C LEU G 185 40.64 -46.73 -26.45
N VAL G 186 41.45 -47.80 -26.43
CA VAL G 186 41.07 -49.02 -25.71
C VAL G 186 41.47 -48.84 -24.24
N TYR G 187 40.88 -49.63 -23.35
CA TYR G 187 41.14 -49.49 -21.92
C TYR G 187 41.04 -50.83 -21.18
N PRO G 188 41.60 -50.96 -19.96
CA PRO G 188 41.41 -52.20 -19.21
C PRO G 188 40.09 -52.15 -18.43
N PHE G 189 39.40 -53.29 -18.35
CA PHE G 189 38.15 -53.37 -17.60
C PHE G 189 38.45 -53.25 -16.10
N PRO G 190 37.58 -52.62 -15.32
CA PRO G 190 37.86 -52.50 -13.87
C PRO G 190 37.57 -53.81 -13.14
N ALA G 203 48.76 -58.26 -26.25
CA ALA G 203 49.32 -57.44 -27.33
C ALA G 203 48.68 -57.78 -28.66
N ASP G 204 48.50 -59.09 -28.93
CA ASP G 204 47.85 -59.54 -30.16
C ASP G 204 46.34 -59.25 -30.09
N LYS G 205 45.75 -59.45 -28.90
CA LYS G 205 44.33 -59.20 -28.65
C LYS G 205 44.03 -57.71 -28.78
N ARG G 206 44.92 -56.86 -28.24
CA ARG G 206 44.79 -55.40 -28.28
C ARG G 206 44.71 -54.88 -29.70
N ALA G 207 45.55 -55.42 -30.61
CA ALA G 207 45.58 -55.03 -32.02
C ALA G 207 44.23 -55.28 -32.71
N ASP G 208 43.52 -56.37 -32.34
CA ASP G 208 42.21 -56.66 -32.92
C ASP G 208 41.15 -55.74 -32.32
N LEU G 209 41.26 -55.42 -31.01
CA LEU G 209 40.34 -54.52 -30.32
C LEU G 209 40.43 -53.12 -30.94
N VAL G 210 41.65 -52.65 -31.29
CA VAL G 210 41.85 -51.33 -31.90
C VAL G 210 41.24 -51.28 -33.29
N ILE G 211 41.66 -52.18 -34.21
CA ILE G 211 41.16 -52.24 -35.59
C ILE G 211 39.64 -52.34 -35.66
N GLU G 212 39.01 -53.22 -34.87
CA GLU G 212 37.56 -53.37 -34.92
C GLU G 212 36.82 -52.15 -34.32
N SER G 213 37.49 -51.35 -33.47
CA SER G 213 36.92 -50.10 -32.97
C SER G 213 36.93 -49.07 -34.10
N VAL G 214 38.05 -48.97 -34.85
CA VAL G 214 38.21 -48.08 -35.97
C VAL G 214 37.17 -48.41 -37.05
N ARG G 215 37.02 -49.70 -37.36
CA ARG G 215 36.05 -50.19 -38.35
C ARG G 215 34.64 -49.76 -37.98
N GLU G 216 34.24 -49.92 -36.70
CA GLU G 216 32.91 -49.51 -36.25
C GLU G 216 32.63 -48.02 -36.48
N PHE G 217 33.42 -47.11 -35.89
CA PHE G 217 33.13 -45.68 -36.00
C PHE G 217 33.49 -45.06 -37.38
N ALA G 218 34.03 -45.88 -38.32
CA ALA G 218 34.25 -45.45 -39.71
C ALA G 218 32.97 -45.60 -40.56
N LYS G 219 31.87 -46.14 -39.98
CA LYS G 219 30.57 -46.26 -40.61
C LYS G 219 30.03 -44.84 -40.88
N PRO G 220 29.29 -44.65 -41.98
CA PRO G 220 28.84 -43.31 -42.33
C PRO G 220 27.85 -42.68 -41.35
N GLU G 221 27.21 -43.49 -40.47
CA GLU G 221 26.23 -42.98 -39.50
C GLU G 221 26.86 -42.07 -38.40
N TYR G 222 28.15 -42.26 -38.08
CA TYR G 222 28.82 -41.48 -37.04
C TYR G 222 29.33 -40.11 -37.50
N GLY G 223 29.46 -39.92 -38.81
CA GLY G 223 29.87 -38.66 -39.39
C GLY G 223 31.23 -38.15 -38.95
N VAL G 224 32.16 -39.07 -38.71
CA VAL G 224 33.52 -38.73 -38.32
C VAL G 224 34.23 -38.09 -39.49
N ASP G 225 34.98 -37.02 -39.25
CA ASP G 225 35.73 -36.35 -40.30
C ASP G 225 37.23 -36.58 -40.17
N LEU G 226 37.74 -36.87 -38.96
CA LEU G 226 39.17 -37.09 -38.74
C LEU G 226 39.34 -38.01 -37.56
N TYR G 227 40.17 -39.04 -37.72
CA TYR G 227 40.46 -40.02 -36.68
C TYR G 227 41.74 -39.71 -35.86
N LYS G 228 41.64 -39.68 -34.53
CA LYS G 228 42.80 -39.55 -33.67
C LYS G 228 43.00 -40.98 -33.16
N LEU G 229 43.94 -41.71 -33.77
CA LEU G 229 44.11 -43.12 -33.46
C LEU G 229 45.38 -43.49 -32.70
N GLU G 230 45.26 -44.51 -31.85
CA GLU G 230 46.41 -45.06 -31.15
C GLU G 230 47.00 -46.20 -32.04
N THR G 231 48.28 -46.45 -31.92
CA THR G 231 48.95 -47.51 -32.68
C THR G 231 48.32 -48.90 -32.39
N PRO G 232 48.14 -49.78 -33.39
CA PRO G 232 47.53 -51.10 -33.11
C PRO G 232 48.47 -52.04 -32.30
N LEU G 233 49.78 -51.88 -32.52
CA LEU G 233 50.79 -52.64 -31.81
C LEU G 233 51.60 -51.66 -30.96
N PRO G 234 52.02 -52.05 -29.76
CA PRO G 234 52.78 -51.12 -28.90
C PRO G 234 54.07 -50.64 -29.55
N ALA G 235 54.42 -49.38 -29.30
CA ALA G 235 55.61 -48.74 -29.85
C ALA G 235 56.88 -49.53 -29.56
N ALA G 236 56.95 -50.14 -28.38
CA ALA G 236 58.08 -50.95 -27.94
C ALA G 236 58.22 -52.22 -28.78
N SER G 237 57.10 -52.84 -29.17
CA SER G 237 57.06 -54.08 -29.98
C SER G 237 57.39 -53.89 -31.47
N LEU G 238 57.72 -52.66 -31.90
CA LEU G 238 57.94 -52.40 -33.31
C LEU G 238 59.36 -52.67 -33.81
N PRO G 239 59.48 -53.58 -34.78
CA PRO G 239 60.80 -53.81 -35.39
C PRO G 239 61.14 -52.72 -36.43
N PRO G 240 62.42 -52.55 -36.83
CA PRO G 240 62.72 -51.52 -37.85
C PRO G 240 62.07 -51.84 -39.19
N MET G 241 61.72 -50.81 -39.98
CA MET G 241 61.09 -51.02 -41.28
C MET G 241 62.03 -51.72 -42.25
N ASP G 242 61.70 -52.95 -42.60
CA ASP G 242 62.48 -53.80 -43.49
C ASP G 242 61.56 -54.85 -44.14
N ASP G 243 62.06 -55.54 -45.19
CA ASP G 243 61.31 -56.61 -45.83
C ASP G 243 61.18 -57.86 -44.93
N SER G 244 61.76 -57.85 -43.71
CA SER G 244 61.70 -58.96 -42.76
C SER G 244 60.26 -59.34 -42.44
N ALA G 245 59.99 -60.65 -42.31
CA ALA G 245 58.66 -61.18 -42.03
C ALA G 245 58.05 -60.57 -40.78
N GLU G 246 58.89 -60.28 -39.77
CA GLU G 246 58.52 -59.66 -38.51
C GLU G 246 57.93 -58.24 -38.74
N SER G 247 58.62 -57.42 -39.56
CA SER G 247 58.22 -56.05 -39.88
C SER G 247 57.01 -56.00 -40.80
N ARG G 248 56.92 -56.91 -41.77
CA ARG G 248 55.79 -56.94 -42.69
C ARG G 248 54.50 -57.39 -41.99
N ALA G 249 54.61 -58.25 -40.97
CA ALA G 249 53.45 -58.70 -40.19
C ALA G 249 52.90 -57.57 -39.31
N ALA G 250 53.79 -56.68 -38.86
CA ALA G 250 53.43 -55.53 -38.06
C ALA G 250 52.82 -54.48 -39.00
N ALA G 251 53.46 -54.23 -40.16
CA ALA G 251 52.94 -53.26 -41.13
C ALA G 251 51.57 -53.64 -41.68
N ALA G 252 51.22 -54.95 -41.64
CA ALA G 252 49.93 -55.44 -42.11
C ALA G 252 48.80 -55.01 -41.15
N GLN G 253 49.11 -54.86 -39.85
CA GLN G 253 48.17 -54.39 -38.83
C GLN G 253 47.85 -52.92 -39.11
N PHE G 254 48.88 -52.11 -39.37
CA PHE G 254 48.70 -50.70 -39.69
C PHE G 254 47.96 -50.57 -41.02
N ALA G 255 48.27 -51.45 -42.00
CA ALA G 255 47.62 -51.47 -43.30
C ALA G 255 46.12 -51.67 -43.19
N GLU G 256 45.65 -52.50 -42.23
CA GLU G 256 44.21 -52.70 -42.08
C GLU G 256 43.53 -51.44 -41.58
N VAL G 257 44.18 -50.74 -40.63
CA VAL G 257 43.67 -49.46 -40.14
C VAL G 257 43.59 -48.44 -41.30
N GLY G 258 44.69 -48.27 -42.03
CA GLY G 258 44.77 -47.36 -43.16
C GLY G 258 43.78 -47.67 -44.26
N SER G 259 43.44 -48.96 -44.43
CA SER G 259 42.48 -49.43 -45.43
C SER G 259 41.06 -49.02 -45.01
N ILE G 260 40.72 -49.17 -43.72
CA ILE G 260 39.41 -48.78 -43.21
C ILE G 260 39.20 -47.27 -43.32
N CYS G 261 40.24 -46.48 -43.06
CA CYS G 261 40.17 -45.02 -43.11
C CYS G 261 40.14 -44.44 -44.53
N ALA G 262 40.85 -45.08 -45.50
CA ALA G 262 40.84 -44.62 -46.89
C ALA G 262 39.49 -44.90 -47.53
N ASP G 263 38.87 -46.06 -47.21
CA ASP G 263 37.55 -46.41 -47.73
C ASP G 263 36.46 -45.55 -47.13
N ALA G 264 36.58 -45.25 -45.83
CA ALA G 264 35.60 -44.34 -45.20
C ALA G 264 35.80 -42.87 -45.67
N GLY G 265 37.00 -42.53 -46.13
CA GLY G 265 37.37 -41.19 -46.58
C GLY G 265 37.76 -40.28 -45.43
N ILE G 266 38.24 -40.87 -44.32
CA ILE G 266 38.59 -40.17 -43.10
C ILE G 266 40.10 -40.15 -42.87
N PRO G 267 40.71 -38.97 -42.85
CA PRO G 267 42.15 -38.90 -42.53
C PRO G 267 42.42 -39.34 -41.08
N TRP G 268 43.58 -39.93 -40.83
CA TRP G 268 43.92 -40.41 -39.50
C TRP G 268 45.27 -39.92 -39.02
N VAL G 269 45.33 -39.46 -37.78
CA VAL G 269 46.56 -38.98 -37.16
C VAL G 269 46.88 -39.89 -35.97
N LEU G 270 48.08 -39.76 -35.38
CA LEU G 270 48.41 -40.62 -34.25
C LEU G 270 48.71 -39.91 -32.97
N LEU G 271 48.16 -40.42 -31.88
CA LEU G 271 48.40 -39.94 -30.53
C LEU G 271 49.78 -40.46 -30.16
N SER G 272 50.61 -39.62 -29.54
CA SER G 272 51.94 -40.03 -29.11
C SER G 272 51.90 -41.15 -28.06
N GLY G 273 50.87 -41.15 -27.22
CA GLY G 273 50.68 -42.17 -26.19
C GLY G 273 51.69 -42.21 -25.07
N GLY G 274 52.65 -41.29 -25.08
CA GLY G 274 53.68 -41.24 -24.05
C GLY G 274 54.91 -42.06 -24.37
N ALA G 275 54.89 -42.82 -25.48
CA ALA G 275 56.03 -43.62 -25.94
C ALA G 275 57.28 -42.73 -26.11
N ALA G 276 58.49 -43.31 -25.91
CA ALA G 276 59.74 -42.55 -26.07
C ALA G 276 59.85 -41.96 -27.47
N PRO G 277 60.42 -40.75 -27.62
CA PRO G 277 60.48 -40.10 -28.94
C PRO G 277 60.90 -40.97 -30.12
N GLU G 278 61.83 -41.90 -29.90
CA GLU G 278 62.31 -42.79 -30.96
C GLU G 278 61.25 -43.85 -31.26
N GLN G 279 60.65 -44.43 -30.21
CA GLN G 279 59.58 -45.42 -30.33
C GLN G 279 58.39 -44.82 -31.08
N PHE G 280 57.99 -43.57 -30.74
CA PHE G 280 56.88 -42.92 -31.43
C PHE G 280 57.24 -42.52 -32.87
N GLU G 281 58.53 -42.23 -33.15
CA GLU G 281 58.96 -41.94 -34.52
C GLU G 281 58.81 -43.18 -35.40
N ARG G 282 59.06 -44.38 -34.84
CA ARG G 282 58.92 -45.63 -35.56
C ARG G 282 57.42 -45.87 -35.85
N VAL G 283 56.53 -45.62 -34.85
CA VAL G 283 55.06 -45.70 -34.95
C VAL G 283 54.59 -44.87 -36.15
N LEU G 284 55.14 -43.66 -36.29
CA LEU G 284 54.79 -42.78 -37.38
C LEU G 284 55.33 -43.26 -38.71
N SER G 285 56.54 -43.85 -38.74
CA SER G 285 57.09 -44.37 -40.00
C SER G 285 56.20 -45.49 -40.54
N TYR G 286 55.69 -46.36 -39.65
CA TYR G 286 54.78 -47.44 -40.02
C TYR G 286 53.42 -46.91 -40.43
N SER G 287 52.93 -45.90 -39.73
CA SER G 287 51.61 -45.34 -40.00
C SER G 287 51.56 -44.59 -41.31
N TYR G 288 52.61 -43.82 -41.61
CA TYR G 288 52.66 -43.04 -42.84
C TYR G 288 52.75 -43.92 -44.10
N ALA G 289 53.26 -45.16 -43.96
CA ALA G 289 53.32 -46.13 -45.06
C ALA G 289 51.89 -46.60 -45.39
N ALA G 290 51.07 -46.83 -44.33
CA ALA G 290 49.67 -47.26 -44.44
C ALA G 290 48.69 -46.13 -44.79
N GLY G 291 49.14 -44.89 -44.80
CA GLY G 291 48.31 -43.76 -45.19
C GLY G 291 47.94 -42.71 -44.15
N ALA G 292 48.53 -42.73 -42.93
CA ALA G 292 48.21 -41.71 -41.92
C ALA G 292 48.64 -40.31 -42.37
N GLN G 293 47.87 -39.27 -42.04
CA GLN G 293 48.16 -37.91 -42.51
C GLN G 293 48.81 -36.96 -41.49
N GLY G 294 49.08 -37.42 -40.27
CA GLY G 294 49.70 -36.56 -39.27
C GLY G 294 49.78 -37.16 -37.88
N PHE G 295 49.94 -36.30 -36.88
CA PHE G 295 50.06 -36.70 -35.49
C PHE G 295 49.44 -35.68 -34.53
N LEU G 296 49.20 -36.11 -33.28
CA LEU G 296 48.71 -35.30 -32.17
C LEU G 296 49.72 -35.54 -31.05
N ALA G 297 50.55 -34.54 -30.74
CA ALA G 297 51.55 -34.69 -29.68
C ALA G 297 50.93 -34.43 -28.29
N GLY G 298 51.19 -35.32 -27.33
CA GLY G 298 50.65 -35.21 -25.99
C GLY G 298 51.63 -34.72 -24.94
N ARG G 299 51.37 -35.15 -23.67
CA ARG G 299 52.11 -34.80 -22.45
C ARG G 299 53.60 -34.83 -22.61
N THR G 300 54.15 -35.94 -23.17
CA THR G 300 55.57 -36.21 -23.47
C THR G 300 56.40 -34.93 -23.70
N ILE G 301 55.94 -34.08 -24.62
CA ILE G 301 56.60 -32.82 -24.99
C ILE G 301 56.96 -31.91 -23.79
N TRP G 302 55.99 -31.62 -22.90
CA TRP G 302 56.16 -30.68 -21.80
C TRP G 302 56.08 -31.25 -20.39
N LEU G 303 55.78 -32.53 -20.25
CA LEU G 303 55.63 -33.16 -18.95
C LEU G 303 56.90 -33.07 -18.09
N ASP G 304 58.07 -32.91 -18.73
CA ASP G 304 59.32 -32.74 -18.00
C ASP G 304 59.47 -31.28 -17.59
N ALA G 305 59.34 -30.36 -18.55
CA ALA G 305 59.47 -28.92 -18.29
C ALA G 305 58.50 -28.39 -17.22
N VAL G 306 57.25 -28.85 -17.19
CA VAL G 306 56.26 -28.39 -16.19
C VAL G 306 56.56 -28.92 -14.79
N GLN G 307 56.74 -30.23 -14.66
CA GLN G 307 57.01 -30.86 -13.36
C GLN G 307 58.29 -30.41 -12.70
N ASN G 308 59.34 -30.15 -13.48
CA ASN G 308 60.63 -29.79 -12.94
C ASN G 308 60.89 -28.30 -12.72
N HIS G 309 60.11 -27.39 -13.36
CA HIS G 309 60.43 -25.96 -13.27
C HIS G 309 59.28 -24.98 -12.99
N PHE G 310 58.03 -25.44 -12.83
CA PHE G 310 56.92 -24.53 -12.58
C PHE G 310 56.97 -24.00 -11.14
N PRO G 311 56.69 -22.70 -10.87
CA PRO G 311 56.18 -21.67 -11.79
C PRO G 311 57.20 -20.76 -12.47
N ASP G 312 58.49 -21.13 -12.51
CA ASP G 312 59.47 -20.27 -13.18
C ASP G 312 59.25 -20.42 -14.68
N ARG G 313 58.54 -19.45 -15.27
CA ARG G 313 58.20 -19.43 -16.70
C ARG G 313 59.43 -19.57 -17.57
N GLU G 314 60.50 -18.83 -17.26
CA GLU G 314 61.75 -18.85 -18.01
C GLU G 314 62.42 -20.23 -17.97
N ALA G 315 62.37 -20.90 -16.83
CA ALA G 315 62.98 -22.22 -16.68
C ALA G 315 62.20 -23.28 -17.44
N VAL G 316 60.86 -23.17 -17.47
CA VAL G 316 60.02 -24.11 -18.23
C VAL G 316 60.32 -23.97 -19.73
N LEU G 317 60.49 -22.73 -20.20
CA LEU G 317 60.81 -22.46 -21.59
C LEU G 317 62.20 -22.96 -22.00
N THR G 318 63.14 -23.09 -21.04
CA THR G 318 64.48 -23.58 -21.34
C THR G 318 64.45 -25.09 -21.57
N ALA G 319 63.78 -25.83 -20.68
CA ALA G 319 63.63 -27.28 -20.81
C ALA G 319 62.80 -27.66 -22.05
N LEU G 320 61.87 -26.79 -22.46
CA LEU G 320 61.05 -27.02 -23.64
C LEU G 320 61.84 -26.77 -24.91
N LYS G 321 62.65 -25.71 -24.95
CA LYS G 321 63.43 -25.38 -26.15
C LYS G 321 64.55 -26.38 -26.48
N GLY G 322 64.89 -27.26 -25.54
CA GLY G 322 65.92 -28.26 -25.78
C GLY G 322 65.41 -29.69 -25.87
N ASP G 323 64.24 -29.96 -25.30
CA ASP G 323 63.67 -31.31 -25.31
C ASP G 323 62.35 -31.39 -26.11
N GLY G 324 61.24 -30.89 -25.55
CA GLY G 324 59.92 -30.95 -26.16
C GLY G 324 59.77 -30.34 -27.54
N MET G 325 60.26 -29.11 -27.74
CA MET G 325 60.20 -28.42 -29.03
C MET G 325 61.10 -29.08 -30.07
N LYS G 326 62.19 -29.74 -29.62
CA LYS G 326 63.10 -30.44 -30.50
C LYS G 326 62.34 -31.62 -31.12
N ILE G 327 61.71 -32.46 -30.26
CA ILE G 327 60.91 -33.62 -30.65
C ILE G 327 59.77 -33.17 -31.58
N LEU G 328 59.12 -32.05 -31.23
CA LEU G 328 58.04 -31.50 -32.03
C LEU G 328 58.49 -31.14 -33.44
N LYS G 329 59.63 -30.45 -33.59
CA LYS G 329 60.16 -30.08 -34.90
C LYS G 329 60.62 -31.30 -35.71
N ASP G 330 61.07 -32.36 -35.02
CA ASP G 330 61.50 -33.61 -35.62
C ASP G 330 60.29 -34.39 -36.16
N LEU G 331 59.22 -34.51 -35.36
CA LEU G 331 57.97 -35.19 -35.76
C LEU G 331 57.33 -34.46 -36.96
N GLY G 332 57.40 -33.13 -36.96
CA GLY G 332 56.88 -32.32 -38.04
C GLY G 332 57.66 -32.53 -39.32
N ARG G 333 58.99 -32.68 -39.21
CA ARG G 333 59.85 -32.92 -40.37
C ARG G 333 59.63 -34.31 -40.95
N LEU G 334 59.42 -35.30 -40.07
CA LEU G 334 59.11 -36.67 -40.48
C LEU G 334 57.75 -36.71 -41.22
N THR G 335 56.79 -35.88 -40.79
CA THR G 335 55.47 -35.80 -41.41
C THR G 335 55.61 -35.19 -42.78
N ARG G 336 56.32 -34.06 -42.89
CA ARG G 336 56.50 -33.39 -44.18
C ARG G 336 57.15 -34.28 -45.23
N GLU G 337 58.02 -35.21 -44.78
CA GLU G 337 58.70 -36.10 -45.71
C GLU G 337 57.90 -37.37 -46.00
N LYS G 338 57.60 -38.17 -44.99
CA LYS G 338 56.94 -39.45 -45.18
C LYS G 338 55.42 -39.45 -45.38
N ALA G 339 54.68 -38.54 -44.72
CA ALA G 339 53.23 -38.57 -44.78
C ALA G 339 52.59 -38.00 -46.04
N GLN G 340 51.61 -38.74 -46.57
CA GLN G 340 50.83 -38.32 -47.73
C GLN G 340 49.95 -37.17 -47.28
N PRO G 341 50.03 -36.04 -47.98
CA PRO G 341 49.22 -34.89 -47.56
C PRO G 341 47.73 -35.11 -47.79
N TRP G 342 46.92 -34.51 -46.93
CA TRP G 342 45.47 -34.54 -47.06
C TRP G 342 45.08 -33.40 -48.00
N LYS G 343 44.05 -33.62 -48.80
CA LYS G 343 43.56 -32.60 -49.71
C LYS G 343 42.06 -32.45 -49.49
N PRO G 344 41.56 -31.21 -49.46
CA PRO G 344 40.12 -31.02 -49.26
C PRO G 344 39.31 -31.59 -50.41
N ASP G 345 38.21 -32.28 -50.06
CA ASP G 345 37.34 -32.88 -51.05
C ASP G 345 36.05 -32.08 -51.17
N PHE G 346 36.08 -31.06 -52.02
CA PHE G 346 34.90 -30.22 -52.22
C PHE G 346 34.15 -30.73 -53.43
N ARG G 347 33.26 -31.71 -53.22
CA ARG G 347 32.42 -32.24 -54.28
C ARG G 347 31.12 -31.46 -54.20
N LEU G 348 31.17 -30.19 -54.58
CA LEU G 348 30.01 -29.30 -54.51
C LEU G 348 29.05 -29.62 -55.65
N GLU G 349 27.73 -29.49 -55.40
CA GLU G 349 26.71 -29.70 -56.44
C GLU G 349 26.89 -28.65 -57.56
N GLN G 350 26.40 -28.96 -58.79
CA GLN G 350 26.50 -27.98 -59.87
C GLN G 350 25.55 -26.82 -59.59
N VAL G 351 26.12 -25.65 -59.34
CA VAL G 351 25.35 -24.45 -59.10
C VAL G 351 25.20 -23.79 -60.45
N ASP G 352 23.99 -23.79 -60.97
CA ASP G 352 23.68 -23.32 -62.32
C ASP G 352 23.20 -21.89 -62.39
N ARG G 353 22.52 -21.41 -61.33
CA ARG G 353 21.90 -20.09 -61.31
C ARG G 353 22.29 -19.31 -60.06
N GLU G 354 22.01 -17.99 -60.05
CA GLU G 354 22.27 -17.18 -58.87
C GLU G 354 21.18 -17.51 -57.84
N GLY G 355 21.60 -17.92 -56.65
CA GLY G 355 20.66 -18.24 -55.59
C GLY G 355 20.54 -19.72 -55.27
N ALA G 356 21.05 -20.57 -56.18
CA ALA G 356 21.07 -22.01 -56.07
C ALA G 356 21.90 -22.42 -54.87
N PHE G 357 23.07 -21.77 -54.66
CA PHE G 357 23.98 -22.05 -53.55
C PHE G 357 23.31 -21.78 -52.20
N SER G 358 22.66 -20.61 -52.04
CA SER G 358 22.02 -20.23 -50.77
C SER G 358 20.90 -21.19 -50.36
N CYS G 359 20.13 -21.68 -51.35
CA CYS G 359 19.04 -22.62 -51.16
C CYS G 359 19.57 -23.98 -50.80
N ALA G 360 20.60 -24.43 -51.56
CA ALA G 360 21.24 -25.73 -51.40
C ALA G 360 21.91 -25.84 -50.05
N TYR G 361 22.55 -24.77 -49.58
CA TYR G 361 23.19 -24.78 -48.28
C TYR G 361 22.09 -24.62 -47.20
N ALA G 362 21.47 -25.72 -46.76
CA ALA G 362 20.36 -25.64 -45.80
C ALA G 362 20.40 -26.70 -44.69
N SER H 20 32.01 -12.20 -27.12
CA SER H 20 33.19 -11.39 -27.33
C SER H 20 34.36 -12.18 -27.89
N ILE H 21 34.61 -13.43 -27.39
CA ILE H 21 35.73 -14.29 -27.82
C ILE H 21 35.72 -14.60 -29.32
N GLY H 22 34.59 -15.06 -29.83
CA GLY H 22 34.45 -15.36 -31.24
C GLY H 22 34.58 -14.13 -32.12
N LYS H 23 34.15 -12.96 -31.61
CA LYS H 23 34.26 -11.73 -32.39
C LYS H 23 35.74 -11.27 -32.43
N GLN H 24 36.44 -11.37 -31.31
CA GLN H 24 37.83 -10.95 -31.24
C GLN H 24 38.76 -11.89 -32.02
N ARG H 25 38.54 -13.20 -31.90
CA ARG H 25 39.32 -14.17 -32.65
C ARG H 25 38.94 -14.14 -34.13
N GLY H 26 37.68 -13.86 -34.45
CA GLY H 26 37.24 -13.75 -35.83
C GLY H 26 37.91 -12.57 -36.50
N LEU H 27 38.00 -11.44 -35.78
CA LEU H 27 38.67 -10.23 -36.26
C LEU H 27 40.18 -10.48 -36.41
N ALA H 28 40.79 -11.25 -35.50
CA ALA H 28 42.20 -11.62 -35.58
C ALA H 28 42.51 -12.41 -36.87
N ARG H 29 41.54 -13.17 -37.37
CA ARG H 29 41.71 -13.91 -38.62
C ARG H 29 41.54 -13.01 -39.86
N LEU H 30 40.99 -11.79 -39.71
CA LEU H 30 40.86 -10.85 -40.82
C LEU H 30 42.14 -10.02 -41.02
N ALA H 31 42.94 -9.83 -39.96
CA ALA H 31 44.20 -9.08 -40.03
C ALA H 31 45.37 -10.03 -40.28
N ASP H 32 46.48 -9.50 -40.82
CA ASP H 32 47.68 -10.30 -41.07
C ASP H 32 48.42 -10.62 -39.76
N GLU H 33 49.60 -11.26 -39.83
CA GLU H 33 50.38 -11.61 -38.64
C GLU H 33 50.62 -10.43 -37.70
N ASP H 34 51.07 -9.28 -38.24
CA ASP H 34 51.36 -8.07 -37.48
C ASP H 34 50.12 -7.32 -36.92
N GLY H 35 48.96 -7.54 -37.53
CA GLY H 35 47.74 -6.87 -37.09
C GLY H 35 47.27 -5.80 -38.05
N HIS H 36 47.54 -5.96 -39.35
CA HIS H 36 47.08 -5.02 -40.36
C HIS H 36 45.94 -5.65 -41.16
N PHE H 37 44.89 -4.89 -41.51
CA PHE H 37 43.82 -5.43 -42.35
C PHE H 37 44.13 -5.11 -43.81
N THR H 38 44.80 -6.02 -44.52
CA THR H 38 45.12 -5.82 -45.94
C THR H 38 44.15 -6.69 -46.73
N MET H 39 42.86 -6.34 -46.65
CA MET H 39 41.74 -7.13 -47.22
C MET H 39 41.42 -6.85 -48.69
N VAL H 40 40.89 -7.88 -49.37
CA VAL H 40 40.51 -7.78 -50.78
C VAL H 40 38.99 -8.04 -50.94
N ALA H 41 38.25 -7.06 -51.49
CA ALA H 41 36.83 -7.18 -51.75
C ALA H 41 36.69 -7.93 -53.06
N LEU H 42 35.98 -9.05 -53.03
CA LEU H 42 35.77 -9.89 -54.21
C LEU H 42 34.31 -10.38 -54.30
N ASP H 43 33.36 -9.54 -53.84
CA ASP H 43 31.93 -9.83 -53.85
C ASP H 43 31.17 -9.00 -54.89
N GLN H 44 31.84 -8.58 -55.95
CA GLN H 44 31.24 -7.76 -57.00
C GLN H 44 30.18 -8.55 -57.77
N ARG H 45 28.95 -8.00 -57.88
CA ARG H 45 27.89 -8.68 -58.61
C ARG H 45 27.60 -7.89 -59.90
N PRO H 46 26.81 -6.77 -59.95
CA PRO H 46 26.66 -6.06 -61.24
C PRO H 46 28.00 -5.57 -61.83
N PRO H 47 28.95 -4.94 -61.09
CA PRO H 47 30.23 -4.55 -61.71
C PRO H 47 30.97 -5.69 -62.41
N LEU H 48 31.02 -6.89 -61.81
CA LEU H 48 31.70 -8.03 -62.43
C LEU H 48 30.95 -8.52 -63.67
N LEU H 49 29.62 -8.51 -63.62
CA LEU H 49 28.80 -8.90 -64.76
C LEU H 49 29.05 -7.96 -65.94
N GLN H 50 29.12 -6.64 -65.66
CA GLN H 50 29.42 -5.61 -66.67
C GLN H 50 30.85 -5.75 -67.19
N ALA H 51 31.80 -6.13 -66.32
CA ALA H 51 33.19 -6.35 -66.74
C ALA H 51 33.29 -7.59 -67.65
N LEU H 52 32.45 -8.60 -67.40
CA LEU H 52 32.44 -9.80 -68.23
C LEU H 52 31.71 -9.59 -69.57
N ALA H 53 30.76 -8.63 -69.62
CA ALA H 53 30.03 -8.32 -70.84
C ALA H 53 30.96 -7.67 -71.87
N LYS H 54 31.76 -6.67 -71.44
CA LYS H 54 32.72 -5.98 -72.28
C LYS H 54 33.79 -6.93 -72.79
N ALA H 55 34.27 -7.82 -71.91
CA ALA H 55 35.30 -8.80 -72.25
C ALA H 55 34.82 -9.82 -73.30
N ARG H 56 33.51 -10.11 -73.34
CA ARG H 56 32.97 -11.09 -74.28
C ARG H 56 32.27 -10.51 -75.50
N GLY H 57 32.01 -9.21 -75.51
CA GLY H 57 31.30 -8.57 -76.61
C GLY H 57 29.81 -8.52 -76.37
N ILE H 58 29.24 -9.63 -75.89
CA ILE H 58 27.82 -9.78 -75.58
C ILE H 58 27.33 -8.76 -74.53
N PRO H 59 26.01 -8.45 -74.47
CA PRO H 59 25.54 -7.51 -73.45
C PRO H 59 25.48 -8.12 -72.05
N ALA H 60 25.28 -7.26 -71.03
CA ALA H 60 25.23 -7.67 -69.64
C ALA H 60 24.16 -8.70 -69.32
N ASP H 61 23.00 -8.63 -69.99
CA ASP H 61 21.94 -9.62 -69.76
C ASP H 61 22.23 -11.00 -70.37
N GLN H 62 23.24 -11.10 -71.24
CA GLN H 62 23.59 -12.38 -71.84
C GLN H 62 24.81 -13.06 -71.21
N VAL H 63 25.32 -12.52 -70.10
CA VAL H 63 26.49 -13.10 -69.43
C VAL H 63 26.07 -14.33 -68.63
N GLU H 64 26.56 -15.50 -69.05
CA GLU H 64 26.22 -16.78 -68.42
C GLU H 64 26.85 -16.94 -67.04
N PHE H 65 26.15 -17.64 -66.14
CA PHE H 65 26.57 -17.92 -64.76
C PHE H 65 27.94 -18.60 -64.67
N ALA H 66 28.25 -19.44 -65.66
CA ALA H 66 29.54 -20.13 -65.72
C ALA H 66 30.71 -19.15 -65.83
N ASP H 67 30.50 -17.99 -66.47
CA ASP H 67 31.56 -16.99 -66.61
C ASP H 67 31.79 -16.27 -65.29
N MET H 68 30.73 -16.02 -64.50
CA MET H 68 30.87 -15.36 -63.21
C MET H 68 31.70 -16.23 -62.26
N LEU H 69 31.46 -17.55 -62.28
CA LEU H 69 32.20 -18.50 -61.46
C LEU H 69 33.65 -18.52 -61.89
N ALA H 70 33.89 -18.63 -63.22
CA ALA H 70 35.23 -18.66 -63.81
C ALA H 70 36.03 -17.43 -63.43
N ALA H 71 35.40 -16.23 -63.50
CA ALA H 71 36.05 -14.98 -63.14
C ALA H 71 36.44 -14.94 -61.66
N LYS H 72 35.49 -15.21 -60.74
CA LYS H 72 35.76 -15.20 -59.31
C LYS H 72 36.78 -16.26 -58.88
N ARG H 73 36.86 -17.38 -59.61
CA ARG H 73 37.85 -18.41 -59.29
C ARG H 73 39.26 -17.92 -59.66
N LEU H 74 39.39 -17.20 -60.77
CA LEU H 74 40.67 -16.63 -61.18
C LEU H 74 41.11 -15.57 -60.17
N LEU H 75 40.17 -14.73 -59.71
CA LEU H 75 40.43 -13.65 -58.78
C LEU H 75 40.77 -14.13 -57.38
N VAL H 76 40.31 -15.32 -56.99
CA VAL H 76 40.67 -15.87 -55.69
C VAL H 76 42.05 -16.50 -55.79
N GLU H 77 42.29 -17.29 -56.84
CA GLU H 77 43.57 -17.95 -57.11
C GLU H 77 44.73 -16.97 -57.22
N ALA H 78 44.51 -15.81 -57.86
CA ALA H 78 45.58 -14.84 -58.07
C ALA H 78 45.75 -13.81 -56.98
N LEU H 79 44.77 -13.61 -56.08
CA LEU H 79 44.89 -12.56 -55.06
C LEU H 79 44.88 -13.04 -53.62
N ALA H 80 44.43 -14.27 -53.34
CA ALA H 80 44.30 -14.78 -51.97
C ALA H 80 45.58 -14.85 -51.18
N HIS H 81 46.70 -15.12 -51.84
CA HIS H 81 47.98 -15.22 -51.14
C HIS H 81 48.54 -13.83 -50.75
N ASP H 82 48.13 -12.78 -51.47
CA ASP H 82 48.58 -11.43 -51.20
C ASP H 82 47.49 -10.63 -50.50
N ALA H 83 46.76 -11.25 -49.57
CA ALA H 83 45.67 -10.62 -48.84
C ALA H 83 45.52 -11.26 -47.48
N SER H 84 45.32 -10.46 -46.43
CA SER H 84 45.12 -10.98 -45.07
C SER H 84 43.75 -11.71 -44.97
N SER H 85 42.74 -11.15 -45.61
CA SER H 85 41.42 -11.74 -45.68
C SER H 85 40.72 -11.29 -46.96
N MET H 86 39.72 -12.06 -47.40
CA MET H 86 38.99 -11.77 -48.62
C MET H 86 37.51 -11.77 -48.36
N LEU H 87 36.83 -10.79 -48.91
CA LEU H 87 35.39 -10.68 -48.79
C LEU H 87 34.82 -11.38 -50.03
N LEU H 88 33.99 -12.44 -49.84
CA LEU H 88 33.38 -13.21 -50.93
C LEU H 88 31.86 -13.14 -50.84
N ASP H 89 31.18 -13.24 -51.99
CA ASP H 89 29.72 -13.27 -52.00
C ASP H 89 29.26 -14.74 -52.00
N PRO H 90 28.12 -15.02 -51.35
CA PRO H 90 27.67 -16.41 -51.24
C PRO H 90 27.23 -17.09 -52.53
N ASN H 91 26.39 -16.45 -53.34
CA ASN H 91 25.83 -17.10 -54.51
C ASN H 91 26.77 -17.25 -55.68
N PHE H 92 27.79 -16.38 -55.82
CA PHE H 92 28.74 -16.50 -56.92
C PHE H 92 30.13 -16.98 -56.49
N ALA H 93 30.79 -16.27 -55.55
CA ALA H 93 32.16 -16.62 -55.17
C ALA H 93 32.28 -17.86 -54.30
N MET H 94 31.29 -18.14 -53.45
CA MET H 94 31.37 -19.32 -52.59
C MET H 94 31.43 -20.61 -53.43
N PRO H 95 30.47 -20.90 -54.33
CA PRO H 95 30.59 -22.13 -55.13
C PRO H 95 31.68 -22.10 -56.20
N ALA H 96 32.23 -20.93 -56.49
CA ALA H 96 33.24 -20.76 -57.52
C ALA H 96 34.62 -20.93 -57.04
N ALA H 97 34.92 -20.50 -55.80
CA ALA H 97 36.28 -20.50 -55.34
C ALA H 97 36.51 -20.86 -53.86
N ILE H 98 35.54 -21.49 -53.15
CA ILE H 98 35.77 -21.86 -51.75
C ILE H 98 36.91 -22.90 -51.63
N ASP H 99 37.03 -23.78 -52.63
CA ASP H 99 38.07 -24.79 -52.66
C ASP H 99 39.45 -24.22 -52.90
N VAL H 100 39.55 -23.06 -53.55
CA VAL H 100 40.86 -22.44 -53.79
C VAL H 100 41.16 -21.28 -52.83
N LEU H 101 40.33 -21.07 -51.79
CA LEU H 101 40.59 -20.04 -50.82
C LEU H 101 41.51 -20.61 -49.72
N PRO H 102 42.71 -20.05 -49.54
CA PRO H 102 43.63 -20.60 -48.54
C PRO H 102 43.02 -20.59 -47.14
N ALA H 103 43.28 -21.65 -46.38
CA ALA H 103 42.76 -21.81 -45.04
C ALA H 103 43.20 -20.68 -44.12
N ARG H 104 44.43 -20.19 -44.30
CA ARG H 104 44.97 -19.10 -43.50
C ARG H 104 44.41 -17.73 -43.88
N THR H 105 43.88 -17.58 -45.09
CA THR H 105 43.26 -16.33 -45.52
C THR H 105 41.88 -16.27 -44.89
N GLY H 106 41.60 -15.17 -44.20
CA GLY H 106 40.30 -14.98 -43.57
C GLY H 106 39.21 -14.84 -44.60
N LEU H 107 38.00 -15.24 -44.23
CA LEU H 107 36.86 -15.21 -45.16
C LEU H 107 35.75 -14.34 -44.58
N ILE H 108 35.41 -13.26 -45.28
CA ILE H 108 34.33 -12.36 -44.86
C ILE H 108 33.24 -12.64 -45.85
N VAL H 109 32.04 -13.04 -45.39
CA VAL H 109 30.96 -13.39 -46.32
C VAL H 109 29.93 -12.26 -46.39
N THR H 110 29.55 -11.89 -47.63
CA THR H 110 28.59 -10.82 -47.88
C THR H 110 27.21 -11.27 -47.47
N LEU H 111 26.46 -10.38 -46.80
CA LEU H 111 25.09 -10.63 -46.39
C LEU H 111 24.10 -9.70 -47.13
N GLU H 112 24.53 -8.49 -47.54
CA GLU H 112 23.68 -7.52 -48.23
C GLU H 112 23.26 -7.94 -49.63
N GLU H 113 21.99 -7.73 -49.96
CA GLU H 113 21.49 -8.00 -51.31
C GLU H 113 21.86 -6.78 -52.17
N HIS H 114 22.59 -7.00 -53.29
CA HIS H 114 23.01 -5.92 -54.20
C HIS H 114 21.84 -5.16 -54.86
N ARG H 115 20.64 -5.76 -54.91
CA ARG H 115 19.45 -5.14 -55.48
C ARG H 115 18.70 -4.34 -54.42
N PHE H 116 19.24 -3.19 -54.03
CA PHE H 116 18.61 -2.30 -53.05
C PHE H 116 17.38 -1.62 -53.64
N GLN H 117 16.52 -1.07 -52.79
CA GLN H 117 15.31 -0.37 -53.22
C GLN H 117 15.67 1.11 -53.34
N ASP H 118 15.67 1.69 -54.56
CA ASP H 118 16.00 3.11 -54.72
C ASP H 118 14.77 4.02 -54.67
N THR H 119 14.33 4.37 -53.45
CA THR H 119 13.15 5.20 -53.26
C THR H 119 13.49 6.69 -53.36
N PRO H 120 12.50 7.58 -53.59
CA PRO H 120 12.81 9.02 -53.67
C PRO H 120 13.50 9.58 -52.43
N GLY H 121 13.17 9.02 -51.28
CA GLY H 121 13.75 9.44 -50.01
C GLY H 121 15.02 8.70 -49.59
N GLY H 122 15.57 7.88 -50.48
CA GLY H 122 16.78 7.14 -50.17
C GLY H 122 16.74 5.64 -50.42
N ARG H 123 17.89 4.97 -50.29
CA ARG H 123 18.00 3.54 -50.55
C ARG H 123 17.62 2.65 -49.34
N LYS H 124 16.92 1.54 -49.62
CA LYS H 124 16.52 0.58 -48.59
C LYS H 124 17.21 -0.79 -48.82
N SER H 125 17.96 -1.25 -47.81
CA SER H 125 18.75 -2.49 -47.84
C SER H 125 18.07 -3.67 -47.14
N ARG H 126 18.45 -4.89 -47.55
CA ARG H 126 17.96 -6.17 -47.01
C ARG H 126 18.98 -7.27 -47.26
N SER H 127 18.89 -8.39 -46.53
CA SER H 127 19.84 -9.48 -46.73
C SER H 127 19.51 -10.25 -48.01
N ILE H 128 20.52 -10.97 -48.53
CA ILE H 128 20.39 -11.88 -49.66
C ILE H 128 19.41 -12.98 -49.26
N ASP H 129 18.49 -13.36 -50.16
CA ASP H 129 17.50 -14.38 -49.86
C ASP H 129 18.15 -15.70 -49.60
N ASN H 130 17.60 -16.45 -48.66
CA ASN H 130 18.05 -17.78 -48.29
C ASN H 130 19.50 -17.81 -47.74
N TRP H 131 20.06 -16.64 -47.41
CA TRP H 131 21.38 -16.54 -46.80
C TRP H 131 21.23 -15.78 -45.47
N SER H 132 22.07 -16.09 -44.47
CA SER H 132 21.95 -15.48 -43.16
C SER H 132 23.27 -15.45 -42.39
N VAL H 133 23.31 -14.72 -41.26
CA VAL H 133 24.43 -14.66 -40.32
C VAL H 133 24.71 -16.07 -39.81
N GLU H 134 23.64 -16.82 -39.50
CA GLU H 134 23.71 -18.18 -38.99
C GLU H 134 24.39 -19.12 -39.98
N LYS H 135 24.07 -18.99 -41.28
CA LYS H 135 24.69 -19.80 -42.33
C LYS H 135 26.17 -19.43 -42.51
N ILE H 136 26.52 -18.13 -42.36
CA ILE H 136 27.92 -17.66 -42.46
C ILE H 136 28.76 -18.29 -41.31
N ARG H 137 28.17 -18.37 -40.11
CA ARG H 137 28.83 -19.00 -38.97
C ARG H 137 29.02 -20.51 -39.29
N ARG H 138 28.06 -21.13 -39.98
CA ARG H 138 28.06 -22.55 -40.34
C ARG H 138 29.08 -22.92 -41.39
N VAL H 139 29.17 -22.19 -42.53
CA VAL H 139 30.20 -22.52 -43.56
C VAL H 139 31.64 -22.38 -43.08
N GLY H 140 31.82 -21.83 -41.88
CA GLY H 140 33.14 -21.56 -41.35
C GLY H 140 33.65 -20.19 -41.73
N GLY H 141 32.74 -19.26 -42.01
CA GLY H 141 33.09 -17.89 -42.33
C GLY H 141 33.61 -17.20 -41.09
N ASP H 142 34.57 -16.31 -41.24
CA ASP H 142 35.16 -15.59 -40.12
C ASP H 142 34.42 -14.30 -39.77
N ALA H 143 33.70 -13.71 -40.73
CA ALA H 143 33.04 -12.42 -40.51
C ALA H 143 31.82 -12.24 -41.42
N VAL H 144 30.88 -11.42 -40.97
CA VAL H 144 29.68 -11.08 -41.72
C VAL H 144 29.87 -9.68 -42.28
N LYS H 145 29.67 -9.47 -43.58
CA LYS H 145 29.78 -8.13 -44.16
C LYS H 145 28.41 -7.61 -44.60
N VAL H 146 28.09 -6.38 -44.23
CA VAL H 146 26.85 -5.74 -44.66
C VAL H 146 27.19 -4.36 -45.24
N LEU H 147 26.73 -4.06 -46.46
CA LEU H 147 26.87 -2.73 -47.06
C LEU H 147 25.53 -2.09 -46.80
N ALA H 148 25.52 -0.96 -46.12
CA ALA H 148 24.29 -0.20 -45.91
C ALA H 148 24.45 1.15 -46.60
N TRP H 149 23.56 1.46 -47.56
CA TRP H 149 23.58 2.76 -48.22
C TRP H 149 23.00 3.74 -47.21
N TYR H 150 23.74 4.80 -46.89
CA TYR H 150 23.30 5.74 -45.89
C TYR H 150 23.72 7.20 -46.16
N ARG H 151 22.78 8.11 -45.92
CA ARG H 151 22.87 9.57 -46.04
C ARG H 151 22.11 10.08 -44.80
N PRO H 152 22.69 10.95 -43.94
CA PRO H 152 21.92 11.43 -42.77
C PRO H 152 20.68 12.25 -43.18
N ASP H 153 20.74 12.87 -44.37
CA ASP H 153 19.70 13.70 -44.97
C ASP H 153 18.58 12.92 -45.68
N ALA H 154 18.54 11.58 -45.50
CA ALA H 154 17.50 10.76 -46.11
C ALA H 154 16.17 10.92 -45.35
N SER H 155 15.03 10.45 -45.91
CA SER H 155 13.73 10.55 -45.26
C SER H 155 13.67 9.75 -43.96
N ASP H 156 12.79 10.14 -43.03
CA ASP H 156 12.66 9.42 -41.76
C ASP H 156 12.32 7.94 -41.95
N GLU H 157 11.54 7.63 -42.99
CA GLU H 157 11.19 6.26 -43.32
C GLU H 157 12.46 5.49 -43.72
N VAL H 158 13.25 6.04 -44.67
CA VAL H 158 14.49 5.41 -45.15
C VAL H 158 15.54 5.30 -44.03
N LEU H 159 15.64 6.31 -43.16
CA LEU H 159 16.57 6.32 -42.04
C LEU H 159 16.23 5.19 -41.06
N GLN H 160 14.97 5.11 -40.61
CA GLN H 160 14.52 4.09 -39.67
C GLN H 160 14.59 2.67 -40.24
N HIS H 161 14.49 2.54 -41.57
CA HIS H 161 14.59 1.25 -42.24
C HIS H 161 16.04 0.77 -42.17
N GLN H 162 16.99 1.64 -42.55
CA GLN H 162 18.41 1.33 -42.54
C GLN H 162 18.93 1.09 -41.13
N LYS H 163 18.45 1.89 -40.17
CA LYS H 163 18.85 1.75 -38.77
C LYS H 163 18.42 0.40 -38.24
N ASP H 164 17.15 0.00 -38.46
CA ASP H 164 16.61 -1.28 -38.01
C ASP H 164 17.26 -2.48 -38.68
N TYR H 165 17.64 -2.34 -39.96
CA TYR H 165 18.31 -3.42 -40.67
C TYR H 165 19.72 -3.61 -40.12
N VAL H 166 20.48 -2.51 -39.92
CA VAL H 166 21.83 -2.63 -39.39
C VAL H 166 21.78 -3.16 -37.96
N ARG H 167 20.82 -2.68 -37.16
CA ARG H 167 20.69 -3.15 -35.78
C ARG H 167 20.31 -4.62 -35.69
N THR H 168 19.44 -5.11 -36.60
CA THR H 168 19.02 -6.50 -36.56
C THR H 168 20.19 -7.43 -36.93
N ILE H 169 21.06 -6.99 -37.87
CA ILE H 169 22.22 -7.81 -38.22
C ILE H 169 23.25 -7.81 -37.08
N GLY H 170 23.36 -6.71 -36.34
CA GLY H 170 24.25 -6.65 -35.18
C GLY H 170 23.81 -7.58 -34.07
N ALA H 171 22.48 -7.73 -33.92
CA ALA H 171 21.86 -8.63 -32.96
C ALA H 171 22.11 -10.08 -33.38
N GLU H 172 22.03 -10.37 -34.70
CA GLU H 172 22.29 -11.71 -35.22
C GLU H 172 23.76 -12.06 -35.06
N CYS H 173 24.66 -11.09 -35.31
CA CYS H 173 26.11 -11.25 -35.20
C CYS H 173 26.55 -11.46 -33.76
N ARG H 174 25.89 -10.78 -32.80
CA ARG H 174 26.13 -10.92 -31.37
C ARG H 174 25.65 -12.29 -30.89
N ARG H 175 24.53 -12.76 -31.44
CA ARG H 175 23.94 -14.04 -31.11
C ARG H 175 24.87 -15.17 -31.55
N HIS H 176 25.43 -15.05 -32.76
CA HIS H 176 26.39 -16.05 -33.26
C HIS H 176 27.84 -15.74 -32.93
N ASP H 177 28.11 -14.70 -32.12
CA ASP H 177 29.44 -14.28 -31.68
C ASP H 177 30.44 -14.21 -32.84
N ILE H 178 30.02 -13.64 -33.95
CA ILE H 178 30.80 -13.53 -35.18
C ILE H 178 30.92 -12.05 -35.53
N PRO H 179 32.12 -11.61 -35.97
CA PRO H 179 32.31 -10.20 -36.27
C PRO H 179 31.35 -9.61 -37.30
N TYR H 180 30.79 -8.44 -36.95
CA TYR H 180 29.90 -7.68 -37.81
C TYR H 180 30.73 -6.59 -38.48
N VAL H 181 31.05 -6.79 -39.75
CA VAL H 181 31.81 -5.85 -40.54
C VAL H 181 30.83 -4.99 -41.33
N LEU H 182 30.64 -3.72 -40.93
CA LEU H 182 29.70 -2.84 -41.61
C LEU H 182 30.36 -1.85 -42.58
N GLU H 183 29.88 -1.82 -43.82
CA GLU H 183 30.36 -0.92 -44.85
C GLU H 183 29.32 0.19 -45.01
N LEU H 184 29.76 1.46 -44.92
CA LEU H 184 28.84 2.59 -45.06
C LEU H 184 29.16 3.37 -46.32
N LEU H 185 28.15 3.73 -47.09
CA LEU H 185 28.36 4.49 -48.33
C LEU H 185 27.34 5.58 -48.52
N VAL H 186 27.81 6.72 -49.00
CA VAL H 186 26.97 7.87 -49.31
C VAL H 186 26.59 7.73 -50.79
N TYR H 187 25.34 8.02 -51.12
CA TYR H 187 24.82 7.82 -52.46
C TYR H 187 24.01 9.01 -52.95
N PRO H 188 23.91 9.21 -54.27
CA PRO H 188 23.03 10.28 -54.76
C PRO H 188 21.56 9.81 -54.80
N PHE H 189 20.62 10.73 -54.59
CA PHE H 189 19.20 10.40 -54.66
C PHE H 189 18.78 10.11 -56.12
N PRO H 190 17.60 9.48 -56.37
CA PRO H 190 17.20 9.21 -57.77
C PRO H 190 17.18 10.46 -58.67
N ASP H 191 17.84 10.40 -59.84
CA ASP H 191 17.94 11.52 -60.78
C ASP H 191 17.45 11.19 -62.19
N SER H 192 16.17 11.48 -62.47
CA SER H 192 15.54 11.24 -63.78
C SER H 192 16.07 12.24 -64.80
N ASP H 193 17.00 11.78 -65.68
CA ASP H 193 17.67 12.59 -66.71
C ASP H 193 18.57 13.66 -66.11
N ARG H 206 29.12 15.81 -48.43
CA ARG H 206 30.27 15.09 -48.98
C ARG H 206 31.17 14.61 -47.86
N ALA H 207 31.38 15.43 -46.84
CA ALA H 207 32.21 15.06 -45.69
C ALA H 207 31.34 14.90 -44.44
N ASP H 208 30.33 15.76 -44.29
CA ASP H 208 29.38 15.75 -43.18
C ASP H 208 28.50 14.50 -43.24
N LEU H 209 28.10 14.10 -44.48
CA LEU H 209 27.28 12.94 -44.74
C LEU H 209 28.00 11.64 -44.39
N VAL H 210 29.34 11.62 -44.45
CA VAL H 210 30.14 10.47 -44.09
C VAL H 210 30.33 10.47 -42.57
N ILE H 211 30.73 11.61 -41.98
CA ILE H 211 30.97 11.71 -40.54
C ILE H 211 29.69 11.42 -39.71
N GLU H 212 28.51 11.87 -40.15
CA GLU H 212 27.28 11.57 -39.41
C GLU H 212 26.79 10.12 -39.64
N SER H 213 27.21 9.47 -40.75
CA SER H 213 26.90 8.06 -40.98
C SER H 213 27.78 7.24 -40.02
N VAL H 214 29.09 7.55 -39.96
CA VAL H 214 30.05 6.88 -39.09
C VAL H 214 29.63 7.03 -37.62
N ARG H 215 29.18 8.23 -37.22
CA ARG H 215 28.77 8.52 -35.84
C ARG H 215 27.54 7.75 -35.40
N GLU H 216 26.49 7.68 -36.26
CA GLU H 216 25.26 7.00 -35.88
C GLU H 216 25.50 5.51 -35.64
N PHE H 217 26.12 4.84 -36.60
CA PHE H 217 26.34 3.40 -36.50
C PHE H 217 27.47 3.00 -35.55
N ALA H 218 28.23 3.98 -34.99
CA ALA H 218 29.25 3.66 -33.99
C ALA H 218 28.63 3.41 -32.61
N LYS H 219 27.33 3.73 -32.42
CA LYS H 219 26.60 3.55 -31.16
C LYS H 219 26.56 2.08 -30.76
N PRO H 220 26.52 1.81 -29.45
CA PRO H 220 26.54 0.41 -28.99
C PRO H 220 25.33 -0.44 -29.35
N GLU H 221 24.23 0.16 -29.86
CA GLU H 221 23.04 -0.65 -30.21
C GLU H 221 23.23 -1.48 -31.50
N TYR H 222 24.17 -1.08 -32.35
CA TYR H 222 24.41 -1.73 -33.62
C TYR H 222 25.41 -2.89 -33.58
N GLY H 223 26.25 -2.93 -32.55
CA GLY H 223 27.24 -3.98 -32.38
C GLY H 223 28.26 -4.10 -33.50
N VAL H 224 28.62 -2.99 -34.15
CA VAL H 224 29.61 -3.01 -35.23
C VAL H 224 30.98 -3.34 -34.69
N ASP H 225 31.71 -4.26 -35.35
CA ASP H 225 33.03 -4.67 -34.91
C ASP H 225 34.14 -4.16 -35.83
N LEU H 226 33.85 -3.96 -37.12
CA LEU H 226 34.82 -3.43 -38.05
C LEU H 226 34.14 -2.54 -39.06
N TYR H 227 34.75 -1.39 -39.38
CA TYR H 227 34.17 -0.44 -40.32
C TYR H 227 34.84 -0.49 -41.69
N LYS H 228 34.06 -0.45 -42.76
CA LYS H 228 34.58 -0.36 -44.11
C LYS H 228 34.13 1.02 -44.57
N LEU H 229 34.92 2.04 -44.26
CA LEU H 229 34.54 3.42 -44.54
C LEU H 229 35.13 3.98 -45.82
N GLU H 230 34.45 4.98 -46.38
CA GLU H 230 34.92 5.69 -47.55
C GLU H 230 35.63 7.00 -47.12
N THR H 231 36.41 7.59 -48.03
CA THR H 231 37.14 8.81 -47.71
C THR H 231 36.18 9.99 -47.56
N PRO H 232 36.22 10.70 -46.43
CA PRO H 232 35.32 11.84 -46.22
C PRO H 232 35.51 12.97 -47.25
N LEU H 233 36.71 13.10 -47.83
CA LEU H 233 36.99 14.09 -48.87
C LEU H 233 37.47 13.34 -50.13
N PRO H 234 37.05 13.78 -51.32
CA PRO H 234 37.47 13.07 -52.56
C PRO H 234 38.97 12.84 -52.68
N ALA H 235 39.36 11.70 -53.28
CA ALA H 235 40.76 11.31 -53.47
C ALA H 235 41.54 12.30 -54.33
N ALA H 236 40.90 12.84 -55.37
CA ALA H 236 41.54 13.81 -56.25
C ALA H 236 41.76 15.15 -55.53
N SER H 237 40.82 15.53 -54.64
CA SER H 237 40.87 16.79 -53.90
C SER H 237 41.96 16.85 -52.82
N LEU H 238 42.49 15.69 -52.40
CA LEU H 238 43.46 15.65 -51.31
C LEU H 238 44.81 16.29 -51.63
N PRO H 239 45.20 17.30 -50.84
CA PRO H 239 46.52 17.91 -51.03
C PRO H 239 47.61 17.09 -50.33
N PRO H 240 48.90 17.15 -50.76
CA PRO H 240 49.94 16.38 -50.06
C PRO H 240 50.00 16.68 -48.56
N MET H 241 50.47 15.72 -47.74
CA MET H 241 50.54 15.91 -46.29
C MET H 241 51.58 16.96 -45.91
N ASP H 242 51.14 18.22 -45.85
CA ASP H 242 51.97 19.38 -45.53
C ASP H 242 51.54 20.00 -44.20
N ASP H 243 52.37 20.90 -43.65
CA ASP H 243 52.01 21.66 -42.45
C ASP H 243 50.94 22.74 -42.76
N SER H 244 50.65 22.99 -44.06
CA SER H 244 49.71 23.97 -44.58
C SER H 244 48.33 23.88 -43.94
N ALA H 245 47.60 25.00 -43.92
CA ALA H 245 46.25 25.02 -43.35
C ALA H 245 45.22 24.27 -44.23
N GLU H 246 45.57 23.97 -45.50
CA GLU H 246 44.70 23.21 -46.40
C GLU H 246 44.79 21.74 -45.99
N SER H 247 46.01 21.21 -45.84
CA SER H 247 46.24 19.83 -45.40
C SER H 247 45.91 19.65 -43.91
N ARG H 248 45.98 20.72 -43.10
CA ARG H 248 45.63 20.68 -41.67
C ARG H 248 44.11 20.55 -41.50
N ALA H 249 43.33 21.19 -42.39
CA ALA H 249 41.87 21.12 -42.35
C ALA H 249 41.34 19.83 -43.03
N ALA H 250 42.10 19.29 -44.00
CA ALA H 250 41.75 18.05 -44.68
C ALA H 250 42.02 16.87 -43.73
N ALA H 251 43.20 16.81 -43.10
CA ALA H 251 43.50 15.75 -42.14
C ALA H 251 42.55 15.79 -40.93
N ALA H 252 41.99 16.97 -40.60
CA ALA H 252 41.04 17.13 -39.50
C ALA H 252 39.70 16.44 -39.78
N GLN H 253 39.33 16.31 -41.07
CA GLN H 253 38.11 15.60 -41.43
C GLN H 253 38.31 14.09 -41.16
N PHE H 254 39.48 13.56 -41.52
CA PHE H 254 39.84 12.16 -41.27
C PHE H 254 39.97 11.92 -39.74
N ALA H 255 40.51 12.90 -39.02
CA ALA H 255 40.69 12.85 -37.57
C ALA H 255 39.36 12.74 -36.83
N GLU H 256 38.29 13.36 -37.36
CA GLU H 256 36.99 13.25 -36.69
C GLU H 256 36.43 11.83 -36.88
N VAL H 257 36.60 11.25 -38.09
CA VAL H 257 36.20 9.89 -38.41
C VAL H 257 36.96 8.92 -37.48
N GLY H 258 38.28 9.15 -37.36
CA GLY H 258 39.15 8.35 -36.53
C GLY H 258 38.85 8.44 -35.05
N SER H 259 38.43 9.62 -34.57
CA SER H 259 38.10 9.84 -33.15
C SER H 259 36.81 9.13 -32.76
N ILE H 260 35.83 9.09 -33.67
CA ILE H 260 34.56 8.41 -33.44
C ILE H 260 34.85 6.92 -33.35
N CYS H 261 35.60 6.37 -34.33
CA CYS H 261 36.00 4.97 -34.38
C CYS H 261 36.83 4.58 -33.15
N ALA H 262 37.71 5.47 -32.70
CA ALA H 262 38.55 5.23 -31.53
C ALA H 262 37.76 5.25 -30.22
N ASP H 263 36.81 6.20 -30.07
CA ASP H 263 36.00 6.26 -28.86
C ASP H 263 35.07 5.05 -28.75
N ALA H 264 34.52 4.61 -29.90
CA ALA H 264 33.65 3.43 -29.96
C ALA H 264 34.44 2.13 -29.79
N GLY H 265 35.69 2.12 -30.25
CA GLY H 265 36.54 0.94 -30.22
C GLY H 265 36.45 0.11 -31.49
N ILE H 266 35.92 0.70 -32.57
CA ILE H 266 35.76 0.02 -33.82
C ILE H 266 36.90 0.37 -34.73
N PRO H 267 37.75 -0.60 -35.08
CA PRO H 267 38.81 -0.31 -36.07
C PRO H 267 38.18 -0.01 -37.43
N TRP H 268 38.85 0.80 -38.25
CA TRP H 268 38.31 1.16 -39.55
C TRP H 268 39.29 0.92 -40.69
N VAL H 269 38.77 0.54 -41.86
CA VAL H 269 39.57 0.33 -43.05
C VAL H 269 39.03 1.17 -44.22
N LEU H 270 39.90 1.48 -45.19
CA LEU H 270 39.50 2.29 -46.33
C LEU H 270 39.25 1.48 -47.60
N LEU H 271 38.10 1.71 -48.26
CA LEU H 271 37.79 1.02 -49.51
C LEU H 271 38.30 1.84 -50.70
N SER H 272 38.86 1.17 -51.72
CA SER H 272 39.44 1.83 -52.90
C SER H 272 38.48 2.80 -53.60
N GLY H 273 37.24 2.36 -53.82
CA GLY H 273 36.19 3.16 -54.42
C GLY H 273 36.45 3.76 -55.80
N GLY H 274 37.30 3.11 -56.59
CA GLY H 274 37.62 3.55 -57.94
C GLY H 274 38.77 4.53 -58.09
N ALA H 275 39.45 4.87 -56.99
CA ALA H 275 40.57 5.80 -57.04
C ALA H 275 41.78 5.19 -57.74
N ALA H 276 42.56 6.03 -58.41
CA ALA H 276 43.79 5.63 -59.10
C ALA H 276 44.85 5.20 -58.07
N PRO H 277 45.85 4.38 -58.43
CA PRO H 277 46.85 3.93 -57.44
C PRO H 277 47.43 5.03 -56.54
N GLU H 278 47.87 6.16 -57.12
CA GLU H 278 48.44 7.27 -56.36
C GLU H 278 47.39 8.00 -55.55
N GLN H 279 46.19 8.19 -56.13
CA GLN H 279 45.05 8.85 -55.50
C GLN H 279 44.63 8.10 -54.23
N PHE H 280 44.55 6.76 -54.30
CA PHE H 280 44.15 5.94 -53.16
C PHE H 280 45.25 5.87 -52.10
N GLU H 281 46.53 5.89 -52.54
CA GLU H 281 47.64 5.86 -51.59
C GLU H 281 47.69 7.13 -50.73
N ARG H 282 47.21 8.27 -51.25
CA ARG H 282 47.16 9.51 -50.46
C ARG H 282 46.09 9.39 -49.38
N VAL H 283 44.94 8.79 -49.72
CA VAL H 283 43.83 8.53 -48.81
C VAL H 283 44.32 7.69 -47.62
N LEU H 284 45.08 6.63 -47.90
CA LEU H 284 45.62 5.78 -46.85
C LEU H 284 46.63 6.55 -46.00
N SER H 285 47.54 7.33 -46.61
CA SER H 285 48.52 8.14 -45.88
C SER H 285 47.83 9.08 -44.88
N TYR H 286 46.66 9.62 -45.27
CA TYR H 286 45.86 10.51 -44.41
C TYR H 286 45.14 9.75 -43.30
N SER H 287 44.48 8.62 -43.66
CA SER H 287 43.68 7.80 -42.74
C SER H 287 44.53 7.06 -41.70
N TYR H 288 45.71 6.56 -42.10
CA TYR H 288 46.60 5.83 -41.19
C TYR H 288 47.12 6.71 -40.04
N ALA H 289 47.26 8.02 -40.28
CA ALA H 289 47.65 8.95 -39.23
C ALA H 289 46.44 9.27 -38.32
N ALA H 290 45.22 9.27 -38.87
CA ALA H 290 43.98 9.53 -38.15
C ALA H 290 43.47 8.33 -37.32
N GLY H 291 44.06 7.15 -37.50
CA GLY H 291 43.70 5.97 -36.74
C GLY H 291 43.45 4.67 -37.48
N ALA H 292 43.05 4.74 -38.76
CA ALA H 292 42.71 3.58 -39.60
C ALA H 292 43.68 2.42 -39.50
N GLN H 293 43.15 1.19 -39.52
CA GLN H 293 43.94 -0.02 -39.36
C GLN H 293 44.15 -0.83 -40.63
N GLY H 294 43.88 -0.26 -41.80
CA GLY H 294 44.07 -0.99 -43.04
C GLY H 294 43.22 -0.55 -44.21
N PHE H 295 43.13 -1.43 -45.23
CA PHE H 295 42.38 -1.17 -46.45
C PHE H 295 41.56 -2.38 -46.92
N LEU H 296 40.62 -2.13 -47.85
CA LEU H 296 39.81 -3.12 -48.54
C LEU H 296 39.91 -2.74 -50.02
N ALA H 297 40.69 -3.49 -50.81
CA ALA H 297 40.87 -3.16 -52.23
C ALA H 297 39.80 -3.84 -53.11
N GLY H 298 39.18 -3.08 -54.00
CA GLY H 298 38.12 -3.62 -54.85
C GLY H 298 38.41 -3.81 -56.33
N ARG H 299 37.54 -3.23 -57.17
CA ARG H 299 37.59 -3.35 -58.62
C ARG H 299 38.86 -2.80 -59.27
N THR H 300 39.57 -1.90 -58.59
CA THR H 300 40.79 -1.29 -59.11
C THR H 300 41.84 -2.33 -59.50
N ILE H 301 41.99 -3.34 -58.66
CA ILE H 301 42.97 -4.40 -58.80
C ILE H 301 42.80 -5.25 -60.05
N TRP H 302 41.56 -5.51 -60.47
CA TRP H 302 41.33 -6.45 -61.57
C TRP H 302 40.37 -6.01 -62.67
N LEU H 303 39.79 -4.81 -62.60
CA LEU H 303 38.80 -4.39 -63.61
C LEU H 303 39.34 -4.41 -65.03
N ASP H 304 40.51 -3.81 -65.24
CA ASP H 304 41.13 -3.77 -66.55
C ASP H 304 41.67 -5.14 -66.94
N ALA H 305 42.31 -5.85 -65.99
CA ALA H 305 42.82 -7.20 -66.26
C ALA H 305 41.70 -8.15 -66.73
N VAL H 306 40.49 -8.03 -66.14
CA VAL H 306 39.35 -8.86 -66.53
C VAL H 306 38.76 -8.39 -67.87
N GLN H 307 38.32 -7.12 -67.95
CA GLN H 307 37.71 -6.55 -69.15
C GLN H 307 38.53 -6.69 -70.42
N ASN H 308 39.87 -6.59 -70.32
CA ASN H 308 40.71 -6.68 -71.51
C ASN H 308 41.14 -8.08 -71.90
N HIS H 309 41.08 -9.08 -70.99
CA HIS H 309 41.61 -10.41 -71.31
C HIS H 309 40.71 -11.64 -71.04
N PHE H 310 39.54 -11.49 -70.37
CA PHE H 310 38.68 -12.65 -70.12
C PHE H 310 38.19 -13.26 -71.45
N PRO H 311 38.22 -14.59 -71.63
CA PRO H 311 38.51 -15.64 -70.65
C PRO H 311 39.86 -16.32 -70.76
N ASP H 312 40.91 -15.61 -71.22
CA ASP H 312 42.24 -16.21 -71.30
C ASP H 312 42.87 -16.12 -69.93
N ARG H 313 42.91 -17.25 -69.21
CA ARG H 313 43.47 -17.34 -67.86
C ARG H 313 44.92 -16.85 -67.83
N GLU H 314 45.77 -17.36 -68.74
CA GLU H 314 47.18 -16.98 -68.81
C GLU H 314 47.35 -15.48 -69.03
N ALA H 315 46.45 -14.87 -69.83
CA ALA H 315 46.49 -13.44 -70.11
C ALA H 315 46.03 -12.62 -68.92
N VAL H 316 44.92 -13.02 -68.26
CA VAL H 316 44.40 -12.33 -67.07
C VAL H 316 45.43 -12.36 -65.92
N LEU H 317 46.06 -13.51 -65.65
CA LEU H 317 47.06 -13.64 -64.58
C LEU H 317 48.31 -12.80 -64.87
N THR H 318 48.68 -12.68 -66.15
CA THR H 318 49.83 -11.87 -66.58
C THR H 318 49.50 -10.39 -66.40
N ALA H 319 48.28 -9.98 -66.78
CA ALA H 319 47.83 -8.59 -66.64
C ALA H 319 47.73 -8.19 -65.18
N LEU H 320 47.25 -9.13 -64.33
CA LEU H 320 47.13 -8.92 -62.89
C LEU H 320 48.49 -8.70 -62.23
N LYS H 321 49.49 -9.52 -62.57
CA LYS H 321 50.83 -9.41 -62.01
C LYS H 321 51.48 -8.05 -62.29
N GLY H 322 51.37 -7.59 -63.52
CA GLY H 322 51.96 -6.32 -63.92
C GLY H 322 51.17 -5.07 -63.60
N ASP H 323 50.03 -5.22 -62.90
CA ASP H 323 49.21 -4.05 -62.58
C ASP H 323 48.55 -4.14 -61.18
N GLY H 324 47.46 -4.91 -61.04
CA GLY H 324 46.73 -5.03 -59.78
C GLY H 324 47.53 -5.61 -58.63
N MET H 325 48.28 -6.69 -58.90
CA MET H 325 49.14 -7.37 -57.94
C MET H 325 50.24 -6.41 -57.45
N LYS H 326 50.79 -5.59 -58.37
CA LYS H 326 51.82 -4.60 -58.10
C LYS H 326 51.26 -3.54 -57.12
N ILE H 327 50.02 -3.09 -57.35
CA ILE H 327 49.32 -2.10 -56.51
C ILE H 327 49.07 -2.69 -55.12
N LEU H 328 48.62 -3.95 -55.08
CA LEU H 328 48.34 -4.70 -53.85
C LEU H 328 49.59 -4.77 -52.96
N LYS H 329 50.76 -5.06 -53.56
CA LYS H 329 52.06 -5.13 -52.87
C LYS H 329 52.45 -3.77 -52.28
N ASP H 330 52.13 -2.68 -53.01
CA ASP H 330 52.43 -1.32 -52.58
C ASP H 330 51.52 -0.89 -51.42
N LEU H 331 50.24 -1.29 -51.48
CA LEU H 331 49.29 -0.95 -50.43
C LEU H 331 49.61 -1.67 -49.12
N GLY H 332 50.12 -2.89 -49.20
CA GLY H 332 50.51 -3.65 -48.02
C GLY H 332 51.78 -3.11 -47.39
N ARG H 333 52.68 -2.57 -48.23
CA ARG H 333 53.93 -1.97 -47.79
C ARG H 333 53.63 -0.66 -47.08
N LEU H 334 52.72 0.17 -47.65
CA LEU H 334 52.30 1.44 -47.05
C LEU H 334 51.58 1.22 -45.72
N THR H 335 50.76 0.14 -45.63
CA THR H 335 50.05 -0.21 -44.40
C THR H 335 51.05 -0.58 -43.31
N ARG H 336 52.12 -1.29 -43.67
CA ARG H 336 53.15 -1.69 -42.71
C ARG H 336 53.97 -0.50 -42.22
N GLU H 337 54.26 0.45 -43.10
CA GLU H 337 55.06 1.62 -42.77
C GLU H 337 54.32 2.71 -42.01
N LYS H 338 52.98 2.81 -42.13
CA LYS H 338 52.26 3.91 -41.48
C LYS H 338 51.00 3.56 -40.69
N ALA H 339 50.52 2.31 -40.73
CA ALA H 339 49.28 1.97 -40.01
C ALA H 339 49.49 1.31 -38.66
N GLN H 340 48.76 1.82 -37.66
CA GLN H 340 48.80 1.32 -36.29
C GLN H 340 48.22 -0.07 -36.26
N PRO H 341 49.00 -1.07 -35.83
CA PRO H 341 48.48 -2.43 -35.78
C PRO H 341 47.32 -2.55 -34.82
N TRP H 342 46.28 -3.26 -35.22
CA TRP H 342 45.11 -3.49 -34.39
C TRP H 342 45.44 -4.62 -33.41
N LYS H 343 44.91 -4.55 -32.20
CA LYS H 343 45.15 -5.58 -31.19
C LYS H 343 43.83 -6.15 -30.71
N PRO H 344 43.70 -7.48 -30.66
CA PRO H 344 42.45 -8.07 -30.15
C PRO H 344 42.31 -7.85 -28.66
N ASP H 345 41.35 -7.02 -28.26
CA ASP H 345 41.16 -6.73 -26.84
C ASP H 345 40.25 -7.72 -26.16
N PHE H 346 40.83 -8.81 -25.65
CA PHE H 346 40.05 -9.82 -24.96
C PHE H 346 39.76 -9.36 -23.54
N ARG H 347 38.55 -8.84 -23.32
CA ARG H 347 38.15 -8.38 -22.00
C ARG H 347 37.41 -9.52 -21.32
N LEU H 348 38.15 -10.62 -21.09
CA LEU H 348 37.62 -11.82 -20.46
C LEU H 348 37.19 -11.56 -19.02
N GLU H 349 36.01 -12.03 -18.63
CA GLU H 349 35.54 -11.88 -17.26
C GLU H 349 36.19 -13.01 -16.45
N GLN H 350 37.34 -12.75 -15.80
CA GLN H 350 38.14 -13.70 -15.01
C GLN H 350 37.34 -14.85 -14.36
N VAL H 351 37.83 -16.08 -14.56
CA VAL H 351 37.21 -17.29 -14.02
C VAL H 351 38.13 -17.92 -12.99
N ASP H 352 37.61 -18.33 -11.83
CA ASP H 352 38.43 -18.89 -10.76
C ASP H 352 38.12 -20.37 -10.46
N ARG H 353 37.31 -21.03 -11.30
CA ARG H 353 36.94 -22.42 -11.07
C ARG H 353 36.61 -23.13 -12.36
N GLU H 354 36.80 -24.46 -12.37
CA GLU H 354 36.50 -25.34 -13.49
C GLU H 354 34.97 -25.43 -13.67
N GLY H 355 34.51 -24.94 -14.80
CA GLY H 355 33.11 -24.91 -15.14
C GLY H 355 32.62 -23.50 -15.42
N ALA H 356 33.26 -22.49 -14.80
CA ALA H 356 32.88 -21.09 -14.94
C ALA H 356 32.94 -20.58 -16.37
N PHE H 357 33.96 -21.02 -17.16
CA PHE H 357 34.04 -20.60 -18.54
C PHE H 357 32.84 -21.11 -19.35
N SER H 358 32.51 -22.41 -19.25
CA SER H 358 31.37 -23.00 -19.96
C SER H 358 30.05 -22.34 -19.56
N CYS H 359 29.85 -22.09 -18.25
CA CYS H 359 28.67 -21.41 -17.79
C CYS H 359 28.58 -19.97 -18.30
N ALA H 360 29.67 -19.20 -18.18
CA ALA H 360 29.73 -17.79 -18.61
C ALA H 360 29.56 -17.63 -20.11
N TYR H 361 30.13 -18.56 -20.89
CA TYR H 361 29.97 -18.52 -22.34
C TYR H 361 28.58 -19.05 -22.67
N ALA H 362 27.57 -18.17 -22.66
CA ALA H 362 26.18 -18.56 -22.93
C ALA H 362 25.50 -17.40 -23.65
#